data_4R7D
#
_entry.id   4R7D
#
_cell.length_a   101.820
_cell.length_b   82.510
_cell.length_c   261.570
_cell.angle_alpha   90.00
_cell.angle_beta   101.21
_cell.angle_gamma   90.00
#
_symmetry.space_group_name_H-M   'P 1 21 1'
#
loop_
_entity.id
_entity.type
_entity.pdbx_description
1 polymer 'Fab Hu 15C1 Heavy chain'
2 polymer 'Fab Hu 15C1 Light chain'
3 water water
#
loop_
_entity_poly.entity_id
_entity_poly.type
_entity_poly.pdbx_seq_one_letter_code
_entity_poly.pdbx_strand_id
1 'polypeptide(L)'
;QVQLQESGPGLVKPSDTLSLTCAVSGYSITGGYSWHWIRQPPGKGLEWMGYIHYSGYTDFNPSLKTRITISRDTSKNQFS
LKLSSVTAVDTAVYYCARKDPSDAFPYWGQGTLVTVSSASTKGPSVFPLAPSSKSTSGGTAALGCLVKDYFPEPVTVSWN
SGALTSGVHTFPAVLQSSGLYSLSSVVTVPSSSLGTQTYICNVNHKPSNTKVDKRVEPKSCDKTH
;
A,C,E,G,I,K,M,O
2 'polypeptide(L)'
;EIVLTQSPDFQSVTPKEKVTITCRASQSISDHLHWYQQKPDQSPKLLIKYASHAISGVPSRFSGSGSGTDFTLTINSLEA
EDAATYYCQQGHSFPLTFGGGTKVEIKRTVAAPSVFIFPPSDEQLKSGTASVVCLLNNFYPREAKVQWKVDNALQSGNSQ
ESVTEQDSKDSTYSLSSTLTLSKADYEKHKVYACEVTHQGLSSPVTKSFNRGEC
;
B,D,F,H,J,L,N,P
#
# COMPACT_ATOMS: atom_id res chain seq x y z
N GLN A 1 31.51 -10.70 50.09
CA GLN A 1 31.05 -9.67 49.16
C GLN A 1 31.35 -10.01 47.69
N VAL A 2 30.30 -10.24 46.91
CA VAL A 2 30.40 -10.27 45.47
C VAL A 2 29.97 -8.89 45.01
N GLN A 3 30.20 -8.61 43.75
CA GLN A 3 29.76 -7.36 43.17
C GLN A 3 29.39 -7.57 41.71
N LEU A 4 28.11 -7.42 41.42
CA LEU A 4 27.65 -7.57 40.05
C LEU A 4 27.46 -6.22 39.39
N GLN A 5 28.00 -6.08 38.18
CA GLN A 5 27.98 -4.79 37.49
C GLN A 5 27.71 -4.88 35.99
N GLU A 6 26.49 -4.58 35.60
CA GLU A 6 26.06 -4.72 34.22
C GLU A 6 26.35 -3.47 33.39
N SER A 7 26.82 -3.67 32.17
CA SER A 7 26.92 -2.57 31.23
C SER A 7 26.38 -3.00 29.88
N GLY A 8 25.88 -2.04 29.11
CA GLY A 8 25.46 -2.31 27.75
C GLY A 8 24.89 -1.03 27.17
N PRO A 9 24.83 -0.94 25.84
CA PRO A 9 24.15 0.25 25.30
C PRO A 9 22.73 0.34 25.85
N GLY A 10 22.35 1.51 26.35
CA GLY A 10 21.02 1.71 26.94
C GLY A 10 19.92 2.00 25.92
N LEU A 11 20.31 2.32 24.70
CA LEU A 11 19.34 2.45 23.64
C LEU A 11 19.76 1.57 22.47
N VAL A 12 18.91 0.61 22.13
CA VAL A 12 19.15 -0.17 20.93
C VAL A 12 17.88 -0.13 20.08
N LYS A 13 18.05 -0.06 18.77
CA LYS A 13 16.93 0.06 17.84
C LYS A 13 16.17 -1.23 17.78
N PRO A 14 14.89 -1.14 17.39
CA PRO A 14 14.05 -2.34 17.23
C PRO A 14 14.51 -3.20 16.05
N SER A 15 14.43 -4.51 16.23
CA SER A 15 14.86 -5.55 15.28
C SER A 15 16.35 -5.83 15.37
N ASP A 16 17.10 -4.94 16.01
CA ASP A 16 18.52 -5.15 16.26
C ASP A 16 18.69 -6.09 17.45
N THR A 17 19.92 -6.41 17.83
CA THR A 17 20.13 -7.33 18.96
C THR A 17 20.81 -6.70 20.20
N LEU A 18 20.19 -6.88 21.35
CA LEU A 18 20.65 -6.32 22.61
C LEU A 18 21.80 -7.15 23.23
N SER A 19 22.93 -6.50 23.48
CA SER A 19 24.07 -7.16 24.12
C SER A 19 24.40 -6.53 25.47
N LEU A 20 24.45 -7.36 26.50
CA LEU A 20 24.79 -6.90 27.86
C LEU A 20 25.84 -7.79 28.47
N THR A 21 26.74 -7.17 29.25
CA THR A 21 27.76 -7.93 29.97
C THR A 21 27.66 -7.63 31.44
N CYS A 22 27.96 -8.64 32.25
CA CYS A 22 28.03 -8.46 33.66
C CYS A 22 29.47 -8.67 34.08
N ALA A 23 30.10 -7.64 34.64
CA ALA A 23 31.39 -7.83 35.22
C ALA A 23 31.17 -8.25 36.63
N VAL A 24 31.83 -9.32 37.04
CA VAL A 24 31.66 -9.86 38.38
C VAL A 24 33.00 -9.71 39.06
N SER A 25 33.00 -9.13 40.25
CA SER A 25 34.23 -8.95 41.00
C SER A 25 34.06 -9.46 42.41
N GLY A 26 35.16 -9.87 43.02
CA GLY A 26 35.13 -10.33 44.39
C GLY A 26 34.64 -11.76 44.51
N TYR A 27 34.41 -12.40 43.36
CA TYR A 27 34.14 -13.83 43.34
C TYR A 27 34.24 -14.36 41.93
N SER A 28 34.56 -15.65 41.81
CA SER A 28 34.85 -16.28 40.52
C SER A 28 33.59 -16.87 39.89
N ILE A 29 33.30 -16.54 38.62
CA ILE A 29 32.14 -17.14 37.99
C ILE A 29 32.34 -18.64 37.72
N THR A 30 33.56 -19.08 37.82
CA THR A 30 33.87 -20.51 37.73
C THR A 30 34.05 -21.22 39.06
N GLY A 31 34.01 -20.48 40.15
CA GLY A 31 33.98 -20.96 41.50
C GLY A 31 32.79 -21.71 42.04
N GLY A 32 31.61 -21.24 41.67
CA GLY A 32 30.37 -21.89 41.99
C GLY A 32 29.19 -21.00 41.73
N TYR A 33 28.02 -21.51 42.01
CA TYR A 33 26.78 -20.78 41.90
C TYR A 33 26.31 -20.72 40.52
N SER A 34 25.26 -19.98 40.30
CA SER A 34 24.68 -19.80 39.01
C SER A 34 24.54 -18.34 38.78
N TRP A 35 24.69 -17.93 37.54
CA TRP A 35 24.72 -16.52 37.14
C TRP A 35 23.54 -16.12 36.25
N HIS A 36 22.63 -15.34 36.81
CA HIS A 36 21.33 -15.10 36.19
C HIS A 36 21.10 -13.70 35.64
N TRP A 37 20.23 -13.65 34.62
CA TRP A 37 19.73 -12.43 34.01
C TRP A 37 18.24 -12.37 34.21
N ILE A 38 17.80 -11.21 34.68
CA ILE A 38 16.41 -11.01 35.05
C ILE A 38 16.11 -9.62 34.56
N ARG A 39 14.90 -9.37 34.05
CA ARG A 39 14.57 -8.01 33.65
C ARG A 39 13.29 -7.53 34.27
N GLN A 40 13.13 -6.22 34.31
CA GLN A 40 11.91 -5.65 34.84
C GLN A 40 11.40 -4.54 33.93
N PRO A 41 10.27 -4.78 33.29
CA PRO A 41 9.67 -3.72 32.47
C PRO A 41 9.26 -2.53 33.35
N PRO A 42 9.29 -1.32 32.83
CA PRO A 42 8.99 -0.17 33.68
C PRO A 42 7.55 -0.20 34.07
N GLY A 43 7.35 -0.21 35.36
CA GLY A 43 6.07 -0.35 35.99
C GLY A 43 5.71 -1.78 36.29
N LYS A 44 6.32 -2.74 35.62
CA LYS A 44 5.94 -4.12 35.77
C LYS A 44 6.75 -4.85 36.77
N GLY A 45 6.57 -6.16 36.79
CA GLY A 45 7.34 -7.08 37.60
C GLY A 45 8.42 -7.95 36.95
N LEU A 46 9.35 -8.40 37.74
CA LEU A 46 10.50 -9.21 37.39
C LEU A 46 10.19 -10.46 36.58
N GLU A 47 10.84 -10.58 35.42
CA GLU A 47 10.78 -11.77 34.60
C GLU A 47 12.15 -12.41 34.48
N TRP A 48 12.29 -13.66 34.91
CA TRP A 48 13.56 -14.38 34.86
C TRP A 48 13.92 -14.81 33.44
N MET A 49 15.12 -14.49 32.96
CA MET A 49 15.42 -14.69 31.55
C MET A 49 16.21 -15.97 31.22
N GLY A 50 17.25 -16.26 32.00
CA GLY A 50 18.09 -17.44 31.78
C GLY A 50 19.28 -17.35 32.71
N TYR A 51 20.23 -18.27 32.57
CA TYR A 51 21.43 -18.31 33.41
C TYR A 51 22.53 -19.18 32.83
N ILE A 52 23.72 -19.11 33.44
CA ILE A 52 24.85 -20.00 33.12
C ILE A 52 25.44 -20.47 34.43
N HIS A 53 25.81 -21.74 34.48
CA HIS A 53 26.23 -22.37 35.72
C HIS A 53 27.72 -22.10 35.91
N TYR A 54 28.31 -22.48 37.03
CA TYR A 54 29.76 -22.33 37.17
C TYR A 54 30.42 -23.30 36.22
N SER A 55 29.71 -24.37 35.90
CA SER A 55 30.24 -25.38 35.00
C SER A 55 30.34 -24.86 33.57
N GLY A 56 29.55 -23.85 33.23
CA GLY A 56 29.46 -23.35 31.86
C GLY A 56 28.17 -23.80 31.21
N TYR A 57 27.40 -24.56 31.98
CA TYR A 57 26.12 -25.07 31.54
C TYR A 57 25.11 -23.93 31.61
N THR A 58 24.26 -23.80 30.60
CA THR A 58 23.26 -22.73 30.57
C THR A 58 21.85 -23.29 30.44
N ASP A 59 20.86 -22.48 30.83
CA ASP A 59 19.46 -22.75 30.54
C ASP A 59 18.64 -21.45 30.47
N PHE A 60 17.45 -21.50 29.91
CA PHE A 60 16.73 -20.27 29.73
C PHE A 60 15.25 -20.41 30.04
N ASN A 61 14.58 -19.28 30.11
CA ASN A 61 13.15 -19.24 30.17
C ASN A 61 12.64 -19.39 28.76
N PRO A 62 11.63 -20.26 28.57
CA PRO A 62 10.97 -20.32 27.26
C PRO A 62 10.34 -18.96 27.01
N SER A 63 9.71 -18.76 25.87
CA SER A 63 9.22 -17.44 25.50
C SER A 63 10.37 -16.47 25.27
N LEU A 64 11.58 -16.99 25.36
CA LEU A 64 12.79 -16.23 25.08
C LEU A 64 13.80 -17.13 24.36
N LYS A 65 13.65 -18.46 24.48
CA LYS A 65 14.72 -19.43 24.08
C LYS A 65 15.19 -19.31 22.63
N THR A 66 14.28 -19.00 21.77
CA THR A 66 14.59 -18.95 20.41
C THR A 66 15.16 -17.64 20.00
N ARG A 67 15.33 -16.71 20.89
CA ARG A 67 16.04 -15.50 20.55
C ARG A 67 17.09 -15.04 21.48
N ILE A 68 17.54 -15.90 22.35
CA ILE A 68 18.40 -15.48 23.42
C ILE A 68 19.53 -16.44 23.58
N THR A 69 20.72 -15.93 23.83
CA THR A 69 21.92 -16.72 24.16
C THR A 69 22.69 -16.09 25.33
N ILE A 70 23.56 -16.87 25.98
CA ILE A 70 24.30 -16.42 27.15
C ILE A 70 25.64 -17.12 27.18
N SER A 71 26.71 -16.34 27.31
CA SER A 71 28.06 -16.87 27.21
C SER A 71 28.90 -16.18 28.25
N ARG A 72 30.15 -16.61 28.37
CA ARG A 72 31.05 -16.04 29.35
C ARG A 72 32.50 -15.96 28.90
N ASP A 73 33.24 -15.02 29.50
CA ASP A 73 34.69 -14.99 29.43
C ASP A 73 35.29 -15.19 30.81
N THR A 74 35.75 -16.41 31.07
CA THR A 74 36.31 -16.78 32.36
C THR A 74 37.61 -16.04 32.63
N SER A 75 38.28 -15.62 31.56
CA SER A 75 39.53 -14.88 31.66
C SER A 75 39.20 -13.48 32.12
N LYS A 76 37.98 -13.05 31.83
CA LYS A 76 37.57 -11.70 32.19
C LYS A 76 36.56 -11.69 33.34
N ASN A 77 36.15 -12.87 33.80
CA ASN A 77 35.19 -12.98 34.90
C ASN A 77 33.87 -12.32 34.56
N GLN A 78 33.41 -12.54 33.34
CA GLN A 78 32.15 -11.97 32.93
C GLN A 78 31.36 -12.91 32.08
N PHE A 79 30.05 -12.87 32.27
CA PHE A 79 29.13 -13.54 31.38
C PHE A 79 28.32 -12.47 30.66
N SER A 80 27.67 -12.86 29.58
CA SER A 80 27.06 -11.92 28.66
C SER A 80 25.66 -12.37 28.28
N LEU A 81 24.91 -11.48 27.64
CA LEU A 81 23.54 -11.78 27.25
C LEU A 81 23.27 -11.23 25.87
N LYS A 82 22.74 -12.08 24.99
CA LYS A 82 22.38 -11.65 23.64
C LYS A 82 20.93 -11.93 23.39
N LEU A 83 20.18 -10.90 23.06
CA LEU A 83 18.77 -11.05 22.77
C LEU A 83 18.46 -10.49 21.38
N SER A 84 18.11 -11.35 20.44
CA SER A 84 17.99 -10.88 19.07
C SER A 84 16.56 -10.51 18.76
N SER A 85 16.38 -9.74 17.68
CA SER A 85 15.07 -9.35 17.19
C SER A 85 14.23 -8.73 18.29
N VAL A 86 14.70 -7.59 18.77
CA VAL A 86 14.18 -6.94 19.96
C VAL A 86 12.99 -6.06 19.62
N THR A 87 11.99 -6.11 20.47
CA THR A 87 10.80 -5.26 20.33
C THR A 87 10.59 -4.51 21.64
N ALA A 88 9.60 -3.62 21.66
CA ALA A 88 9.35 -2.73 22.79
C ALA A 88 9.10 -3.46 24.10
N VAL A 89 8.56 -4.68 24.02
CA VAL A 89 8.42 -5.54 25.18
C VAL A 89 9.73 -5.72 25.94
N ASP A 90 10.87 -5.46 25.30
CA ASP A 90 12.17 -5.73 25.89
C ASP A 90 12.77 -4.48 26.52
N THR A 91 12.04 -3.38 26.43
CA THR A 91 12.35 -2.20 27.20
C THR A 91 12.16 -2.50 28.67
N ALA A 92 13.27 -2.57 29.39
CA ALA A 92 13.25 -2.95 30.79
C ALA A 92 14.56 -2.63 31.46
N VAL A 93 14.58 -2.84 32.76
CA VAL A 93 15.81 -2.80 33.52
C VAL A 93 16.31 -4.23 33.61
N TYR A 94 17.58 -4.42 33.29
CA TYR A 94 18.20 -5.74 33.31
C TYR A 94 19.08 -5.92 34.52
N TYR A 95 18.94 -7.03 35.23
CA TYR A 95 19.77 -7.32 36.41
C TYR A 95 20.64 -8.55 36.29
N CYS A 96 21.87 -8.40 36.78
CA CYS A 96 22.78 -9.47 37.12
C CYS A 96 22.34 -9.99 38.46
N ALA A 97 22.30 -11.30 38.63
CA ALA A 97 22.04 -11.82 39.95
C ALA A 97 22.78 -13.13 40.10
N ARG A 98 23.34 -13.37 41.28
CA ARG A 98 24.03 -14.62 41.57
C ARG A 98 23.15 -15.44 42.48
N LYS A 99 22.71 -16.58 41.97
CA LYS A 99 21.75 -17.40 42.69
C LYS A 99 22.42 -18.54 43.44
N ASP A 100 21.95 -18.75 44.67
CA ASP A 100 22.39 -19.84 45.52
C ASP A 100 21.58 -21.08 45.21
N PRO A 101 21.93 -22.23 45.81
CA PRO A 101 21.07 -23.41 45.64
C PRO A 101 19.66 -23.26 46.26
N SER A 102 19.45 -22.27 47.12
CA SER A 102 18.18 -22.08 47.85
C SER A 102 16.86 -22.43 47.13
N ASP A 103 16.58 -21.93 45.92
CA ASP A 103 17.46 -21.09 45.12
C ASP A 103 17.03 -19.63 45.12
N ALA A 104 17.66 -18.85 45.98
CA ALA A 104 17.29 -17.49 46.18
C ALA A 104 18.41 -16.60 45.66
N PHE A 105 18.10 -15.32 45.47
CA PHE A 105 19.06 -14.39 44.93
C PHE A 105 19.48 -13.40 46.00
N PRO A 106 20.59 -13.67 46.70
CA PRO A 106 21.08 -12.71 47.68
C PRO A 106 21.75 -11.51 47.02
N TYR A 107 22.43 -11.73 45.91
CA TYR A 107 23.21 -10.66 45.26
C TYR A 107 22.70 -10.31 43.87
N TRP A 108 22.61 -9.00 43.60
CA TRP A 108 22.10 -8.43 42.35
C TRP A 108 22.90 -7.21 41.97
N GLY A 109 22.92 -6.85 40.69
CA GLY A 109 23.53 -5.58 40.30
C GLY A 109 22.54 -4.43 40.45
N GLN A 110 22.96 -3.21 40.09
CA GLN A 110 22.11 -2.03 40.23
C GLN A 110 20.95 -2.08 39.23
N GLY A 111 21.16 -2.78 38.13
CA GLY A 111 20.21 -2.75 37.02
C GLY A 111 20.59 -1.69 36.02
N THR A 112 20.56 -2.07 34.75
CA THR A 112 20.74 -1.10 33.67
C THR A 112 19.49 -1.11 32.78
N LEU A 113 19.00 0.07 32.44
CA LEU A 113 17.77 0.17 31.67
C LEU A 113 18.08 0.23 30.19
N VAL A 114 17.55 -0.71 29.41
CA VAL A 114 17.62 -0.62 27.95
C VAL A 114 16.30 -0.20 27.37
N THR A 115 16.29 0.83 26.55
CA THR A 115 15.03 1.23 25.91
C THR A 115 15.12 1.03 24.41
N VAL A 116 14.02 0.55 23.81
CA VAL A 116 14.04 0.14 22.42
C VAL A 116 13.27 1.07 21.53
N SER A 117 13.99 1.95 20.83
CA SER A 117 13.34 2.90 19.94
C SER A 117 14.21 3.20 18.74
N SER A 118 13.58 3.72 17.70
CA SER A 118 14.31 4.14 16.51
C SER A 118 14.77 5.59 16.64
N ALA A 119 14.38 6.23 17.74
CA ALA A 119 14.66 7.65 17.92
C ALA A 119 16.09 7.94 18.41
N SER A 120 16.60 9.11 18.08
CA SER A 120 18.00 9.42 18.42
C SER A 120 18.20 9.96 19.83
N THR A 121 19.39 9.74 20.37
CA THR A 121 19.77 10.31 21.67
C THR A 121 19.83 11.83 21.60
N LYS A 122 19.34 12.48 22.64
CA LYS A 122 19.36 13.91 22.79
C LYS A 122 19.91 14.26 24.17
N GLY A 123 21.03 14.96 24.21
CA GLY A 123 21.56 15.45 25.48
C GLY A 123 20.64 16.53 25.99
N PRO A 124 20.50 16.63 27.32
CA PRO A 124 19.56 17.55 27.96
C PRO A 124 20.13 18.95 28.12
N SER A 125 19.23 19.91 28.38
CA SER A 125 19.61 21.25 28.79
C SER A 125 19.24 21.42 30.26
N VAL A 126 20.08 22.12 31.01
CA VAL A 126 19.84 22.28 32.44
C VAL A 126 19.57 23.74 32.82
N PHE A 127 18.39 23.97 33.40
CA PHE A 127 18.00 25.29 33.87
C PHE A 127 17.82 25.26 35.39
N PRO A 128 18.16 26.37 36.08
CA PRO A 128 18.00 26.49 37.54
C PRO A 128 16.64 27.00 38.01
N LEU A 129 16.20 26.46 39.14
CA LEU A 129 15.01 26.93 39.80
C LEU A 129 15.46 27.76 40.99
N ALA A 130 15.53 29.08 40.80
CA ALA A 130 16.11 29.98 41.77
C ALA A 130 15.50 29.81 43.13
N PRO A 131 16.30 29.98 44.19
CA PRO A 131 15.82 29.78 45.55
C PRO A 131 14.60 30.66 45.79
N SER A 132 13.62 30.13 46.54
CA SER A 132 12.36 30.82 46.81
C SER A 132 12.53 32.04 47.74
N SER A 133 13.65 32.09 48.47
CA SER A 133 13.87 33.12 49.49
C SER A 133 15.27 33.72 49.45
N LYS A 134 15.45 34.84 50.15
CA LYS A 134 16.77 35.43 50.32
C LYS A 134 17.41 34.87 51.56
N SER A 135 18.69 35.16 51.76
CA SER A 135 19.42 34.60 52.87
C SER A 135 19.09 35.27 54.21
N THR A 136 18.32 36.35 54.18
CA THR A 136 17.92 37.06 55.41
C THR A 136 16.47 36.78 55.83
N SER A 137 15.84 35.79 55.20
CA SER A 137 14.44 35.46 55.51
C SER A 137 14.31 34.73 56.84
N GLY A 138 15.10 33.68 57.03
CA GLY A 138 15.21 33.02 58.31
C GLY A 138 14.32 31.80 58.43
N GLY A 139 13.83 31.33 57.28
CA GLY A 139 12.97 30.16 57.23
C GLY A 139 13.63 29.12 56.35
N THR A 140 12.83 28.46 55.52
CA THR A 140 13.35 27.48 54.57
C THR A 140 13.14 27.96 53.13
N ALA A 141 14.16 27.80 52.30
CA ALA A 141 14.05 28.13 50.87
C ALA A 141 14.17 26.88 50.04
N ALA A 142 13.57 26.91 48.85
CA ALA A 142 13.66 25.80 47.90
C ALA A 142 14.23 26.24 46.55
N LEU A 143 15.19 25.46 46.07
CA LEU A 143 15.81 25.69 44.77
C LEU A 143 15.98 24.37 44.06
N GLY A 144 15.96 24.40 42.74
CA GLY A 144 16.13 23.17 42.00
C GLY A 144 16.85 23.30 40.67
N CYS A 145 17.09 22.14 40.08
CA CYS A 145 17.57 21.98 38.73
C CYS A 145 16.38 21.56 37.91
N LEU A 146 16.29 22.02 36.68
CA LEU A 146 15.30 21.49 35.77
C LEU A 146 16.01 20.88 34.55
N VAL A 147 15.94 19.57 34.43
CA VAL A 147 16.60 18.91 33.31
C VAL A 147 15.57 18.62 32.24
N LYS A 148 15.81 19.14 31.05
CA LYS A 148 14.77 19.24 30.05
C LYS A 148 15.28 18.83 28.67
N ASP A 149 14.40 18.22 27.88
CA ASP A 149 14.66 17.80 26.50
C ASP A 149 15.79 16.79 26.31
N TYR A 150 15.65 15.64 26.94
CA TYR A 150 16.61 14.56 26.76
C TYR A 150 15.94 13.24 26.41
N PHE A 151 16.74 12.39 25.77
CA PHE A 151 16.36 11.04 25.43
C PHE A 151 17.67 10.28 25.24
N PRO A 152 17.73 9.01 25.66
CA PRO A 152 16.69 8.35 26.45
C PRO A 152 16.89 8.50 27.95
N GLU A 153 16.05 7.80 28.70
CA GLU A 153 16.29 7.59 30.11
C GLU A 153 17.54 6.73 30.33
N PRO A 154 18.17 6.83 31.50
CA PRO A 154 17.85 7.76 32.59
C PRO A 154 18.88 8.89 32.72
N VAL A 155 18.54 9.90 33.51
CA VAL A 155 19.47 10.94 33.88
C VAL A 155 19.72 10.82 35.36
N THR A 156 20.89 11.24 35.83
CA THR A 156 21.16 11.22 37.27
C THR A 156 21.53 12.59 37.82
N VAL A 157 20.90 12.92 38.94
CA VAL A 157 21.05 14.22 39.56
C VAL A 157 21.48 14.15 41.03
N SER A 158 22.61 14.78 41.32
CA SER A 158 23.07 14.94 42.68
C SER A 158 23.38 16.41 42.97
N TRP A 159 23.45 16.74 44.25
CA TRP A 159 23.67 18.11 44.66
C TRP A 159 25.01 18.23 45.37
N ASN A 160 25.79 19.22 44.95
CA ASN A 160 27.08 19.48 45.53
C ASN A 160 27.94 18.23 45.54
N SER A 161 27.96 17.54 44.41
CA SER A 161 28.75 16.32 44.22
C SER A 161 28.28 15.13 45.06
N GLY A 162 27.24 15.32 45.87
CA GLY A 162 26.69 14.22 46.63
C GLY A 162 26.86 14.40 48.13
N ALA A 163 27.44 15.52 48.52
CA ALA A 163 27.51 15.91 49.92
C ALA A 163 26.14 16.29 50.43
N LEU A 164 25.33 16.84 49.54
CA LEU A 164 23.99 17.29 49.91
C LEU A 164 23.02 16.19 49.53
N THR A 165 22.39 15.60 50.54
CA THR A 165 21.49 14.48 50.36
C THR A 165 20.10 14.75 50.95
N SER A 166 20.05 15.15 52.23
CA SER A 166 18.76 15.46 52.87
C SER A 166 18.00 16.61 52.21
N GLY A 167 16.69 16.47 52.15
CA GLY A 167 15.84 17.48 51.53
C GLY A 167 15.93 17.53 50.03
N VAL A 168 16.46 16.47 49.41
CA VAL A 168 16.55 16.40 47.94
C VAL A 168 15.48 15.48 47.37
N HIS A 169 14.65 16.02 46.48
CA HIS A 169 13.64 15.22 45.77
C HIS A 169 13.90 15.29 44.29
N THR A 170 14.10 14.13 43.69
CA THR A 170 14.26 14.08 42.25
C THR A 170 12.98 13.46 41.69
N PHE A 171 12.27 14.21 40.86
CA PHE A 171 11.05 13.69 40.28
C PHE A 171 11.35 12.78 39.11
N PRO A 172 10.66 11.64 39.08
CA PRO A 172 10.64 10.76 37.92
C PRO A 172 10.46 11.57 36.65
N ALA A 173 11.13 11.15 35.58
CA ALA A 173 11.03 11.85 34.32
C ALA A 173 9.62 11.72 33.76
N VAL A 174 9.19 12.75 33.06
CA VAL A 174 7.86 12.83 32.48
C VAL A 174 8.06 12.92 31.00
N LEU A 175 7.41 12.04 30.24
CA LEU A 175 7.60 12.01 28.80
C LEU A 175 6.77 13.14 28.13
N GLN A 176 7.46 14.10 27.55
CA GLN A 176 6.81 15.24 26.96
C GLN A 176 6.13 14.86 25.65
N SER A 177 5.35 15.81 25.12
CA SER A 177 4.60 15.63 23.87
C SER A 177 5.52 15.42 22.66
N SER A 178 6.71 15.98 22.72
CA SER A 178 7.68 15.83 21.64
C SER A 178 8.41 14.49 21.75
N GLY A 179 7.96 13.68 22.70
CA GLY A 179 8.54 12.37 22.92
C GLY A 179 9.92 12.49 23.52
N LEU A 180 10.18 13.65 24.15
CA LEU A 180 11.43 13.86 24.89
C LEU A 180 11.17 13.85 26.38
N TYR A 181 12.13 13.35 27.16
CA TYR A 181 11.97 13.31 28.62
C TYR A 181 12.35 14.63 29.31
N SER A 182 11.96 14.73 30.57
CA SER A 182 12.16 15.95 31.32
C SER A 182 11.88 15.68 32.78
N LEU A 183 12.73 16.19 33.66
CA LEU A 183 12.43 16.16 35.09
C LEU A 183 12.97 17.38 35.81
N SER A 184 12.61 17.46 37.09
CA SER A 184 13.16 18.45 38.00
C SER A 184 13.74 17.79 39.23
N SER A 185 14.73 18.45 39.81
CA SER A 185 15.33 18.02 41.06
C SER A 185 15.34 19.21 42.00
N VAL A 186 14.74 19.06 43.16
CA VAL A 186 14.63 20.19 44.07
C VAL A 186 15.19 19.90 45.45
N VAL A 187 15.64 20.95 46.12
CA VAL A 187 16.16 20.79 47.46
C VAL A 187 15.66 21.94 48.35
N THR A 188 15.33 21.62 49.60
CA THR A 188 14.95 22.62 50.60
C THR A 188 16.08 22.81 51.61
N VAL A 189 16.40 24.06 51.84
CA VAL A 189 17.55 24.41 52.63
C VAL A 189 17.12 25.44 53.66
N PRO A 190 17.83 25.51 54.79
CA PRO A 190 17.59 26.64 55.68
C PRO A 190 17.94 27.88 54.87
N SER A 191 17.12 28.93 54.90
CA SER A 191 17.37 30.12 54.08
C SER A 191 18.72 30.80 54.40
N SER A 192 19.17 30.65 55.63
CA SER A 192 20.40 31.28 56.10
C SER A 192 21.63 30.72 55.42
N SER A 193 21.50 29.53 54.85
CA SER A 193 22.61 28.86 54.19
C SER A 193 22.76 29.27 52.72
N LEU A 194 21.94 30.21 52.26
CA LEU A 194 22.02 30.65 50.87
C LEU A 194 23.15 31.64 50.74
N GLY A 195 23.48 32.31 51.83
CA GLY A 195 24.53 33.31 51.80
C GLY A 195 25.83 32.77 52.33
N THR A 196 25.81 31.51 52.75
CA THR A 196 27.01 30.86 53.25
C THR A 196 27.45 29.67 52.40
N GLN A 197 26.60 29.26 51.47
CA GLN A 197 26.84 28.02 50.71
C GLN A 197 26.28 28.00 49.29
N THR A 198 27.04 27.38 48.39
CA THR A 198 26.66 27.32 46.98
C THR A 198 26.14 25.94 46.60
N TYR A 199 25.02 25.95 45.90
CA TYR A 199 24.35 24.72 45.52
C TYR A 199 24.55 24.48 44.03
N ILE A 200 25.07 23.29 43.70
CA ILE A 200 25.29 22.91 42.32
C ILE A 200 24.56 21.62 42.05
N CYS A 201 23.89 21.56 40.91
CA CYS A 201 23.29 20.32 40.48
C CYS A 201 24.24 19.64 39.51
N ASN A 202 24.47 18.36 39.74
CA ASN A 202 25.30 17.62 38.82
C ASN A 202 24.37 16.69 38.07
N VAL A 203 24.24 16.99 36.77
CA VAL A 203 23.32 16.30 35.87
C VAL A 203 24.12 15.42 34.92
N ASN A 204 23.74 14.15 34.87
CA ASN A 204 24.56 13.10 34.27
C ASN A 204 23.73 12.20 33.37
N HIS A 205 24.01 12.26 32.06
CA HIS A 205 23.29 11.52 31.05
C HIS A 205 24.30 10.77 30.21
N LYS A 206 24.67 9.56 30.66
CA LYS A 206 25.65 8.76 29.95
C LYS A 206 25.40 8.68 28.43
N PRO A 207 24.21 8.21 27.99
CA PRO A 207 24.01 7.93 26.56
C PRO A 207 24.47 9.02 25.58
N SER A 208 24.44 10.29 25.99
CA SER A 208 24.93 11.38 25.14
C SER A 208 26.32 11.81 25.59
N ASN A 209 26.87 11.09 26.58
CA ASN A 209 28.14 11.46 27.18
C ASN A 209 28.13 12.90 27.73
N THR A 210 27.09 13.24 28.50
CA THR A 210 26.88 14.60 29.00
C THR A 210 27.02 14.69 30.52
N LYS A 211 27.92 15.56 31.01
CA LYS A 211 28.08 15.82 32.44
C LYS A 211 28.07 17.32 32.67
N VAL A 212 27.01 17.82 33.29
CA VAL A 212 26.79 19.26 33.44
C VAL A 212 26.68 19.67 34.90
N ASP A 213 27.40 20.71 35.29
CA ASP A 213 27.19 21.29 36.62
C ASP A 213 26.57 22.65 36.42
N LYS A 214 25.55 22.95 37.21
CA LYS A 214 24.95 24.27 37.13
C LYS A 214 25.01 24.89 38.49
N ARG A 215 25.57 26.09 38.54
CA ARG A 215 25.54 26.86 39.77
C ARG A 215 24.19 27.57 39.86
N VAL A 216 23.41 27.17 40.87
CA VAL A 216 22.11 27.74 41.12
C VAL A 216 22.23 28.92 42.10
N GLU A 217 22.04 30.13 41.57
CA GLU A 217 22.13 31.37 42.35
C GLU A 217 20.97 32.31 42.02
N PRO A 218 20.76 33.35 42.86
CA PRO A 218 19.71 34.33 42.59
C PRO A 218 20.03 35.29 41.43
N GLU B 1 5.86 -24.20 34.29
CA GLU B 1 5.39 -22.86 34.58
C GLU B 1 4.52 -22.80 35.84
N ILE B 2 5.16 -22.76 37.00
CA ILE B 2 4.45 -22.48 38.23
C ILE B 2 4.12 -21.00 38.27
N VAL B 3 2.84 -20.67 38.34
CA VAL B 3 2.39 -19.28 38.41
C VAL B 3 2.09 -18.89 39.85
N LEU B 4 2.55 -17.71 40.27
CA LEU B 4 2.41 -17.26 41.66
C LEU B 4 1.53 -16.03 41.77
N THR B 5 0.56 -16.07 42.69
CA THR B 5 -0.40 -14.98 42.87
C THR B 5 -0.37 -14.39 44.26
N GLN B 6 0.00 -13.12 44.36
CA GLN B 6 0.16 -12.45 45.64
C GLN B 6 -1.09 -11.69 46.06
N SER B 7 -1.18 -11.37 47.34
CA SER B 7 -2.33 -10.67 47.89
C SER B 7 -1.93 -9.86 49.13
N PRO B 8 -2.40 -8.62 49.21
CA PRO B 8 -3.16 -7.95 48.16
C PRO B 8 -2.23 -7.54 47.03
N ASP B 9 -2.65 -6.59 46.21
CA ASP B 9 -1.80 -6.09 45.16
C ASP B 9 -1.29 -4.73 45.54
N PHE B 10 -2.18 -3.94 46.13
CA PHE B 10 -1.80 -2.71 46.79
C PHE B 10 -2.39 -2.72 48.19
N GLN B 11 -1.75 -2.02 49.11
CA GLN B 11 -2.16 -2.07 50.49
C GLN B 11 -1.67 -0.85 51.27
N SER B 12 -2.57 -0.29 52.05
CA SER B 12 -2.31 0.92 52.82
C SER B 12 -2.33 0.59 54.30
N VAL B 13 -1.19 0.76 54.96
CA VAL B 13 -1.05 0.36 56.34
C VAL B 13 -0.62 1.56 57.21
N THR B 14 -1.30 1.77 58.33
CA THR B 14 -0.93 2.77 59.31
C THR B 14 0.43 2.41 59.93
N PRO B 15 1.29 3.39 60.24
CA PRO B 15 2.59 3.10 60.87
C PRO B 15 2.45 2.20 62.09
N LYS B 16 3.52 1.53 62.52
CA LYS B 16 3.49 0.63 63.69
C LYS B 16 2.32 -0.37 63.72
N GLU B 17 1.85 -0.78 62.55
CA GLU B 17 0.80 -1.78 62.38
C GLU B 17 1.43 -3.02 61.71
N LYS B 18 0.67 -4.11 61.64
CA LYS B 18 1.12 -5.34 60.97
C LYS B 18 0.77 -5.40 59.47
N VAL B 19 1.73 -5.78 58.64
CA VAL B 19 1.50 -6.01 57.21
C VAL B 19 1.52 -7.50 56.92
N THR B 20 0.40 -8.06 56.46
CA THR B 20 0.43 -9.43 55.97
C THR B 20 0.36 -9.51 54.44
N ILE B 21 1.12 -10.43 53.86
CA ILE B 21 1.15 -10.64 52.42
C ILE B 21 1.10 -12.15 52.17
N THR B 22 0.35 -12.58 51.17
CA THR B 22 0.17 -14.00 50.92
C THR B 22 0.51 -14.40 49.47
N CYS B 23 1.05 -15.60 49.29
CA CYS B 23 1.21 -16.19 47.97
C CYS B 23 0.30 -17.40 47.83
N ARG B 24 -0.17 -17.63 46.61
CA ARG B 24 -0.90 -18.84 46.25
C ARG B 24 -0.17 -19.45 45.06
N ALA B 25 0.45 -20.60 45.28
CA ALA B 25 1.07 -21.33 44.18
C ALA B 25 0.02 -22.11 43.41
N SER B 26 0.42 -22.59 42.24
CA SER B 26 -0.45 -23.40 41.39
C SER B 26 -0.19 -24.89 41.56
N GLN B 27 0.80 -25.24 42.36
CA GLN B 27 0.95 -26.60 42.83
C GLN B 27 1.79 -26.55 44.08
N SER B 28 2.18 -27.68 44.59
CA SER B 28 2.83 -27.71 45.87
C SER B 28 4.28 -27.59 45.75
N ILE B 29 4.75 -26.43 46.12
CA ILE B 29 6.14 -26.16 46.14
C ILE B 29 6.69 -26.27 47.53
N SER B 30 5.82 -26.59 48.48
CA SER B 30 6.25 -26.93 49.78
C SER B 30 7.04 -25.77 50.33
N ASP B 31 8.27 -26.03 50.73
CA ASP B 31 9.29 -25.17 51.30
C ASP B 31 9.79 -24.05 50.42
N HIS B 32 9.75 -24.24 49.11
CA HIS B 32 10.64 -23.56 48.17
C HIS B 32 10.15 -22.19 47.69
N LEU B 33 9.89 -21.28 48.64
CA LEU B 33 9.38 -19.94 48.34
C LEU B 33 10.20 -18.84 49.05
N HIS B 34 10.67 -17.85 48.31
CA HIS B 34 11.42 -16.75 48.94
C HIS B 34 10.71 -15.43 48.77
N TRP B 35 11.01 -14.50 49.67
CA TRP B 35 10.42 -13.17 49.65
C TRP B 35 11.47 -12.09 49.48
N TYR B 36 11.26 -11.22 48.52
CA TYR B 36 12.15 -10.10 48.30
C TYR B 36 11.43 -8.77 48.54
N GLN B 37 12.19 -7.78 49.02
CA GLN B 37 11.72 -6.40 49.09
C GLN B 37 12.40 -5.57 48.02
N GLN B 38 11.65 -4.71 47.33
CA GLN B 38 12.26 -3.79 46.37
C GLN B 38 11.78 -2.35 46.52
N LYS B 39 12.64 -1.50 47.08
CA LYS B 39 12.37 -0.08 47.05
C LYS B 39 12.62 0.39 45.61
N PRO B 40 11.99 1.49 45.19
CA PRO B 40 12.15 1.92 43.80
C PRO B 40 13.60 2.31 43.40
N ASP B 41 13.98 1.93 42.18
CA ASP B 41 15.30 2.24 41.60
C ASP B 41 16.43 1.48 42.25
N GLN B 42 16.07 0.41 42.93
CA GLN B 42 17.07 -0.43 43.56
C GLN B 42 16.79 -1.85 43.16
N SER B 43 17.81 -2.69 43.27
CA SER B 43 17.63 -4.10 43.01
C SER B 43 16.92 -4.69 44.23
N PRO B 44 16.19 -5.79 44.01
CA PRO B 44 15.50 -6.45 45.11
C PRO B 44 16.42 -6.93 46.23
N LYS B 45 15.82 -7.12 47.39
CA LYS B 45 16.55 -7.54 48.57
C LYS B 45 15.87 -8.73 49.17
N LEU B 46 16.57 -9.86 49.14
CA LEU B 46 16.14 -11.07 49.80
C LEU B 46 15.68 -10.75 51.22
N LEU B 47 14.55 -11.31 51.64
CA LEU B 47 14.08 -11.12 53.01
C LEU B 47 13.97 -12.45 53.72
N ILE B 48 13.26 -13.38 53.07
CA ILE B 48 12.94 -14.64 53.71
C ILE B 48 13.30 -15.77 52.79
N LYS B 49 13.92 -16.79 53.38
CA LYS B 49 14.21 -18.04 52.67
C LYS B 49 13.40 -19.20 53.21
N TYR B 50 12.90 -20.06 52.33
CA TYR B 50 12.70 -21.46 52.70
C TYR B 50 11.66 -21.93 53.76
N ALA B 51 10.45 -21.36 53.90
CA ALA B 51 10.02 -20.06 53.44
C ALA B 51 9.73 -19.30 54.73
N SER B 52 10.47 -19.67 55.77
CA SER B 52 10.30 -19.15 57.12
C SER B 52 11.65 -18.91 57.76
N HIS B 53 12.71 -19.05 56.97
CA HIS B 53 14.08 -18.81 57.42
C HIS B 53 14.55 -17.38 57.20
N ALA B 54 15.17 -16.84 58.25
CA ALA B 54 15.60 -15.46 58.27
C ALA B 54 16.97 -15.30 57.64
N ILE B 55 17.15 -14.17 56.96
CA ILE B 55 18.43 -13.77 56.40
C ILE B 55 19.19 -13.00 57.46
N SER B 56 20.51 -13.06 57.44
CA SER B 56 21.29 -12.27 58.39
C SER B 56 21.38 -10.82 57.92
N GLY B 57 21.18 -9.88 58.84
CA GLY B 57 21.22 -8.46 58.52
C GLY B 57 19.85 -7.97 58.10
N VAL B 58 18.83 -8.71 58.52
CA VAL B 58 17.45 -8.37 58.19
C VAL B 58 16.61 -8.37 59.46
N PRO B 59 15.94 -7.22 59.72
CA PRO B 59 15.16 -6.95 60.93
C PRO B 59 14.36 -8.15 61.42
N SER B 60 14.28 -8.29 62.73
CA SER B 60 13.46 -9.33 63.32
C SER B 60 12.00 -9.06 62.99
N ARG B 61 11.74 -7.81 62.59
CA ARG B 61 10.43 -7.32 62.13
C ARG B 61 9.78 -8.25 61.11
N PHE B 62 10.55 -8.62 60.10
CA PHE B 62 10.06 -9.46 59.03
C PHE B 62 10.10 -10.93 59.45
N SER B 63 9.14 -11.70 58.94
CA SER B 63 9.06 -13.15 59.15
C SER B 63 8.11 -13.78 58.14
N GLY B 64 8.31 -15.08 57.88
CA GLY B 64 7.46 -15.80 56.95
C GLY B 64 6.94 -17.11 57.51
N SER B 65 5.95 -17.70 56.82
CA SER B 65 5.34 -18.97 57.22
C SER B 65 4.48 -19.48 56.08
N GLY B 66 4.19 -20.78 56.08
CA GLY B 66 3.37 -21.39 55.03
C GLY B 66 4.03 -22.59 54.39
N SER B 67 3.24 -23.41 53.67
CA SER B 67 3.74 -24.62 52.99
C SER B 67 2.92 -24.99 51.75
N GLY B 68 3.57 -25.63 50.77
CA GLY B 68 2.86 -26.21 49.64
C GLY B 68 2.25 -25.20 48.68
N THR B 69 1.05 -24.73 48.97
CA THR B 69 0.38 -23.77 48.07
C THR B 69 0.21 -22.36 48.67
N ASP B 70 0.13 -22.26 49.99
CA ASP B 70 -0.10 -20.96 50.62
C ASP B 70 0.98 -20.50 51.61
N PHE B 71 1.52 -19.31 51.38
CA PHE B 71 2.61 -18.76 52.18
C PHE B 71 2.30 -17.33 52.64
N THR B 72 2.74 -16.99 53.85
CA THR B 72 2.49 -15.67 54.40
C THR B 72 3.75 -14.98 54.89
N LEU B 73 3.95 -13.73 54.45
CA LEU B 73 5.02 -12.87 54.93
C LEU B 73 4.39 -11.84 55.87
N THR B 74 5.07 -11.52 56.96
CA THR B 74 4.53 -10.51 57.87
C THR B 74 5.59 -9.55 58.34
N ILE B 75 5.27 -8.26 58.22
CA ILE B 75 6.04 -7.22 58.87
C ILE B 75 5.25 -6.86 60.11
N ASN B 76 5.83 -7.10 61.28
CA ASN B 76 5.06 -6.93 62.49
C ASN B 76 4.83 -5.49 62.94
N SER B 77 5.76 -4.60 62.61
CA SER B 77 5.59 -3.22 63.02
C SER B 77 6.01 -2.28 61.90
N LEU B 78 5.04 -1.88 61.09
CA LEU B 78 5.31 -1.07 59.91
C LEU B 78 6.16 0.16 60.22
N GLU B 79 7.28 0.29 59.50
CA GLU B 79 8.18 1.42 59.63
C GLU B 79 8.24 2.09 58.28
N ALA B 80 8.56 3.38 58.25
CA ALA B 80 8.61 4.16 57.02
C ALA B 80 9.56 3.51 56.06
N GLU B 81 10.63 3.00 56.64
CA GLU B 81 11.63 2.16 55.99
C GLU B 81 11.04 1.19 55.00
N ASP B 82 9.89 0.66 55.36
CA ASP B 82 9.29 -0.48 54.68
C ASP B 82 8.36 -0.09 53.52
N ALA B 83 8.50 1.13 53.03
CA ALA B 83 7.70 1.57 51.89
C ALA B 83 8.35 1.04 50.61
N ALA B 84 7.96 -0.18 50.26
CA ALA B 84 8.52 -0.87 49.12
C ALA B 84 7.45 -1.69 48.43
N THR B 85 7.88 -2.55 47.52
CA THR B 85 6.98 -3.52 46.94
C THR B 85 7.58 -4.92 47.10
N TYR B 86 6.74 -5.87 47.52
CA TYR B 86 7.17 -7.17 47.98
C TYR B 86 6.95 -8.29 46.97
N TYR B 87 8.00 -9.07 46.73
CA TYR B 87 7.92 -10.18 45.76
C TYR B 87 8.17 -11.52 46.41
N CYS B 88 7.54 -12.53 45.85
CA CYS B 88 7.80 -13.88 46.29
C CYS B 88 8.42 -14.59 45.12
N GLN B 89 9.26 -15.57 45.39
CA GLN B 89 9.87 -16.30 44.31
C GLN B 89 9.86 -17.78 44.60
N GLN B 90 9.62 -18.55 43.57
CA GLN B 90 9.52 -20.00 43.70
C GLN B 90 10.78 -20.69 43.23
N GLY B 91 11.26 -21.63 44.03
CA GLY B 91 12.45 -22.36 43.68
C GLY B 91 12.25 -23.85 43.53
N HIS B 92 11.06 -24.24 43.09
CA HIS B 92 10.74 -25.66 42.96
C HIS B 92 11.15 -26.24 41.60
N SER B 93 11.03 -25.44 40.56
CA SER B 93 11.40 -25.90 39.23
C SER B 93 11.67 -24.76 38.27
N PHE B 94 12.44 -25.05 37.23
CA PHE B 94 12.69 -24.07 36.21
C PHE B 94 11.50 -24.16 35.25
N PRO B 95 11.11 -23.03 34.64
CA PRO B 95 11.65 -21.69 34.84
C PRO B 95 11.36 -21.16 36.23
N LEU B 96 12.25 -20.29 36.71
CA LEU B 96 12.07 -19.61 37.99
C LEU B 96 11.05 -18.50 37.86
N THR B 97 10.27 -18.30 38.91
CA THR B 97 9.11 -17.43 38.85
C THR B 97 8.89 -16.54 40.08
N PHE B 98 8.45 -15.31 39.82
CA PHE B 98 8.08 -14.34 40.86
C PHE B 98 6.62 -13.94 40.72
N GLY B 99 6.04 -13.48 41.81
CA GLY B 99 4.67 -12.99 41.80
C GLY B 99 4.58 -11.61 41.19
N GLY B 100 3.37 -11.07 41.14
CA GLY B 100 3.13 -9.75 40.55
C GLY B 100 3.63 -8.62 41.44
N GLY B 101 3.91 -8.94 42.69
CA GLY B 101 4.35 -7.95 43.67
C GLY B 101 3.22 -7.45 44.53
N THR B 102 3.55 -6.89 45.68
CA THR B 102 2.55 -6.24 46.51
C THR B 102 3.06 -4.89 46.93
N LYS B 103 2.49 -3.83 46.34
CA LYS B 103 2.82 -2.50 46.81
C LYS B 103 2.17 -2.26 48.16
N VAL B 104 3.00 -1.80 49.10
CA VAL B 104 2.56 -1.44 50.43
C VAL B 104 2.78 0.05 50.61
N GLU B 105 1.72 0.78 50.89
CA GLU B 105 1.89 2.19 51.19
C GLU B 105 1.63 2.42 52.66
N ILE B 106 2.38 3.35 53.25
CA ILE B 106 2.22 3.66 54.66
C ILE B 106 1.25 4.81 54.92
N LYS B 107 0.20 4.52 55.68
CA LYS B 107 -0.82 5.53 55.93
C LYS B 107 -0.55 6.32 57.21
N ARG B 108 0.31 7.33 57.05
CA ARG B 108 0.67 8.24 58.12
C ARG B 108 -0.37 9.32 58.24
N THR B 109 -0.24 10.12 59.28
CA THR B 109 -1.11 11.28 59.52
C THR B 109 -1.12 12.26 58.33
N VAL B 110 -2.20 13.01 58.18
CA VAL B 110 -2.30 14.05 57.16
C VAL B 110 -1.17 15.08 57.31
N ALA B 111 -0.48 15.37 56.21
CA ALA B 111 0.51 16.43 56.18
C ALA B 111 0.04 17.43 55.14
N ALA B 112 0.46 18.68 55.28
CA ALA B 112 0.01 19.72 54.38
C ALA B 112 1.14 20.14 53.44
N PRO B 113 0.80 20.38 52.17
CA PRO B 113 1.78 20.77 51.17
C PRO B 113 2.47 22.10 51.53
N SER B 114 3.78 22.18 51.29
CA SER B 114 4.49 23.45 51.29
C SER B 114 4.62 23.87 49.84
N VAL B 115 4.05 25.00 49.48
CA VAL B 115 3.99 25.37 48.06
C VAL B 115 5.00 26.44 47.66
N PHE B 116 5.65 26.23 46.52
CA PHE B 116 6.62 27.18 45.99
C PHE B 116 6.45 27.32 44.48
N ILE B 117 6.68 28.53 43.98
CA ILE B 117 6.57 28.78 42.55
C ILE B 117 7.86 29.39 42.02
N PHE B 118 8.29 28.91 40.86
CA PHE B 118 9.56 29.30 40.27
C PHE B 118 9.38 29.86 38.87
N PRO B 119 9.75 31.13 38.65
CA PRO B 119 9.78 31.72 37.32
C PRO B 119 10.74 30.96 36.42
N PRO B 120 10.49 30.93 35.10
CA PRO B 120 11.47 30.35 34.20
C PRO B 120 12.75 31.17 34.19
N SER B 121 13.90 30.50 34.14
CA SER B 121 15.20 31.16 34.11
C SER B 121 15.40 31.93 32.82
N ASP B 122 16.20 32.98 32.88
CA ASP B 122 16.42 33.83 31.70
C ASP B 122 17.31 33.14 30.66
N GLU B 123 17.98 32.07 31.06
CA GLU B 123 18.72 31.28 30.09
C GLU B 123 17.80 30.43 29.24
N GLN B 124 16.85 29.77 29.90
CA GLN B 124 15.85 29.00 29.21
C GLN B 124 14.98 29.93 28.38
N LEU B 125 14.61 31.05 28.99
CA LEU B 125 13.74 32.06 28.40
C LEU B 125 14.37 32.58 27.12
N LYS B 126 15.64 32.96 27.23
CA LYS B 126 16.38 33.43 26.06
C LYS B 126 16.45 32.36 24.98
N SER B 127 16.02 31.15 25.30
CA SER B 127 16.04 30.06 24.35
C SER B 127 14.65 29.70 23.80
N GLY B 128 13.65 30.55 24.03
CA GLY B 128 12.37 30.40 23.38
C GLY B 128 11.20 29.84 24.18
N THR B 129 11.49 29.01 25.17
CA THR B 129 10.40 28.42 25.95
C THR B 129 10.51 28.88 27.42
N ALA B 130 9.38 28.85 28.12
CA ALA B 130 9.37 29.22 29.52
C ALA B 130 8.69 28.13 30.30
N SER B 131 9.37 27.63 31.31
CA SER B 131 8.80 26.64 32.21
C SER B 131 8.60 27.29 33.57
N VAL B 132 7.39 27.19 34.10
CA VAL B 132 7.10 27.72 35.42
C VAL B 132 6.72 26.50 36.22
N VAL B 133 7.43 26.25 37.32
CA VAL B 133 7.14 25.04 38.07
C VAL B 133 6.61 25.29 39.48
N CYS B 134 5.73 24.41 39.93
CA CYS B 134 5.14 24.57 41.24
C CYS B 134 5.45 23.35 42.10
N LEU B 135 6.19 23.59 43.16
CA LEU B 135 6.60 22.52 44.05
C LEU B 135 5.70 22.42 45.28
N LEU B 136 5.03 21.28 45.39
CA LEU B 136 4.23 20.96 46.56
C LEU B 136 5.03 20.00 47.39
N ASN B 137 5.68 20.49 48.42
CA ASN B 137 6.61 19.64 49.14
C ASN B 137 6.02 18.96 50.37
N ASN B 138 6.40 17.69 50.55
CA ASN B 138 6.11 16.92 51.76
C ASN B 138 4.66 16.96 52.22
N PHE B 139 3.78 16.21 51.55
CA PHE B 139 2.39 16.17 51.98
C PHE B 139 1.84 14.74 52.02
N TYR B 140 0.73 14.57 52.72
CA TYR B 140 0.01 13.32 52.72
C TYR B 140 -1.48 13.59 52.94
N PRO B 141 -2.36 12.86 52.24
CA PRO B 141 -2.16 11.77 51.27
C PRO B 141 -1.62 12.23 49.93
N ARG B 142 -1.48 11.30 48.99
CA ARG B 142 -0.94 11.64 47.68
C ARG B 142 -1.84 12.60 46.91
N GLU B 143 -3.14 12.50 47.13
CA GLU B 143 -4.12 13.24 46.33
C GLU B 143 -4.11 14.73 46.58
N ALA B 144 -4.08 15.47 45.48
CA ALA B 144 -4.10 16.92 45.53
C ALA B 144 -4.34 17.44 44.13
N LYS B 145 -4.77 18.70 44.03
CA LYS B 145 -5.05 19.27 42.72
C LYS B 145 -4.37 20.62 42.56
N VAL B 146 -3.83 20.85 41.37
CA VAL B 146 -3.09 22.08 41.08
C VAL B 146 -3.67 22.84 39.90
N GLN B 147 -4.07 24.08 40.14
CA GLN B 147 -4.70 24.91 39.12
C GLN B 147 -3.82 26.09 38.74
N TRP B 148 -3.36 26.10 37.49
CA TRP B 148 -2.63 27.25 37.00
C TRP B 148 -3.54 28.43 36.66
N LYS B 149 -3.10 29.63 37.05
CA LYS B 149 -3.79 30.88 36.75
C LYS B 149 -2.82 31.85 36.10
N VAL B 150 -3.17 32.37 34.92
CA VAL B 150 -2.36 33.41 34.30
C VAL B 150 -3.20 34.66 34.01
N ASP B 151 -2.95 35.71 34.79
CA ASP B 151 -3.77 36.92 34.81
C ASP B 151 -5.21 36.54 35.14
N ASN B 152 -5.34 35.55 36.01
CA ASN B 152 -6.62 34.99 36.44
C ASN B 152 -7.35 34.12 35.41
N ALA B 153 -6.74 33.95 34.24
CA ALA B 153 -7.31 33.05 33.24
C ALA B 153 -6.85 31.62 33.51
N LEU B 154 -7.82 30.71 33.68
CA LEU B 154 -7.52 29.35 34.10
C LEU B 154 -6.92 28.53 32.96
N GLN B 155 -5.72 28.03 33.20
CA GLN B 155 -4.94 27.37 32.18
C GLN B 155 -5.27 25.89 32.12
N SER B 156 -5.35 25.35 30.92
CA SER B 156 -5.63 23.94 30.77
C SER B 156 -4.88 23.31 29.61
N GLY B 157 -4.33 22.12 29.87
CA GLY B 157 -3.75 21.30 28.83
C GLY B 157 -2.32 21.66 28.49
N ASN B 158 -1.73 22.56 29.27
CA ASN B 158 -0.35 22.98 29.05
C ASN B 158 0.56 22.71 30.26
N SER B 159 0.01 21.99 31.22
CA SER B 159 0.75 21.64 32.42
C SER B 159 1.08 20.16 32.47
N GLN B 160 2.06 19.79 33.30
CA GLN B 160 2.39 18.39 33.53
C GLN B 160 2.94 18.09 34.92
N GLU B 161 2.42 17.03 35.52
CA GLU B 161 2.77 16.68 36.89
C GLU B 161 3.65 15.44 37.03
N SER B 162 4.42 15.45 38.12
CA SER B 162 5.20 14.30 38.52
C SER B 162 5.11 14.25 40.04
N VAL B 163 5.01 13.04 40.59
CA VAL B 163 4.86 12.85 42.02
C VAL B 163 5.92 11.87 42.46
N THR B 164 6.62 12.23 43.53
CA THR B 164 7.73 11.44 43.98
C THR B 164 7.22 10.20 44.68
N GLU B 165 8.15 9.34 45.08
CA GLU B 165 7.83 8.15 45.83
C GLU B 165 7.66 8.51 47.29
N GLN B 166 7.14 7.59 48.08
CA GLN B 166 6.92 7.88 49.47
C GLN B 166 8.25 8.01 50.21
N ASP B 167 8.44 9.13 50.89
CA ASP B 167 9.65 9.35 51.69
C ASP B 167 9.91 8.13 52.59
N SER B 168 11.16 7.74 52.75
CA SER B 168 11.47 6.59 53.60
C SER B 168 11.74 6.97 55.05
N LYS B 169 11.50 8.24 55.40
CA LYS B 169 11.79 8.68 56.76
C LYS B 169 10.59 9.35 57.42
N ASP B 170 9.89 10.18 56.66
CA ASP B 170 8.67 10.83 57.13
C ASP B 170 7.45 10.44 56.30
N SER B 171 7.67 9.70 55.23
CA SER B 171 6.58 9.04 54.49
C SER B 171 5.65 9.95 53.69
N THR B 172 6.13 11.14 53.36
CA THR B 172 5.31 12.13 52.65
C THR B 172 5.63 12.15 51.15
N TYR B 173 4.73 12.75 50.37
CA TYR B 173 4.89 12.84 48.93
C TYR B 173 5.21 14.25 48.53
N SER B 174 5.90 14.41 47.40
CA SER B 174 6.13 15.72 46.81
C SER B 174 5.59 15.73 45.41
N LEU B 175 5.13 16.88 44.96
CA LEU B 175 4.62 16.98 43.62
C LEU B 175 5.21 18.16 42.90
N SER B 176 5.33 18.00 41.58
CA SER B 176 5.85 19.02 40.71
C SER B 176 4.92 19.23 39.53
N SER B 177 4.41 20.45 39.36
CA SER B 177 3.59 20.76 38.19
C SER B 177 4.30 21.80 37.34
N THR B 178 4.48 21.49 36.06
CA THR B 178 5.25 22.31 35.12
C THR B 178 4.40 22.92 34.02
N LEU B 179 4.32 24.24 33.99
CA LEU B 179 3.63 24.92 32.92
C LEU B 179 4.64 25.34 31.84
N THR B 180 4.41 24.91 30.61
CA THR B 180 5.27 25.29 29.50
C THR B 180 4.52 26.16 28.53
N LEU B 181 5.13 27.27 28.13
CA LEU B 181 4.51 28.27 27.28
C LEU B 181 5.53 28.71 26.26
N SER B 182 5.07 29.46 25.25
CA SER B 182 6.00 30.04 24.29
C SER B 182 6.61 31.25 24.97
N LYS B 183 7.84 31.61 24.61
CA LYS B 183 8.46 32.80 25.18
C LYS B 183 7.62 34.01 24.84
N ALA B 184 7.10 34.07 23.62
CA ALA B 184 6.19 35.14 23.23
C ALA B 184 4.98 35.15 24.15
N ASP B 185 4.40 33.98 24.38
CA ASP B 185 3.25 33.82 25.26
C ASP B 185 3.56 34.24 26.69
N TYR B 186 4.82 34.10 27.08
CA TYR B 186 5.23 34.33 28.45
C TYR B 186 5.06 35.78 28.89
N GLU B 187 5.48 36.74 28.06
CA GLU B 187 5.40 38.14 28.50
C GLU B 187 4.15 38.87 28.02
N LYS B 188 3.23 38.11 27.43
CA LYS B 188 1.89 38.63 27.14
C LYS B 188 1.06 38.64 28.42
N HIS B 189 1.74 38.36 29.54
CA HIS B 189 1.08 38.21 30.81
C HIS B 189 2.01 38.65 31.94
N LYS B 190 1.44 38.91 33.11
CA LYS B 190 2.18 39.50 34.20
C LYS B 190 2.20 38.66 35.47
N VAL B 191 1.05 38.10 35.82
CA VAL B 191 0.88 37.32 37.05
C VAL B 191 0.78 35.85 36.73
N TYR B 192 1.44 35.02 37.53
CA TYR B 192 1.42 33.57 37.34
C TYR B 192 1.20 32.89 38.67
N ALA B 193 0.10 32.14 38.82
CA ALA B 193 -0.28 31.58 40.12
C ALA B 193 -0.46 30.06 40.18
N CYS B 194 0.12 29.44 41.20
CA CYS B 194 -0.03 28.02 41.46
C CYS B 194 -1.04 27.83 42.58
N GLU B 195 -2.29 27.52 42.24
CA GLU B 195 -3.30 27.33 43.27
C GLU B 195 -3.41 25.87 43.71
N VAL B 196 -3.21 25.61 44.99
CA VAL B 196 -3.16 24.25 45.51
C VAL B 196 -4.35 23.86 46.42
N THR B 197 -5.01 22.76 46.06
CA THR B 197 -6.14 22.23 46.82
C THR B 197 -5.77 20.88 47.43
N HIS B 198 -5.95 20.75 48.73
CA HIS B 198 -5.53 19.55 49.44
C HIS B 198 -6.24 19.40 50.77
N GLN B 199 -6.34 18.15 51.22
CA GLN B 199 -7.01 17.78 52.49
C GLN B 199 -6.45 18.47 53.75
N GLY B 200 -5.14 18.68 53.81
CA GLY B 200 -4.53 19.23 55.00
C GLY B 200 -4.58 20.74 55.01
N LEU B 201 -5.03 21.29 53.90
CA LEU B 201 -5.14 22.73 53.72
C LEU B 201 -6.57 23.17 53.90
N SER B 202 -6.85 23.90 54.99
CA SER B 202 -8.22 24.31 55.31
C SER B 202 -8.91 24.98 54.12
N SER B 203 -8.16 25.84 53.43
CA SER B 203 -8.66 26.46 52.21
C SER B 203 -7.51 26.41 51.19
N PRO B 204 -7.83 26.44 49.89
CA PRO B 204 -6.83 26.38 48.82
C PRO B 204 -5.72 27.44 48.95
N VAL B 205 -4.48 27.06 48.59
CA VAL B 205 -3.35 27.97 48.67
C VAL B 205 -2.98 28.46 47.27
N THR B 206 -2.59 29.72 47.16
CA THR B 206 -2.12 30.27 45.90
C THR B 206 -0.77 30.90 46.13
N LYS B 207 0.16 30.59 45.24
CA LYS B 207 1.48 31.17 45.29
C LYS B 207 1.67 31.73 43.90
N SER B 208 2.27 32.91 43.81
CA SER B 208 2.40 33.55 42.51
C SER B 208 3.67 34.37 42.37
N PHE B 209 3.84 34.99 41.20
CA PHE B 209 4.91 35.95 41.00
C PHE B 209 4.52 36.88 39.85
N ASN B 210 5.28 37.96 39.70
CA ASN B 210 5.06 38.91 38.61
C ASN B 210 6.37 39.18 37.87
N ARG B 211 6.27 39.70 36.64
CA ARG B 211 7.46 40.15 35.94
C ARG B 211 8.46 39.02 35.77
N GLN C 1 -38.00 -12.85 63.42
CA GLN C 1 -38.60 -11.73 62.70
C GLN C 1 -38.55 -10.43 63.51
N VAL C 2 -37.45 -10.25 64.25
CA VAL C 2 -37.18 -8.99 64.92
C VAL C 2 -36.85 -7.93 63.88
N GLN C 3 -37.33 -6.71 64.09
CA GLN C 3 -37.07 -5.61 63.17
C GLN C 3 -36.92 -4.26 63.86
N LEU C 4 -35.85 -3.52 63.52
CA LEU C 4 -35.67 -2.15 63.99
C LEU C 4 -35.85 -1.20 62.82
N GLN C 5 -36.17 0.05 63.11
CA GLN C 5 -36.34 1.05 62.07
C GLN C 5 -36.33 2.44 62.66
N GLU C 6 -35.49 3.30 62.10
CA GLU C 6 -35.23 4.62 62.67
C GLU C 6 -35.93 5.71 61.87
N SER C 7 -36.08 6.88 62.49
CA SER C 7 -36.82 7.96 61.86
C SER C 7 -36.70 9.20 62.70
N GLY C 8 -36.80 10.34 62.04
CA GLY C 8 -36.73 11.62 62.71
C GLY C 8 -36.31 12.68 61.70
N PRO C 9 -36.31 13.95 62.14
CA PRO C 9 -35.84 15.10 61.38
C PRO C 9 -34.50 14.80 60.76
N GLY C 10 -34.33 15.08 59.47
CA GLY C 10 -33.09 14.77 58.76
C GLY C 10 -32.07 15.90 58.74
N LEU C 11 -32.46 17.06 59.26
CA LEU C 11 -31.59 18.24 59.38
C LEU C 11 -31.83 18.92 60.72
N VAL C 12 -30.76 19.23 61.46
CA VAL C 12 -30.91 20.09 62.62
C VAL C 12 -29.89 21.22 62.56
N LYS C 13 -30.26 22.37 63.11
CA LYS C 13 -29.37 23.52 63.12
C LYS C 13 -28.38 23.37 64.28
N PRO C 14 -27.28 24.13 64.26
CA PRO C 14 -26.22 24.05 65.27
C PRO C 14 -26.65 24.04 66.73
N SER C 15 -27.22 25.14 67.22
CA SER C 15 -27.51 25.27 68.65
C SER C 15 -28.48 24.23 69.22
N ASP C 16 -29.28 23.60 68.35
CA ASP C 16 -30.36 22.71 68.80
C ASP C 16 -29.93 21.35 69.29
N THR C 17 -30.93 20.49 69.45
CA THR C 17 -30.72 19.11 69.85
C THR C 17 -31.34 18.12 68.86
N LEU C 18 -30.78 16.92 68.86
CA LEU C 18 -31.17 15.88 67.95
C LEU C 18 -32.13 14.90 68.63
N SER C 19 -33.25 14.61 67.98
CA SER C 19 -34.20 13.62 68.52
C SER C 19 -34.43 12.51 67.51
N LEU C 20 -34.12 11.28 67.89
CA LEU C 20 -34.48 10.15 67.04
C LEU C 20 -35.37 9.18 67.79
N THR C 21 -36.20 8.44 67.04
CA THR C 21 -36.86 7.28 67.62
C THR C 21 -36.59 6.01 66.79
N CYS C 22 -36.75 4.87 67.44
CA CYS C 22 -36.56 3.59 66.79
C CYS C 22 -37.76 2.69 67.11
N ALA C 23 -38.49 2.30 66.08
CA ALA C 23 -39.74 1.56 66.25
C ALA C 23 -39.56 0.07 66.03
N VAL C 24 -39.41 -0.68 67.11
CA VAL C 24 -39.18 -2.11 67.05
C VAL C 24 -40.49 -2.89 66.87
N SER C 25 -40.42 -4.00 66.13
CA SER C 25 -41.53 -4.93 65.97
C SER C 25 -40.99 -6.36 65.94
N GLY C 26 -41.88 -7.33 66.12
CA GLY C 26 -41.50 -8.73 66.14
C GLY C 26 -40.97 -9.11 67.51
N TYR C 27 -41.00 -8.15 68.44
CA TYR C 27 -40.39 -8.32 69.74
C TYR C 27 -40.58 -7.13 70.68
N SER C 28 -40.72 -7.45 71.97
CA SER C 28 -40.96 -6.48 73.04
C SER C 28 -39.69 -6.06 73.77
N ILE C 29 -39.45 -4.74 73.86
CA ILE C 29 -38.17 -4.22 74.38
C ILE C 29 -38.03 -4.25 75.90
N THR C 30 -38.95 -5.01 76.48
CA THR C 30 -38.92 -5.28 77.87
C THR C 30 -38.59 -6.70 78.09
N GLY C 31 -38.81 -7.52 77.09
CA GLY C 31 -38.49 -8.93 77.20
C GLY C 31 -37.04 -9.33 77.31
N GLY C 32 -36.20 -8.74 76.49
CA GLY C 32 -34.83 -9.17 76.43
C GLY C 32 -33.95 -8.14 75.85
N TYR C 33 -32.65 -8.33 76.09
CA TYR C 33 -31.62 -7.64 75.34
C TYR C 33 -31.37 -6.20 75.72
N SER C 34 -30.57 -5.54 74.90
CA SER C 34 -30.19 -4.16 75.08
C SER C 34 -30.50 -3.54 73.77
N TRP C 35 -30.69 -2.25 73.76
CA TRP C 35 -31.09 -1.56 72.55
C TRP C 35 -30.23 -0.34 72.33
N HIS C 36 -29.54 -0.31 71.18
CA HIS C 36 -28.40 0.59 71.00
C HIS C 36 -28.55 1.70 69.95
N TRP C 37 -27.74 2.75 70.10
CA TRP C 37 -27.63 3.80 69.10
C TRP C 37 -26.18 3.90 68.65
N ILE C 38 -26.00 4.02 67.34
CA ILE C 38 -24.67 3.91 66.74
C ILE C 38 -24.55 4.89 65.57
N ARG C 39 -23.47 5.65 65.54
CA ARG C 39 -23.31 6.62 64.47
C ARG C 39 -22.04 6.43 63.66
N GLN C 40 -22.08 6.96 62.47
CA GLN C 40 -20.97 6.85 61.58
C GLN C 40 -21.06 8.05 60.67
N PRO C 41 -20.24 9.07 60.95
CA PRO C 41 -20.18 10.25 60.09
C PRO C 41 -19.74 9.85 58.69
N PRO C 42 -20.09 10.65 57.68
CA PRO C 42 -19.87 10.23 56.30
C PRO C 42 -18.40 9.96 56.01
N GLY C 43 -18.12 8.82 55.37
CA GLY C 43 -16.76 8.43 55.03
C GLY C 43 -15.93 8.12 56.27
N LYS C 44 -16.61 7.81 57.36
CA LYS C 44 -15.95 7.54 58.63
C LYS C 44 -16.38 6.22 59.24
N GLY C 45 -15.90 5.98 60.45
CA GLY C 45 -16.08 4.71 61.12
C GLY C 45 -17.28 4.70 62.05
N LEU C 46 -17.66 3.51 62.50
CA LEU C 46 -18.80 3.38 63.39
C LEU C 46 -18.42 3.90 64.77
N GLU C 47 -19.37 4.54 65.44
CA GLU C 47 -19.17 5.00 66.80
C GLU C 47 -20.39 4.67 67.65
N TRP C 48 -20.12 4.09 68.81
CA TRP C 48 -21.17 3.66 69.71
C TRP C 48 -21.56 4.81 70.62
N MET C 49 -22.84 4.89 70.93
CA MET C 49 -23.32 6.07 71.65
C MET C 49 -24.00 5.73 72.98
N GLY C 50 -24.83 4.70 72.97
CA GLY C 50 -25.54 4.33 74.18
C GLY C 50 -26.57 3.24 74.00
N TYR C 51 -26.93 2.60 75.12
CA TYR C 51 -28.00 1.61 75.12
C TYR C 51 -29.01 1.90 76.21
N ILE C 52 -30.19 1.32 76.06
CA ILE C 52 -31.16 1.29 77.13
C ILE C 52 -31.50 -0.17 77.35
N HIS C 53 -31.35 -0.60 78.59
CA HIS C 53 -31.53 -1.99 78.95
C HIS C 53 -33.01 -2.29 78.96
N TYR C 54 -33.38 -3.56 78.98
CA TYR C 54 -34.77 -3.89 78.87
C TYR C 54 -35.52 -3.49 80.12
N SER C 55 -34.82 -3.52 81.24
CA SER C 55 -35.39 -3.18 82.54
C SER C 55 -35.53 -1.67 82.69
N GLY C 56 -34.88 -0.94 81.79
CA GLY C 56 -35.08 0.50 81.71
C GLY C 56 -33.90 1.38 82.02
N TYR C 57 -32.80 0.82 82.50
CA TYR C 57 -31.64 1.63 82.82
C TYR C 57 -30.74 1.84 81.62
N THR C 58 -30.03 2.97 81.63
CA THR C 58 -29.22 3.36 80.50
C THR C 58 -27.77 3.60 80.87
N ASP C 59 -26.88 3.25 79.95
CA ASP C 59 -25.49 3.66 79.99
C ASP C 59 -25.05 4.24 78.65
N PHE C 60 -24.00 5.07 78.68
CA PHE C 60 -23.59 5.84 77.51
C PHE C 60 -22.10 5.83 77.25
N ASN C 61 -21.74 6.35 76.09
CA ASN C 61 -20.34 6.55 75.74
C ASN C 61 -19.85 7.79 76.46
N PRO C 62 -18.72 7.67 77.18
CA PRO C 62 -18.13 8.77 77.97
C PRO C 62 -17.68 9.97 77.14
N SER C 63 -17.71 9.88 75.81
CA SER C 63 -17.26 10.98 74.96
C SER C 63 -18.40 11.93 74.64
N LEU C 64 -19.63 11.49 74.86
CA LEU C 64 -20.78 12.34 74.58
C LEU C 64 -20.95 13.38 75.67
N LYS C 65 -20.72 12.97 76.92
CA LYS C 65 -20.07 13.81 77.92
C LYS C 65 -20.51 15.27 78.15
N THR C 66 -21.77 15.51 78.50
CA THR C 66 -22.87 14.58 78.37
C THR C 66 -24.00 15.37 77.74
N ARG C 67 -24.39 14.98 76.54
CA ARG C 67 -25.44 15.68 75.81
C ARG C 67 -26.50 14.69 75.45
N ILE C 68 -26.25 13.45 75.87
CA ILE C 68 -27.04 12.32 75.42
C ILE C 68 -27.99 11.83 76.49
N THR C 69 -29.23 11.62 76.09
CA THR C 69 -30.18 10.89 76.93
C THR C 69 -30.82 9.87 76.03
N ILE C 70 -31.27 8.77 76.61
CA ILE C 70 -31.96 7.75 75.85
C ILE C 70 -33.14 7.31 76.68
N SER C 71 -34.28 7.08 76.02
CA SER C 71 -35.52 6.75 76.70
C SER C 71 -36.36 5.82 75.82
N ARG C 72 -37.44 5.27 76.38
CA ARG C 72 -38.26 4.33 75.64
C ARG C 72 -39.73 4.54 75.94
N ASP C 73 -40.57 4.12 75.00
CA ASP C 73 -42.02 4.09 75.19
C ASP C 73 -42.57 2.67 75.00
N THR C 74 -42.89 2.02 76.11
CA THR C 74 -43.40 0.66 76.18
C THR C 74 -44.74 0.43 75.45
N SER C 75 -45.54 1.50 75.38
CA SER C 75 -46.83 1.46 74.71
C SER C 75 -46.70 1.36 73.18
N LYS C 76 -45.57 1.83 72.65
CA LYS C 76 -45.34 1.85 71.22
C LYS C 76 -44.17 0.94 70.85
N ASN C 77 -43.52 0.38 71.87
CA ASN C 77 -42.40 -0.53 71.66
C ASN C 77 -41.30 0.21 70.90
N GLN C 78 -40.88 1.36 71.42
CA GLN C 78 -39.92 2.24 70.76
C GLN C 78 -38.89 2.81 71.69
N PHE C 79 -37.67 3.05 71.20
CA PHE C 79 -36.70 3.82 71.97
C PHE C 79 -36.16 5.06 71.26
N SER C 80 -35.67 5.99 72.07
CA SER C 80 -35.39 7.34 71.62
C SER C 80 -33.98 7.77 71.95
N LEU C 81 -33.54 8.86 71.33
CA LEU C 81 -32.22 9.41 71.56
C LEU C 81 -32.22 10.93 71.46
N LYS C 82 -31.75 11.60 72.51
CA LYS C 82 -31.61 13.05 72.49
C LYS C 82 -30.14 13.42 72.59
N LEU C 83 -29.76 14.40 71.78
CA LEU C 83 -28.36 14.82 71.68
C LEU C 83 -28.24 16.34 71.52
N SER C 84 -27.91 17.01 72.61
CA SER C 84 -27.92 18.46 72.69
C SER C 84 -26.61 19.06 72.26
N SER C 85 -26.57 20.39 72.11
CA SER C 85 -25.34 21.13 71.88
C SER C 85 -24.64 20.64 70.60
N VAL C 86 -25.44 20.30 69.59
CA VAL C 86 -24.97 19.69 68.36
C VAL C 86 -24.01 20.61 67.57
N THR C 87 -22.97 20.04 66.94
CA THR C 87 -22.23 20.76 65.89
C THR C 87 -22.12 19.92 64.60
N ALA C 88 -21.26 20.35 63.69
CA ALA C 88 -21.10 19.69 62.38
C ALA C 88 -20.44 18.31 62.47
N VAL C 89 -19.82 18.00 63.59
CA VAL C 89 -19.18 16.71 63.78
C VAL C 89 -20.24 15.66 64.11
N ASP C 90 -21.44 16.13 64.42
CA ASP C 90 -22.55 15.25 64.76
C ASP C 90 -23.29 14.81 63.49
N THR C 91 -22.95 15.41 62.36
CA THR C 91 -23.44 14.93 61.07
C THR C 91 -23.02 13.47 60.90
N ALA C 92 -24.00 12.60 60.71
CA ALA C 92 -23.75 11.17 60.64
C ALA C 92 -25.00 10.43 60.21
N VAL C 93 -24.85 9.14 59.96
CA VAL C 93 -25.98 8.23 59.88
C VAL C 93 -26.17 7.61 61.26
N TYR C 94 -27.40 7.61 61.76
CA TYR C 94 -27.65 7.12 63.12
C TYR C 94 -28.38 5.78 63.13
N TYR C 95 -27.76 4.79 63.76
CA TYR C 95 -28.25 3.41 63.68
C TYR C 95 -28.95 2.90 64.93
N CYS C 96 -30.07 2.22 64.67
CA CYS C 96 -30.76 1.37 65.63
C CYS C 96 -30.09 0.02 65.60
N ALA C 97 -29.96 -0.59 66.77
CA ALA C 97 -29.49 -1.98 66.82
C ALA C 97 -29.82 -2.67 68.15
N ARG C 98 -30.03 -3.98 68.05
CA ARG C 98 -30.23 -4.81 69.21
C ARG C 98 -28.99 -5.65 69.50
N LYS C 99 -28.48 -5.54 70.71
CA LYS C 99 -27.29 -6.26 71.11
C LYS C 99 -27.59 -7.70 71.52
N ASP C 100 -26.64 -8.59 71.29
CA ASP C 100 -26.72 -9.98 71.77
C ASP C 100 -26.05 -10.03 73.14
N PRO C 101 -26.11 -11.20 73.81
CA PRO C 101 -25.25 -11.35 75.01
C PRO C 101 -23.77 -11.46 74.64
N SER C 102 -23.49 -11.57 73.33
CA SER C 102 -22.15 -11.80 72.76
C SER C 102 -20.97 -10.87 73.11
N ASP C 103 -21.11 -9.56 73.02
CA ASP C 103 -22.35 -8.88 72.72
C ASP C 103 -22.27 -8.25 71.33
N ALA C 104 -22.81 -8.98 70.37
CA ALA C 104 -22.73 -8.62 68.98
C ALA C 104 -24.00 -7.93 68.56
N PHE C 105 -24.00 -7.38 67.34
CA PHE C 105 -25.19 -6.73 66.82
C PHE C 105 -25.68 -7.39 65.54
N PRO C 106 -26.56 -8.36 65.67
CA PRO C 106 -27.10 -9.08 64.51
C PRO C 106 -28.20 -8.29 63.80
N TYR C 107 -28.86 -7.38 64.52
CA TYR C 107 -30.06 -6.67 64.04
C TYR C 107 -29.93 -5.16 64.04
N TRP C 108 -30.11 -4.57 62.85
CA TRP C 108 -29.88 -3.15 62.63
C TRP C 108 -31.07 -2.52 61.91
N GLY C 109 -31.47 -1.32 62.34
CA GLY C 109 -32.40 -0.56 61.53
C GLY C 109 -31.77 -0.15 60.21
N GLN C 110 -32.50 0.59 59.39
CA GLN C 110 -31.92 0.99 58.12
C GLN C 110 -30.89 2.15 58.25
N GLY C 111 -30.99 2.92 59.32
CA GLY C 111 -30.13 4.08 59.52
C GLY C 111 -30.69 5.34 58.88
N THR C 112 -30.63 6.45 59.59
CA THR C 112 -31.06 7.74 59.03
C THR C 112 -29.98 8.82 59.07
N LEU C 113 -29.67 9.40 57.91
CA LEU C 113 -28.61 10.39 57.83
C LEU C 113 -29.03 11.77 58.33
N VAL C 114 -28.41 12.19 59.43
CA VAL C 114 -28.71 13.48 60.05
C VAL C 114 -27.59 14.48 59.76
N THR C 115 -27.93 15.54 59.03
CA THR C 115 -26.96 16.55 58.64
C THR C 115 -27.18 17.83 59.47
N VAL C 116 -26.08 18.40 59.95
CA VAL C 116 -26.13 19.55 60.86
C VAL C 116 -25.67 20.82 60.19
N SER C 117 -26.63 21.68 59.87
CA SER C 117 -26.33 22.94 59.21
C SER C 117 -27.40 23.94 59.55
N SER C 118 -27.09 25.21 59.36
CA SER C 118 -28.01 26.29 59.67
C SER C 118 -28.79 26.69 58.42
N ALA C 119 -28.39 26.13 57.28
CA ALA C 119 -29.01 26.45 56.01
C ALA C 119 -30.43 25.89 55.90
N SER C 120 -31.11 26.22 54.80
CA SER C 120 -32.54 25.92 54.64
C SER C 120 -32.80 24.72 53.74
N THR C 121 -33.77 23.90 54.12
CA THR C 121 -34.19 22.80 53.27
C THR C 121 -34.75 23.34 51.96
N LYS C 122 -34.32 22.75 50.85
CA LYS C 122 -34.81 23.14 49.54
C LYS C 122 -35.05 21.91 48.70
N GLY C 123 -36.20 21.87 48.05
CA GLY C 123 -36.55 20.75 47.19
C GLY C 123 -35.81 20.84 45.88
N PRO C 124 -35.73 19.72 45.17
CA PRO C 124 -34.91 19.64 43.95
C PRO C 124 -35.65 19.95 42.66
N SER C 125 -34.97 20.66 41.75
CA SER C 125 -35.39 20.76 40.36
C SER C 125 -34.92 19.50 39.68
N VAL C 126 -35.71 18.96 38.77
CA VAL C 126 -35.37 17.70 38.13
C VAL C 126 -35.33 17.84 36.61
N PHE C 127 -34.20 17.46 36.01
CA PHE C 127 -34.09 17.57 34.56
C PHE C 127 -33.64 16.26 33.94
N PRO C 128 -34.11 15.98 32.72
CA PRO C 128 -33.88 14.67 32.13
C PRO C 128 -32.64 14.64 31.26
N LEU C 129 -31.93 13.53 31.31
CA LEU C 129 -30.83 13.31 30.38
C LEU C 129 -31.36 12.52 29.19
N ALA C 130 -31.92 13.25 28.23
CA ALA C 130 -32.50 12.67 27.02
C ALA C 130 -31.47 11.89 26.20
N PRO C 131 -31.90 10.73 25.64
CA PRO C 131 -31.08 9.87 24.77
C PRO C 131 -30.55 10.59 23.52
N THR C 140 -25.57 0.55 25.53
CA THR C 140 -26.17 0.52 24.21
C THR C 140 -26.88 1.84 23.94
N ALA C 141 -27.97 2.04 24.67
CA ALA C 141 -28.72 3.30 24.65
C ALA C 141 -28.78 3.79 26.08
N ALA C 142 -28.52 5.08 26.29
CA ALA C 142 -28.42 5.60 27.64
C ALA C 142 -29.38 6.75 27.91
N LEU C 143 -29.99 6.71 29.08
CA LEU C 143 -30.84 7.79 29.50
C LEU C 143 -30.57 8.00 30.98
N GLY C 144 -30.94 9.16 31.50
CA GLY C 144 -30.75 9.43 32.90
C GLY C 144 -31.53 10.65 33.36
N CYS C 145 -31.51 10.87 34.67
CA CYS C 145 -32.09 12.07 35.23
C CYS C 145 -31.00 12.88 35.89
N LEU C 146 -31.15 14.19 35.83
CA LEU C 146 -30.29 15.07 36.60
C LEU C 146 -31.11 15.75 37.68
N VAL C 147 -30.90 15.34 38.92
CA VAL C 147 -31.57 15.97 40.04
C VAL C 147 -30.66 17.04 40.65
N LYS C 148 -31.16 18.22 40.88
CA LYS C 148 -30.25 19.28 41.18
C LYS C 148 -30.78 20.20 42.22
N ASP C 149 -29.94 20.90 42.95
CA ASP C 149 -30.44 21.99 43.81
C ASP C 149 -31.31 21.69 45.06
N TYR C 150 -30.96 20.66 45.82
CA TYR C 150 -31.73 20.31 47.00
C TYR C 150 -30.91 20.36 48.27
N PHE C 151 -31.51 20.60 49.43
CA PHE C 151 -30.81 20.49 50.68
C PHE C 151 -31.87 20.03 51.66
N PRO C 152 -31.50 19.13 52.58
CA PRO C 152 -30.17 18.52 52.66
C PRO C 152 -30.17 17.16 52.00
N GLU C 153 -29.14 16.36 52.25
CA GLU C 153 -29.15 14.97 51.88
C GLU C 153 -30.16 14.24 52.76
N PRO C 154 -30.82 13.20 52.21
CA PRO C 154 -30.56 12.58 50.91
C PRO C 154 -31.72 12.67 49.91
N VAL C 155 -31.40 12.30 48.68
CA VAL C 155 -32.39 12.14 47.62
C VAL C 155 -32.32 10.70 47.08
N THR C 156 -33.48 10.07 46.91
CA THR C 156 -33.56 8.71 46.37
C THR C 156 -34.09 8.69 44.94
N VAL C 157 -33.51 7.85 44.08
CA VAL C 157 -34.03 7.71 42.73
C VAL C 157 -34.37 6.25 42.36
N SER C 158 -35.61 6.00 41.94
CA SER C 158 -35.95 4.71 41.37
C SER C 158 -36.48 4.87 39.96
N TRP C 159 -36.32 3.85 39.14
CA TRP C 159 -36.79 3.91 37.77
C TRP C 159 -38.00 3.01 37.64
N ASN C 160 -39.08 3.55 37.07
CA ASN C 160 -40.34 2.82 36.90
C ASN C 160 -40.83 2.17 38.19
N SER C 161 -40.77 2.92 39.29
CA SER C 161 -41.22 2.44 40.59
C SER C 161 -40.53 1.15 41.03
N GLY C 162 -39.38 0.84 40.45
CA GLY C 162 -38.65 -0.37 40.79
C GLY C 162 -38.88 -1.49 39.79
N ALA C 163 -39.47 -1.15 38.65
CA ALA C 163 -39.59 -2.07 37.53
C ALA C 163 -38.24 -2.19 36.83
N LEU C 164 -37.40 -1.18 37.02
CA LEU C 164 -36.08 -1.12 36.41
C LEU C 164 -34.97 -1.07 37.47
N THR C 165 -34.00 -1.98 37.33
CA THR C 165 -32.88 -2.07 38.27
C THR C 165 -31.54 -2.33 37.55
N SER C 166 -31.52 -3.35 36.69
CA SER C 166 -30.31 -3.70 35.98
C SER C 166 -29.87 -2.61 35.03
N GLY C 167 -28.65 -2.14 35.21
CA GLY C 167 -28.12 -1.13 34.33
C GLY C 167 -28.24 0.27 34.91
N VAL C 168 -28.90 0.39 36.05
CA VAL C 168 -29.11 1.68 36.71
C VAL C 168 -27.90 2.08 37.56
N HIS C 169 -27.41 3.29 37.35
CA HIS C 169 -26.27 3.79 38.11
C HIS C 169 -26.54 5.15 38.71
N THR C 170 -26.72 5.17 40.02
CA THR C 170 -27.06 6.38 40.74
C THR C 170 -25.82 6.95 41.40
N PHE C 171 -25.49 8.18 41.02
CA PHE C 171 -24.29 8.82 41.51
C PHE C 171 -24.46 9.49 42.86
N PRO C 172 -23.38 9.51 43.64
CA PRO C 172 -23.26 10.28 44.87
C PRO C 172 -23.59 11.73 44.62
N ALA C 173 -24.02 12.41 45.66
CA ALA C 173 -24.37 13.79 45.55
C ALA C 173 -23.09 14.59 45.56
N VAL C 174 -23.06 15.64 44.75
CA VAL C 174 -21.95 16.58 44.71
C VAL C 174 -22.46 17.90 45.23
N LEU C 175 -21.66 18.55 46.07
CA LEU C 175 -22.00 19.86 46.63
C LEU C 175 -21.52 20.96 45.69
N GLN C 176 -22.29 22.03 45.56
CA GLN C 176 -21.90 23.12 44.67
C GLN C 176 -21.43 24.38 45.40
N SER C 177 -21.05 25.38 44.61
CA SER C 177 -20.60 26.69 45.11
C SER C 177 -21.68 27.26 45.99
N SER C 178 -22.91 27.17 45.48
CA SER C 178 -24.14 27.65 46.11
C SER C 178 -24.54 27.03 47.48
N GLY C 179 -24.14 25.78 47.72
CA GLY C 179 -24.51 25.11 48.95
C GLY C 179 -25.64 24.12 48.78
N LEU C 180 -25.98 23.83 47.51
CA LEU C 180 -27.05 22.89 47.21
C LEU C 180 -26.42 21.66 46.59
N TYR C 181 -27.00 20.48 46.84
CA TYR C 181 -26.45 19.25 46.28
C TYR C 181 -26.93 19.03 44.86
N SER C 182 -26.41 17.96 44.25
CA SER C 182 -26.77 17.56 42.89
C SER C 182 -26.30 16.13 42.61
N LEU C 183 -27.14 15.34 41.95
CA LEU C 183 -26.79 13.96 41.61
C LEU C 183 -27.39 13.54 40.28
N SER C 184 -26.92 12.41 39.77
CA SER C 184 -27.43 11.85 38.54
C SER C 184 -27.65 10.35 38.64
N SER C 185 -28.79 9.91 38.13
CA SER C 185 -29.02 8.49 37.95
C SER C 185 -29.29 8.28 36.48
N VAL C 186 -28.64 7.26 35.94
CA VAL C 186 -28.68 6.96 34.53
C VAL C 186 -28.76 5.47 34.43
N VAL C 187 -29.38 5.00 33.35
CA VAL C 187 -29.49 3.58 33.10
C VAL C 187 -29.32 3.38 31.61
N THR C 188 -28.56 2.35 31.23
CA THR C 188 -28.42 2.02 29.83
C THR C 188 -29.45 0.97 29.44
N VAL C 189 -30.09 1.17 28.29
CA VAL C 189 -31.13 0.29 27.79
C VAL C 189 -30.82 -0.12 26.35
N PRO C 190 -31.57 -1.07 25.79
CA PRO C 190 -31.40 -1.37 24.36
C PRO C 190 -32.40 -0.58 23.52
N SER C 191 -32.02 -0.24 22.29
CA SER C 191 -32.83 0.62 21.42
C SER C 191 -34.15 -0.02 21.01
N SER C 192 -34.16 -1.34 21.00
CA SER C 192 -35.37 -2.13 20.78
C SER C 192 -36.36 -1.78 21.87
N SER C 193 -35.83 -1.56 23.07
CA SER C 193 -36.65 -1.17 24.20
C SER C 193 -37.07 0.29 24.05
N LEU C 194 -36.32 1.05 23.26
CA LEU C 194 -36.53 2.48 23.19
C LEU C 194 -37.86 2.83 22.58
N GLY C 195 -38.24 2.12 21.51
CA GLY C 195 -39.55 2.33 20.94
C GLY C 195 -40.59 1.87 21.93
N THR C 196 -40.41 0.65 22.43
CA THR C 196 -41.44 -0.05 23.20
C THR C 196 -41.76 0.57 24.56
N GLN C 197 -40.78 0.66 25.44
CA GLN C 197 -41.08 1.04 26.82
C GLN C 197 -40.88 2.52 27.13
N THR C 198 -41.54 2.97 28.19
CA THR C 198 -41.39 4.33 28.65
C THR C 198 -40.57 4.31 29.93
N TYR C 199 -39.80 5.38 30.15
CA TYR C 199 -38.91 5.44 31.29
C TYR C 199 -39.20 6.64 32.19
N ILE C 200 -39.78 6.36 33.34
CA ILE C 200 -40.10 7.37 34.34
C ILE C 200 -39.14 7.24 35.52
N CYS C 201 -38.48 8.33 35.87
CA CYS C 201 -37.63 8.31 37.06
C CYS C 201 -38.32 9.02 38.21
N ASN C 202 -38.21 8.43 39.38
CA ASN C 202 -39.00 8.83 40.52
C ASN C 202 -38.11 9.34 41.63
N VAL C 203 -38.16 10.65 41.87
CA VAL C 203 -37.29 11.29 42.82
C VAL C 203 -38.05 11.71 44.09
N ASN C 204 -37.55 11.26 45.23
CA ASN C 204 -38.19 11.50 46.51
C ASN C 204 -37.30 12.25 47.48
N HIS C 205 -37.60 13.52 47.71
CA HIS C 205 -36.85 14.28 48.71
C HIS C 205 -37.71 14.48 49.97
N LYS C 206 -37.65 13.51 50.87
CA LYS C 206 -38.47 13.52 52.07
C LYS C 206 -38.35 14.78 52.96
N PRO C 207 -37.16 15.42 53.01
CA PRO C 207 -37.11 16.70 53.74
C PRO C 207 -37.00 17.92 52.81
N SER C 208 -38.12 18.45 52.33
CA SER C 208 -39.43 17.96 52.75
C SER C 208 -40.39 17.71 51.60
N ASN C 209 -41.17 16.63 51.75
CA ASN C 209 -42.35 16.34 50.94
C ASN C 209 -42.20 16.63 49.45
N THR C 210 -41.15 16.10 48.83
CA THR C 210 -40.99 16.29 47.40
C THR C 210 -41.05 14.97 46.66
N LYS C 211 -41.95 14.89 45.68
CA LYS C 211 -42.10 13.68 44.89
C LYS C 211 -42.40 14.03 43.43
N VAL C 212 -41.51 13.62 42.53
CA VAL C 212 -41.63 13.94 41.11
C VAL C 212 -41.31 12.75 40.21
N ASP C 213 -42.16 12.54 39.19
CA ASP C 213 -42.04 11.41 38.27
C ASP C 213 -41.82 11.85 36.82
N LYS C 214 -40.62 12.31 36.45
CA LYS C 214 -40.42 12.70 35.06
C LYS C 214 -40.28 11.52 34.09
N ARG C 215 -40.73 11.70 32.86
CA ARG C 215 -40.53 10.70 31.81
C ARG C 215 -39.50 11.23 30.80
N VAL C 216 -38.57 10.36 30.41
CA VAL C 216 -37.40 10.81 29.67
C VAL C 216 -37.40 10.36 28.20
N GLU C 217 -37.85 11.25 27.32
CA GLU C 217 -37.99 10.94 25.90
C GLU C 217 -36.84 11.54 25.07
N PRO C 218 -36.65 11.04 23.83
CA PRO C 218 -35.67 11.62 22.90
C PRO C 218 -36.34 12.42 21.78
N ILE D 2 -10.11 0.65 75.35
CA ILE D 2 -9.60 -0.35 74.40
C ILE D 2 -9.73 0.13 72.96
N VAL D 3 -8.59 0.31 72.29
CA VAL D 3 -8.59 0.59 70.86
C VAL D 3 -8.30 -0.66 70.06
N LEU D 4 -9.11 -0.85 69.03
CA LEU D 4 -8.94 -1.90 68.06
C LEU D 4 -8.32 -1.27 66.83
N THR D 5 -7.05 -1.58 66.57
CA THR D 5 -6.39 -1.03 65.40
C THR D 5 -6.44 -2.07 64.30
N GLN D 6 -6.87 -1.62 63.12
CA GLN D 6 -7.26 -2.55 62.08
C GLN D 6 -6.47 -2.32 60.79
N SER D 7 -5.98 -3.42 60.21
CA SER D 7 -5.06 -3.32 59.09
C SER D 7 -5.35 -4.35 58.03
N PRO D 8 -5.13 -3.99 56.76
CA PRO D 8 -4.74 -2.64 56.33
C PRO D 8 -5.95 -1.70 56.30
N ASP D 9 -5.74 -0.44 55.96
CA ASP D 9 -6.83 0.53 55.89
C ASP D 9 -7.56 0.42 54.56
N PHE D 10 -6.80 0.15 53.52
CA PHE D 10 -7.34 -0.11 52.19
C PHE D 10 -6.43 -1.13 51.50
N GLN D 11 -7.03 -1.99 50.68
CA GLN D 11 -6.26 -2.96 49.92
C GLN D 11 -7.00 -3.38 48.66
N SER D 12 -6.22 -3.62 47.60
CA SER D 12 -6.75 -4.09 46.32
C SER D 12 -6.44 -5.57 46.11
N VAL D 13 -7.43 -6.32 45.62
CA VAL D 13 -7.38 -7.79 45.59
C VAL D 13 -7.87 -8.32 44.23
N THR D 14 -7.27 -9.42 43.76
CA THR D 14 -7.66 -10.07 42.50
C THR D 14 -8.83 -11.06 42.73
N PRO D 15 -9.81 -11.12 41.80
CA PRO D 15 -10.92 -12.06 41.98
C PRO D 15 -10.45 -13.49 42.26
N LYS D 16 -11.15 -14.19 43.14
CA LYS D 16 -10.78 -15.55 43.56
C LYS D 16 -9.44 -15.67 44.30
N GLU D 17 -8.92 -14.54 44.77
CA GLU D 17 -7.68 -14.49 45.51
C GLU D 17 -8.07 -14.27 46.95
N LYS D 18 -7.12 -14.43 47.87
CA LYS D 18 -7.41 -14.40 49.29
C LYS D 18 -7.28 -13.00 49.90
N VAL D 19 -8.34 -12.58 50.61
CA VAL D 19 -8.30 -11.38 51.43
C VAL D 19 -7.97 -11.76 52.86
N THR D 20 -7.17 -10.94 53.52
CA THR D 20 -6.85 -11.17 54.92
C THR D 20 -6.77 -9.84 55.69
N ILE D 21 -7.65 -9.66 56.67
CA ILE D 21 -7.71 -8.44 57.46
C ILE D 21 -7.38 -8.75 58.93
N THR D 22 -6.45 -8.00 59.51
CA THR D 22 -6.11 -8.22 60.90
C THR D 22 -6.53 -7.05 61.77
N CYS D 23 -6.74 -7.34 63.05
CA CYS D 23 -7.22 -6.37 64.01
C CYS D 23 -6.45 -6.57 65.31
N ARG D 24 -5.80 -5.51 65.78
CA ARG D 24 -5.03 -5.60 67.01
C ARG D 24 -5.72 -4.88 68.15
N ALA D 25 -5.81 -5.61 69.26
CA ALA D 25 -6.47 -5.12 70.46
C ALA D 25 -5.43 -4.56 71.40
N SER D 26 -5.76 -3.42 71.99
CA SER D 26 -4.90 -2.79 72.98
C SER D 26 -4.78 -3.65 74.24
N GLN D 27 -5.70 -4.60 74.40
CA GLN D 27 -5.69 -5.51 75.54
C GLN D 27 -6.23 -6.89 75.19
N SER D 28 -6.01 -7.86 76.08
CA SER D 28 -6.57 -9.20 75.88
C SER D 28 -8.08 -9.17 75.92
N ILE D 29 -8.73 -9.54 74.83
CA ILE D 29 -10.17 -9.60 74.83
C ILE D 29 -10.61 -11.02 74.53
N SER D 30 -9.74 -11.96 74.91
CA SER D 30 -10.02 -13.37 74.76
C SER D 30 -10.45 -13.66 73.33
N ASP D 31 -11.69 -14.10 73.19
CA ASP D 31 -12.30 -14.36 71.89
C ASP D 31 -13.61 -13.57 71.77
N HIS D 32 -13.67 -12.39 72.36
CA HIS D 32 -14.87 -11.54 72.34
C HIS D 32 -14.85 -10.51 71.20
N LEU D 33 -14.53 -10.99 70.00
CA LEU D 33 -14.37 -10.15 68.81
C LEU D 33 -15.33 -10.58 67.70
N HIS D 34 -16.11 -9.63 67.20
CA HIS D 34 -17.05 -9.87 66.10
C HIS D 34 -16.68 -9.03 64.87
N TRP D 35 -16.75 -9.66 63.70
CA TRP D 35 -16.54 -8.96 62.44
C TRP D 35 -17.89 -8.60 61.78
N TYR D 36 -17.94 -7.42 61.18
CA TYR D 36 -19.12 -6.98 60.46
C TYR D 36 -18.74 -6.69 59.01
N GLN D 37 -19.71 -6.83 58.10
CA GLN D 37 -19.49 -6.46 56.70
C GLN D 37 -20.41 -5.32 56.28
N GLN D 38 -19.85 -4.19 55.87
CA GLN D 38 -20.69 -3.06 55.50
C GLN D 38 -20.54 -2.54 54.06
N LYS D 39 -21.44 -2.97 53.18
CA LYS D 39 -21.47 -2.46 51.82
C LYS D 39 -21.99 -1.02 51.84
N PRO D 40 -21.62 -0.23 50.82
CA PRO D 40 -22.05 1.18 50.69
C PRO D 40 -23.57 1.34 50.74
N ASP D 41 -24.05 2.27 51.58
CA ASP D 41 -25.49 2.57 51.75
C ASP D 41 -26.29 1.57 52.60
N GLN D 42 -25.60 0.81 53.45
CA GLN D 42 -26.26 -0.22 54.25
C GLN D 42 -25.76 -0.22 55.67
N SER D 43 -26.50 -0.92 56.52
CA SER D 43 -26.05 -1.21 57.87
C SER D 43 -25.07 -2.36 57.81
N PRO D 44 -24.14 -2.43 58.78
CA PRO D 44 -23.24 -3.58 58.93
C PRO D 44 -23.96 -4.91 59.21
N LYS D 45 -23.41 -6.00 58.70
CA LYS D 45 -23.98 -7.33 58.88
C LYS D 45 -22.99 -8.19 59.64
N LEU D 46 -23.48 -8.88 60.67
CA LEU D 46 -22.62 -9.79 61.42
C LEU D 46 -22.07 -10.89 60.49
N LEU D 47 -20.77 -11.04 60.43
CA LEU D 47 -20.19 -12.13 59.66
C LEU D 47 -19.77 -13.22 60.60
N ILE D 48 -18.92 -12.87 61.53
CA ILE D 48 -18.44 -13.82 62.48
C ILE D 48 -18.56 -13.27 63.88
N LYS D 49 -18.84 -14.12 64.85
CA LYS D 49 -18.86 -13.73 66.24
C LYS D 49 -17.93 -14.62 67.05
N TYR D 50 -17.09 -14.06 67.89
CA TYR D 50 -16.20 -14.86 68.70
C TYR D 50 -15.20 -15.51 67.79
N ALA D 51 -14.92 -14.91 66.65
CA ALA D 51 -14.54 -15.61 65.42
C ALA D 51 -13.41 -16.41 65.76
N SER D 52 -13.49 -17.71 65.57
CA SER D 52 -14.12 -18.50 64.52
C SER D 52 -15.56 -18.48 64.14
N HIS D 53 -16.52 -18.31 65.03
CA HIS D 53 -17.91 -18.70 64.75
C HIS D 53 -18.65 -17.95 63.69
N ALA D 54 -19.32 -18.65 62.79
CA ALA D 54 -19.88 -18.02 61.63
C ALA D 54 -21.33 -17.98 61.70
N ILE D 55 -21.88 -16.79 61.63
CA ILE D 55 -23.32 -16.53 61.64
C ILE D 55 -23.95 -17.32 60.51
N SER D 56 -25.15 -17.85 60.73
CA SER D 56 -25.87 -18.58 59.69
C SER D 56 -26.24 -17.67 58.51
N GLY D 57 -26.27 -18.27 57.31
CA GLY D 57 -26.57 -17.54 56.08
C GLY D 57 -25.31 -16.94 55.46
N VAL D 58 -24.35 -16.64 56.33
CA VAL D 58 -23.04 -16.15 55.91
C VAL D 58 -22.30 -17.28 55.19
N PRO D 59 -21.73 -16.97 54.01
CA PRO D 59 -21.17 -18.02 53.16
C PRO D 59 -19.87 -18.61 53.70
N SER D 60 -19.52 -19.77 53.18
CA SER D 60 -18.34 -20.50 53.62
C SER D 60 -17.05 -19.80 53.21
N ARG D 61 -17.16 -18.69 52.49
CA ARG D 61 -15.99 -17.92 52.10
C ARG D 61 -15.25 -17.40 53.32
N PHE D 62 -16.01 -16.91 54.28
CA PHE D 62 -15.45 -16.19 55.41
C PHE D 62 -15.06 -17.12 56.55
N SER D 63 -13.97 -16.79 57.23
CA SER D 63 -13.50 -17.55 58.38
C SER D 63 -12.76 -16.56 59.25
N GLY D 64 -12.24 -17.04 60.37
CA GLY D 64 -11.60 -16.19 61.34
C GLY D 64 -10.71 -16.97 62.27
N SER D 65 -9.87 -16.26 63.01
CA SER D 65 -8.98 -16.89 63.96
C SER D 65 -8.59 -15.79 64.91
N GLY D 66 -7.97 -16.13 66.02
CA GLY D 66 -7.45 -15.13 66.91
C GLY D 66 -7.80 -15.30 68.38
N SER D 67 -6.89 -14.84 69.24
CA SER D 67 -7.06 -14.88 70.69
C SER D 67 -6.19 -13.80 71.33
N GLY D 68 -6.71 -13.17 72.37
CA GLY D 68 -5.92 -12.19 73.11
C GLY D 68 -5.87 -10.84 72.42
N THR D 69 -4.78 -10.60 71.69
CA THR D 69 -4.53 -9.31 71.06
C THR D 69 -4.56 -9.32 69.53
N ASP D 70 -4.56 -10.50 68.93
CA ASP D 70 -4.51 -10.58 67.46
C ASP D 70 -5.52 -11.55 66.86
N PHE D 71 -6.31 -11.05 65.91
CA PHE D 71 -7.41 -11.78 65.29
C PHE D 71 -7.38 -11.58 63.79
N THR D 72 -7.89 -12.55 63.04
CA THR D 72 -7.78 -12.49 61.59
C THR D 72 -9.05 -12.91 60.85
N LEU D 73 -9.51 -12.00 60.01
CA LEU D 73 -10.65 -12.23 59.15
C LEU D 73 -10.12 -12.62 57.77
N THR D 74 -10.67 -13.67 57.19
CA THR D 74 -10.16 -14.21 55.95
C THR D 74 -11.29 -14.52 54.97
N ILE D 75 -11.19 -13.96 53.76
CA ILE D 75 -12.14 -14.25 52.67
C ILE D 75 -11.48 -15.14 51.64
N ASN D 76 -11.75 -16.44 51.71
CA ASN D 76 -11.00 -17.44 50.93
C ASN D 76 -11.01 -17.39 49.40
N SER D 77 -12.11 -16.95 48.79
CA SER D 77 -12.08 -16.78 47.35
C SER D 77 -12.87 -15.54 47.02
N LEU D 78 -12.17 -14.41 47.04
CA LEU D 78 -12.78 -13.11 46.86
C LEU D 78 -13.75 -13.07 45.68
N GLU D 79 -14.99 -12.69 45.97
CA GLU D 79 -16.07 -12.62 45.01
C GLU D 79 -16.48 -11.17 44.79
N ALA D 80 -17.18 -10.89 43.69
CA ALA D 80 -17.62 -9.54 43.37
C ALA D 80 -18.52 -9.06 44.49
N GLU D 81 -19.29 -10.00 45.03
CA GLU D 81 -20.23 -9.74 46.11
C GLU D 81 -19.51 -9.28 47.37
N ASP D 82 -18.22 -9.59 47.46
CA ASP D 82 -17.49 -9.38 48.69
C ASP D 82 -17.00 -7.94 48.81
N ALA D 83 -17.15 -7.16 47.74
CA ALA D 83 -16.82 -5.73 47.77
C ALA D 83 -17.51 -5.01 48.94
N ALA D 84 -16.72 -4.66 49.94
CA ALA D 84 -17.28 -3.98 51.09
C ALA D 84 -16.21 -3.35 51.95
N THR D 85 -16.63 -2.70 53.01
CA THR D 85 -15.70 -2.31 54.05
C THR D 85 -16.07 -3.06 55.33
N TYR D 86 -15.05 -3.64 55.95
CA TYR D 86 -15.19 -4.65 56.99
C TYR D 86 -14.77 -4.11 58.34
N TYR D 87 -15.48 -4.52 59.39
CA TYR D 87 -15.29 -3.91 60.69
C TYR D 87 -15.03 -4.88 61.83
N CYS D 88 -14.31 -4.37 62.81
CA CYS D 88 -13.97 -5.07 64.02
C CYS D 88 -14.89 -4.63 65.15
N GLN D 89 -15.32 -5.54 66.01
CA GLN D 89 -15.94 -5.08 67.25
C GLN D 89 -15.59 -5.87 68.49
N GLN D 90 -15.34 -5.15 69.57
CA GLN D 90 -15.05 -5.76 70.86
C GLN D 90 -16.24 -5.69 71.82
N GLY D 91 -16.56 -6.84 72.42
CA GLY D 91 -17.60 -6.91 73.42
C GLY D 91 -17.04 -7.00 74.82
N HIS D 92 -15.73 -7.24 74.92
CA HIS D 92 -15.06 -7.54 76.18
C HIS D 92 -15.30 -6.53 77.31
N SER D 93 -15.03 -5.26 77.02
CA SER D 93 -15.09 -4.19 78.01
C SER D 93 -16.00 -3.06 77.53
N PHE D 94 -16.17 -2.03 78.36
CA PHE D 94 -16.96 -0.85 77.98
C PHE D 94 -16.16 0.42 78.21
N PRO D 95 -16.29 1.43 77.31
CA PRO D 95 -17.15 1.53 76.13
C PRO D 95 -16.92 0.47 75.07
N LEU D 96 -17.97 0.24 74.31
CA LEU D 96 -17.95 -0.64 73.17
C LEU D 96 -17.25 0.12 72.06
N THR D 97 -16.29 -0.55 71.40
CA THR D 97 -15.54 0.07 70.31
C THR D 97 -15.50 -0.76 69.05
N PHE D 98 -15.44 -0.06 67.92
CA PHE D 98 -15.28 -0.69 66.62
C PHE D 98 -13.90 -0.36 66.11
N GLY D 99 -13.41 -1.20 65.21
CA GLY D 99 -12.18 -0.92 64.49
C GLY D 99 -12.45 0.15 63.45
N GLY D 100 -11.37 0.67 62.86
CA GLY D 100 -11.46 1.82 61.97
C GLY D 100 -11.99 1.48 60.59
N GLY D 101 -12.09 0.19 60.30
CA GLY D 101 -12.58 -0.26 59.01
C GLY D 101 -11.51 -0.55 57.97
N THR D 102 -11.67 -1.67 57.29
CA THR D 102 -10.81 -2.02 56.17
C THR D 102 -11.66 -2.07 54.92
N LYS D 103 -11.37 -1.21 53.96
CA LYS D 103 -12.14 -1.21 52.72
C LYS D 103 -11.51 -2.10 51.64
N VAL D 104 -12.34 -2.83 50.90
CA VAL D 104 -11.81 -3.76 49.89
C VAL D 104 -12.26 -3.47 48.44
N GLU D 105 -11.28 -3.42 47.55
CA GLU D 105 -11.49 -3.19 46.12
C GLU D 105 -11.01 -4.41 45.33
N ILE D 106 -11.80 -4.84 44.35
CA ILE D 106 -11.49 -6.01 43.55
C ILE D 106 -10.62 -5.62 42.36
N LYS D 107 -9.35 -6.04 42.33
CA LYS D 107 -8.47 -5.71 41.21
C LYS D 107 -8.90 -6.49 40.00
N ARG D 108 -9.99 -6.03 39.41
CA ARG D 108 -10.62 -6.67 38.29
C ARG D 108 -9.71 -6.48 37.08
N THR D 109 -10.02 -7.21 36.02
CA THR D 109 -9.36 -6.99 34.74
C THR D 109 -9.71 -5.59 34.22
N VAL D 110 -8.83 -4.99 33.41
CA VAL D 110 -9.07 -3.65 32.86
C VAL D 110 -10.27 -3.64 31.91
N ALA D 111 -11.06 -2.56 31.95
CA ALA D 111 -12.14 -2.32 31.01
C ALA D 111 -12.15 -0.85 30.61
N ALA D 112 -12.59 -0.59 29.38
CA ALA D 112 -12.68 0.76 28.85
C ALA D 112 -14.07 1.35 29.07
N PRO D 113 -14.13 2.67 29.30
CA PRO D 113 -15.40 3.35 29.58
C PRO D 113 -16.22 3.56 28.31
N SER D 114 -17.54 3.54 28.45
CA SER D 114 -18.42 3.90 27.35
C SER D 114 -18.87 5.34 27.58
N VAL D 115 -18.53 6.21 26.65
CA VAL D 115 -18.75 7.64 26.85
C VAL D 115 -20.02 8.15 26.19
N PHE D 116 -20.84 8.83 26.99
CA PHE D 116 -22.09 9.43 26.53
C PHE D 116 -22.09 10.89 26.94
N ILE D 117 -22.71 11.75 26.14
CA ILE D 117 -22.78 13.16 26.48
C ILE D 117 -24.17 13.74 26.18
N PHE D 118 -24.72 14.47 27.16
CA PHE D 118 -26.10 14.95 27.07
C PHE D 118 -26.19 16.48 27.19
N PRO D 119 -26.82 17.14 26.20
CA PRO D 119 -27.08 18.59 26.16
C PRO D 119 -28.06 19.02 27.24
N PRO D 120 -28.03 20.31 27.64
CA PRO D 120 -28.98 20.84 28.63
C PRO D 120 -30.41 20.84 28.09
N SER D 121 -31.40 20.55 28.94
CA SER D 121 -32.79 20.61 28.52
C SER D 121 -33.31 22.06 28.51
N ASP D 122 -34.38 22.33 27.78
CA ASP D 122 -34.94 23.68 27.71
C ASP D 122 -35.57 24.11 29.03
N GLU D 123 -36.20 23.17 29.73
CA GLU D 123 -36.87 23.42 31.01
C GLU D 123 -35.85 23.95 32.02
N GLN D 124 -34.62 23.47 31.88
CA GLN D 124 -33.49 23.90 32.70
C GLN D 124 -32.83 25.16 32.15
N LEU D 125 -32.79 25.25 30.82
CA LEU D 125 -32.35 26.45 30.14
C LEU D 125 -33.29 27.60 30.47
N LYS D 126 -34.56 27.26 30.64
CA LYS D 126 -35.59 28.21 31.04
C LYS D 126 -35.21 28.89 32.34
N SER D 127 -34.62 28.12 33.26
CA SER D 127 -34.19 28.62 34.55
C SER D 127 -33.07 29.66 34.46
N GLY D 128 -32.26 29.56 33.41
CA GLY D 128 -31.12 30.46 33.25
C GLY D 128 -29.78 29.80 33.56
N THR D 129 -29.77 28.47 33.62
CA THR D 129 -28.56 27.69 33.88
C THR D 129 -28.49 26.52 32.91
N ALA D 130 -27.29 26.16 32.49
CA ALA D 130 -27.16 25.09 31.52
C ALA D 130 -26.12 24.09 31.97
N SER D 131 -26.50 22.82 32.03
CA SER D 131 -25.60 21.75 32.44
C SER D 131 -25.49 20.64 31.40
N VAL D 132 -24.25 20.28 31.08
CA VAL D 132 -24.00 19.17 30.17
C VAL D 132 -23.24 18.13 30.96
N VAL D 133 -23.64 16.87 30.84
CA VAL D 133 -22.90 15.84 31.53
C VAL D 133 -22.37 14.78 30.57
N CYS D 134 -21.08 14.47 30.75
CA CYS D 134 -20.45 13.36 30.08
C CYS D 134 -20.61 12.18 31.03
N LEU D 135 -20.78 11.00 30.45
CA LEU D 135 -20.99 9.83 31.28
C LEU D 135 -20.04 8.71 30.86
N LEU D 136 -19.16 8.35 31.78
CA LEU D 136 -18.24 7.25 31.57
C LEU D 136 -18.84 5.99 32.15
N ASN D 137 -19.12 5.00 31.32
CA ASN D 137 -19.75 3.80 31.82
C ASN D 137 -18.82 2.60 32.01
N ASN D 138 -19.07 1.80 33.06
CA ASN D 138 -18.40 0.52 33.32
C ASN D 138 -16.93 0.35 32.96
N PHE D 139 -16.05 1.10 33.61
CA PHE D 139 -14.62 1.00 33.38
C PHE D 139 -13.83 0.58 34.63
N TYR D 140 -12.59 0.18 34.42
CA TYR D 140 -11.68 -0.17 35.51
C TYR D 140 -10.28 -0.08 34.91
N PRO D 141 -9.33 0.55 35.62
CA PRO D 141 -9.35 1.12 36.97
C PRO D 141 -10.13 2.41 37.05
N ARG D 142 -10.28 2.92 38.27
CA ARG D 142 -11.09 4.11 38.55
C ARG D 142 -10.49 5.40 37.99
N GLU D 143 -9.18 5.46 37.91
CA GLU D 143 -8.53 6.68 37.42
C GLU D 143 -8.94 6.95 35.98
N ALA D 144 -9.66 8.05 35.77
CA ALA D 144 -10.05 8.49 34.42
C ALA D 144 -9.91 10.00 34.26
N LYS D 145 -9.52 10.44 33.06
CA LYS D 145 -9.28 11.86 32.88
C LYS D 145 -10.25 12.48 31.88
N VAL D 146 -11.09 13.35 32.40
CA VAL D 146 -12.10 14.00 31.60
C VAL D 146 -11.75 15.44 31.26
N GLN D 147 -11.82 15.73 29.97
CA GLN D 147 -11.58 17.08 29.48
C GLN D 147 -12.82 17.60 28.78
N TRP D 148 -13.14 18.85 29.08
CA TRP D 148 -14.25 19.54 28.44
C TRP D 148 -13.76 20.50 27.37
N LYS D 149 -14.59 20.73 26.35
CA LYS D 149 -14.19 21.54 25.20
C LYS D 149 -15.34 22.32 24.63
N VAL D 150 -15.22 23.64 24.66
CA VAL D 150 -16.21 24.51 24.07
C VAL D 150 -15.65 25.16 22.82
N ASP D 151 -16.21 24.81 21.68
CA ASP D 151 -15.73 25.30 20.38
C ASP D 151 -14.20 25.17 20.28
N ASN D 152 -13.71 24.04 20.79
CA ASN D 152 -12.28 23.68 20.84
C ASN D 152 -11.41 24.40 21.89
N ALA D 153 -12.01 25.30 22.64
CA ALA D 153 -11.33 25.89 23.80
C ALA D 153 -11.35 24.88 24.94
N LEU D 154 -10.23 24.75 25.64
CA LEU D 154 -10.21 23.86 26.79
C LEU D 154 -10.85 24.56 28.00
N GLN D 155 -11.51 23.78 28.86
CA GLN D 155 -12.16 24.35 30.03
C GLN D 155 -11.47 23.97 31.33
N SER D 156 -11.46 24.87 32.30
CA SER D 156 -10.93 24.58 33.62
C SER D 156 -11.62 25.37 34.71
N GLY D 157 -12.14 24.64 35.71
CA GLY D 157 -12.74 25.25 36.88
C GLY D 157 -14.25 25.19 36.93
N ASN D 158 -14.89 24.87 35.81
CA ASN D 158 -16.34 24.94 35.71
C ASN D 158 -17.07 23.60 35.62
N SER D 159 -16.40 22.52 36.03
CA SER D 159 -16.97 21.17 36.00
C SER D 159 -16.88 20.47 37.37
N GLN D 160 -17.70 19.44 37.57
CA GLN D 160 -17.72 18.69 38.82
C GLN D 160 -17.88 17.20 38.56
N GLU D 161 -17.04 16.40 39.24
CA GLU D 161 -16.96 14.95 39.03
C GLU D 161 -17.59 14.19 40.19
N SER D 162 -18.38 13.17 39.86
CA SER D 162 -18.93 12.27 40.84
C SER D 162 -18.61 10.84 40.41
N VAL D 163 -17.88 10.11 41.26
CA VAL D 163 -17.54 8.73 40.94
C VAL D 163 -18.41 7.79 41.75
N THR D 164 -19.00 6.81 41.07
CA THR D 164 -19.89 5.83 41.70
C THR D 164 -19.09 4.76 42.47
N GLU D 165 -19.78 3.88 43.17
CA GLU D 165 -19.15 2.76 43.87
C GLU D 165 -18.86 1.59 42.92
N GLN D 166 -18.02 0.66 43.37
CA GLN D 166 -17.69 -0.52 42.58
C GLN D 166 -18.86 -1.48 42.55
N ASP D 167 -19.43 -1.68 41.35
CA ASP D 167 -20.58 -2.57 41.16
C ASP D 167 -20.37 -3.96 41.78
N SER D 168 -21.42 -4.52 42.35
CA SER D 168 -21.31 -5.81 43.03
C SER D 168 -21.40 -6.98 42.07
N LYS D 169 -21.83 -6.71 40.85
CA LYS D 169 -21.93 -7.77 39.87
C LYS D 169 -20.64 -7.84 39.04
N ASP D 170 -20.33 -6.73 38.35
CA ASP D 170 -19.22 -6.71 37.40
C ASP D 170 -17.95 -6.01 37.91
N SER D 171 -18.07 -5.32 39.03
CA SER D 171 -16.92 -4.71 39.73
C SER D 171 -16.30 -3.53 38.98
N THR D 172 -17.17 -2.74 38.36
CA THR D 172 -16.75 -1.60 37.56
C THR D 172 -17.14 -0.28 38.20
N TYR D 173 -16.83 0.81 37.49
CA TYR D 173 -17.17 2.15 37.93
C TYR D 173 -17.91 2.88 36.82
N SER D 174 -18.48 4.02 37.17
CA SER D 174 -19.09 4.95 36.23
C SER D 174 -18.77 6.36 36.71
N LEU D 175 -18.97 7.36 35.86
CA LEU D 175 -18.49 8.69 36.21
C LEU D 175 -19.22 9.83 35.49
N SER D 176 -19.56 10.86 36.26
CA SER D 176 -20.26 12.03 35.73
C SER D 176 -19.43 13.28 35.92
N SER D 177 -19.10 13.94 34.83
CA SER D 177 -18.55 15.27 34.93
C SER D 177 -19.61 16.21 34.40
N THR D 178 -19.96 17.21 35.18
CA THR D 178 -21.03 18.10 34.83
C THR D 178 -20.48 19.49 34.58
N LEU D 179 -20.50 19.89 33.32
CA LEU D 179 -20.11 21.21 32.95
C LEU D 179 -21.31 22.09 33.16
N THR D 180 -21.18 23.10 33.99
CA THR D 180 -22.29 24.01 34.27
C THR D 180 -21.96 25.43 33.87
N LEU D 181 -22.89 26.05 33.13
CA LEU D 181 -22.65 27.37 32.57
C LEU D 181 -23.83 28.32 32.74
N SER D 182 -23.52 29.61 32.80
CA SER D 182 -24.52 30.65 32.60
C SER D 182 -25.22 30.36 31.28
N LYS D 183 -26.54 30.51 31.24
CA LYS D 183 -27.29 30.28 30.01
C LYS D 183 -26.83 31.23 28.90
N ALA D 184 -26.51 32.47 29.26
CA ALA D 184 -25.96 33.45 28.31
C ALA D 184 -24.66 32.97 27.71
N ASP D 185 -23.73 32.59 28.58
CA ASP D 185 -22.48 31.93 28.19
C ASP D 185 -22.71 30.72 27.27
N TYR D 186 -23.80 30.00 27.50
CA TYR D 186 -24.12 28.79 26.75
C TYR D 186 -24.64 29.07 25.33
N GLU D 187 -25.23 30.25 25.12
CA GLU D 187 -25.69 30.65 23.79
C GLU D 187 -24.52 30.87 22.88
N LYS D 188 -23.46 31.44 23.44
CA LYS D 188 -22.33 31.92 22.65
C LYS D 188 -21.51 30.81 22.03
N HIS D 189 -21.96 29.56 22.14
CA HIS D 189 -21.14 28.46 21.64
C HIS D 189 -21.89 27.30 21.00
N LYS D 190 -21.34 26.82 19.89
CA LYS D 190 -21.98 25.77 19.11
C LYS D 190 -21.61 24.37 19.57
N VAL D 191 -20.31 24.12 19.71
CA VAL D 191 -19.87 22.76 20.01
C VAL D 191 -19.34 22.53 21.41
N TYR D 192 -19.82 21.44 21.99
CA TYR D 192 -19.34 21.03 23.29
C TYR D 192 -18.86 19.61 23.16
N ALA D 193 -17.64 19.38 23.63
CA ALA D 193 -16.99 18.10 23.43
C ALA D 193 -16.44 17.58 24.73
N CYS D 194 -16.58 16.27 24.93
CA CYS D 194 -16.08 15.60 26.12
C CYS D 194 -15.00 14.63 25.69
N GLU D 195 -13.76 14.93 26.03
CA GLU D 195 -12.68 14.02 25.65
C GLU D 195 -12.14 13.28 26.86
N VAL D 196 -12.26 11.96 26.81
CA VAL D 196 -11.93 11.09 27.94
C VAL D 196 -10.64 10.32 27.73
N THR D 197 -9.74 10.43 28.71
CA THR D 197 -8.49 9.70 28.65
C THR D 197 -8.41 8.62 29.73
N HIS D 198 -8.56 7.37 29.31
CA HIS D 198 -8.51 6.25 30.25
C HIS D 198 -7.50 5.23 29.78
N GLN D 199 -6.94 4.49 30.73
CA GLN D 199 -5.94 3.47 30.45
C GLN D 199 -6.43 2.43 29.46
N GLY D 200 -7.73 2.12 29.53
CA GLY D 200 -8.32 1.07 28.73
C GLY D 200 -8.28 1.33 27.23
N LEU D 201 -8.49 2.58 26.85
CA LEU D 201 -8.39 2.95 25.45
C LEU D 201 -7.04 3.56 25.15
N SER D 202 -6.51 3.25 23.97
CA SER D 202 -5.21 3.71 23.51
C SER D 202 -5.21 5.20 23.20
N SER D 203 -6.28 5.63 22.52
CA SER D 203 -6.46 7.04 22.20
C SER D 203 -7.67 7.57 22.95
N PRO D 204 -7.66 8.87 23.31
CA PRO D 204 -8.78 9.44 24.04
C PRO D 204 -10.04 9.44 23.18
N VAL D 205 -11.13 8.94 23.74
CA VAL D 205 -12.41 8.96 23.04
C VAL D 205 -13.05 10.32 23.27
N THR D 206 -13.80 10.79 22.29
CA THR D 206 -14.40 12.12 22.37
C THR D 206 -15.87 12.12 21.93
N LYS D 207 -16.74 12.54 22.84
CA LYS D 207 -18.16 12.69 22.57
C LYS D 207 -18.53 14.18 22.46
N SER D 208 -18.95 14.61 21.27
CA SER D 208 -19.18 16.02 21.01
C SER D 208 -20.52 16.33 20.36
N PHE D 209 -21.03 17.53 20.58
CA PHE D 209 -22.31 17.92 19.99
C PHE D 209 -22.38 19.41 19.65
N ASN D 210 -23.30 19.75 18.75
CA ASN D 210 -23.64 21.13 18.49
C ASN D 210 -25.05 21.39 18.95
N ARG D 211 -25.25 22.47 19.69
CA ARG D 211 -26.57 22.78 20.21
C ARG D 211 -27.51 23.25 19.10
N GLY D 212 -28.77 22.83 19.19
CA GLY D 212 -29.76 23.11 18.17
C GLY D 212 -29.59 22.21 16.97
N VAL E 2 -59.28 -46.08 35.07
CA VAL E 2 -58.76 -44.86 35.67
C VAL E 2 -58.43 -43.77 34.65
N GLN E 3 -59.28 -42.75 34.59
CA GLN E 3 -59.09 -41.66 33.64
C GLN E 3 -59.12 -40.31 34.34
N LEU E 4 -58.31 -39.37 33.85
CA LEU E 4 -58.33 -37.99 34.35
C LEU E 4 -58.38 -37.03 33.17
N GLN E 5 -58.74 -35.79 33.47
CA GLN E 5 -58.78 -34.72 32.48
C GLN E 5 -58.78 -33.39 33.22
N GLU E 6 -58.01 -32.46 32.71
CA GLU E 6 -57.95 -31.14 33.30
C GLU E 6 -58.79 -30.18 32.48
N SER E 7 -58.98 -28.98 32.99
CA SER E 7 -59.64 -27.92 32.26
C SER E 7 -59.61 -26.67 33.10
N GLY E 8 -59.98 -25.57 32.48
CA GLY E 8 -60.00 -24.30 33.16
C GLY E 8 -59.43 -23.25 32.23
N PRO E 9 -59.34 -22.01 32.74
CA PRO E 9 -58.91 -20.81 32.02
C PRO E 9 -57.69 -21.06 31.15
N GLY E 10 -57.84 -20.81 29.84
CA GLY E 10 -56.77 -20.97 28.89
C GLY E 10 -55.77 -19.83 28.95
N LEU E 11 -56.24 -18.64 29.30
CA LEU E 11 -55.38 -17.46 29.38
C LEU E 11 -55.76 -16.67 30.63
N VAL E 12 -54.76 -16.28 31.41
CA VAL E 12 -55.00 -15.48 32.62
C VAL E 12 -54.07 -14.30 32.66
N LYS E 13 -54.51 -13.21 33.27
CA LYS E 13 -53.69 -12.05 33.39
C LYS E 13 -52.60 -12.20 34.38
N PRO E 14 -51.43 -11.47 34.12
CA PRO E 14 -50.44 -11.55 35.19
C PRO E 14 -50.97 -10.99 36.48
N SER E 15 -50.67 -11.68 37.56
CA SER E 15 -51.01 -11.26 38.91
C SER E 15 -52.41 -11.70 39.26
N ASP E 16 -53.11 -12.26 38.30
CA ASP E 16 -54.38 -12.84 38.61
C ASP E 16 -53.99 -14.15 39.08
N THR E 17 -54.96 -14.96 39.44
CA THR E 17 -54.70 -16.27 39.96
C THR E 17 -55.12 -17.40 39.01
N LEU E 18 -54.29 -18.43 38.99
CA LEU E 18 -54.52 -19.58 38.14
C LEU E 18 -55.32 -20.66 38.85
N SER E 19 -56.40 -21.12 38.23
CA SER E 19 -57.20 -22.20 38.81
C SER E 19 -57.52 -23.29 37.78
N LEU E 20 -57.18 -24.53 38.10
CA LEU E 20 -57.54 -25.65 37.26
C LEU E 20 -58.34 -26.63 38.10
N THR E 21 -58.88 -27.67 37.45
CA THR E 21 -59.61 -28.70 38.16
C THR E 21 -59.40 -29.98 37.39
N CYS E 22 -59.39 -31.11 38.09
CA CYS E 22 -59.19 -32.37 37.43
C CYS E 22 -60.40 -33.24 37.62
N ALA E 23 -60.92 -33.78 36.52
CA ALA E 23 -62.09 -34.61 36.58
C ALA E 23 -61.69 -36.07 36.48
N VAL E 24 -61.52 -36.70 37.64
CA VAL E 24 -61.14 -38.10 37.71
C VAL E 24 -62.34 -39.02 37.47
N SER E 25 -62.09 -40.23 36.98
CA SER E 25 -63.16 -41.22 36.82
C SER E 25 -62.62 -42.63 36.80
N GLY E 26 -63.43 -43.57 37.30
CA GLY E 26 -63.05 -44.96 37.38
C GLY E 26 -62.58 -45.31 38.79
N TYR E 27 -62.04 -44.29 39.44
CA TYR E 27 -61.57 -44.40 40.79
C TYR E 27 -62.06 -43.27 41.68
N SER E 28 -62.02 -43.51 43.00
CA SER E 28 -62.60 -42.59 43.96
C SER E 28 -62.03 -41.16 44.09
N ILE E 29 -60.74 -41.09 44.29
CA ILE E 29 -60.01 -39.92 44.73
C ILE E 29 -59.92 -39.91 46.26
N THR E 30 -60.80 -40.67 46.88
CA THR E 30 -60.97 -40.62 48.31
C THR E 30 -60.61 -41.94 48.89
N GLY E 31 -60.19 -42.86 48.04
CA GLY E 31 -59.89 -44.23 48.44
C GLY E 31 -58.60 -44.87 47.96
N GLY E 32 -57.47 -44.25 48.26
CA GLY E 32 -56.23 -44.99 48.24
C GLY E 32 -55.03 -44.51 47.44
N TYR E 33 -55.11 -43.31 46.89
CA TYR E 33 -53.99 -42.79 46.11
C TYR E 33 -53.64 -41.33 46.42
N SER E 34 -52.58 -40.83 45.80
CA SER E 34 -52.12 -39.46 45.99
C SER E 34 -52.32 -38.72 44.65
N TRP E 35 -52.72 -37.45 44.69
CA TRP E 35 -53.24 -36.79 43.47
C TRP E 35 -52.53 -35.48 43.13
N HIS E 36 -51.87 -35.46 41.96
CA HIS E 36 -50.86 -34.44 41.71
C HIS E 36 -51.04 -33.46 40.56
N TRP E 37 -50.25 -32.38 40.63
CA TRP E 37 -50.19 -31.41 39.57
C TRP E 37 -48.76 -31.17 39.17
N ILE E 38 -48.53 -31.26 37.87
CA ILE E 38 -47.19 -31.17 37.34
C ILE E 38 -47.28 -30.28 36.13
N ARG E 39 -46.36 -29.33 36.04
CA ARG E 39 -46.39 -28.36 34.98
C ARG E 39 -45.19 -28.47 34.09
N GLN E 40 -45.40 -28.14 32.83
CA GLN E 40 -44.30 -28.11 31.90
C GLN E 40 -44.38 -26.87 31.05
N PRO E 41 -43.44 -25.95 31.26
CA PRO E 41 -43.25 -24.78 30.41
C PRO E 41 -42.87 -25.24 29.01
N PRO E 42 -43.46 -24.61 27.98
CA PRO E 42 -43.25 -25.06 26.59
C PRO E 42 -41.77 -25.06 26.23
N GLY E 43 -41.26 -26.23 25.81
CA GLY E 43 -39.86 -26.40 25.46
C GLY E 43 -38.93 -26.66 26.63
N LYS E 44 -39.51 -27.04 27.77
CA LYS E 44 -38.76 -27.11 29.01
C LYS E 44 -39.08 -28.31 29.88
N GLY E 45 -38.45 -28.35 31.05
CA GLY E 45 -38.54 -29.50 31.93
C GLY E 45 -39.83 -29.58 32.74
N LEU E 46 -40.13 -30.78 33.22
CA LEU E 46 -41.30 -30.97 34.07
C LEU E 46 -40.97 -30.49 35.46
N GLU E 47 -41.95 -29.88 36.11
CA GLU E 47 -41.78 -29.44 37.48
C GLU E 47 -42.93 -29.85 38.37
N TRP E 48 -42.62 -30.68 39.35
CA TRP E 48 -43.63 -31.17 40.26
C TRP E 48 -44.08 -30.08 41.20
N MET E 49 -45.38 -29.96 41.39
CA MET E 49 -45.90 -28.81 42.10
C MET E 49 -46.48 -29.20 43.46
N GLY E 50 -47.41 -30.15 43.47
CA GLY E 50 -47.96 -30.61 44.73
C GLY E 50 -48.89 -31.79 44.60
N TYR E 51 -49.36 -32.28 45.74
CA TYR E 51 -50.34 -33.36 45.75
C TYR E 51 -51.41 -33.14 46.79
N ILE E 52 -52.39 -34.03 46.77
CA ILE E 52 -53.37 -34.12 47.82
C ILE E 52 -53.62 -35.59 48.06
N HIS E 53 -53.62 -35.98 49.33
CA HIS E 53 -53.65 -37.37 49.70
C HIS E 53 -55.12 -37.84 49.69
N TYR E 54 -55.35 -39.16 49.77
CA TYR E 54 -56.73 -39.66 49.81
C TYR E 54 -57.42 -39.28 51.13
N SER E 55 -56.62 -38.91 52.12
CA SER E 55 -57.14 -38.50 53.40
C SER E 55 -57.49 -37.01 53.37
N GLY E 56 -56.91 -36.28 52.43
CA GLY E 56 -57.24 -34.89 52.24
C GLY E 56 -56.19 -33.90 52.70
N TYR E 57 -54.98 -34.39 52.98
CA TYR E 57 -53.91 -33.46 53.30
C TYR E 57 -53.05 -33.22 52.06
N THR E 58 -52.44 -32.04 52.02
CA THR E 58 -51.69 -31.61 50.85
C THR E 58 -50.29 -31.16 51.23
N ASP E 59 -49.35 -31.35 50.30
CA ASP E 59 -48.01 -30.79 50.43
C ASP E 59 -47.59 -30.19 49.07
N PHE E 60 -46.65 -29.26 49.09
CA PHE E 60 -46.32 -28.48 47.91
C PHE E 60 -44.81 -28.43 47.65
N ASN E 61 -44.46 -28.05 46.43
CA ASN E 61 -43.06 -27.77 46.15
C ASN E 61 -42.70 -26.42 46.78
N PRO E 62 -41.66 -26.40 47.62
CA PRO E 62 -41.19 -25.21 48.33
C PRO E 62 -40.98 -23.97 47.45
N SER E 63 -40.90 -24.14 46.14
CA SER E 63 -40.79 -23.00 45.24
C SER E 63 -42.13 -22.31 45.08
N LEU E 64 -43.21 -23.08 45.09
CA LEU E 64 -44.55 -22.53 44.96
C LEU E 64 -45.30 -22.56 46.27
N LYS E 65 -44.74 -23.28 47.25
CA LYS E 65 -45.31 -23.42 48.57
C LYS E 65 -45.90 -22.11 49.10
N THR E 66 -45.20 -21.01 48.83
CA THR E 66 -45.64 -19.69 49.25
C THR E 66 -46.99 -19.27 48.69
N ARG E 67 -47.30 -19.67 47.46
CA ARG E 67 -48.49 -19.18 46.77
C ARG E 67 -49.31 -20.26 46.06
N ILE E 68 -49.34 -21.47 46.62
CA ILE E 68 -50.12 -22.54 46.02
C ILE E 68 -51.05 -23.21 47.03
N THR E 69 -52.24 -23.58 46.56
CA THR E 69 -53.22 -24.31 47.35
C THR E 69 -53.76 -25.44 46.50
N ILE E 70 -54.09 -26.56 47.14
CA ILE E 70 -54.76 -27.64 46.45
C ILE E 70 -55.99 -28.06 47.25
N SER E 71 -57.08 -28.31 46.53
CA SER E 71 -58.36 -28.56 47.16
C SER E 71 -59.09 -29.64 46.39
N ARG E 72 -60.27 -30.04 46.88
CA ARG E 72 -61.04 -31.07 46.21
C ARG E 72 -62.55 -30.87 46.44
N ASP E 73 -63.35 -31.60 45.68
CA ASP E 73 -64.79 -31.65 45.88
C ASP E 73 -65.15 -33.11 45.82
N THR E 74 -65.36 -33.70 46.98
CA THR E 74 -65.70 -35.10 47.10
C THR E 74 -66.90 -35.44 46.21
N SER E 75 -67.86 -34.51 46.17
CA SER E 75 -69.14 -34.71 45.49
C SER E 75 -69.04 -35.05 44.00
N LYS E 76 -68.14 -34.37 43.30
CA LYS E 76 -68.02 -34.54 41.85
C LYS E 76 -66.77 -35.33 41.48
N ASN E 77 -66.05 -35.79 42.51
CA ASN E 77 -64.81 -36.55 42.35
C ASN E 77 -63.71 -35.73 41.68
N GLN E 78 -63.62 -34.46 42.03
CA GLN E 78 -62.66 -33.55 41.41
C GLN E 78 -61.68 -33.01 42.43
N PHE E 79 -60.45 -32.81 41.98
CA PHE E 79 -59.51 -32.02 42.75
C PHE E 79 -58.99 -30.94 41.83
N SER E 80 -58.59 -29.85 42.43
CA SER E 80 -58.35 -28.63 41.73
C SER E 80 -57.04 -28.04 42.20
N LEU E 81 -56.64 -26.94 41.58
CA LEU E 81 -55.41 -26.26 41.93
C LEU E 81 -55.66 -24.78 41.88
N LYS E 82 -55.07 -24.04 42.81
CA LYS E 82 -55.13 -22.58 42.72
C LYS E 82 -53.75 -21.99 42.96
N LEU E 83 -53.31 -21.18 42.01
CA LEU E 83 -52.01 -20.57 42.08
C LEU E 83 -52.13 -19.07 41.78
N SER E 84 -51.52 -18.26 42.63
CA SER E 84 -51.70 -16.81 42.56
C SER E 84 -50.52 -16.05 41.92
N SER E 85 -50.62 -14.72 41.90
CA SER E 85 -49.50 -13.84 41.58
C SER E 85 -48.72 -14.26 40.34
N VAL E 86 -49.38 -14.65 39.26
CA VAL E 86 -48.71 -15.16 38.05
C VAL E 86 -47.84 -14.19 37.29
N THR E 87 -46.83 -14.78 36.65
CA THR E 87 -45.69 -14.15 36.03
C THR E 87 -45.55 -14.75 34.67
N ALA E 88 -44.46 -14.40 33.99
CA ALA E 88 -44.03 -15.06 32.77
C ALA E 88 -43.68 -16.52 32.96
N VAL E 89 -42.94 -16.81 34.00
CA VAL E 89 -42.40 -18.14 34.24
C VAL E 89 -43.52 -19.12 34.61
N ASP E 90 -44.76 -18.67 34.46
CA ASP E 90 -45.88 -19.50 34.87
C ASP E 90 -46.72 -20.00 33.70
N THR E 91 -46.38 -19.56 32.49
CA THR E 91 -46.99 -20.14 31.31
C THR E 91 -46.36 -21.51 31.08
N ALA E 92 -47.21 -22.52 30.93
CA ALA E 92 -46.75 -23.90 30.88
C ALA E 92 -47.93 -24.79 30.50
N VAL E 93 -47.70 -26.11 30.49
CA VAL E 93 -48.82 -27.05 30.40
C VAL E 93 -49.01 -27.85 31.68
N TYR E 94 -50.23 -27.79 32.21
CA TYR E 94 -50.50 -28.37 33.52
C TYR E 94 -51.11 -29.75 33.43
N TYR E 95 -50.60 -30.67 34.24
CA TYR E 95 -50.97 -32.07 34.17
C TYR E 95 -51.59 -32.61 35.43
N CYS E 96 -52.65 -33.39 35.25
CA CYS E 96 -53.27 -34.15 36.32
C CYS E 96 -52.52 -35.46 36.39
N ALA E 97 -52.21 -35.93 37.59
CA ALA E 97 -51.48 -37.20 37.72
C ALA E 97 -51.76 -37.91 39.04
N ARG E 98 -51.93 -39.22 38.96
CA ARG E 98 -52.11 -40.07 40.13
C ARG E 98 -50.84 -40.86 40.40
N LYS E 99 -50.39 -40.83 41.65
CA LYS E 99 -49.09 -41.41 41.99
C LYS E 99 -49.18 -42.76 42.68
N ASP E 100 -48.50 -43.74 42.09
CA ASP E 100 -48.32 -45.07 42.64
C ASP E 100 -47.65 -44.97 44.01
N PRO E 101 -47.67 -46.06 44.79
CA PRO E 101 -46.86 -46.02 46.00
C PRO E 101 -45.39 -45.83 45.62
N SER E 102 -45.02 -46.40 44.48
CA SER E 102 -43.65 -46.40 43.99
C SER E 102 -43.05 -45.01 43.78
N ASP E 103 -43.92 -43.99 43.78
CA ASP E 103 -43.57 -42.60 43.47
C ASP E 103 -43.42 -42.36 41.96
N ALA E 104 -44.02 -43.24 41.17
CA ALA E 104 -44.02 -43.14 39.73
C ALA E 104 -45.43 -42.76 39.35
N PHE E 105 -45.62 -42.16 38.18
CA PHE E 105 -46.96 -41.74 37.76
C PHE E 105 -47.48 -42.44 36.52
N PRO E 106 -48.03 -43.65 36.68
CA PRO E 106 -48.61 -44.46 35.62
C PRO E 106 -49.80 -43.81 34.92
N TYR E 107 -50.42 -42.83 35.57
CA TYR E 107 -51.63 -42.22 35.01
C TYR E 107 -51.63 -40.72 34.94
N TRP E 108 -51.87 -40.22 33.73
CA TRP E 108 -51.78 -38.80 33.47
C TRP E 108 -53.07 -38.30 32.82
N GLY E 109 -53.22 -36.98 32.75
CA GLY E 109 -54.27 -36.35 31.98
C GLY E 109 -53.72 -35.96 30.62
N GLN E 110 -54.57 -35.39 29.76
CA GLN E 110 -54.14 -34.95 28.44
C GLN E 110 -53.26 -33.71 28.50
N GLY E 111 -53.37 -32.96 29.59
CA GLY E 111 -52.59 -31.75 29.78
C GLY E 111 -53.34 -30.54 29.28
N THR E 112 -53.28 -29.43 30.02
CA THR E 112 -53.93 -28.22 29.57
C THR E 112 -52.92 -27.07 29.51
N LEU E 113 -52.86 -26.41 28.36
CA LEU E 113 -51.95 -25.31 28.18
C LEU E 113 -52.51 -24.10 28.89
N VAL E 114 -51.67 -23.45 29.67
CA VAL E 114 -52.03 -22.21 30.34
C VAL E 114 -51.03 -21.13 30.00
N THR E 115 -51.52 -19.98 29.53
CA THR E 115 -50.64 -18.90 29.10
C THR E 115 -51.00 -17.56 29.77
N VAL E 116 -49.96 -16.79 30.10
CA VAL E 116 -50.10 -15.59 30.94
C VAL E 116 -49.75 -14.31 30.22
N SER E 117 -50.77 -13.59 29.79
CA SER E 117 -50.58 -12.40 29.01
C SER E 117 -51.74 -11.47 29.28
N SER E 118 -51.49 -10.19 29.16
CA SER E 118 -52.50 -9.18 29.41
C SER E 118 -53.13 -8.71 28.09
N ALA E 119 -52.75 -9.40 27.00
CA ALA E 119 -53.32 -9.13 25.69
C ALA E 119 -54.66 -9.84 25.51
N SER E 120 -55.48 -9.30 24.61
CA SER E 120 -56.85 -9.75 24.38
C SER E 120 -56.92 -11.01 23.54
N THR E 121 -57.95 -11.84 23.75
CA THR E 121 -58.12 -13.03 22.92
C THR E 121 -58.71 -12.66 21.53
N LYS E 122 -58.02 -13.10 20.47
CA LYS E 122 -58.34 -12.72 19.11
C LYS E 122 -58.49 -13.96 18.23
N GLY E 123 -59.64 -14.06 17.57
CA GLY E 123 -59.88 -15.15 16.65
C GLY E 123 -59.07 -14.98 15.38
N PRO E 124 -58.80 -16.10 14.70
CA PRO E 124 -58.03 -16.20 13.46
C PRO E 124 -58.80 -15.77 12.20
N SER E 125 -58.05 -15.29 11.21
CA SER E 125 -58.59 -15.11 9.87
C SER E 125 -58.05 -16.29 9.05
N VAL E 126 -58.89 -16.89 8.21
CA VAL E 126 -58.50 -18.12 7.49
C VAL E 126 -58.45 -17.96 5.96
N PHE E 127 -57.27 -18.15 5.39
CA PHE E 127 -57.10 -17.91 3.97
C PHE E 127 -56.56 -19.13 3.24
N PRO E 128 -57.11 -19.42 2.06
CA PRO E 128 -56.73 -20.61 1.28
C PRO E 128 -55.32 -20.58 0.70
N LEU E 129 -54.62 -21.71 0.77
CA LEU E 129 -53.37 -21.85 0.03
C LEU E 129 -53.60 -22.80 -1.13
N ALA E 130 -54.32 -22.30 -2.12
CA ALA E 130 -54.69 -23.08 -3.29
C ALA E 130 -53.48 -23.67 -3.98
N PRO E 131 -53.70 -24.81 -4.68
CA PRO E 131 -52.70 -25.42 -5.57
C PRO E 131 -52.16 -24.40 -6.55
N THR E 140 -47.87 -34.97 -7.42
CA THR E 140 -48.37 -34.51 -6.12
C THR E 140 -48.56 -33.00 -6.06
N ALA E 141 -49.69 -32.57 -5.51
CA ALA E 141 -49.92 -31.17 -5.30
C ALA E 141 -49.98 -30.92 -3.81
N ALA E 142 -50.01 -29.66 -3.43
CA ALA E 142 -50.12 -29.26 -2.05
C ALA E 142 -51.09 -28.11 -1.94
N LEU E 143 -51.72 -28.03 -0.78
CA LEU E 143 -52.74 -27.05 -0.51
C LEU E 143 -52.84 -27.00 0.99
N GLY E 144 -53.45 -25.95 1.51
CA GLY E 144 -53.49 -25.76 2.95
C GLY E 144 -54.15 -24.46 3.33
N CYS E 145 -54.27 -24.25 4.63
CA CYS E 145 -54.89 -23.06 5.17
C CYS E 145 -53.85 -22.17 5.82
N LEU E 146 -54.08 -20.87 5.78
CA LEU E 146 -53.26 -19.97 6.55
C LEU E 146 -54.08 -19.40 7.70
N VAL E 147 -53.93 -19.99 8.88
CA VAL E 147 -54.62 -19.50 10.06
C VAL E 147 -53.79 -18.41 10.74
N LYS E 148 -54.24 -17.17 10.62
CA LYS E 148 -53.39 -16.03 10.95
C LYS E 148 -53.91 -15.09 12.05
N ASP E 149 -52.96 -14.53 12.79
CA ASP E 149 -53.19 -13.43 13.73
C ASP E 149 -54.16 -13.67 14.89
N TYR E 150 -54.06 -14.86 15.47
CA TYR E 150 -54.88 -15.25 16.61
C TYR E 150 -54.10 -15.18 17.92
N PHE E 151 -54.84 -15.23 19.02
CA PHE E 151 -54.28 -15.25 20.36
C PHE E 151 -55.44 -15.55 21.26
N PRO E 152 -55.23 -16.41 22.27
CA PRO E 152 -53.96 -17.09 22.54
C PRO E 152 -53.88 -18.41 21.79
N GLU E 153 -52.94 -19.25 22.19
CA GLU E 153 -52.92 -20.63 21.76
C GLU E 153 -53.99 -21.34 22.60
N PRO E 154 -54.45 -22.52 22.18
CA PRO E 154 -54.11 -23.27 20.97
C PRO E 154 -55.20 -23.16 19.90
N VAL E 155 -54.84 -23.55 18.69
CA VAL E 155 -55.77 -23.67 17.59
C VAL E 155 -55.66 -25.10 17.08
N THR E 156 -56.79 -25.75 16.80
CA THR E 156 -56.77 -27.06 16.16
C THR E 156 -57.23 -26.97 14.70
N VAL E 157 -56.58 -27.71 13.81
CA VAL E 157 -57.02 -27.77 12.42
C VAL E 157 -57.13 -29.19 11.91
N SER E 158 -58.25 -29.48 11.25
CA SER E 158 -58.47 -30.79 10.63
C SER E 158 -58.90 -30.64 9.18
N TRP E 159 -58.90 -31.74 8.43
CA TRP E 159 -59.23 -31.68 7.02
C TRP E 159 -60.33 -32.69 6.67
N ASN E 160 -61.37 -32.19 5.99
CA ASN E 160 -62.55 -32.99 5.68
C ASN E 160 -63.14 -33.58 6.96
N SER E 161 -63.06 -32.79 8.02
CA SER E 161 -63.53 -33.16 9.35
C SER E 161 -62.87 -34.43 9.85
N GLY E 162 -61.56 -34.54 9.66
CA GLY E 162 -60.79 -35.65 10.16
C GLY E 162 -60.78 -36.87 9.25
N ALA E 163 -61.60 -36.86 8.21
CA ALA E 163 -61.66 -37.97 7.26
C ALA E 163 -60.37 -38.04 6.45
N LEU E 164 -59.64 -36.92 6.44
CA LEU E 164 -58.39 -36.82 5.71
C LEU E 164 -57.26 -36.69 6.72
N THR E 165 -56.43 -37.72 6.84
CA THR E 165 -55.36 -37.67 7.82
C THR E 165 -53.97 -37.74 7.19
N SER E 166 -53.77 -38.69 6.28
CA SER E 166 -52.44 -38.91 5.71
C SER E 166 -52.00 -37.75 4.82
N GLY E 167 -50.73 -37.39 4.93
CA GLY E 167 -50.16 -36.33 4.15
C GLY E 167 -50.55 -34.96 4.70
N VAL E 168 -50.81 -34.89 6.01
CA VAL E 168 -51.18 -33.63 6.64
C VAL E 168 -50.13 -33.20 7.66
N HIS E 169 -49.57 -32.00 7.49
CA HIS E 169 -48.74 -31.37 8.51
C HIS E 169 -49.30 -30.03 8.91
N THR E 170 -49.57 -29.88 10.20
CA THR E 170 -49.85 -28.57 10.73
C THR E 170 -48.63 -28.07 11.47
N PHE E 171 -48.25 -26.84 11.18
CA PHE E 171 -47.00 -26.30 11.68
C PHE E 171 -47.18 -25.67 13.05
N PRO E 172 -46.14 -25.76 13.89
CA PRO E 172 -46.20 -25.08 15.18
C PRO E 172 -46.45 -23.59 14.98
N ALA E 173 -47.07 -22.96 15.97
CA ALA E 173 -47.38 -21.54 15.89
C ALA E 173 -46.13 -20.66 15.95
N VAL E 174 -46.18 -19.56 15.20
CA VAL E 174 -45.10 -18.60 15.09
C VAL E 174 -45.59 -17.27 15.64
N LEU E 175 -44.95 -16.79 16.69
CA LEU E 175 -45.32 -15.54 17.30
C LEU E 175 -44.86 -14.37 16.43
N GLN E 176 -45.82 -13.57 15.98
CA GLN E 176 -45.51 -12.40 15.17
C GLN E 176 -44.86 -11.30 15.97
N SER E 177 -44.51 -10.24 15.26
CA SER E 177 -43.98 -9.02 15.85
C SER E 177 -45.14 -8.25 16.44
N SER E 178 -46.33 -8.52 15.89
CA SER E 178 -47.59 -7.94 16.35
C SER E 178 -48.00 -8.49 17.71
N GLY E 179 -47.65 -9.74 17.98
CA GLY E 179 -47.98 -10.36 19.25
C GLY E 179 -49.10 -11.37 19.10
N LEU E 180 -49.47 -11.64 17.85
CA LEU E 180 -50.50 -12.63 17.57
C LEU E 180 -49.85 -13.83 16.89
N TYR E 181 -50.42 -15.01 17.14
CA TYR E 181 -49.85 -16.24 16.61
C TYR E 181 -50.38 -16.50 15.21
N SER E 182 -49.71 -17.40 14.49
CA SER E 182 -50.09 -17.70 13.12
C SER E 182 -49.63 -19.11 12.85
N LEU E 183 -50.41 -19.86 12.09
CA LEU E 183 -49.90 -21.12 11.55
C LEU E 183 -50.52 -21.51 10.23
N SER E 184 -49.90 -22.51 9.64
CA SER E 184 -50.36 -23.08 8.40
C SER E 184 -50.55 -24.56 8.60
N SER E 185 -51.62 -25.09 8.01
CA SER E 185 -51.80 -26.52 7.96
C SER E 185 -51.92 -26.84 6.49
N VAL E 186 -51.08 -27.74 6.03
CA VAL E 186 -51.08 -28.08 4.61
C VAL E 186 -51.26 -29.56 4.45
N VAL E 187 -51.69 -29.96 3.27
CA VAL E 187 -51.79 -31.37 2.95
C VAL E 187 -51.37 -31.57 1.50
N THR E 188 -50.62 -32.63 1.26
CA THR E 188 -50.29 -32.99 -0.10
C THR E 188 -51.22 -34.11 -0.54
N VAL E 189 -51.82 -33.92 -1.71
CA VAL E 189 -52.79 -34.87 -2.24
C VAL E 189 -52.39 -35.27 -3.65
N PRO E 190 -52.82 -36.46 -4.10
CA PRO E 190 -52.48 -36.85 -5.49
C PRO E 190 -52.98 -35.80 -6.50
N SER E 191 -52.10 -35.40 -7.41
CA SER E 191 -52.39 -34.33 -8.36
C SER E 191 -53.68 -34.50 -9.18
N SER E 192 -53.92 -35.71 -9.69
CA SER E 192 -55.10 -35.97 -10.52
C SER E 192 -56.44 -35.75 -9.79
N SER E 193 -56.44 -35.85 -8.46
CA SER E 193 -57.66 -35.75 -7.66
C SER E 193 -58.19 -34.32 -7.51
N LEU E 194 -57.54 -33.35 -8.14
CA LEU E 194 -57.82 -31.96 -7.83
C LEU E 194 -59.17 -31.44 -8.31
N GLY E 195 -59.61 -31.90 -9.47
CA GLY E 195 -60.88 -31.44 -10.00
C GLY E 195 -62.05 -32.12 -9.34
N THR E 196 -61.94 -33.44 -9.22
CA THR E 196 -63.01 -34.31 -8.73
C THR E 196 -63.17 -34.28 -7.20
N GLN E 197 -62.06 -34.46 -6.49
CA GLN E 197 -62.06 -34.47 -5.03
C GLN E 197 -62.15 -33.05 -4.47
N THR E 198 -62.56 -32.95 -3.22
CA THR E 198 -62.79 -31.64 -2.59
C THR E 198 -62.28 -31.59 -1.14
N TYR E 199 -61.68 -30.47 -0.75
CA TYR E 199 -60.84 -30.41 0.45
C TYR E 199 -61.21 -29.22 1.35
N ILE E 200 -61.59 -29.51 2.59
CA ILE E 200 -62.03 -28.49 3.55
C ILE E 200 -61.14 -28.50 4.78
N CYS E 201 -60.73 -27.33 5.24
CA CYS E 201 -59.99 -27.27 6.48
C CYS E 201 -60.90 -26.77 7.56
N ASN E 202 -60.70 -27.30 8.75
CA ASN E 202 -61.62 -27.07 9.84
C ASN E 202 -60.88 -26.41 10.98
N VAL E 203 -61.13 -25.12 11.15
CA VAL E 203 -60.43 -24.35 12.15
C VAL E 203 -61.32 -24.05 13.36
N ASN E 204 -60.87 -24.51 14.51
CA ASN E 204 -61.56 -24.28 15.76
C ASN E 204 -60.63 -23.61 16.76
N HIS E 205 -60.80 -22.30 16.94
CA HIS E 205 -60.15 -21.57 18.02
C HIS E 205 -61.13 -21.48 19.19
N LYS E 206 -61.00 -22.44 20.10
CA LYS E 206 -61.84 -22.54 21.30
C LYS E 206 -61.91 -21.28 22.16
N PRO E 207 -60.75 -20.69 22.54
CA PRO E 207 -60.79 -19.51 23.40
C PRO E 207 -61.70 -18.42 22.87
N SER E 208 -61.66 -18.18 21.57
CA SER E 208 -62.50 -17.18 20.93
C SER E 208 -63.77 -17.83 20.38
N ASN E 209 -64.04 -19.06 20.81
CA ASN E 209 -65.23 -19.81 20.38
C ASN E 209 -65.44 -19.69 18.87
N THR E 210 -64.33 -19.85 18.15
CA THR E 210 -64.31 -19.68 16.70
C THR E 210 -64.42 -21.05 16.06
N LYS E 211 -65.27 -21.16 15.05
CA LYS E 211 -65.34 -22.37 14.25
C LYS E 211 -65.64 -21.98 12.80
N VAL E 212 -64.71 -22.33 11.92
CA VAL E 212 -64.71 -21.86 10.54
C VAL E 212 -64.44 -23.06 9.64
N ASP E 213 -64.93 -23.01 8.41
CA ASP E 213 -64.57 -24.01 7.39
C ASP E 213 -64.18 -23.27 6.11
N LYS E 214 -63.03 -23.63 5.53
CA LYS E 214 -62.62 -23.02 4.25
C LYS E 214 -62.44 -24.05 3.15
N ARG E 215 -63.18 -23.86 2.05
CA ARG E 215 -63.00 -24.68 0.87
C ARG E 215 -61.83 -24.17 0.06
N VAL E 216 -60.76 -24.95 0.02
CA VAL E 216 -59.59 -24.56 -0.75
C VAL E 216 -59.75 -25.09 -2.18
N GLU E 217 -60.02 -24.15 -3.10
CA GLU E 217 -60.23 -24.48 -4.51
C GLU E 217 -59.11 -23.88 -5.36
N PRO E 218 -58.73 -24.58 -6.44
CA PRO E 218 -57.77 -24.04 -7.40
C PRO E 218 -58.35 -22.82 -8.10
N ILE F 2 -32.81 -32.79 45.40
CA ILE F 2 -32.06 -33.72 44.54
C ILE F 2 -32.19 -33.30 43.08
N VAL F 3 -31.08 -32.96 42.43
CA VAL F 3 -31.08 -32.68 40.98
C VAL F 3 -30.66 -33.89 40.16
N LEU F 4 -31.19 -33.97 38.95
CA LEU F 4 -30.93 -35.08 38.04
C LEU F 4 -30.36 -34.61 36.71
N THR F 5 -29.18 -35.14 36.36
CA THR F 5 -28.51 -34.73 35.14
C THR F 5 -28.59 -35.82 34.09
N GLN F 6 -29.39 -35.55 33.07
CA GLN F 6 -29.55 -36.48 31.97
C GLN F 6 -28.43 -36.30 30.96
N SER F 7 -27.97 -37.41 30.39
CA SER F 7 -26.85 -37.39 29.47
C SER F 7 -27.15 -38.29 28.30
N PRO F 8 -27.12 -37.74 27.08
CA PRO F 8 -26.96 -36.31 26.75
C PRO F 8 -28.33 -35.67 26.55
N ASP F 9 -28.34 -34.45 26.01
CA ASP F 9 -29.56 -33.69 25.72
C ASP F 9 -30.23 -34.12 24.44
N PHE F 10 -29.43 -34.59 23.49
CA PHE F 10 -29.92 -34.92 22.16
C PHE F 10 -29.09 -36.05 21.59
N GLN F 11 -29.74 -37.00 20.93
CA GLN F 11 -29.03 -38.14 20.36
C GLN F 11 -29.61 -38.49 19.00
N SER F 12 -28.79 -38.36 17.96
CA SER F 12 -29.20 -38.69 16.60
C SER F 12 -28.67 -40.08 16.28
N VAL F 13 -29.59 -41.05 16.19
CA VAL F 13 -29.23 -42.45 16.04
C VAL F 13 -29.93 -43.06 14.82
N THR F 14 -29.21 -43.95 14.13
CA THR F 14 -29.68 -44.65 12.95
C THR F 14 -30.69 -45.74 13.35
N PRO F 15 -31.68 -46.03 12.50
CA PRO F 15 -32.61 -47.10 12.91
C PRO F 15 -31.96 -48.49 13.05
N LYS F 16 -32.38 -49.20 14.10
CA LYS F 16 -31.87 -50.52 14.48
C LYS F 16 -30.55 -50.45 15.22
N GLU F 17 -30.00 -49.23 15.32
CA GLU F 17 -28.77 -48.94 16.06
C GLU F 17 -29.16 -48.89 17.54
N LYS F 18 -28.22 -48.53 18.41
CA LYS F 18 -28.51 -48.48 19.86
C LYS F 18 -28.55 -47.07 20.42
N VAL F 19 -29.59 -46.79 21.20
CA VAL F 19 -29.69 -45.56 22.00
C VAL F 19 -29.39 -45.83 23.45
N THR F 20 -28.58 -44.98 24.04
CA THR F 20 -28.28 -45.14 25.45
C THR F 20 -28.22 -43.79 26.16
N ILE F 21 -29.16 -43.62 27.09
CA ILE F 21 -29.32 -42.38 27.88
C ILE F 21 -29.02 -42.67 29.33
N THR F 22 -28.05 -41.95 29.86
CA THR F 22 -27.64 -42.12 31.24
C THR F 22 -28.27 -41.01 32.07
N CYS F 23 -28.51 -41.26 33.36
CA CYS F 23 -28.99 -40.22 34.29
C CYS F 23 -28.20 -40.15 35.58
N ARG F 24 -27.69 -38.96 35.91
CA ARG F 24 -26.97 -38.82 37.16
C ARG F 24 -27.80 -38.16 38.24
N ALA F 25 -27.95 -38.86 39.35
CA ALA F 25 -28.62 -38.33 40.53
C ALA F 25 -27.59 -37.62 41.41
N SER F 26 -27.90 -36.42 41.86
CA SER F 26 -26.98 -35.65 42.70
C SER F 26 -26.78 -36.29 44.06
N GLN F 27 -27.77 -37.06 44.45
CA GLN F 27 -27.74 -37.75 45.73
C GLN F 27 -27.93 -39.20 45.38
N SER F 28 -27.30 -40.09 46.12
CA SER F 28 -27.54 -41.52 45.91
C SER F 28 -29.01 -41.79 46.25
N ILE F 29 -29.69 -42.61 45.46
CA ILE F 29 -31.13 -42.80 45.62
C ILE F 29 -31.56 -44.25 45.59
N SER F 30 -30.57 -45.15 45.57
CA SER F 30 -30.81 -46.58 45.81
C SER F 30 -31.98 -47.16 45.02
N ASP F 31 -31.99 -46.91 43.71
CA ASP F 31 -32.92 -47.54 42.77
C ASP F 31 -34.33 -46.91 42.70
N HIS F 32 -34.52 -45.78 43.38
CA HIS F 32 -35.81 -45.11 43.35
C HIS F 32 -35.88 -44.14 42.16
N LEU F 33 -35.77 -44.70 40.95
CA LEU F 33 -35.70 -43.93 39.71
C LEU F 33 -36.62 -44.50 38.66
N HIS F 34 -37.42 -43.63 38.06
CA HIS F 34 -38.31 -44.07 36.99
C HIS F 34 -37.98 -43.37 35.66
N TRP F 35 -38.52 -43.91 34.56
CA TRP F 35 -38.29 -43.35 33.24
C TRP F 35 -39.58 -43.17 32.48
N TYR F 36 -39.72 -42.04 31.80
CA TYR F 36 -40.91 -41.76 31.01
C TYR F 36 -40.56 -41.39 29.57
N GLN F 37 -41.47 -41.68 28.64
CA GLN F 37 -41.30 -41.31 27.23
C GLN F 37 -42.36 -40.31 26.79
N GLN F 38 -41.93 -39.14 26.32
CA GLN F 38 -42.90 -38.16 25.86
C GLN F 38 -42.80 -37.81 24.38
N LYS F 39 -43.74 -38.31 23.60
CA LYS F 39 -43.91 -37.89 22.22
C LYS F 39 -44.48 -36.49 22.25
N PRO F 40 -44.09 -35.63 21.29
CA PRO F 40 -44.50 -34.22 21.29
C PRO F 40 -46.03 -34.05 21.39
N ASP F 41 -46.46 -33.05 22.15
CA ASP F 41 -47.88 -32.78 22.41
C ASP F 41 -48.64 -33.98 22.95
N GLN F 42 -47.94 -34.77 23.75
CA GLN F 42 -48.57 -35.83 24.53
C GLN F 42 -48.05 -35.82 25.96
N SER F 43 -48.78 -36.50 26.84
CA SER F 43 -48.36 -36.59 28.22
C SER F 43 -47.30 -37.67 28.33
N PRO F 44 -46.45 -37.57 29.37
CA PRO F 44 -45.43 -38.59 29.65
C PRO F 44 -46.03 -39.97 29.77
N LYS F 45 -45.26 -40.98 29.42
CA LYS F 45 -45.69 -42.37 29.55
C LYS F 45 -44.69 -43.10 30.45
N LEU F 46 -45.18 -43.68 31.54
CA LEU F 46 -44.29 -44.41 32.43
C LEU F 46 -43.72 -45.56 31.63
N LEU F 47 -42.39 -45.63 31.58
CA LEU F 47 -41.71 -46.65 30.79
C LEU F 47 -41.07 -47.74 31.62
N ILE F 48 -40.42 -47.33 32.70
CA ILE F 48 -39.57 -48.22 33.44
C ILE F 48 -39.54 -47.78 34.88
N LYS F 49 -39.79 -48.72 35.78
CA LYS F 49 -39.82 -48.46 37.21
C LYS F 49 -38.68 -49.19 37.82
N TYR F 50 -38.06 -48.60 38.82
CA TYR F 50 -36.96 -49.23 39.51
C TYR F 50 -35.79 -49.49 38.61
N ALA F 51 -35.54 -48.58 37.71
CA ALA F 51 -34.39 -48.67 36.87
C ALA F 51 -34.45 -49.79 35.89
N SER F 52 -35.01 -50.94 36.25
CA SER F 52 -35.17 -52.01 35.29
C SER F 52 -36.56 -52.50 34.95
N HIS F 53 -37.55 -52.18 35.76
CA HIS F 53 -38.88 -52.77 35.65
C HIS F 53 -39.79 -52.11 34.64
N ALA F 54 -40.02 -52.80 33.55
CA ALA F 54 -40.79 -52.27 32.43
C ALA F 54 -42.28 -52.54 32.61
N ILE F 55 -43.09 -51.55 32.27
CA ILE F 55 -44.56 -51.67 32.36
C ILE F 55 -44.99 -52.74 31.33
N SER F 56 -46.11 -53.41 31.59
CA SER F 56 -46.62 -54.41 30.65
C SER F 56 -46.95 -53.78 29.31
N GLY F 57 -46.62 -54.49 28.23
CA GLY F 57 -46.90 -54.01 26.90
C GLY F 57 -45.74 -53.21 26.36
N VAL F 58 -44.89 -52.75 27.29
CA VAL F 58 -43.65 -52.06 26.91
C VAL F 58 -42.73 -53.04 26.18
N PRO F 59 -42.38 -52.70 24.93
CA PRO F 59 -41.64 -53.49 23.95
C PRO F 59 -40.31 -54.01 24.46
N SER F 60 -39.81 -55.02 23.77
CA SER F 60 -38.56 -55.66 24.13
C SER F 60 -37.40 -54.67 24.12
N ARG F 61 -37.43 -53.77 23.14
CA ARG F 61 -36.37 -52.78 22.94
C ARG F 61 -35.90 -52.06 24.21
N PHE F 62 -36.82 -51.41 24.91
CA PHE F 62 -36.48 -50.54 26.06
C PHE F 62 -35.90 -51.28 27.25
N SER F 63 -34.75 -50.83 27.73
CA SER F 63 -34.21 -51.39 28.94
C SER F 63 -33.52 -50.33 29.78
N GLY F 64 -33.44 -50.60 31.07
CA GLY F 64 -32.75 -49.72 31.97
C GLY F 64 -31.92 -50.51 32.93
N SER F 65 -31.18 -49.79 33.75
CA SER F 65 -30.40 -50.37 34.84
C SER F 65 -29.75 -49.23 35.58
N GLY F 66 -29.04 -49.56 36.65
CA GLY F 66 -28.32 -48.56 37.42
C GLY F 66 -28.60 -48.70 38.90
N SER F 67 -27.98 -47.84 39.70
CA SER F 67 -28.27 -47.78 41.13
C SER F 67 -27.54 -46.61 41.78
N GLY F 68 -28.12 -46.09 42.85
CA GLY F 68 -27.48 -45.03 43.61
C GLY F 68 -27.37 -43.71 42.87
N THR F 69 -26.23 -43.48 42.22
CA THR F 69 -25.97 -42.20 41.57
C THR F 69 -26.14 -42.24 40.04
N ASP F 70 -25.84 -43.39 39.44
CA ASP F 70 -25.82 -43.52 37.97
C ASP F 70 -26.74 -44.60 37.40
N PHE F 71 -27.63 -44.16 36.52
CA PHE F 71 -28.65 -45.02 35.94
C PHE F 71 -28.61 -44.84 34.44
N THR F 72 -29.02 -45.87 33.70
CA THR F 72 -28.96 -45.80 32.26
C THR F 72 -30.21 -46.37 31.58
N LEU F 73 -30.83 -45.57 30.70
CA LEU F 73 -31.93 -46.05 29.86
C LEU F 73 -31.41 -46.45 28.48
N THR F 74 -31.93 -47.56 27.96
CA THR F 74 -31.47 -48.17 26.72
C THR F 74 -32.62 -48.60 25.81
N ILE F 75 -32.59 -48.14 24.55
CA ILE F 75 -33.46 -48.72 23.55
C ILE F 75 -32.60 -49.55 22.62
N ASN F 76 -32.63 -50.87 22.81
CA ASN F 76 -31.73 -51.77 22.12
C ASN F 76 -31.83 -51.73 20.60
N SER F 77 -33.02 -51.46 20.08
CA SER F 77 -33.18 -51.29 18.64
C SER F 77 -34.13 -50.15 18.35
N LEU F 78 -33.68 -49.19 17.54
CA LEU F 78 -34.46 -47.99 17.25
C LEU F 78 -35.53 -48.19 16.17
N GLU F 79 -36.75 -47.78 16.52
CA GLU F 79 -37.91 -47.78 15.63
C GLU F 79 -38.37 -46.34 15.48
N ALA F 80 -38.96 -46.02 14.33
CA ALA F 80 -39.42 -44.67 14.02
C ALA F 80 -40.37 -44.15 15.11
N GLU F 81 -41.10 -45.06 15.74
CA GLU F 81 -42.07 -44.70 16.75
C GLU F 81 -41.46 -44.09 18.01
N ASP F 82 -40.18 -44.33 18.24
CA ASP F 82 -39.55 -43.94 19.50
C ASP F 82 -38.96 -42.55 19.46
N ALA F 83 -39.32 -41.78 18.45
CA ALA F 83 -38.86 -40.42 18.39
C ALA F 83 -39.60 -39.71 19.51
N ALA F 84 -38.91 -39.53 20.63
CA ALA F 84 -39.53 -38.86 21.75
C ALA F 84 -38.46 -38.34 22.66
N THR F 85 -38.87 -37.46 23.56
CA THR F 85 -37.97 -36.97 24.56
C THR F 85 -38.25 -37.76 25.85
N TYR F 86 -37.18 -38.32 26.41
CA TYR F 86 -37.24 -39.36 27.44
C TYR F 86 -36.81 -38.79 28.79
N TYR F 87 -37.47 -39.21 29.87
CA TYR F 87 -37.36 -38.52 31.16
C TYR F 87 -37.02 -39.35 32.39
N CYS F 88 -36.36 -38.66 33.31
CA CYS F 88 -35.68 -39.21 34.47
C CYS F 88 -36.40 -38.70 35.73
N GLN F 89 -37.10 -39.58 36.44
CA GLN F 89 -37.77 -39.14 37.67
C GLN F 89 -37.33 -39.85 38.93
N GLN F 90 -36.84 -39.06 39.87
CA GLN F 90 -36.42 -39.55 41.18
C GLN F 90 -37.64 -39.76 42.08
N GLY F 91 -37.67 -40.91 42.76
CA GLY F 91 -38.78 -41.27 43.62
C GLY F 91 -38.32 -41.51 45.04
N HIS F 92 -37.15 -40.97 45.34
CA HIS F 92 -36.49 -41.20 46.61
C HIS F 92 -36.99 -40.24 47.68
N SER F 93 -36.87 -38.94 47.40
CA SER F 93 -37.11 -37.91 48.40
C SER F 93 -37.97 -36.78 47.86
N PHE F 94 -38.47 -35.94 48.76
CA PHE F 94 -39.31 -34.82 48.35
C PHE F 94 -38.55 -33.50 48.51
N PRO F 95 -38.78 -32.54 47.59
CA PRO F 95 -39.73 -32.63 46.48
C PRO F 95 -39.38 -33.66 45.42
N LEU F 96 -40.41 -34.18 44.77
CA LEU F 96 -40.20 -35.04 43.62
C LEU F 96 -39.66 -34.22 42.45
N THR F 97 -38.59 -34.74 41.83
CA THR F 97 -37.87 -34.04 40.77
C THR F 97 -37.83 -34.83 39.46
N PHE F 98 -37.43 -34.15 38.39
CA PHE F 98 -37.40 -34.71 37.04
C PHE F 98 -36.22 -34.18 36.23
N GLY F 99 -36.32 -34.31 34.90
CA GLY F 99 -35.56 -33.51 33.96
C GLY F 99 -34.09 -33.85 33.76
N GLY F 100 -33.41 -33.13 32.86
CA GLY F 100 -33.99 -32.04 32.09
C GLY F 100 -34.54 -32.47 30.73
N GLY F 101 -34.31 -33.73 30.35
CA GLY F 101 -34.92 -34.30 29.16
C GLY F 101 -33.94 -34.78 28.10
N THR F 102 -34.21 -35.94 27.49
CA THR F 102 -33.38 -36.38 26.38
C THR F 102 -34.16 -36.56 25.09
N LYS F 103 -33.85 -35.74 24.10
CA LYS F 103 -34.58 -35.81 22.84
C LYS F 103 -33.97 -36.86 21.92
N VAL F 104 -34.81 -37.71 21.32
CA VAL F 104 -34.28 -38.78 20.48
C VAL F 104 -34.70 -38.67 19.02
N GLU F 105 -33.71 -38.63 18.15
CA GLU F 105 -33.89 -38.34 16.74
C GLU F 105 -33.33 -39.46 15.86
N ILE F 106 -34.20 -40.06 15.05
CA ILE F 106 -33.81 -41.17 14.20
C ILE F 106 -32.91 -40.64 13.06
N LYS F 107 -31.65 -41.07 12.98
CA LYS F 107 -30.82 -40.68 11.86
C LYS F 107 -31.36 -41.40 10.65
N ARG F 108 -32.10 -40.67 9.82
CA ARG F 108 -32.81 -41.26 8.70
C ARG F 108 -31.92 -41.23 7.45
N THR F 109 -32.33 -41.97 6.42
CA THR F 109 -31.75 -41.83 5.10
C THR F 109 -32.05 -40.43 4.57
N VAL F 110 -31.07 -39.76 3.97
CA VAL F 110 -31.30 -38.45 3.35
C VAL F 110 -32.55 -38.44 2.46
N ALA F 111 -33.33 -37.37 2.57
CA ALA F 111 -34.50 -37.19 1.70
C ALA F 111 -34.59 -35.73 1.28
N ALA F 112 -34.68 -35.51 -0.03
CA ALA F 112 -34.87 -34.18 -0.58
C ALA F 112 -36.29 -33.69 -0.33
N PRO F 113 -36.44 -32.41 0.00
CA PRO F 113 -37.75 -31.86 0.30
C PRO F 113 -38.45 -31.58 -0.99
N SER F 114 -39.78 -31.56 -0.99
CA SER F 114 -40.53 -31.17 -2.17
C SER F 114 -41.07 -29.75 -1.97
N VAL F 115 -40.77 -28.86 -2.92
CA VAL F 115 -40.98 -27.43 -2.71
C VAL F 115 -42.16 -26.84 -3.46
N PHE F 116 -43.02 -26.17 -2.71
CA PHE F 116 -44.20 -25.52 -3.23
C PHE F 116 -44.17 -24.08 -2.72
N ILE F 117 -44.58 -23.11 -3.55
CA ILE F 117 -44.72 -21.72 -3.11
C ILE F 117 -46.15 -21.23 -3.28
N PHE F 118 -46.67 -20.50 -2.30
CA PHE F 118 -48.04 -20.02 -2.36
C PHE F 118 -48.13 -18.49 -2.31
N PRO F 119 -48.84 -17.90 -3.29
CA PRO F 119 -49.15 -16.46 -3.28
C PRO F 119 -50.28 -16.18 -2.31
N PRO F 120 -50.38 -14.93 -1.83
CA PRO F 120 -51.49 -14.57 -0.93
C PRO F 120 -52.84 -14.77 -1.61
N SER F 121 -53.87 -15.02 -0.81
CA SER F 121 -55.23 -15.07 -1.34
C SER F 121 -55.73 -13.64 -1.58
N ASP F 122 -56.57 -13.45 -2.59
CA ASP F 122 -57.16 -12.13 -2.85
C ASP F 122 -57.96 -11.68 -1.65
N GLU F 123 -58.42 -12.65 -0.88
CA GLU F 123 -59.18 -12.39 0.31
C GLU F 123 -58.28 -11.94 1.45
N GLN F 124 -57.09 -12.51 1.53
CA GLN F 124 -56.16 -12.07 2.55
C GLN F 124 -55.72 -10.67 2.22
N LEU F 125 -55.66 -10.41 0.93
CA LEU F 125 -55.27 -9.10 0.43
C LEU F 125 -56.27 -8.07 0.91
N LYS F 126 -57.55 -8.47 0.94
CA LYS F 126 -58.65 -7.59 1.36
C LYS F 126 -58.38 -6.84 2.66
N SER F 127 -57.49 -7.38 3.48
CA SER F 127 -57.08 -6.76 4.74
C SER F 127 -55.82 -5.92 4.57
N GLY F 128 -55.32 -5.84 3.34
CA GLY F 128 -54.13 -5.07 3.05
C GLY F 128 -52.86 -5.62 3.68
N THR F 129 -52.74 -6.94 3.72
CA THR F 129 -51.54 -7.61 4.19
C THR F 129 -51.29 -8.84 3.32
N ALA F 130 -50.05 -9.00 2.84
CA ALA F 130 -49.75 -10.09 1.91
C ALA F 130 -48.82 -11.13 2.50
N SER F 131 -49.28 -12.38 2.58
CA SER F 131 -48.42 -13.46 3.06
C SER F 131 -48.04 -14.44 1.95
N VAL F 132 -46.73 -14.59 1.73
CA VAL F 132 -46.21 -15.55 0.76
C VAL F 132 -45.52 -16.66 1.52
N VAL F 133 -45.96 -17.90 1.33
CA VAL F 133 -45.30 -18.98 2.07
C VAL F 133 -44.51 -19.93 1.15
N CYS F 134 -43.55 -20.63 1.74
CA CYS F 134 -42.74 -21.61 1.04
C CYS F 134 -42.71 -22.91 1.84
N LEU F 135 -43.37 -23.91 1.30
CA LEU F 135 -43.45 -25.19 1.97
C LEU F 135 -42.40 -26.15 1.47
N LEU F 136 -41.64 -26.71 2.39
CA LEU F 136 -40.65 -27.72 2.07
C LEU F 136 -41.17 -28.99 2.68
N ASN F 137 -41.39 -29.99 1.85
CA ASN F 137 -42.10 -31.16 2.33
C ASN F 137 -41.30 -32.46 2.45
N ASN F 138 -41.42 -33.11 3.62
CA ASN F 138 -40.92 -34.46 3.83
C ASN F 138 -39.43 -34.64 3.56
N PHE F 139 -38.58 -34.00 4.36
CA PHE F 139 -37.15 -34.07 4.16
C PHE F 139 -36.35 -34.41 5.41
N TYR F 140 -35.22 -35.05 5.18
CA TYR F 140 -34.23 -35.30 6.22
C TYR F 140 -32.89 -35.02 5.58
N PRO F 141 -31.93 -34.46 6.35
CA PRO F 141 -31.89 -33.99 7.74
C PRO F 141 -32.49 -32.61 7.90
N ARG F 142 -32.76 -32.21 9.13
CA ARG F 142 -33.53 -31.00 9.36
C ARG F 142 -32.89 -29.72 8.82
N GLU F 143 -31.58 -29.67 8.79
CA GLU F 143 -30.88 -28.48 8.33
C GLU F 143 -31.15 -28.18 6.86
N ALA F 144 -31.99 -27.18 6.64
CA ALA F 144 -32.29 -26.66 5.32
C ALA F 144 -32.04 -25.16 5.34
N LYS F 145 -31.93 -24.57 4.16
CA LYS F 145 -31.88 -23.13 4.08
C LYS F 145 -32.96 -22.69 3.11
N VAL F 146 -33.53 -21.52 3.35
CA VAL F 146 -34.59 -21.00 2.51
C VAL F 146 -34.37 -19.53 2.29
N GLN F 147 -34.23 -19.12 1.04
CA GLN F 147 -33.99 -17.72 0.75
C GLN F 147 -35.10 -17.07 -0.05
N TRP F 148 -35.59 -15.96 0.44
CA TRP F 148 -36.61 -15.22 -0.26
C TRP F 148 -35.98 -14.21 -1.18
N LYS F 149 -36.44 -14.23 -2.43
CA LYS F 149 -35.96 -13.30 -3.43
C LYS F 149 -37.14 -12.58 -4.04
N VAL F 150 -37.14 -11.26 -3.92
CA VAL F 150 -38.18 -10.44 -4.52
C VAL F 150 -37.61 -9.65 -5.71
N ASP F 151 -38.01 -10.04 -6.92
CA ASP F 151 -37.40 -9.55 -8.16
C ASP F 151 -35.89 -9.69 -8.17
N ASN F 152 -35.39 -10.80 -7.62
CA ASN F 152 -33.97 -11.13 -7.55
C ASN F 152 -33.22 -10.49 -6.38
N ALA F 153 -33.90 -9.62 -5.64
CA ALA F 153 -33.32 -9.00 -4.46
C ALA F 153 -33.42 -9.91 -3.26
N LEU F 154 -32.27 -10.17 -2.62
CA LEU F 154 -32.23 -11.02 -1.45
C LEU F 154 -32.96 -10.37 -0.27
N GLN F 155 -34.04 -11.01 0.15
CA GLN F 155 -34.83 -10.53 1.27
C GLN F 155 -34.23 -10.91 2.60
N SER F 156 -34.56 -10.12 3.62
CA SER F 156 -34.13 -10.41 4.98
C SER F 156 -35.02 -9.71 6.00
N GLY F 157 -35.17 -10.33 7.17
CA GLY F 157 -35.89 -9.73 8.28
C GLY F 157 -37.40 -9.79 8.18
N ASN F 158 -37.91 -10.21 7.03
CA ASN F 158 -39.37 -10.23 6.78
C ASN F 158 -39.96 -11.63 6.61
N SER F 159 -39.19 -12.65 7.01
CA SER F 159 -39.67 -14.02 6.98
C SER F 159 -39.63 -14.68 8.35
N GLN F 160 -40.50 -15.68 8.51
CA GLN F 160 -40.57 -16.47 9.73
C GLN F 160 -40.83 -17.88 9.28
N GLU F 161 -40.15 -18.85 9.90
CA GLU F 161 -40.35 -20.23 9.51
C GLU F 161 -40.60 -21.16 10.67
N SER F 162 -41.49 -22.12 10.43
CA SER F 162 -41.88 -23.07 11.44
C SER F 162 -41.40 -24.43 10.99
N VAL F 163 -40.78 -25.16 11.91
CA VAL F 163 -40.27 -26.49 11.61
C VAL F 163 -41.15 -27.54 12.27
N THR F 164 -41.50 -28.56 11.49
CA THR F 164 -42.25 -29.69 11.97
C THR F 164 -41.39 -30.64 12.84
N GLU F 165 -42.01 -31.31 13.81
CA GLU F 165 -41.32 -32.33 14.60
C GLU F 165 -41.12 -33.59 13.76
N GLN F 166 -40.19 -34.44 14.13
CA GLN F 166 -39.91 -35.61 13.32
C GLN F 166 -41.08 -36.55 13.25
N ASP F 167 -41.61 -36.75 12.04
CA ASP F 167 -42.67 -37.71 11.78
C ASP F 167 -42.37 -39.09 12.38
N SER F 168 -43.39 -39.78 12.89
CA SER F 168 -43.17 -41.02 13.63
C SER F 168 -43.17 -42.26 12.73
N LYS F 169 -43.43 -42.03 11.44
CA LYS F 169 -43.44 -43.10 10.43
C LYS F 169 -42.25 -43.00 9.51
N ASP F 170 -42.22 -41.94 8.71
CA ASP F 170 -41.16 -41.76 7.72
C ASP F 170 -40.03 -40.90 8.25
N SER F 171 -40.15 -40.49 9.50
CA SER F 171 -39.06 -39.81 10.21
C SER F 171 -38.57 -38.53 9.54
N THR F 172 -39.37 -37.98 8.64
CA THR F 172 -39.01 -36.75 7.96
C THR F 172 -39.50 -35.50 8.68
N TYR F 173 -39.21 -34.34 8.09
CA TYR F 173 -39.59 -33.05 8.63
C TYR F 173 -40.30 -32.30 7.52
N SER F 174 -40.96 -31.22 7.88
CA SER F 174 -41.44 -30.24 6.91
C SER F 174 -41.15 -28.84 7.43
N LEU F 175 -40.99 -27.89 6.51
CA LEU F 175 -40.72 -26.53 6.89
C LEU F 175 -41.63 -25.64 6.08
N SER F 176 -42.12 -24.59 6.73
CA SER F 176 -42.85 -23.54 6.05
C SER F 176 -42.21 -22.22 6.41
N SER F 177 -41.93 -21.38 5.41
CA SER F 177 -41.35 -20.07 5.63
C SER F 177 -42.22 -19.02 4.97
N THR F 178 -42.49 -17.95 5.71
CA THR F 178 -43.52 -17.01 5.30
C THR F 178 -43.00 -15.59 5.23
N LEU F 179 -43.13 -14.98 4.06
CA LEU F 179 -42.74 -13.60 3.85
C LEU F 179 -43.97 -12.71 3.98
N THR F 180 -43.97 -11.77 4.92
CA THR F 180 -45.09 -10.84 5.04
C THR F 180 -44.79 -9.45 4.48
N LEU F 181 -45.66 -9.01 3.59
CA LEU F 181 -45.58 -7.68 2.99
C LEU F 181 -46.90 -6.95 3.18
N SER F 182 -46.81 -5.63 3.25
CA SER F 182 -48.01 -4.81 3.14
C SER F 182 -48.46 -4.92 1.68
N LYS F 183 -49.77 -4.82 1.47
CA LYS F 183 -50.36 -4.88 0.14
C LYS F 183 -49.69 -3.87 -0.78
N ALA F 184 -49.28 -2.73 -0.19
CA ALA F 184 -48.51 -1.69 -0.89
C ALA F 184 -47.14 -2.16 -1.33
N ASP F 185 -46.35 -2.67 -0.38
CA ASP F 185 -45.01 -3.18 -0.67
C ASP F 185 -45.06 -4.27 -1.72
N TYR F 186 -46.07 -5.12 -1.60
CA TYR F 186 -46.19 -6.30 -2.45
C TYR F 186 -46.72 -6.00 -3.84
N GLU F 187 -47.55 -4.97 -3.97
CA GLU F 187 -48.12 -4.62 -5.26
C GLU F 187 -47.03 -4.11 -6.17
N LYS F 188 -45.95 -3.64 -5.56
CA LYS F 188 -44.84 -3.01 -6.27
C LYS F 188 -43.94 -3.98 -7.04
N HIS F 189 -43.82 -5.21 -6.56
CA HIS F 189 -42.88 -6.16 -7.17
C HIS F 189 -43.57 -7.28 -7.94
N LYS F 190 -42.88 -7.76 -8.98
CA LYS F 190 -43.46 -8.67 -9.95
C LYS F 190 -43.25 -10.13 -9.58
N VAL F 191 -41.99 -10.53 -9.56
CA VAL F 191 -41.59 -11.93 -9.41
C VAL F 191 -41.24 -12.28 -7.97
N TYR F 192 -41.92 -13.25 -7.39
CA TYR F 192 -41.59 -13.68 -6.03
C TYR F 192 -41.12 -15.12 -6.01
N ALA F 193 -39.92 -15.33 -5.48
CA ALA F 193 -39.23 -16.61 -5.58
C ALA F 193 -38.70 -17.09 -4.25
N CYS F 194 -38.43 -18.39 -4.21
CA CYS F 194 -38.00 -19.06 -2.99
C CYS F 194 -36.86 -20.01 -3.33
N GLU F 195 -35.70 -19.76 -2.75
CA GLU F 195 -34.54 -20.57 -3.11
C GLU F 195 -34.05 -21.48 -1.99
N VAL F 196 -34.17 -22.78 -2.23
CA VAL F 196 -33.94 -23.76 -1.17
C VAL F 196 -32.63 -24.52 -1.33
N THR F 197 -31.90 -24.65 -0.23
CA THR F 197 -30.62 -25.32 -0.24
C THR F 197 -30.57 -26.42 0.79
N HIS F 198 -30.30 -27.63 0.33
CA HIS F 198 -30.37 -28.81 1.16
C HIS F 198 -29.33 -29.87 0.75
N GLN F 199 -28.84 -30.64 1.72
CA GLN F 199 -27.89 -31.73 1.49
C GLN F 199 -28.40 -32.71 0.44
N GLY F 200 -29.70 -32.94 0.41
CA GLY F 200 -30.29 -33.88 -0.52
C GLY F 200 -30.36 -33.32 -1.92
N LEU F 201 -30.20 -32.01 -2.04
CA LEU F 201 -30.25 -31.35 -3.35
C LEU F 201 -28.86 -31.17 -3.95
N SER F 202 -28.70 -31.62 -5.19
CA SER F 202 -27.47 -31.41 -5.93
C SER F 202 -27.23 -29.91 -6.11
N SER F 203 -28.30 -29.21 -6.46
CA SER F 203 -28.23 -27.76 -6.56
C SER F 203 -29.51 -27.19 -5.98
N PRO F 204 -29.46 -25.95 -5.49
CA PRO F 204 -30.63 -25.31 -4.89
C PRO F 204 -31.82 -25.35 -5.83
N VAL F 205 -33.01 -25.45 -5.25
CA VAL F 205 -34.25 -25.44 -6.01
C VAL F 205 -34.93 -24.09 -5.81
N THR F 206 -35.45 -23.51 -6.89
CA THR F 206 -36.20 -22.26 -6.79
C THR F 206 -37.65 -22.38 -7.26
N LYS F 207 -38.58 -22.13 -6.36
CA LYS F 207 -39.97 -21.97 -6.73
C LYS F 207 -40.25 -20.48 -6.79
N SER F 208 -40.98 -20.07 -7.82
CA SER F 208 -41.17 -18.66 -8.13
C SER F 208 -42.45 -18.44 -8.92
N PHE F 209 -43.16 -17.37 -8.60
CA PHE F 209 -44.40 -17.04 -9.30
C PHE F 209 -44.41 -15.57 -9.74
N ASN F 210 -45.25 -15.27 -10.72
CA ASN F 210 -45.40 -13.91 -11.21
C ASN F 210 -46.73 -13.32 -10.72
N ARG F 211 -46.69 -12.14 -10.08
CA ARG F 211 -47.91 -11.57 -9.50
C ARG F 211 -48.95 -11.19 -10.54
N GLY F 212 -50.11 -11.84 -10.47
CA GLY F 212 -51.17 -11.68 -11.43
C GLY F 212 -51.45 -13.02 -12.11
N GLN G 1 -36.03 -0.59 -56.83
CA GLN G 1 -35.64 -1.29 -55.62
C GLN G 1 -36.74 -2.22 -55.13
N VAL G 2 -36.90 -3.36 -55.77
CA VAL G 2 -37.69 -4.44 -55.21
C VAL G 2 -36.78 -5.19 -54.25
N GLN G 3 -37.34 -5.63 -53.14
CA GLN G 3 -36.62 -6.43 -52.16
C GLN G 3 -37.37 -7.73 -51.92
N LEU G 4 -36.63 -8.80 -51.73
CA LEU G 4 -37.26 -10.10 -51.55
C LEU G 4 -36.70 -10.67 -50.27
N GLN G 5 -37.56 -11.33 -49.51
CA GLN G 5 -37.13 -11.79 -48.20
C GLN G 5 -37.76 -13.10 -47.78
N GLU G 6 -36.95 -14.15 -47.79
CA GLU G 6 -37.40 -15.49 -47.44
C GLU G 6 -37.27 -15.81 -45.96
N SER G 7 -38.20 -16.61 -45.47
CA SER G 7 -38.24 -17.01 -44.07
C SER G 7 -39.11 -18.25 -43.88
N GLY G 8 -38.73 -19.07 -42.91
CA GLY G 8 -39.48 -20.24 -42.51
C GLY G 8 -38.60 -21.13 -41.61
N PRO G 9 -39.13 -22.29 -41.19
CA PRO G 9 -38.35 -23.32 -40.48
C PRO G 9 -36.99 -23.58 -41.13
N GLY G 10 -35.94 -23.68 -40.31
CA GLY G 10 -34.58 -23.87 -40.79
C GLY G 10 -34.06 -25.26 -40.47
N LEU G 11 -34.96 -26.09 -39.97
CA LEU G 11 -34.71 -27.50 -39.79
C LEU G 11 -36.02 -28.21 -40.08
N VAL G 12 -35.95 -29.24 -40.90
CA VAL G 12 -37.10 -30.09 -41.17
C VAL G 12 -36.64 -31.53 -41.24
N LYS G 13 -37.38 -32.41 -40.59
CA LYS G 13 -37.06 -33.84 -40.54
C LYS G 13 -37.32 -34.49 -41.88
N PRO G 14 -36.70 -35.66 -42.11
CA PRO G 14 -36.89 -36.32 -43.41
C PRO G 14 -38.32 -36.79 -43.60
N SER G 15 -38.74 -36.93 -44.85
CA SER G 15 -40.10 -37.32 -45.22
C SER G 15 -41.19 -36.33 -44.79
N ASP G 16 -40.77 -35.24 -44.15
CA ASP G 16 -41.66 -34.14 -43.85
C ASP G 16 -41.61 -33.12 -44.98
N THR G 17 -42.54 -32.16 -45.00
CA THR G 17 -42.54 -31.16 -46.05
C THR G 17 -41.95 -29.83 -45.58
N LEU G 18 -41.08 -29.26 -46.40
CA LEU G 18 -40.46 -27.95 -46.18
C LEU G 18 -41.43 -26.88 -46.65
N SER G 19 -41.61 -25.85 -45.83
CA SER G 19 -42.47 -24.73 -46.19
C SER G 19 -41.65 -23.48 -46.02
N LEU G 20 -41.76 -22.56 -46.95
CA LEU G 20 -40.96 -21.35 -46.88
C LEU G 20 -41.73 -20.25 -47.55
N THR G 21 -41.62 -19.03 -47.06
CA THR G 21 -42.25 -17.93 -47.79
C THR G 21 -41.25 -16.85 -48.18
N CYS G 22 -41.70 -15.96 -49.05
CA CYS G 22 -40.85 -14.91 -49.57
C CYS G 22 -41.69 -13.67 -49.65
N ALA G 23 -41.34 -12.67 -48.87
CA ALA G 23 -42.20 -11.53 -48.73
C ALA G 23 -41.62 -10.42 -49.55
N VAL G 24 -42.43 -9.94 -50.49
CA VAL G 24 -41.95 -8.95 -51.43
C VAL G 24 -42.41 -7.57 -51.01
N SER G 25 -41.49 -6.63 -51.13
CA SER G 25 -41.74 -5.24 -50.76
C SER G 25 -41.21 -4.39 -51.89
N GLY G 26 -41.92 -3.31 -52.20
CA GLY G 26 -41.45 -2.38 -53.21
C GLY G 26 -42.00 -2.58 -54.60
N TYR G 27 -42.58 -3.77 -54.83
CA TYR G 27 -43.25 -4.09 -56.08
C TYR G 27 -44.31 -5.13 -55.79
N SER G 28 -45.39 -5.07 -56.57
CA SER G 28 -46.57 -5.91 -56.39
C SER G 28 -46.42 -7.24 -57.11
N ILE G 29 -46.49 -8.35 -56.37
CA ILE G 29 -46.41 -9.67 -57.02
C ILE G 29 -47.52 -9.92 -58.05
N THR G 30 -48.58 -9.12 -58.07
CA THR G 30 -49.63 -9.32 -59.07
C THR G 30 -49.50 -8.36 -60.24
N GLY G 31 -48.54 -7.45 -60.16
CA GLY G 31 -48.39 -6.36 -61.13
C GLY G 31 -47.46 -6.63 -62.31
N GLY G 32 -46.64 -7.64 -62.21
CA GLY G 32 -45.84 -8.05 -63.31
C GLY G 32 -44.77 -8.97 -62.90
N TYR G 33 -43.96 -9.34 -63.86
CA TYR G 33 -42.76 -10.07 -63.67
C TYR G 33 -43.05 -11.51 -63.33
N SER G 34 -42.09 -12.25 -62.78
CA SER G 34 -42.30 -13.67 -62.48
C SER G 34 -41.55 -13.93 -61.22
N TRP G 35 -41.98 -14.89 -60.41
CA TRP G 35 -41.44 -14.99 -59.05
C TRP G 35 -40.83 -16.35 -58.74
N HIS G 36 -39.51 -16.42 -58.62
CA HIS G 36 -38.81 -17.69 -58.64
C HIS G 36 -38.12 -18.15 -57.36
N TRP G 37 -37.97 -19.47 -57.24
CA TRP G 37 -37.20 -20.09 -56.18
C TRP G 37 -36.02 -20.83 -56.80
N ILE G 38 -34.87 -20.71 -56.16
CA ILE G 38 -33.65 -21.32 -56.66
C ILE G 38 -32.88 -21.72 -55.40
N ARG G 39 -32.42 -22.95 -55.34
CA ARG G 39 -31.75 -23.43 -54.15
C ARG G 39 -30.30 -23.73 -54.41
N GLN G 40 -29.51 -23.81 -53.35
CA GLN G 40 -28.08 -24.03 -53.51
C GLN G 40 -27.55 -24.86 -52.36
N PRO G 41 -27.25 -26.14 -52.62
CA PRO G 41 -26.72 -27.05 -51.61
C PRO G 41 -25.40 -26.51 -51.13
N PRO G 42 -25.09 -26.66 -49.83
CA PRO G 42 -23.85 -26.13 -49.25
C PRO G 42 -22.62 -26.55 -50.06
N GLY G 43 -21.94 -25.58 -50.67
CA GLY G 43 -20.69 -25.83 -51.35
C GLY G 43 -20.80 -26.30 -52.79
N LYS G 44 -22.01 -26.29 -53.35
CA LYS G 44 -22.21 -26.69 -54.74
C LYS G 44 -22.80 -25.60 -55.62
N GLY G 45 -23.72 -25.98 -56.49
CA GLY G 45 -24.23 -25.06 -57.50
C GLY G 45 -25.71 -24.73 -57.41
N LEU G 46 -26.16 -23.84 -58.29
CA LEU G 46 -27.53 -23.37 -58.30
C LEU G 46 -28.49 -24.31 -59.03
N GLU G 47 -29.63 -24.62 -58.42
CA GLU G 47 -30.65 -25.43 -59.08
C GLU G 47 -32.00 -24.71 -59.08
N TRP G 48 -32.50 -24.35 -60.27
CA TRP G 48 -33.78 -23.69 -60.42
C TRP G 48 -34.93 -24.62 -60.00
N MET G 49 -35.90 -24.09 -59.26
CA MET G 49 -36.92 -24.94 -58.69
C MET G 49 -38.32 -24.78 -59.31
N GLY G 50 -38.77 -23.54 -59.44
CA GLY G 50 -40.09 -23.26 -60.00
C GLY G 50 -40.42 -21.77 -59.94
N TYR G 51 -41.56 -21.38 -60.51
CA TYR G 51 -41.97 -19.98 -60.45
C TYR G 51 -43.48 -19.82 -60.40
N ILE G 52 -43.91 -18.64 -60.02
CA ILE G 52 -45.33 -18.26 -60.12
C ILE G 52 -45.39 -16.95 -60.88
N HIS G 53 -46.27 -16.89 -61.86
CA HIS G 53 -46.43 -15.73 -62.73
C HIS G 53 -47.32 -14.71 -62.01
N TYR G 54 -47.25 -13.46 -62.44
CA TYR G 54 -48.15 -12.46 -61.87
C TYR G 54 -49.63 -12.82 -62.03
N SER G 55 -49.97 -13.65 -63.01
CA SER G 55 -51.35 -14.07 -63.20
C SER G 55 -51.69 -15.26 -62.32
N GLY G 56 -50.68 -15.79 -61.62
CA GLY G 56 -50.88 -16.88 -60.68
C GLY G 56 -50.64 -18.23 -61.29
N TYR G 57 -50.09 -18.21 -62.50
CA TYR G 57 -49.79 -19.41 -63.25
C TYR G 57 -48.41 -19.94 -62.84
N THR G 58 -48.33 -21.22 -62.46
CA THR G 58 -47.05 -21.80 -62.01
C THR G 58 -46.53 -22.96 -62.86
N ASP G 59 -45.22 -23.00 -63.04
CA ASP G 59 -44.52 -24.13 -63.65
C ASP G 59 -43.25 -24.52 -62.85
N PHE G 60 -42.78 -25.75 -63.01
CA PHE G 60 -41.66 -26.21 -62.21
C PHE G 60 -40.67 -27.03 -62.98
N ASN G 61 -39.50 -27.17 -62.39
CA ASN G 61 -38.48 -28.05 -62.88
C ASN G 61 -39.01 -29.47 -62.80
N PRO G 62 -38.89 -30.23 -63.90
CA PRO G 62 -39.26 -31.64 -64.01
C PRO G 62 -38.74 -32.52 -62.90
N SER G 63 -37.50 -32.31 -62.47
CA SER G 63 -36.95 -33.03 -61.33
C SER G 63 -37.78 -32.86 -60.04
N LEU G 64 -38.24 -31.64 -59.75
CA LEU G 64 -38.92 -31.37 -58.48
C LEU G 64 -40.45 -31.38 -58.55
N LYS G 65 -41.01 -31.43 -59.77
CA LYS G 65 -42.45 -31.19 -59.98
C LYS G 65 -43.40 -32.11 -59.23
N THR G 66 -42.95 -33.31 -58.91
CA THR G 66 -43.84 -34.26 -58.25
C THR G 66 -43.85 -34.09 -56.72
N ARG G 67 -43.16 -33.09 -56.21
CA ARG G 67 -43.25 -32.87 -54.78
C ARG G 67 -43.09 -31.41 -54.37
N ILE G 68 -42.99 -30.56 -55.38
CA ILE G 68 -42.94 -29.12 -55.16
C ILE G 68 -44.24 -28.45 -55.57
N THR G 69 -44.62 -27.42 -54.81
CA THR G 69 -45.75 -26.57 -55.17
C THR G 69 -45.40 -25.14 -54.82
N ILE G 70 -46.18 -24.21 -55.35
CA ILE G 70 -45.98 -22.80 -55.07
C ILE G 70 -47.35 -22.16 -54.95
N SER G 71 -47.48 -21.24 -54.00
CA SER G 71 -48.71 -20.51 -53.88
C SER G 71 -48.35 -19.07 -53.61
N ARG G 72 -49.36 -18.22 -53.68
CA ARG G 72 -49.17 -16.82 -53.37
C ARG G 72 -50.24 -16.37 -52.41
N ASP G 73 -49.94 -15.25 -51.76
CA ASP G 73 -50.81 -14.59 -50.84
C ASP G 73 -50.80 -13.13 -51.20
N THR G 74 -51.68 -12.77 -52.12
CA THR G 74 -51.72 -11.44 -52.70
C THR G 74 -52.08 -10.38 -51.66
N SER G 75 -52.81 -10.79 -50.62
CA SER G 75 -53.20 -9.88 -49.57
C SER G 75 -52.00 -9.57 -48.71
N LYS G 76 -51.00 -10.44 -48.75
CA LYS G 76 -49.73 -10.21 -48.05
C LYS G 76 -48.52 -10.07 -49.00
N ASN G 77 -48.77 -9.96 -50.31
CA ASN G 77 -47.71 -9.71 -51.30
C ASN G 77 -46.52 -10.65 -51.15
N GLN G 78 -46.81 -11.91 -50.87
CA GLN G 78 -45.73 -12.84 -50.64
C GLN G 78 -46.07 -14.16 -51.25
N PHE G 79 -45.04 -14.85 -51.75
CA PHE G 79 -45.26 -16.13 -52.37
C PHE G 79 -44.53 -17.22 -51.61
N SER G 80 -44.99 -18.45 -51.77
CA SER G 80 -44.64 -19.49 -50.83
C SER G 80 -44.14 -20.74 -51.53
N LEU G 81 -43.64 -21.68 -50.74
CA LEU G 81 -42.99 -22.85 -51.30
C LEU G 81 -43.12 -24.04 -50.41
N LYS G 82 -43.46 -25.16 -51.02
CA LYS G 82 -43.67 -26.40 -50.32
C LYS G 82 -42.96 -27.47 -51.10
N LEU G 83 -42.15 -28.25 -50.39
CA LEU G 83 -41.40 -29.34 -50.97
C LEU G 83 -41.60 -30.55 -50.06
N SER G 84 -42.25 -31.58 -50.58
CA SER G 84 -42.75 -32.66 -49.75
C SER G 84 -41.86 -33.88 -49.86
N SER G 85 -41.89 -34.74 -48.86
CA SER G 85 -41.14 -36.00 -48.86
C SER G 85 -39.65 -35.76 -48.87
N VAL G 86 -39.24 -34.69 -48.22
CA VAL G 86 -37.84 -34.23 -48.22
C VAL G 86 -36.77 -35.20 -47.72
N THR G 87 -35.56 -35.05 -48.26
CA THR G 87 -34.40 -35.89 -47.95
C THR G 87 -33.15 -35.01 -47.81
N ALA G 88 -32.10 -35.55 -47.20
CA ALA G 88 -30.82 -34.84 -46.96
C ALA G 88 -30.29 -34.03 -48.13
N VAL G 89 -30.51 -34.53 -49.33
CA VAL G 89 -30.09 -33.83 -50.54
C VAL G 89 -30.80 -32.48 -50.72
N ASP G 90 -31.90 -32.26 -50.00
CA ASP G 90 -32.65 -31.01 -50.07
C ASP G 90 -32.10 -29.97 -49.07
N THR G 91 -31.03 -30.32 -48.39
CA THR G 91 -30.32 -29.37 -47.57
C THR G 91 -29.68 -28.39 -48.53
N ALA G 92 -30.03 -27.12 -48.35
CA ALA G 92 -29.56 -26.05 -49.23
C ALA G 92 -29.98 -24.69 -48.70
N VAL G 93 -29.35 -23.65 -49.25
CA VAL G 93 -29.78 -22.27 -49.10
C VAL G 93 -30.84 -21.96 -50.17
N TYR G 94 -32.03 -21.54 -49.74
CA TYR G 94 -33.10 -21.26 -50.71
C TYR G 94 -33.29 -19.79 -51.03
N TYR G 95 -33.31 -19.46 -52.32
CA TYR G 95 -33.44 -18.08 -52.76
C TYR G 95 -34.70 -17.77 -53.52
N CYS G 96 -35.32 -16.65 -53.16
CA CYS G 96 -36.31 -15.98 -53.99
C CYS G 96 -35.57 -15.23 -55.03
N ALA G 97 -36.20 -15.01 -56.16
CA ALA G 97 -35.70 -14.01 -57.07
C ALA G 97 -36.85 -13.54 -57.93
N ARG G 98 -36.67 -12.40 -58.57
CA ARG G 98 -37.57 -11.97 -59.62
C ARG G 98 -36.82 -12.05 -60.95
N LYS G 99 -37.48 -12.61 -61.96
CA LYS G 99 -36.86 -12.84 -63.25
C LYS G 99 -37.40 -11.89 -64.32
N ASP G 100 -36.50 -11.37 -65.14
CA ASP G 100 -36.85 -10.57 -66.30
C ASP G 100 -37.24 -11.50 -67.42
N PRO G 101 -37.83 -10.94 -68.49
CA PRO G 101 -38.01 -11.62 -69.78
C PRO G 101 -36.71 -12.06 -70.47
N SER G 102 -35.58 -11.83 -69.81
CA SER G 102 -34.26 -11.94 -70.44
C SER G 102 -33.59 -13.30 -70.73
N ASP G 103 -33.68 -14.30 -69.86
CA ASP G 103 -34.42 -14.32 -68.61
C ASP G 103 -33.46 -14.35 -67.45
N ALA G 104 -32.98 -13.19 -67.05
CA ALA G 104 -32.01 -13.15 -65.97
C ALA G 104 -32.71 -12.81 -64.68
N PHE G 105 -31.97 -12.95 -63.59
CA PHE G 105 -32.45 -12.62 -62.25
C PHE G 105 -31.63 -11.49 -61.68
N PRO G 106 -32.05 -10.23 -61.90
CA PRO G 106 -31.31 -9.09 -61.38
C PRO G 106 -31.65 -8.83 -59.91
N TYR G 107 -32.74 -9.43 -59.43
CA TYR G 107 -33.16 -9.27 -58.04
C TYR G 107 -33.24 -10.60 -57.32
N TRP G 108 -32.71 -10.63 -56.10
CA TRP G 108 -32.63 -11.82 -55.27
C TRP G 108 -32.91 -11.54 -53.79
N GLY G 109 -33.31 -12.57 -53.06
CA GLY G 109 -33.43 -12.48 -51.61
C GLY G 109 -32.08 -12.64 -50.92
N GLN G 110 -32.10 -12.79 -49.59
CA GLN G 110 -30.84 -12.95 -48.87
C GLN G 110 -30.47 -14.43 -48.75
N GLY G 111 -31.46 -15.28 -48.89
CA GLY G 111 -31.25 -16.71 -48.74
C GLY G 111 -31.55 -17.18 -47.34
N THR G 112 -32.10 -18.38 -47.25
CA THR G 112 -32.33 -18.97 -45.96
C THR G 112 -31.91 -20.44 -46.02
N LEU G 113 -31.06 -20.84 -45.08
CA LEU G 113 -30.60 -22.21 -45.06
C LEU G 113 -31.64 -23.13 -44.44
N VAL G 114 -31.87 -24.25 -45.10
CA VAL G 114 -32.70 -25.28 -44.52
C VAL G 114 -31.86 -26.53 -44.47
N THR G 115 -31.89 -27.24 -43.34
CA THR G 115 -31.20 -28.52 -43.27
C THR G 115 -32.11 -29.63 -42.79
N VAL G 116 -31.86 -30.83 -43.29
CA VAL G 116 -32.72 -31.97 -43.05
C VAL G 116 -32.04 -33.04 -42.25
N SER G 117 -32.47 -33.14 -41.00
CA SER G 117 -31.85 -34.02 -40.03
C SER G 117 -32.95 -34.54 -39.13
N SER G 118 -32.67 -35.65 -38.47
CA SER G 118 -33.51 -36.12 -37.39
C SER G 118 -32.93 -35.69 -36.05
N ALA G 119 -31.91 -34.83 -36.10
CA ALA G 119 -31.34 -34.27 -34.88
C ALA G 119 -32.24 -33.16 -34.36
N SER G 120 -32.12 -32.89 -33.06
CA SER G 120 -32.95 -31.91 -32.38
C SER G 120 -32.20 -30.60 -32.27
N THR G 121 -32.94 -29.50 -32.38
CA THR G 121 -32.32 -28.19 -32.29
C THR G 121 -31.69 -28.08 -30.90
N LYS G 122 -30.61 -27.31 -30.79
CA LYS G 122 -29.82 -27.28 -29.57
C LYS G 122 -28.97 -26.02 -29.52
N GLY G 123 -29.04 -25.29 -28.41
CA GLY G 123 -28.27 -24.06 -28.23
C GLY G 123 -26.81 -24.33 -27.92
N PRO G 124 -25.92 -23.40 -28.31
CA PRO G 124 -24.49 -23.62 -28.11
C PRO G 124 -23.96 -23.07 -26.80
N SER G 125 -22.82 -23.60 -26.38
CA SER G 125 -22.05 -23.06 -25.28
C SER G 125 -20.86 -22.29 -25.83
N VAL G 126 -20.68 -21.06 -25.37
CA VAL G 126 -19.60 -20.19 -25.79
C VAL G 126 -18.48 -20.17 -24.76
N PHE G 127 -17.24 -20.37 -25.21
CA PHE G 127 -16.08 -20.33 -24.32
C PHE G 127 -15.06 -19.34 -24.87
N PRO G 128 -14.29 -18.70 -23.99
CA PRO G 128 -13.31 -17.72 -24.45
C PRO G 128 -11.96 -18.33 -24.81
N LEU G 129 -11.33 -17.74 -25.82
CA LEU G 129 -9.97 -18.05 -26.17
C LEU G 129 -9.13 -16.90 -25.68
N ALA G 130 -8.78 -16.97 -24.41
CA ALA G 130 -8.02 -15.92 -23.74
C ALA G 130 -6.73 -15.60 -24.47
N PRO G 131 -6.40 -14.30 -24.56
CA PRO G 131 -5.15 -13.87 -25.22
C PRO G 131 -3.91 -14.33 -24.47
N THR G 140 0.08 -6.44 -30.89
CA THR G 140 -0.56 -7.31 -31.88
C THR G 140 -0.89 -8.68 -31.29
N ALA G 141 -1.99 -8.76 -30.54
CA ALA G 141 -2.37 -10.01 -29.87
C ALA G 141 -3.70 -10.56 -30.37
N ALA G 142 -3.99 -11.81 -30.02
CA ALA G 142 -5.16 -12.49 -30.57
C ALA G 142 -6.11 -13.02 -29.51
N LEU G 143 -7.39 -12.81 -29.75
CA LEU G 143 -8.43 -13.30 -28.86
C LEU G 143 -9.66 -13.66 -29.68
N GLY G 144 -10.62 -14.34 -29.04
CA GLY G 144 -11.84 -14.72 -29.71
C GLY G 144 -12.74 -15.65 -28.92
N CYS G 145 -13.91 -15.94 -29.47
CA CYS G 145 -14.88 -16.81 -28.81
C CYS G 145 -14.91 -18.19 -29.46
N LEU G 146 -15.06 -19.21 -28.62
CA LEU G 146 -15.30 -20.54 -29.13
C LEU G 146 -16.76 -20.92 -28.95
N VAL G 147 -17.54 -20.80 -30.02
CA VAL G 147 -18.93 -21.24 -29.98
C VAL G 147 -18.93 -22.73 -30.22
N LYS G 148 -19.68 -23.47 -29.43
CA LYS G 148 -19.53 -24.92 -29.44
C LYS G 148 -20.79 -25.73 -29.14
N ASP G 149 -20.93 -26.81 -29.89
CA ASP G 149 -22.04 -27.74 -29.72
C ASP G 149 -23.39 -27.08 -29.90
N TYR G 150 -23.70 -26.74 -31.16
CA TYR G 150 -25.00 -26.23 -31.52
C TYR G 150 -25.62 -26.99 -32.68
N PHE G 151 -26.95 -27.07 -32.67
CA PHE G 151 -27.69 -27.62 -33.81
C PHE G 151 -29.02 -26.87 -33.94
N PRO G 152 -29.40 -26.51 -35.18
CA PRO G 152 -28.70 -26.59 -36.46
C PRO G 152 -27.97 -25.30 -36.83
N GLU G 153 -27.44 -25.23 -38.04
CA GLU G 153 -26.91 -23.98 -38.55
C GLU G 153 -28.02 -22.97 -38.74
N PRO G 154 -27.71 -21.67 -38.64
CA PRO G 154 -26.39 -21.11 -38.38
C PRO G 154 -26.26 -20.47 -37.01
N VAL G 155 -25.08 -19.95 -36.74
CA VAL G 155 -24.82 -19.12 -35.56
C VAL G 155 -24.16 -17.84 -36.06
N THR G 156 -24.59 -16.69 -35.54
CA THR G 156 -24.04 -15.41 -35.98
C THR G 156 -23.19 -14.75 -34.88
N VAL G 157 -22.05 -14.21 -35.25
CA VAL G 157 -21.17 -13.57 -34.26
C VAL G 157 -20.77 -12.15 -34.69
N SER G 158 -20.77 -11.25 -33.72
CA SER G 158 -20.26 -9.91 -33.90
C SER G 158 -19.48 -9.56 -32.66
N TRP G 159 -18.61 -8.56 -32.76
CA TRP G 159 -17.80 -8.17 -31.62
C TRP G 159 -18.22 -6.80 -31.14
N ASN G 160 -18.47 -6.69 -29.84
CA ASN G 160 -18.94 -5.44 -29.25
C ASN G 160 -20.23 -4.95 -29.91
N SER G 161 -21.24 -5.82 -29.95
CA SER G 161 -22.62 -5.44 -30.33
C SER G 161 -22.81 -4.66 -31.63
N GLY G 162 -22.03 -5.02 -32.64
CA GLY G 162 -22.03 -4.31 -33.92
C GLY G 162 -20.57 -4.14 -34.28
N ALA G 163 -20.21 -3.04 -34.92
CA ALA G 163 -18.81 -2.66 -35.00
C ALA G 163 -18.41 -2.35 -33.56
N LEU G 164 -17.14 -2.56 -33.18
CA LEU G 164 -16.05 -2.78 -34.11
C LEU G 164 -15.85 -4.21 -34.60
N THR G 165 -15.37 -4.28 -35.84
CA THR G 165 -15.28 -5.49 -36.62
C THR G 165 -14.11 -5.28 -37.55
N SER G 166 -12.91 -5.43 -37.01
CA SER G 166 -11.71 -5.35 -37.84
C SER G 166 -10.71 -6.36 -37.33
N GLY G 167 -10.19 -7.18 -38.23
CA GLY G 167 -9.28 -8.25 -37.86
C GLY G 167 -10.07 -9.43 -37.34
N VAL G 168 -11.39 -9.35 -37.57
CA VAL G 168 -12.36 -10.34 -37.10
C VAL G 168 -12.52 -11.45 -38.11
N HIS G 169 -12.40 -12.69 -37.66
CA HIS G 169 -12.53 -13.83 -38.53
C HIS G 169 -13.36 -14.91 -37.87
N THR G 170 -14.60 -15.09 -38.33
CA THR G 170 -15.43 -16.18 -37.84
C THR G 170 -15.32 -17.30 -38.86
N PHE G 171 -15.09 -18.52 -38.39
CA PHE G 171 -14.81 -19.63 -39.29
C PHE G 171 -16.06 -20.41 -39.66
N PRO G 172 -16.03 -21.10 -40.81
CA PRO G 172 -17.15 -21.95 -41.16
C PRO G 172 -17.38 -22.96 -40.05
N ALA G 173 -18.63 -23.30 -39.79
CA ALA G 173 -18.93 -24.33 -38.80
C ALA G 173 -18.48 -25.67 -39.34
N VAL G 174 -18.16 -26.58 -38.41
CA VAL G 174 -17.64 -27.88 -38.77
C VAL G 174 -18.29 -28.95 -37.92
N LEU G 175 -18.79 -29.99 -38.60
CA LEU G 175 -19.55 -31.05 -37.96
C LEU G 175 -18.64 -31.99 -37.20
N GLN G 176 -18.87 -32.11 -35.90
CA GLN G 176 -18.07 -33.00 -35.07
C GLN G 176 -18.63 -34.41 -35.20
N SER G 177 -17.96 -35.37 -34.57
CA SER G 177 -18.45 -36.75 -34.58
C SER G 177 -19.76 -36.84 -33.79
N SER G 178 -19.92 -35.94 -32.83
CA SER G 178 -21.13 -35.87 -32.02
C SER G 178 -22.35 -35.51 -32.87
N GLY G 179 -22.14 -34.71 -33.91
CA GLY G 179 -23.24 -34.35 -34.80
C GLY G 179 -23.79 -32.97 -34.53
N LEU G 180 -23.00 -32.17 -33.83
CA LEU G 180 -23.37 -30.79 -33.59
C LEU G 180 -22.19 -29.99 -34.06
N TYR G 181 -22.42 -28.75 -34.43
CA TYR G 181 -21.37 -27.92 -34.99
C TYR G 181 -20.63 -27.19 -33.91
N SER G 182 -19.62 -26.45 -34.36
CA SER G 182 -18.81 -25.65 -33.48
C SER G 182 -17.99 -24.77 -34.37
N LEU G 183 -17.66 -23.60 -33.87
CA LEU G 183 -16.76 -22.75 -34.61
C LEU G 183 -15.93 -21.89 -33.70
N SER G 184 -15.24 -20.94 -34.32
CA SER G 184 -14.47 -19.98 -33.61
C SER G 184 -14.66 -18.66 -34.31
N SER G 185 -14.73 -17.61 -33.50
CA SER G 185 -14.53 -16.28 -34.00
C SER G 185 -13.30 -15.76 -33.28
N VAL G 186 -12.45 -15.04 -34.00
CA VAL G 186 -11.28 -14.44 -33.40
C VAL G 186 -11.15 -13.00 -33.90
N VAL G 187 -10.28 -12.23 -33.26
CA VAL G 187 -10.01 -10.86 -33.65
C VAL G 187 -8.71 -10.41 -33.00
N THR G 188 -8.07 -9.41 -33.59
CA THR G 188 -6.83 -8.88 -33.07
C THR G 188 -6.99 -7.41 -32.65
N THR G 198 -12.04 -6.36 -28.98
CA THR G 198 -11.13 -6.66 -27.88
C THR G 198 -11.93 -7.09 -26.67
N TYR G 199 -13.18 -6.63 -26.60
CA TYR G 199 -13.92 -6.74 -25.35
C TYR G 199 -14.93 -7.88 -25.36
N ILE G 200 -16.02 -7.74 -26.11
CA ILE G 200 -17.13 -8.69 -25.96
C ILE G 200 -17.54 -9.43 -27.23
N CYS G 201 -17.82 -10.73 -27.04
CA CYS G 201 -18.24 -11.63 -28.10
C CYS G 201 -19.76 -11.80 -28.05
N ASN G 202 -20.44 -11.29 -29.08
CA ASN G 202 -21.90 -11.32 -29.15
C ASN G 202 -22.41 -12.40 -30.11
N VAL G 203 -22.96 -13.46 -29.53
CA VAL G 203 -23.23 -14.70 -30.24
C VAL G 203 -24.71 -15.04 -30.33
N ASN G 204 -25.21 -15.13 -31.56
CA ASN G 204 -26.63 -15.34 -31.80
C ASN G 204 -26.97 -16.67 -32.49
N HIS G 205 -27.74 -17.51 -31.84
CA HIS G 205 -28.22 -18.72 -32.48
C HIS G 205 -29.74 -18.80 -32.43
N LYS G 206 -30.35 -18.31 -33.50
CA LYS G 206 -31.80 -18.14 -33.59
C LYS G 206 -32.62 -19.40 -33.33
N PRO G 207 -32.32 -20.53 -34.03
CA PRO G 207 -33.22 -21.69 -33.94
C PRO G 207 -33.53 -22.19 -32.52
N GLU H 1 -33.08 -31.43 -70.44
CA GLU H 1 -32.80 -30.01 -70.23
C GLU H 1 -31.50 -29.63 -70.91
N ILE H 2 -31.16 -28.34 -70.87
CA ILE H 2 -29.89 -27.89 -71.40
C ILE H 2 -28.83 -27.83 -70.30
N VAL H 3 -27.71 -28.50 -70.54
CA VAL H 3 -26.61 -28.57 -69.59
C VAL H 3 -25.49 -27.59 -69.91
N LEU H 4 -25.04 -26.82 -68.91
CA LEU H 4 -23.93 -25.90 -69.08
C LEU H 4 -22.71 -26.39 -68.31
N THR H 5 -21.62 -26.60 -69.04
CA THR H 5 -20.36 -27.00 -68.46
C THR H 5 -19.41 -25.83 -68.43
N GLN H 6 -18.98 -25.49 -67.23
CA GLN H 6 -18.02 -24.42 -67.04
C GLN H 6 -16.64 -25.02 -66.85
N SER H 7 -15.63 -24.28 -67.29
CA SER H 7 -14.25 -24.63 -67.00
C SER H 7 -13.35 -23.40 -66.97
N PRO H 8 -12.29 -23.44 -66.15
CA PRO H 8 -11.98 -24.54 -65.23
C PRO H 8 -12.96 -24.51 -64.04
N ASP H 9 -12.82 -25.38 -63.05
CA ASP H 9 -13.68 -25.31 -61.88
C ASP H 9 -13.16 -24.27 -60.90
N PHE H 10 -11.90 -23.95 -61.11
CA PHE H 10 -11.13 -23.18 -60.17
C PHE H 10 -9.87 -22.72 -60.89
N GLN H 11 -9.59 -21.42 -60.85
CA GLN H 11 -8.28 -20.96 -61.25
C GLN H 11 -7.76 -19.83 -60.38
N SER H 12 -6.47 -19.89 -60.09
CA SER H 12 -5.76 -18.92 -59.28
C SER H 12 -4.96 -18.01 -60.22
N VAL H 13 -5.17 -16.71 -60.11
CA VAL H 13 -4.52 -15.77 -61.00
C VAL H 13 -3.85 -14.64 -60.21
N THR H 14 -2.64 -14.26 -60.65
CA THR H 14 -1.91 -13.17 -60.06
C THR H 14 -2.64 -11.86 -60.26
N PRO H 15 -2.64 -11.00 -59.23
CA PRO H 15 -3.23 -9.65 -59.26
C PRO H 15 -2.87 -8.85 -60.52
N LYS H 16 -3.91 -8.37 -61.21
CA LYS H 16 -3.83 -7.51 -62.40
C LYS H 16 -3.65 -8.23 -63.74
N GLU H 17 -3.71 -9.56 -63.71
CA GLU H 17 -3.63 -10.34 -64.96
C GLU H 17 -5.01 -10.86 -65.33
N LYS H 18 -5.07 -11.77 -66.29
CA LYS H 18 -6.36 -12.14 -66.86
C LYS H 18 -6.98 -13.45 -66.36
N VAL H 19 -8.26 -13.37 -66.01
CA VAL H 19 -9.08 -14.54 -65.72
C VAL H 19 -10.05 -14.81 -66.87
N THR H 20 -10.07 -16.05 -67.36
CA THR H 20 -10.90 -16.42 -68.49
C THR H 20 -11.73 -17.65 -68.12
N ILE H 21 -13.05 -17.47 -68.08
CA ILE H 21 -13.98 -18.54 -67.71
C ILE H 21 -14.82 -18.91 -68.90
N THR H 22 -14.71 -20.15 -69.35
CA THR H 22 -15.50 -20.59 -70.50
C THR H 22 -16.77 -21.35 -70.14
N CYS H 23 -17.69 -21.42 -71.09
CA CYS H 23 -18.94 -22.11 -70.89
C CYS H 23 -19.38 -22.78 -72.19
N ARG H 24 -19.83 -24.02 -72.07
CA ARG H 24 -20.28 -24.82 -73.18
C ARG H 24 -21.72 -25.24 -72.95
N ALA H 25 -22.55 -25.07 -73.98
CA ALA H 25 -23.95 -25.52 -73.93
C ALA H 25 -24.12 -26.93 -74.51
N SER H 26 -25.25 -27.54 -74.20
CA SER H 26 -25.62 -28.84 -74.77
C SER H 26 -26.00 -28.69 -76.23
N GLN H 27 -26.71 -27.61 -76.56
CA GLN H 27 -27.06 -27.34 -77.95
C GLN H 27 -27.03 -25.83 -78.14
N SER H 28 -27.17 -25.36 -79.36
CA SER H 28 -27.09 -23.93 -79.60
C SER H 28 -28.21 -23.18 -78.89
N ILE H 29 -27.84 -22.12 -78.21
CA ILE H 29 -28.75 -21.18 -77.60
C ILE H 29 -28.67 -19.71 -78.07
N SER H 30 -28.04 -19.39 -79.18
CA SER H 30 -27.99 -18.01 -79.64
C SER H 30 -27.27 -17.09 -78.68
N ASP H 31 -27.88 -16.00 -78.24
CA ASP H 31 -27.28 -15.16 -77.21
C ASP H 31 -27.85 -15.25 -75.76
N HIS H 32 -28.70 -16.22 -75.52
CA HIS H 32 -29.43 -16.23 -74.27
C HIS H 32 -28.58 -16.83 -73.18
N LEU H 33 -27.47 -16.15 -72.84
CA LEU H 33 -26.56 -16.56 -71.74
C LEU H 33 -26.23 -15.42 -70.77
N HIS H 34 -26.44 -15.66 -69.48
CA HIS H 34 -26.25 -14.65 -68.46
C HIS H 34 -25.13 -14.98 -67.49
N TRP H 35 -24.51 -13.95 -66.94
CA TRP H 35 -23.39 -14.17 -66.03
C TRP H 35 -23.58 -13.54 -64.64
N TYR H 36 -23.19 -14.29 -63.62
CA TYR H 36 -23.42 -13.93 -62.23
C TYR H 36 -22.14 -14.09 -61.40
N GLN H 37 -21.92 -13.15 -60.49
CA GLN H 37 -20.81 -13.20 -59.56
C GLN H 37 -21.39 -13.51 -58.18
N GLN H 38 -20.86 -14.51 -57.49
CA GLN H 38 -21.31 -14.74 -56.12
C GLN H 38 -20.15 -14.72 -55.12
N LYS H 39 -20.13 -13.69 -54.28
CA LYS H 39 -19.17 -13.62 -53.22
C LYS H 39 -19.80 -14.40 -52.07
N PRO H 40 -19.00 -15.18 -51.35
CA PRO H 40 -19.45 -16.12 -50.31
C PRO H 40 -20.51 -15.58 -49.34
N ASP H 41 -21.44 -16.45 -48.97
CA ASP H 41 -22.48 -16.12 -48.00
C ASP H 41 -23.22 -14.87 -48.41
N GLN H 42 -23.59 -14.83 -49.69
CA GLN H 42 -24.32 -13.71 -50.28
C GLN H 42 -25.19 -14.33 -51.38
N SER H 43 -26.11 -13.54 -51.92
CA SER H 43 -26.85 -13.93 -53.11
C SER H 43 -25.99 -13.65 -54.33
N PRO H 44 -26.20 -14.41 -55.43
CA PRO H 44 -25.50 -14.06 -56.67
C PRO H 44 -25.84 -12.65 -57.11
N LYS H 45 -25.08 -12.16 -58.08
CA LYS H 45 -25.21 -10.78 -58.51
C LYS H 45 -25.07 -10.78 -60.03
N LEU H 46 -26.09 -10.29 -60.73
CA LEU H 46 -26.06 -10.28 -62.18
C LEU H 46 -24.88 -9.45 -62.65
N LEU H 47 -24.09 -9.97 -63.59
CA LEU H 47 -22.93 -9.26 -64.12
C LEU H 47 -23.10 -8.87 -65.57
N ILE H 48 -23.57 -9.82 -66.38
CA ILE H 48 -23.73 -9.64 -67.82
C ILE H 48 -25.00 -10.32 -68.32
N LYS H 49 -25.75 -9.55 -69.10
CA LYS H 49 -26.99 -9.94 -69.74
C LYS H 49 -26.65 -10.07 -71.18
N TYR H 50 -27.05 -11.16 -71.78
CA TYR H 50 -27.01 -11.39 -73.23
C TYR H 50 -25.59 -11.58 -73.77
N ALA H 51 -24.66 -11.70 -72.87
CA ALA H 51 -23.33 -12.26 -73.06
C ALA H 51 -22.31 -11.27 -73.50
N SER H 52 -22.78 -10.10 -73.93
CA SER H 52 -21.94 -9.04 -74.38
C SER H 52 -22.22 -7.93 -73.49
N HIS H 53 -23.36 -7.98 -72.85
CA HIS H 53 -23.96 -6.76 -72.31
C HIS H 53 -23.82 -6.60 -70.81
N ALA H 54 -22.97 -5.68 -70.40
CA ALA H 54 -22.75 -5.41 -68.99
C ALA H 54 -23.96 -4.81 -68.27
N ILE H 55 -24.07 -5.14 -66.99
CA ILE H 55 -25.07 -4.57 -66.10
C ILE H 55 -24.54 -3.20 -65.67
N SER H 56 -25.44 -2.30 -65.26
CA SER H 56 -25.04 -0.96 -64.87
C SER H 56 -24.42 -0.92 -63.47
N GLY H 57 -23.28 -0.24 -63.36
CA GLY H 57 -22.53 -0.16 -62.13
C GLY H 57 -21.39 -1.16 -62.09
N VAL H 58 -21.25 -1.89 -63.19
CA VAL H 58 -20.29 -2.99 -63.24
C VAL H 58 -18.93 -2.50 -63.72
N PRO H 59 -17.87 -2.81 -62.95
CA PRO H 59 -16.52 -2.41 -63.31
C PRO H 59 -16.17 -2.86 -64.71
N SER H 60 -15.28 -2.08 -65.33
CA SER H 60 -14.95 -2.18 -66.72
C SER H 60 -14.07 -3.38 -66.99
N ARG H 61 -13.62 -4.04 -65.93
CA ARG H 61 -12.68 -5.14 -66.10
C ARG H 61 -13.43 -6.41 -66.45
N PHE H 62 -14.75 -6.33 -66.39
CA PHE H 62 -15.63 -7.45 -66.72
C PHE H 62 -16.18 -7.40 -68.14
N SER H 63 -15.85 -8.42 -68.94
CA SER H 63 -16.29 -8.50 -70.32
C SER H 63 -16.75 -9.90 -70.67
N GLY H 64 -17.87 -9.99 -71.37
CA GLY H 64 -18.41 -11.27 -71.79
C GLY H 64 -18.48 -11.33 -73.29
N SER H 65 -18.48 -12.55 -73.83
CA SER H 65 -18.45 -12.74 -75.28
C SER H 65 -18.91 -14.12 -75.72
N GLY H 66 -19.12 -14.26 -77.03
CA GLY H 66 -19.43 -15.55 -77.63
C GLY H 66 -20.89 -15.73 -77.98
N SER H 67 -21.19 -16.75 -78.79
CA SER H 67 -22.56 -17.10 -79.09
C SER H 67 -22.71 -18.59 -79.44
N GLY H 68 -23.94 -19.04 -79.62
CA GLY H 68 -24.20 -20.38 -80.09
C GLY H 68 -24.05 -21.51 -79.09
N THR H 69 -22.85 -22.06 -78.98
CA THR H 69 -22.59 -23.13 -78.02
C THR H 69 -21.51 -22.71 -77.01
N ASP H 70 -20.67 -21.77 -77.43
CA ASP H 70 -19.51 -21.42 -76.64
C ASP H 70 -19.42 -19.96 -76.21
N PHE H 71 -19.31 -19.79 -74.90
CA PHE H 71 -19.31 -18.49 -74.29
C PHE H 71 -18.18 -18.38 -73.25
N THR H 72 -17.82 -17.14 -72.94
CA THR H 72 -16.66 -16.80 -72.14
C THR H 72 -16.89 -15.55 -71.32
N LEU H 73 -16.45 -15.59 -70.07
CA LEU H 73 -16.44 -14.43 -69.20
C LEU H 73 -14.99 -14.02 -69.00
N THR H 74 -14.71 -12.73 -68.97
CA THR H 74 -13.30 -12.31 -68.90
C THR H 74 -13.04 -11.19 -67.87
N ILE H 75 -11.99 -11.38 -67.10
CA ILE H 75 -11.55 -10.40 -66.11
C ILE H 75 -10.17 -9.91 -66.50
N ASN H 76 -10.13 -8.70 -67.04
CA ASN H 76 -8.91 -8.10 -67.58
C ASN H 76 -7.83 -7.90 -66.54
N SER H 77 -8.20 -7.31 -65.41
CA SER H 77 -7.22 -7.03 -64.36
C SER H 77 -7.77 -7.45 -63.01
N LEU H 78 -7.42 -8.68 -62.60
CA LEU H 78 -7.95 -9.29 -61.39
C LEU H 78 -7.77 -8.40 -60.15
N GLU H 79 -8.87 -8.08 -59.49
CA GLU H 79 -8.80 -7.33 -58.25
C GLU H 79 -8.99 -8.24 -57.07
N ALA H 80 -8.54 -7.79 -55.91
CA ALA H 80 -8.81 -8.50 -54.67
C ALA H 80 -10.33 -8.64 -54.46
N GLU H 81 -11.06 -7.59 -54.85
CA GLU H 81 -12.52 -7.56 -54.80
C GLU H 81 -13.19 -8.72 -55.54
N ASP H 82 -12.53 -9.20 -56.60
CA ASP H 82 -13.17 -10.08 -57.58
C ASP H 82 -13.14 -11.56 -57.23
N ALA H 83 -12.47 -11.88 -56.13
CA ALA H 83 -12.52 -13.23 -55.57
C ALA H 83 -13.98 -13.61 -55.36
N ALA H 84 -14.40 -14.64 -56.09
CA ALA H 84 -15.76 -15.14 -55.98
C ALA H 84 -15.88 -16.39 -56.84
N THR H 85 -17.09 -16.93 -56.87
CA THR H 85 -17.41 -17.99 -57.81
C THR H 85 -18.44 -17.45 -58.80
N TYR H 86 -18.24 -17.77 -60.08
CA TYR H 86 -18.99 -17.18 -61.17
C TYR H 86 -19.86 -18.21 -61.89
N TYR H 87 -21.08 -17.83 -62.32
CA TYR H 87 -22.01 -18.75 -62.98
C TYR H 87 -22.52 -18.36 -64.40
N CYS H 88 -22.46 -19.32 -65.33
CA CYS H 88 -23.20 -19.33 -66.59
C CYS H 88 -24.67 -19.42 -66.24
N GLN H 89 -25.55 -18.69 -66.94
CA GLN H 89 -26.99 -19.01 -66.88
C GLN H 89 -27.72 -18.88 -68.22
N GLN H 90 -28.59 -19.84 -68.49
CA GLN H 90 -29.26 -19.94 -69.79
C GLN H 90 -30.73 -19.53 -69.76
N GLY H 91 -31.12 -18.64 -70.67
CA GLY H 91 -32.50 -18.19 -70.72
C GLY H 91 -33.21 -18.66 -71.98
N HIS H 92 -32.71 -19.73 -72.58
CA HIS H 92 -33.16 -20.10 -73.90
C HIS H 92 -34.46 -20.88 -73.91
N SER H 93 -34.55 -21.86 -73.04
CA SER H 93 -35.75 -22.67 -72.92
C SER H 93 -35.91 -23.16 -71.49
N PHE H 94 -37.13 -23.51 -71.10
CA PHE H 94 -37.37 -24.09 -69.79
C PHE H 94 -37.09 -25.58 -69.86
N PRO H 95 -36.55 -26.18 -68.77
CA PRO H 95 -36.25 -25.61 -67.46
C PRO H 95 -34.92 -24.85 -67.43
N LEU H 96 -34.91 -23.76 -66.65
CA LEU H 96 -33.73 -22.92 -66.53
C LEU H 96 -32.57 -23.65 -65.85
N THR H 97 -31.38 -23.45 -66.39
CA THR H 97 -30.20 -24.15 -65.90
C THR H 97 -28.99 -23.25 -65.68
N PHE H 98 -28.16 -23.62 -64.70
CA PHE H 98 -26.91 -22.91 -64.43
C PHE H 98 -25.70 -23.79 -64.71
N GLY H 99 -24.58 -23.15 -65.01
CA GLY H 99 -23.30 -23.85 -65.04
C GLY H 99 -22.88 -24.27 -63.65
N GLY H 100 -21.89 -25.15 -63.54
CA GLY H 100 -21.45 -25.69 -62.26
C GLY H 100 -20.84 -24.70 -61.27
N GLY H 101 -20.27 -23.62 -61.78
CA GLY H 101 -19.58 -22.66 -60.95
C GLY H 101 -18.08 -22.65 -61.18
N THR H 102 -17.48 -21.47 -61.17
CA THR H 102 -16.02 -21.32 -61.25
C THR H 102 -15.47 -20.44 -60.12
N LYS H 103 -14.73 -21.05 -59.19
CA LYS H 103 -14.10 -20.29 -58.12
C LYS H 103 -12.84 -19.54 -58.62
N VAL H 104 -12.71 -18.27 -58.24
CA VAL H 104 -11.55 -17.49 -58.66
C VAL H 104 -10.73 -17.00 -57.47
N GLU H 105 -9.54 -17.55 -57.29
CA GLU H 105 -8.66 -17.11 -56.21
C GLU H 105 -7.61 -16.12 -56.71
N ILE H 106 -7.27 -15.13 -55.90
CA ILE H 106 -6.24 -14.16 -56.22
C ILE H 106 -4.87 -14.66 -55.79
N LYS H 107 -3.93 -14.71 -56.72
CA LYS H 107 -2.57 -15.17 -56.43
C LYS H 107 -1.67 -14.03 -55.95
N ARG H 108 -1.96 -13.49 -54.76
CA ARG H 108 -1.09 -12.50 -54.16
C ARG H 108 0.27 -13.11 -53.80
N THR H 109 1.11 -12.30 -53.19
CA THR H 109 2.44 -12.75 -52.82
C THR H 109 2.41 -13.59 -51.56
N VAL H 110 3.46 -14.37 -51.34
CA VAL H 110 3.56 -15.20 -50.15
C VAL H 110 3.47 -14.38 -48.85
N ALA H 111 2.68 -14.87 -47.90
CA ALA H 111 2.56 -14.24 -46.60
C ALA H 111 2.61 -15.31 -45.53
N ALA H 112 3.62 -15.22 -44.68
CA ALA H 112 3.78 -16.18 -43.59
C ALA H 112 2.71 -15.95 -42.54
N PRO H 113 2.19 -17.04 -41.97
CA PRO H 113 1.11 -16.96 -40.98
C PRO H 113 1.64 -16.48 -39.62
N SER H 114 0.77 -15.89 -38.81
CA SER H 114 1.10 -15.60 -37.43
C SER H 114 0.35 -16.62 -36.61
N VAL H 115 0.97 -17.11 -35.55
CA VAL H 115 0.43 -18.27 -34.82
C VAL H 115 0.01 -17.98 -33.39
N PHE H 116 -1.12 -18.53 -32.98
CA PHE H 116 -1.58 -18.37 -31.62
C PHE H 116 -2.19 -19.65 -31.07
N ILE H 117 -1.84 -19.98 -29.83
CA ILE H 117 -2.42 -21.12 -29.18
C ILE H 117 -3.23 -20.72 -27.96
N PHE H 118 -4.45 -21.23 -27.89
CA PHE H 118 -5.35 -20.93 -26.78
C PHE H 118 -5.73 -22.21 -26.05
N PRO H 119 -5.18 -22.39 -24.84
CA PRO H 119 -5.60 -23.49 -23.97
C PRO H 119 -7.07 -23.30 -23.59
N PRO H 120 -7.79 -24.40 -23.35
CA PRO H 120 -9.22 -24.39 -23.02
C PRO H 120 -9.59 -23.37 -21.94
N SER H 121 -10.82 -22.86 -22.01
CA SER H 121 -11.34 -22.01 -20.96
C SER H 121 -11.60 -22.87 -19.74
N ASP H 122 -11.31 -22.34 -18.55
CA ASP H 122 -11.59 -23.09 -17.34
C ASP H 122 -13.10 -23.20 -17.19
N GLU H 123 -13.82 -22.33 -17.90
CA GLU H 123 -15.26 -22.45 -18.08
C GLU H 123 -15.61 -23.82 -18.69
N GLN H 124 -14.78 -24.27 -19.61
CA GLN H 124 -15.06 -25.46 -20.42
C GLN H 124 -14.68 -26.77 -19.74
N LEU H 125 -13.74 -26.68 -18.81
CA LEU H 125 -13.24 -27.86 -18.12
C LEU H 125 -14.32 -28.49 -17.24
N LYS H 126 -15.07 -27.65 -16.54
CA LYS H 126 -16.16 -28.09 -15.66
C LYS H 126 -17.14 -29.00 -16.42
N SER H 127 -17.43 -28.62 -17.65
CA SER H 127 -18.24 -29.43 -18.55
C SER H 127 -17.61 -30.80 -18.79
N GLY H 128 -16.29 -30.84 -18.96
CA GLY H 128 -15.62 -32.12 -19.15
C GLY H 128 -15.05 -32.41 -20.53
N THR H 129 -14.94 -31.37 -21.35
CA THR H 129 -14.33 -31.46 -22.69
C THR H 129 -13.19 -30.44 -22.74
N ALA H 130 -12.14 -30.72 -23.51
CA ALA H 130 -11.03 -29.78 -23.63
C ALA H 130 -10.70 -29.41 -25.07
N SER H 131 -10.80 -28.12 -25.37
CA SER H 131 -10.54 -27.62 -26.71
C SER H 131 -9.30 -26.76 -26.72
N VAL H 132 -8.28 -27.24 -27.44
CA VAL H 132 -7.04 -26.51 -27.56
C VAL H 132 -6.92 -26.06 -29.02
N VAL H 133 -7.09 -24.77 -29.27
CA VAL H 133 -7.05 -24.31 -30.65
C VAL H 133 -5.71 -23.69 -31.03
N CYS H 134 -5.36 -23.86 -32.30
CA CYS H 134 -4.17 -23.24 -32.85
C CYS H 134 -4.58 -22.34 -34.00
N LEU H 135 -4.21 -21.07 -33.90
CA LEU H 135 -4.64 -20.08 -34.87
C LEU H 135 -3.51 -19.64 -35.79
N LEU H 136 -3.77 -19.73 -37.09
CA LEU H 136 -2.82 -19.34 -38.13
C LEU H 136 -3.43 -18.18 -38.89
N ASN H 137 -2.87 -17.01 -38.69
CA ASN H 137 -3.53 -15.82 -39.16
C ASN H 137 -2.87 -15.20 -40.37
N ASN H 138 -3.69 -14.88 -41.37
CA ASN H 138 -3.25 -14.12 -42.53
C ASN H 138 -2.08 -14.72 -43.33
N PHE H 139 -2.32 -15.86 -43.98
CA PHE H 139 -1.27 -16.50 -44.77
C PHE H 139 -1.73 -16.75 -46.22
N TYR H 140 -0.79 -16.75 -47.15
CA TYR H 140 -1.07 -17.21 -48.51
C TYR H 140 0.20 -17.91 -49.04
N PRO H 141 0.03 -19.02 -49.79
CA PRO H 141 -1.18 -19.68 -50.30
C PRO H 141 -1.96 -20.41 -49.22
N ARG H 142 -2.99 -21.14 -49.61
CA ARG H 142 -3.84 -21.79 -48.64
C ARG H 142 -3.18 -23.01 -48.02
N GLU H 143 -2.38 -23.68 -48.84
CA GLU H 143 -1.73 -24.93 -48.42
C GLU H 143 -0.83 -24.72 -47.21
N ALA H 144 -0.98 -25.58 -46.20
CA ALA H 144 -0.29 -25.40 -44.92
C ALA H 144 -0.60 -26.55 -43.96
N LYS H 145 0.40 -26.93 -43.19
CA LYS H 145 0.33 -28.14 -42.39
C LYS H 145 0.37 -27.81 -40.92
N VAL H 146 -0.47 -28.47 -40.14
CA VAL H 146 -0.53 -28.23 -38.70
C VAL H 146 -0.32 -29.51 -37.91
N GLN H 147 0.70 -29.51 -37.07
CA GLN H 147 1.05 -30.70 -36.32
C GLN H 147 0.81 -30.53 -34.82
N TRP H 148 0.00 -31.41 -34.24
CA TRP H 148 -0.23 -31.40 -32.79
C TRP H 148 0.72 -32.38 -32.10
N LYS H 149 1.46 -31.86 -31.12
CA LYS H 149 2.44 -32.65 -30.38
C LYS H 149 2.18 -32.59 -28.89
N VAL H 150 1.63 -33.65 -28.32
CA VAL H 150 1.36 -33.67 -26.89
C VAL H 150 2.42 -34.45 -26.09
N ASP H 151 3.08 -33.78 -25.17
CA ASP H 151 4.26 -34.34 -24.52
C ASP H 151 5.20 -34.79 -25.63
N ASN H 152 5.29 -33.96 -26.67
CA ASN H 152 6.08 -34.29 -27.86
C ASN H 152 5.71 -35.60 -28.55
N ALA H 153 4.52 -36.13 -28.29
CA ALA H 153 4.00 -37.26 -29.05
C ALA H 153 3.20 -36.68 -30.20
N LEU H 154 3.08 -37.43 -31.30
CA LEU H 154 2.43 -36.91 -32.49
C LEU H 154 0.96 -37.29 -32.58
N GLN H 155 0.16 -36.36 -33.11
CA GLN H 155 -1.28 -36.46 -33.04
C GLN H 155 -1.96 -36.54 -34.38
N SER H 156 -3.04 -37.32 -34.42
CA SER H 156 -3.80 -37.53 -35.64
C SER H 156 -5.20 -38.05 -35.34
N GLY H 157 -6.18 -37.55 -36.08
CA GLY H 157 -7.55 -38.02 -35.99
C GLY H 157 -8.42 -37.34 -34.93
N ASN H 158 -7.78 -36.59 -34.03
CA ASN H 158 -8.51 -35.95 -32.95
C ASN H 158 -8.57 -34.43 -33.13
N SER H 159 -7.94 -33.94 -34.20
CA SER H 159 -7.94 -32.52 -34.52
C SER H 159 -8.72 -32.24 -35.80
N GLN H 160 -9.37 -31.09 -35.87
CA GLN H 160 -10.13 -30.70 -37.04
C GLN H 160 -9.72 -29.31 -37.52
N GLU H 161 -9.77 -29.07 -38.83
CA GLU H 161 -9.37 -27.78 -39.39
C GLU H 161 -10.45 -27.09 -40.21
N SER H 162 -10.47 -25.75 -40.13
CA SER H 162 -11.40 -24.97 -40.92
C SER H 162 -10.71 -23.70 -41.40
N VAL H 163 -10.76 -23.49 -42.71
CA VAL H 163 -10.09 -22.37 -43.34
C VAL H 163 -11.09 -21.28 -43.67
N THR H 164 -10.68 -20.05 -43.43
CA THR H 164 -11.48 -18.89 -43.77
C THR H 164 -11.54 -18.75 -45.30
N GLU H 165 -12.59 -18.08 -45.78
CA GLU H 165 -12.71 -17.72 -47.18
C GLU H 165 -11.68 -16.64 -47.49
N GLN H 166 -11.08 -16.71 -48.67
CA GLN H 166 -10.07 -15.76 -49.04
C GLN H 166 -10.59 -14.35 -48.87
N ASP H 167 -9.85 -13.58 -48.10
CA ASP H 167 -10.21 -12.21 -47.77
C ASP H 167 -10.29 -11.35 -49.02
N SER H 168 -11.21 -10.39 -49.02
CA SER H 168 -11.40 -9.54 -50.19
C SER H 168 -10.67 -8.21 -50.04
N LYS H 169 -9.72 -8.15 -49.12
CA LYS H 169 -8.82 -7.00 -49.00
C LYS H 169 -7.39 -7.46 -49.21
N ASP H 170 -6.83 -8.14 -48.21
CA ASP H 170 -5.45 -8.58 -48.25
C ASP H 170 -5.25 -9.90 -48.99
N SER H 171 -6.34 -10.53 -49.40
CA SER H 171 -6.31 -11.72 -50.24
C SER H 171 -5.77 -12.97 -49.55
N THR H 172 -5.61 -12.89 -48.22
CA THR H 172 -5.05 -14.00 -47.45
C THR H 172 -6.11 -14.95 -46.91
N TYR H 173 -5.63 -15.99 -46.24
CA TYR H 173 -6.50 -16.95 -45.57
C TYR H 173 -6.18 -16.95 -44.09
N SER H 174 -7.02 -17.66 -43.34
CA SER H 174 -6.79 -17.91 -41.92
C SER H 174 -7.29 -19.32 -41.59
N LEU H 175 -6.59 -20.00 -40.70
CA LEU H 175 -6.89 -21.39 -40.43
C LEU H 175 -6.99 -21.66 -38.94
N SER H 176 -7.75 -22.68 -38.59
CA SER H 176 -7.88 -23.10 -37.21
C SER H 176 -7.79 -24.60 -37.10
N SER H 177 -6.83 -25.09 -36.32
CA SER H 177 -6.85 -26.50 -35.96
C SER H 177 -7.37 -26.53 -34.54
N THR H 178 -8.23 -27.49 -34.26
CA THR H 178 -8.78 -27.63 -32.92
C THR H 178 -8.54 -29.06 -32.43
N LEU H 179 -7.66 -29.16 -31.44
CA LEU H 179 -7.27 -30.44 -30.89
C LEU H 179 -8.20 -30.77 -29.75
N THR H 180 -8.88 -31.91 -29.84
CA THR H 180 -9.87 -32.27 -28.85
C THR H 180 -9.45 -33.41 -27.93
N LEU H 181 -9.79 -33.28 -26.65
CA LEU H 181 -9.54 -34.29 -25.63
C LEU H 181 -10.67 -34.19 -24.62
N SER H 182 -11.18 -35.31 -24.13
CA SER H 182 -12.12 -35.26 -22.99
C SER H 182 -11.36 -34.70 -21.79
N LYS H 183 -12.05 -34.12 -20.82
CA LYS H 183 -11.37 -33.50 -19.68
C LYS H 183 -10.43 -34.49 -19.00
N ALA H 184 -10.83 -35.76 -18.96
CA ALA H 184 -9.93 -36.83 -18.51
C ALA H 184 -8.62 -36.83 -19.33
N ASP H 185 -8.74 -36.93 -20.65
CA ASP H 185 -7.60 -37.03 -21.53
C ASP H 185 -6.67 -35.81 -21.59
N TYR H 186 -7.21 -34.62 -21.36
CA TYR H 186 -6.42 -33.39 -21.38
C TYR H 186 -5.40 -33.41 -20.26
N GLU H 187 -5.80 -34.02 -19.15
CA GLU H 187 -5.10 -33.90 -17.86
C GLU H 187 -3.96 -34.89 -17.60
N LYS H 188 -3.66 -35.75 -18.57
CA LYS H 188 -2.61 -36.76 -18.41
C LYS H 188 -1.30 -36.32 -19.02
N HIS H 189 -1.24 -35.06 -19.45
CA HIS H 189 -0.08 -34.56 -20.16
C HIS H 189 0.22 -33.15 -19.71
N LYS H 190 1.46 -32.73 -19.93
CA LYS H 190 1.93 -31.45 -19.47
C LYS H 190 1.96 -30.41 -20.59
N VAL H 191 2.62 -30.73 -21.71
CA VAL H 191 2.97 -29.72 -22.70
C VAL H 191 2.36 -29.88 -24.09
N TYR H 192 1.67 -28.83 -24.54
CA TYR H 192 0.96 -28.85 -25.81
C TYR H 192 1.59 -27.89 -26.84
N ALA H 193 1.96 -28.43 -28.00
CA ALA H 193 2.55 -27.66 -29.10
C ALA H 193 1.69 -27.71 -30.36
N CYS H 194 1.81 -26.66 -31.18
CA CYS H 194 1.17 -26.63 -32.49
C CYS H 194 2.24 -26.23 -33.49
N GLU H 195 3.04 -27.19 -33.92
CA GLU H 195 4.08 -26.92 -34.92
C GLU H 195 3.48 -26.69 -36.30
N VAL H 196 3.83 -25.56 -36.90
CA VAL H 196 3.17 -25.12 -38.13
C VAL H 196 4.11 -25.02 -39.32
N THR H 197 3.73 -25.69 -40.40
CA THR H 197 4.58 -25.84 -41.57
C THR H 197 3.96 -25.19 -42.79
N HIS H 198 4.58 -24.10 -43.23
CA HIS H 198 4.03 -23.32 -44.34
C HIS H 198 5.17 -22.75 -45.16
N GLN H 199 4.87 -22.45 -46.42
CA GLN H 199 5.87 -21.99 -47.37
C GLN H 199 6.41 -20.59 -47.04
N GLY H 200 5.67 -19.87 -46.20
CA GLY H 200 6.07 -18.52 -45.81
C GLY H 200 7.10 -18.54 -44.71
N LEU H 201 7.25 -19.69 -44.07
CA LEU H 201 8.19 -19.90 -42.98
C LEU H 201 9.46 -20.58 -43.49
N SER H 202 10.60 -19.94 -43.27
CA SER H 202 11.89 -20.53 -43.61
C SER H 202 12.11 -21.81 -42.83
N SER H 203 11.77 -21.74 -41.55
CA SER H 203 11.83 -22.87 -40.65
C SER H 203 10.43 -22.98 -40.05
N PRO H 204 10.10 -24.13 -39.45
CA PRO H 204 8.78 -24.35 -38.83
C PRO H 204 8.56 -23.41 -37.64
N VAL H 205 7.31 -23.08 -37.37
CA VAL H 205 6.99 -22.25 -36.20
C VAL H 205 6.12 -22.99 -35.19
N THR H 206 6.57 -23.00 -33.94
CA THR H 206 5.82 -23.67 -32.91
C THR H 206 5.35 -22.67 -31.86
N LYS H 207 4.18 -22.94 -31.27
CA LYS H 207 3.64 -22.14 -30.20
C LYS H 207 3.13 -23.13 -29.14
N SER H 208 3.33 -22.81 -27.86
CA SER H 208 3.05 -23.81 -26.82
C SER H 208 2.69 -23.24 -25.45
N PHE H 209 2.17 -24.14 -24.62
CA PHE H 209 1.91 -23.85 -23.23
C PHE H 209 2.06 -25.15 -22.46
N ASN H 210 2.53 -25.07 -21.22
CA ASN H 210 2.36 -26.18 -20.30
C ASN H 210 1.07 -25.81 -19.56
N ARG H 211 0.17 -26.76 -19.36
CA ARG H 211 -1.13 -26.40 -18.81
C ARG H 211 -0.94 -25.78 -17.43
N GLY H 212 -1.92 -25.02 -16.98
CA GLY H 212 -1.78 -24.24 -15.77
C GLY H 212 -1.21 -22.87 -16.08
N GLN I 1 -15.53 37.85 -31.28
CA GLN I 1 -15.67 37.77 -29.84
C GLN I 1 -16.84 36.86 -29.44
N VAL I 2 -16.57 35.57 -29.52
CA VAL I 2 -17.45 34.52 -29.09
C VAL I 2 -16.57 33.68 -28.22
N GLN I 3 -17.08 33.33 -27.06
CA GLN I 3 -16.31 32.58 -26.13
C GLN I 3 -16.93 31.20 -26.06
N LEU I 4 -16.11 30.18 -25.92
CA LEU I 4 -16.61 28.84 -25.67
C LEU I 4 -15.82 28.27 -24.51
N GLN I 5 -16.50 27.51 -23.67
CA GLN I 5 -15.90 26.98 -22.44
C GLN I 5 -16.47 25.61 -22.14
N GLU I 6 -15.60 24.61 -22.09
CA GLU I 6 -16.05 23.28 -21.78
C GLU I 6 -15.85 22.98 -20.30
N SER I 7 -16.59 22.00 -19.79
CA SER I 7 -16.53 21.67 -18.37
C SER I 7 -17.14 20.29 -18.08
N GLY I 8 -16.46 19.53 -17.23
CA GLY I 8 -16.94 18.22 -16.81
C GLY I 8 -15.95 17.57 -15.87
N PRO I 9 -16.29 16.42 -15.28
CA PRO I 9 -15.30 15.71 -14.46
C PRO I 9 -14.06 15.40 -15.28
N GLY I 10 -12.88 15.53 -14.69
CA GLY I 10 -11.64 15.24 -15.39
C GLY I 10 -11.17 13.82 -15.19
N LEU I 11 -12.03 13.01 -14.57
CA LEU I 11 -11.71 11.63 -14.30
C LEU I 11 -13.02 10.84 -14.33
N VAL I 12 -12.98 9.65 -14.92
CA VAL I 12 -14.16 8.81 -15.05
C VAL I 12 -13.70 7.36 -15.08
N LYS I 13 -14.50 6.46 -14.51
CA LYS I 13 -14.13 5.04 -14.40
C LYS I 13 -14.55 4.29 -15.59
N PRO I 14 -13.63 3.32 -15.99
CA PRO I 14 -14.02 2.62 -17.21
C PRO I 14 -15.33 1.94 -17.16
N SER I 15 -16.04 2.05 -18.29
CA SER I 15 -17.37 1.50 -18.54
C SER I 15 -18.43 2.49 -18.27
N ASP I 16 -18.05 3.60 -17.71
CA ASP I 16 -19.00 4.61 -17.36
C ASP I 16 -19.08 5.66 -18.44
N THR I 17 -20.06 6.53 -18.38
CA THR I 17 -20.21 7.52 -19.46
C THR I 17 -19.64 8.92 -19.17
N LEU I 18 -18.97 9.46 -20.19
CA LEU I 18 -18.27 10.73 -20.11
C LEU I 18 -19.19 11.88 -20.47
N SER I 19 -19.50 12.74 -19.52
CA SER I 19 -20.35 13.88 -19.79
C SER I 19 -19.60 15.20 -19.61
N LEU I 20 -19.81 16.09 -20.57
CA LEU I 20 -19.07 17.33 -20.68
C LEU I 20 -20.04 18.31 -21.25
N THR I 21 -19.96 19.58 -20.85
CA THR I 21 -20.88 20.58 -21.39
C THR I 21 -20.08 21.73 -21.98
N CYS I 22 -20.69 22.55 -22.82
CA CYS I 22 -20.03 23.71 -23.36
C CYS I 22 -20.92 24.95 -23.22
N ALA I 23 -20.51 25.88 -22.36
CA ALA I 23 -21.31 27.06 -22.11
C ALA I 23 -20.81 28.13 -23.03
N VAL I 24 -21.65 28.54 -23.97
CA VAL I 24 -21.26 29.56 -24.89
C VAL I 24 -21.80 30.93 -24.42
N SER I 25 -21.04 31.97 -24.67
CA SER I 25 -21.44 33.34 -24.36
C SER I 25 -21.15 34.24 -25.57
N GLY I 26 -21.95 35.27 -25.76
CA GLY I 26 -21.69 36.23 -26.81
C GLY I 26 -22.23 35.88 -28.18
N TYR I 27 -22.83 34.71 -28.32
CA TYR I 27 -23.56 34.35 -29.54
C TYR I 27 -24.66 33.38 -29.14
N SER I 28 -25.78 33.39 -29.86
CA SER I 28 -26.84 32.42 -29.59
C SER I 28 -26.55 31.14 -30.36
N ILE I 29 -26.64 29.99 -29.70
CA ILE I 29 -26.35 28.74 -30.40
C ILE I 29 -27.49 28.30 -31.29
N THR I 30 -28.41 29.23 -31.56
CA THR I 30 -29.50 29.03 -32.49
C THR I 30 -29.44 30.16 -33.51
N GLY I 31 -28.35 30.90 -33.46
CA GLY I 31 -28.04 31.98 -34.38
C GLY I 31 -27.78 31.69 -35.83
N GLY I 32 -27.07 30.63 -36.18
CA GLY I 32 -26.42 29.78 -35.23
C GLY I 32 -25.05 29.22 -35.44
N TYR I 33 -24.55 29.24 -36.65
CA TYR I 33 -23.41 28.45 -37.06
C TYR I 33 -23.56 26.94 -36.89
N SER I 34 -22.56 26.29 -36.31
CA SER I 34 -22.47 24.86 -36.09
C SER I 34 -21.62 24.72 -34.92
N TRP I 35 -21.79 23.69 -34.12
CA TRP I 35 -21.12 23.59 -32.82
C TRP I 35 -20.56 22.21 -32.59
N HIS I 36 -19.24 22.12 -32.46
CA HIS I 36 -18.55 20.84 -32.51
C HIS I 36 -17.77 20.40 -31.28
N TRP I 37 -17.54 19.09 -31.23
CA TRP I 37 -16.63 18.46 -30.28
C TRP I 37 -15.51 17.78 -31.01
N ILE I 38 -14.33 17.90 -30.43
CA ILE I 38 -13.10 17.36 -31.00
C ILE I 38 -12.20 16.96 -29.83
N ARG I 39 -11.38 15.94 -30.02
CA ARG I 39 -10.47 15.51 -28.97
C ARG I 39 -9.08 15.26 -29.51
N GLN I 40 -8.12 15.26 -28.59
CA GLN I 40 -6.71 15.15 -28.92
C GLN I 40 -6.01 14.30 -27.87
N PRO I 41 -5.96 12.98 -28.09
CA PRO I 41 -5.29 12.09 -27.13
C PRO I 41 -3.88 12.56 -26.79
N PRO I 42 -3.49 12.43 -25.51
CA PRO I 42 -2.24 13.05 -25.06
C PRO I 42 -1.04 12.58 -25.89
N GLY I 43 -0.42 13.54 -26.59
CA GLY I 43 0.70 13.24 -27.46
C GLY I 43 0.36 12.89 -28.90
N LYS I 44 -0.90 12.53 -29.15
CA LYS I 44 -1.31 12.09 -30.47
C LYS I 44 -2.07 13.21 -31.19
N GLY I 45 -2.68 12.88 -32.33
CA GLY I 45 -3.38 13.88 -33.16
C GLY I 45 -4.80 14.23 -32.73
N LEU I 46 -5.53 14.93 -33.60
CA LEU I 46 -6.87 15.42 -33.31
C LEU I 46 -7.98 14.56 -33.91
N GLU I 47 -9.00 14.22 -33.13
CA GLU I 47 -10.11 13.47 -33.66
C GLU I 47 -11.43 14.20 -33.55
N TRP I 48 -12.05 14.53 -34.69
CA TRP I 48 -13.35 15.21 -34.75
C TRP I 48 -14.48 14.26 -34.36
N MET I 49 -15.33 14.67 -33.43
CA MET I 49 -16.31 13.76 -32.83
C MET I 49 -17.74 13.84 -33.36
N GLY I 50 -18.26 15.05 -33.53
CA GLY I 50 -19.61 15.24 -33.98
C GLY I 50 -19.97 16.69 -33.86
N TYR I 51 -21.22 17.04 -34.17
CA TYR I 51 -21.68 18.43 -34.00
C TYR I 51 -23.18 18.59 -33.76
N ILE I 52 -23.60 19.85 -33.63
CA ILE I 52 -25.03 20.19 -33.67
C ILE I 52 -25.30 21.56 -34.29
N HIS I 53 -26.09 21.58 -35.35
CA HIS I 53 -26.35 22.78 -36.15
C HIS I 53 -27.16 23.74 -35.32
N TYR I 54 -27.35 24.97 -35.80
CA TYR I 54 -28.21 25.88 -35.07
C TYR I 54 -29.64 25.42 -35.14
N SER I 55 -29.96 24.62 -36.16
CA SER I 55 -31.31 24.15 -36.35
C SER I 55 -31.62 22.92 -35.50
N GLY I 56 -30.58 22.31 -34.94
CA GLY I 56 -30.74 21.22 -33.98
C GLY I 56 -30.19 19.91 -34.50
N TYR I 57 -30.12 19.84 -35.83
CA TYR I 57 -29.59 18.71 -36.56
C TYR I 57 -28.19 18.34 -36.09
N THR I 58 -28.00 17.06 -35.76
CA THR I 58 -26.69 16.55 -35.37
C THR I 58 -26.07 15.69 -36.48
N ASP I 59 -24.80 15.33 -36.28
CA ASP I 59 -24.09 14.37 -37.10
C ASP I 59 -22.79 14.06 -36.37
N PHE I 60 -22.30 12.83 -36.52
CA PHE I 60 -21.15 12.36 -35.76
C PHE I 60 -20.18 11.55 -36.59
N ASN I 61 -19.03 11.30 -36.00
CA ASN I 61 -17.97 10.47 -36.58
C ASN I 61 -18.43 9.03 -36.47
N PRO I 62 -18.42 8.28 -37.58
CA PRO I 62 -18.83 6.87 -37.65
C PRO I 62 -18.13 5.95 -36.64
N SER I 63 -16.88 6.24 -36.33
CA SER I 63 -16.09 5.53 -35.33
C SER I 63 -16.64 5.65 -33.90
N LEU I 64 -17.41 6.69 -33.64
CA LEU I 64 -18.06 6.97 -32.36
C LEU I 64 -19.60 6.91 -32.40
N LYS I 65 -20.17 6.56 -33.54
CA LYS I 65 -21.60 6.80 -33.82
C LYS I 65 -22.52 6.12 -32.82
N THR I 66 -22.10 4.98 -32.33
CA THR I 66 -22.90 4.09 -31.53
C THR I 66 -22.87 4.32 -30.06
N ARG I 67 -22.07 5.24 -29.63
CA ARG I 67 -22.02 5.49 -28.22
C ARG I 67 -21.72 6.95 -27.95
N ILE I 68 -22.12 7.78 -28.89
CA ILE I 68 -21.94 9.21 -28.76
C ILE I 68 -23.22 9.96 -29.00
N THR I 69 -23.54 10.87 -28.10
CA THR I 69 -24.70 11.72 -28.22
C THR I 69 -24.32 13.18 -27.98
N ILE I 70 -25.03 14.08 -28.64
CA ILE I 70 -24.82 15.51 -28.52
C ILE I 70 -26.14 16.19 -28.32
N SER I 71 -26.28 16.92 -27.21
CA SER I 71 -27.53 17.55 -26.85
C SER I 71 -27.38 19.05 -26.71
N ARG I 72 -28.48 19.74 -26.43
CA ARG I 72 -28.41 21.17 -26.27
C ARG I 72 -29.50 21.67 -25.37
N ASP I 73 -29.18 22.74 -24.65
CA ASP I 73 -30.13 23.55 -23.93
C ASP I 73 -29.98 24.98 -24.43
N THR I 74 -30.99 25.48 -25.15
CA THR I 74 -30.91 26.81 -25.72
C THR I 74 -31.19 27.85 -24.64
N SER I 75 -31.81 27.42 -23.55
CA SER I 75 -32.09 28.31 -22.46
C SER I 75 -30.79 28.72 -21.78
N LYS I 76 -29.80 27.83 -21.83
CA LYS I 76 -28.51 28.12 -21.22
C LYS I 76 -27.42 28.45 -22.25
N ASN I 77 -27.76 28.45 -23.54
CA ASN I 77 -26.78 28.64 -24.61
C ASN I 77 -25.67 27.62 -24.44
N GLN I 78 -26.06 26.35 -24.38
CA GLN I 78 -25.11 25.31 -24.08
C GLN I 78 -25.33 24.07 -24.90
N PHE I 79 -24.24 23.37 -25.17
CA PHE I 79 -24.37 22.04 -25.75
C PHE I 79 -23.49 20.99 -25.07
N SER I 80 -23.92 19.73 -25.20
CA SER I 80 -23.40 18.61 -24.42
C SER I 80 -22.87 17.47 -25.24
N LEU I 81 -22.20 16.57 -24.55
CA LEU I 81 -21.60 15.40 -25.17
C LEU I 81 -21.82 14.27 -24.18
N LYS I 82 -22.08 13.07 -24.68
CA LYS I 82 -22.16 11.89 -23.83
C LYS I 82 -21.52 10.74 -24.56
N LEU I 83 -20.37 10.31 -24.07
CA LEU I 83 -19.65 9.19 -24.65
C LEU I 83 -19.73 7.95 -23.75
N SER I 84 -20.52 6.94 -24.13
CA SER I 84 -20.78 5.82 -23.23
C SER I 84 -19.73 4.71 -23.32
N SER I 85 -19.86 3.74 -22.41
CA SER I 85 -18.97 2.58 -22.27
C SER I 85 -17.48 2.88 -22.46
N VAL I 86 -17.01 3.90 -21.76
CA VAL I 86 -15.70 4.52 -22.00
C VAL I 86 -14.50 3.64 -21.63
N THR I 87 -13.41 3.77 -22.40
CA THR I 87 -12.17 3.06 -22.10
C THR I 87 -10.97 4.02 -22.16
N ALA I 88 -9.81 3.52 -21.78
CA ALA I 88 -8.58 4.33 -21.69
C ALA I 88 -8.21 5.08 -22.96
N VAL I 89 -8.65 4.60 -24.12
CA VAL I 89 -8.35 5.29 -25.37
C VAL I 89 -9.18 6.58 -25.55
N ASP I 90 -10.20 6.75 -24.71
CA ASP I 90 -11.01 7.95 -24.72
C ASP I 90 -10.45 9.00 -23.76
N THR I 91 -9.28 8.69 -23.21
CA THR I 91 -8.48 9.64 -22.46
C THR I 91 -7.90 10.69 -23.43
N ALA I 92 -8.44 11.90 -23.37
CA ALA I 92 -7.97 12.99 -24.21
C ALA I 92 -8.35 14.36 -23.65
N VAL I 93 -8.01 15.37 -24.44
CA VAL I 93 -8.37 16.75 -24.17
C VAL I 93 -9.54 17.07 -25.07
N TYR I 94 -10.65 17.47 -24.45
CA TYR I 94 -11.89 17.61 -25.17
C TYR I 94 -12.27 19.06 -25.46
N TYR I 95 -12.33 19.41 -26.74
CA TYR I 95 -12.60 20.78 -27.15
C TYR I 95 -14.00 21.05 -27.68
N CYS I 96 -14.51 22.22 -27.33
CA CYS I 96 -15.62 22.88 -27.98
C CYS I 96 -15.11 23.60 -29.18
N ALA I 97 -15.87 23.68 -30.25
CA ALA I 97 -15.51 24.61 -31.31
C ALA I 97 -16.70 25.09 -32.16
N ARG I 98 -16.66 26.35 -32.55
CA ARG I 98 -17.63 26.86 -33.50
C ARG I 98 -17.04 26.71 -34.88
N LYS I 99 -17.83 26.15 -35.81
CA LYS I 99 -17.33 25.94 -37.15
C LYS I 99 -18.01 26.84 -38.17
N ASP I 100 -17.19 27.67 -38.81
CA ASP I 100 -17.60 28.48 -39.93
C ASP I 100 -18.07 27.59 -41.07
N PRO I 101 -18.88 28.16 -41.97
CA PRO I 101 -19.24 27.41 -43.19
C PRO I 101 -18.02 27.12 -44.11
N SER I 102 -16.90 27.78 -43.86
CA SER I 102 -15.68 27.64 -44.64
C SER I 102 -15.25 26.24 -45.13
N ASP I 103 -15.05 25.24 -44.27
CA ASP I 103 -15.45 25.22 -42.89
C ASP I 103 -14.31 25.00 -41.91
N ALA I 104 -13.71 26.11 -41.51
CA ALA I 104 -12.63 26.12 -40.57
C ALA I 104 -13.16 26.24 -39.16
N PHE I 105 -12.26 26.18 -38.19
CA PHE I 105 -12.61 26.31 -36.79
C PHE I 105 -11.83 27.44 -36.16
N PRO I 106 -12.28 28.69 -36.38
CA PRO I 106 -11.64 29.90 -35.91
C PRO I 106 -11.73 30.01 -34.39
N TYR I 107 -12.75 29.39 -33.79
CA TYR I 107 -12.99 29.49 -32.35
C TYR I 107 -13.08 28.16 -31.64
N TRP I 108 -12.27 28.02 -30.60
CA TRP I 108 -12.24 26.82 -29.79
C TRP I 108 -12.43 27.21 -28.35
N GLY I 109 -12.66 26.21 -27.51
CA GLY I 109 -12.60 26.40 -26.07
C GLY I 109 -11.17 26.33 -25.60
N GLN I 110 -10.95 26.07 -24.33
CA GLN I 110 -9.58 26.00 -23.84
C GLN I 110 -9.16 24.55 -23.81
N GLY I 111 -10.16 23.68 -23.70
CA GLY I 111 -9.93 22.26 -23.73
C GLY I 111 -9.89 21.81 -22.31
N THR I 112 -10.43 20.63 -22.06
CA THR I 112 -10.41 20.06 -20.72
C THR I 112 -9.98 18.59 -20.78
N LEU I 113 -9.03 18.26 -19.92
CA LEU I 113 -8.52 16.91 -19.84
C LEU I 113 -9.49 16.00 -19.11
N VAL I 114 -9.85 14.91 -19.77
CA VAL I 114 -10.52 13.80 -19.10
C VAL I 114 -9.69 12.54 -19.26
N THR I 115 -9.40 11.88 -18.15
CA THR I 115 -8.57 10.67 -18.20
C THR I 115 -9.33 9.52 -17.59
N VAL I 116 -9.40 8.41 -18.32
CA VAL I 116 -10.11 7.24 -17.80
C VAL I 116 -9.21 6.32 -16.98
N SER I 117 -9.66 6.03 -15.76
CA SER I 117 -8.90 5.25 -14.78
C SER I 117 -9.78 4.87 -13.60
N SER I 118 -9.55 3.66 -13.08
CA SER I 118 -10.32 3.17 -11.94
C SER I 118 -9.74 3.69 -10.65
N ALA I 119 -8.65 4.43 -10.77
CA ALA I 119 -7.94 4.99 -9.62
C ALA I 119 -8.63 6.21 -9.00
N SER I 120 -8.18 6.55 -7.79
CA SER I 120 -8.83 7.59 -7.00
C SER I 120 -8.06 8.91 -7.06
N THR I 121 -8.78 10.02 -6.92
CA THR I 121 -8.16 11.34 -6.94
C THR I 121 -7.33 11.51 -5.69
N LYS I 122 -6.20 12.21 -5.82
CA LYS I 122 -5.26 12.35 -4.71
C LYS I 122 -4.59 13.70 -4.78
N GLY I 123 -4.86 14.56 -3.80
CA GLY I 123 -4.21 15.87 -3.74
C GLY I 123 -2.72 15.74 -3.57
N PRO I 124 -1.97 16.68 -4.14
CA PRO I 124 -0.50 16.69 -4.08
C PRO I 124 0.05 17.39 -2.86
N SER I 125 1.35 17.22 -2.68
CA SER I 125 2.09 17.94 -1.65
C SER I 125 2.99 18.94 -2.35
N VAL I 126 3.04 20.14 -1.82
CA VAL I 126 3.83 21.17 -2.46
C VAL I 126 5.03 21.50 -1.62
N PHE I 127 6.20 21.15 -2.14
CA PHE I 127 7.45 21.40 -1.46
C PHE I 127 8.19 22.52 -2.18
N PRO I 128 9.02 23.26 -1.43
CA PRO I 128 9.81 24.39 -1.92
C PRO I 128 11.24 24.05 -2.33
N LEU I 129 11.61 24.51 -3.52
CA LEU I 129 12.96 24.36 -4.03
C LEU I 129 13.74 25.63 -3.70
N ALA I 130 14.59 25.55 -2.68
CA ALA I 130 15.30 26.71 -2.12
C ALA I 130 16.14 27.54 -3.09
N PRO I 131 16.18 28.86 -2.88
CA PRO I 131 16.88 29.76 -3.80
C PRO I 131 18.36 29.40 -3.93
N SER I 132 18.82 29.27 -5.18
CA SER I 132 20.19 28.85 -5.51
C SER I 132 21.27 29.69 -4.82
N SER I 133 20.98 30.98 -4.61
CA SER I 133 21.95 31.98 -4.14
C SER I 133 21.35 32.90 -3.09
N LYS I 134 22.19 33.54 -2.28
CA LYS I 134 21.68 34.46 -1.26
C LYS I 134 21.27 35.78 -1.88
N SER I 135 20.73 36.67 -1.07
CA SER I 135 20.28 37.98 -1.57
C SER I 135 21.42 38.91 -2.00
N THR I 136 22.59 38.72 -1.42
CA THR I 136 23.73 39.59 -1.69
C THR I 136 24.74 38.94 -2.61
N SER I 137 24.39 37.80 -3.18
CA SER I 137 25.32 37.01 -3.98
C SER I 137 25.63 37.65 -5.33
N GLY I 138 24.66 38.40 -5.86
CA GLY I 138 24.92 39.30 -6.96
C GLY I 138 24.86 38.75 -8.38
N GLY I 139 24.10 37.70 -8.60
CA GLY I 139 23.96 37.20 -9.95
C GLY I 139 22.51 36.96 -10.27
N THR I 140 22.23 35.71 -10.62
CA THR I 140 20.88 35.26 -10.89
C THR I 140 20.65 34.03 -10.04
N ALA I 141 19.52 34.00 -9.34
CA ALA I 141 19.25 32.90 -8.42
C ALA I 141 18.03 32.16 -8.91
N ALA I 142 17.98 30.88 -8.59
CA ALA I 142 16.86 30.06 -8.99
C ALA I 142 16.23 29.39 -7.77
N LEU I 143 14.91 29.41 -7.75
CA LEU I 143 14.13 28.80 -6.69
C LEU I 143 13.02 28.08 -7.42
N GLY I 144 12.25 27.27 -6.73
CA GLY I 144 11.12 26.64 -7.39
C GLY I 144 10.17 25.94 -6.45
N CYS I 145 9.15 25.34 -7.05
CA CYS I 145 8.15 24.57 -6.34
C CYS I 145 8.19 23.15 -6.83
N LEU I 146 8.02 22.21 -5.91
CA LEU I 146 7.88 20.81 -6.28
C LEU I 146 6.52 20.29 -5.86
N VAL I 147 5.79 19.75 -6.83
CA VAL I 147 4.42 19.30 -6.63
C VAL I 147 4.39 17.78 -6.79
N LYS I 148 4.15 17.10 -5.68
CA LYS I 148 4.38 15.67 -5.59
C LYS I 148 3.13 14.84 -5.32
N ASP I 149 3.07 13.68 -5.98
CA ASP I 149 2.11 12.61 -5.66
C ASP I 149 0.64 12.94 -5.88
N TYR I 150 0.27 13.18 -7.13
CA TYR I 150 -1.13 13.51 -7.39
C TYR I 150 -1.71 12.76 -8.56
N PHE I 151 -3.03 12.79 -8.60
CA PHE I 151 -3.77 12.13 -9.64
C PHE I 151 -5.21 12.62 -9.56
N PRO I 152 -5.86 12.87 -10.71
CA PRO I 152 -5.18 12.87 -12.00
C PRO I 152 -4.60 14.24 -12.35
N GLU I 153 -4.15 14.31 -13.58
CA GLU I 153 -3.80 15.56 -14.21
C GLU I 153 -5.09 16.35 -14.44
N PRO I 154 -4.96 17.66 -14.66
CA PRO I 154 -3.72 18.42 -14.51
C PRO I 154 -3.58 19.13 -13.16
N VAL I 155 -2.40 19.72 -12.97
CA VAL I 155 -2.20 20.69 -11.91
C VAL I 155 -1.82 21.97 -12.63
N THR I 156 -2.16 23.12 -12.07
CA THR I 156 -1.71 24.40 -12.63
C THR I 156 -0.88 25.16 -11.61
N VAL I 157 0.20 25.76 -12.10
CA VAL I 157 1.11 26.43 -11.22
C VAL I 157 1.40 27.83 -11.73
N SER I 158 1.16 28.82 -10.88
CA SER I 158 1.59 30.17 -11.19
C SER I 158 2.49 30.70 -10.10
N TRP I 159 3.21 31.77 -10.41
CA TRP I 159 4.06 32.42 -9.42
C TRP I 159 3.52 33.79 -9.07
N ASN I 160 3.51 34.12 -7.78
CA ASN I 160 3.15 35.46 -7.35
C ASN I 160 1.78 35.92 -7.86
N SER I 161 0.77 35.04 -7.76
CA SER I 161 -0.60 35.35 -8.16
C SER I 161 -0.79 35.88 -9.60
N GLY I 162 0.04 35.38 -10.53
CA GLY I 162 -0.14 35.71 -11.93
C GLY I 162 0.66 36.93 -12.33
N ALA I 163 1.55 37.35 -11.43
CA ALA I 163 2.36 38.54 -11.63
C ALA I 163 3.72 38.17 -12.16
N LEU I 164 4.12 36.92 -11.93
CA LEU I 164 5.45 36.47 -12.28
C LEU I 164 5.38 35.52 -13.46
N THR I 165 5.89 35.99 -14.59
CA THR I 165 5.79 35.25 -15.84
C THR I 165 7.15 35.08 -16.54
N SER I 166 7.97 36.14 -16.56
CA SER I 166 9.30 36.02 -17.17
C SER I 166 10.28 35.20 -16.33
N GLY I 167 10.73 34.07 -16.89
CA GLY I 167 11.76 33.28 -16.26
C GLY I 167 11.24 31.98 -15.71
N VAL I 168 9.91 31.87 -15.67
CA VAL I 168 9.20 30.72 -15.11
C VAL I 168 9.21 29.54 -16.05
N HIS I 169 9.63 28.38 -15.54
CA HIS I 169 9.51 27.14 -16.28
C HIS I 169 8.76 26.12 -15.48
N THR I 170 7.68 25.62 -16.07
CA THR I 170 6.87 24.61 -15.43
C THR I 170 7.00 23.36 -16.31
N PHE I 171 7.55 22.29 -15.74
CA PHE I 171 7.85 21.08 -16.50
C PHE I 171 6.65 20.16 -16.63
N PRO I 172 6.66 19.29 -17.66
CA PRO I 172 5.62 18.28 -17.81
C PRO I 172 5.52 17.39 -16.56
N ALA I 173 4.33 16.96 -16.20
CA ALA I 173 4.24 16.01 -15.10
C ALA I 173 4.84 14.72 -15.62
N VAL I 174 5.39 13.91 -14.70
CA VAL I 174 5.96 12.61 -15.04
C VAL I 174 5.37 11.59 -14.10
N LEU I 175 5.09 10.39 -14.62
CA LEU I 175 4.35 9.38 -13.88
C LEU I 175 5.26 8.46 -13.06
N GLN I 176 5.11 8.53 -11.75
CA GLN I 176 5.96 7.75 -10.88
C GLN I 176 5.46 6.32 -10.76
N SER I 177 6.27 5.47 -10.12
CA SER I 177 5.98 4.04 -9.97
C SER I 177 4.70 3.82 -9.15
N SER I 178 4.41 4.75 -8.24
CA SER I 178 3.20 4.65 -7.43
C SER I 178 1.95 4.98 -8.23
N GLY I 179 2.13 5.30 -9.51
CA GLY I 179 1.02 5.57 -10.39
C GLY I 179 0.55 7.00 -10.25
N LEU I 180 1.30 7.79 -9.48
CA LEU I 180 0.99 9.21 -9.26
C LEU I 180 1.97 10.09 -10.03
N TYR I 181 1.53 11.30 -10.35
CA TYR I 181 2.36 12.23 -11.11
C TYR I 181 3.13 13.18 -10.22
N SER I 182 4.16 13.80 -10.80
CA SER I 182 4.98 14.79 -10.11
C SER I 182 5.52 15.84 -11.07
N LEU I 183 5.40 17.11 -10.73
CA LEU I 183 6.14 18.13 -11.46
C LEU I 183 6.81 19.16 -10.57
N SER I 184 7.73 19.90 -11.16
CA SER I 184 8.38 21.00 -10.49
C SER I 184 8.25 22.20 -11.40
N SER I 185 8.13 23.37 -10.79
CA SER I 185 8.07 24.61 -11.54
C SER I 185 9.16 25.52 -11.02
N VAL I 186 9.94 26.12 -11.92
CA VAL I 186 11.02 26.98 -11.47
C VAL I 186 11.00 28.37 -12.08
N VAL I 187 11.64 29.29 -11.37
CA VAL I 187 11.75 30.67 -11.79
C VAL I 187 13.15 31.25 -11.50
N THR I 188 13.72 31.96 -12.47
CA THR I 188 14.99 32.65 -12.27
C THR I 188 14.78 34.14 -12.13
N VAL I 189 15.43 34.69 -11.12
CA VAL I 189 15.24 36.07 -10.74
C VAL I 189 16.60 36.58 -10.31
N PRO I 190 16.77 37.90 -10.31
CA PRO I 190 18.02 38.45 -9.77
C PRO I 190 18.10 38.10 -8.29
N SER I 191 19.30 37.82 -7.81
CA SER I 191 19.55 37.48 -6.41
C SER I 191 19.19 38.60 -5.44
N SER I 192 19.31 39.83 -5.91
CA SER I 192 19.00 40.99 -5.09
C SER I 192 17.52 41.02 -4.75
N SER I 193 16.71 40.38 -5.59
CA SER I 193 15.26 40.45 -5.46
C SER I 193 14.79 39.55 -4.34
N LEU I 194 15.64 38.61 -3.93
CA LEU I 194 15.33 37.69 -2.84
C LEU I 194 15.34 38.40 -1.50
N GLY I 195 15.70 39.69 -1.51
CA GLY I 195 15.71 40.49 -0.30
C GLY I 195 14.77 41.70 -0.37
N THR I 196 14.10 41.87 -1.52
CA THR I 196 13.10 42.91 -1.69
C THR I 196 11.76 42.35 -2.17
N GLN I 197 11.64 41.03 -2.22
CA GLN I 197 10.42 40.40 -2.71
C GLN I 197 10.25 38.98 -2.18
N THR I 198 9.01 38.56 -2.01
CA THR I 198 8.76 37.15 -1.70
C THR I 198 8.19 36.46 -2.94
N TYR I 199 8.38 35.14 -3.00
CA TYR I 199 7.90 34.38 -4.13
C TYR I 199 6.97 33.30 -3.64
N ILE I 200 5.73 33.35 -4.11
CA ILE I 200 4.77 32.31 -3.82
C ILE I 200 4.51 31.53 -5.10
N CYS I 201 4.42 30.21 -4.99
CA CYS I 201 3.91 29.44 -6.10
C CYS I 201 2.50 29.03 -5.74
N ASN I 202 1.63 29.19 -6.74
CA ASN I 202 0.22 29.03 -6.53
C ASN I 202 -0.21 27.76 -7.25
N VAL I 203 -0.38 26.71 -6.47
CA VAL I 203 -0.72 25.40 -6.99
C VAL I 203 -2.22 25.16 -6.95
N ASN I 204 -2.75 24.68 -8.07
CA ASN I 204 -4.16 24.34 -8.17
C ASN I 204 -4.36 22.96 -8.78
N HIS I 205 -5.03 22.10 -8.03
CA HIS I 205 -5.43 20.79 -8.51
C HIS I 205 -6.92 20.70 -8.36
N LYS I 206 -7.64 20.88 -9.45
CA LYS I 206 -9.10 20.93 -9.37
C LYS I 206 -9.83 19.60 -9.15
N PRO I 207 -9.26 18.46 -9.62
CA PRO I 207 -9.99 17.21 -9.33
C PRO I 207 -10.27 16.97 -7.84
N SER I 208 -9.29 17.17 -6.98
CA SER I 208 -9.55 17.32 -5.55
C SER I 208 -9.76 18.82 -5.38
N ASN I 209 -10.25 19.27 -4.24
CA ASN I 209 -10.32 20.72 -4.08
C ASN I 209 -9.12 21.26 -3.30
N THR I 210 -7.99 21.38 -4.00
CA THR I 210 -6.73 21.81 -3.40
C THR I 210 -6.22 23.10 -4.05
N LYS I 211 -6.09 24.15 -3.25
CA LYS I 211 -5.52 25.42 -3.69
C LYS I 211 -4.45 25.80 -2.66
N VAL I 212 -3.18 25.54 -3.01
CA VAL I 212 -2.06 25.73 -2.08
C VAL I 212 -1.17 26.88 -2.54
N ASP I 213 -0.62 27.63 -1.57
CA ASP I 213 0.38 28.67 -1.85
C ASP I 213 1.63 28.48 -0.97
N LYS I 214 2.71 27.98 -1.54
CA LYS I 214 3.98 27.89 -0.80
C LYS I 214 4.84 29.15 -0.97
N ARG I 215 5.18 29.81 0.13
CA ARG I 215 6.18 30.87 0.09
C ARG I 215 7.59 30.26 0.04
N VAL I 216 8.37 30.62 -0.98
CA VAL I 216 9.69 30.00 -1.17
C VAL I 216 10.86 30.82 -0.60
N GLU I 217 11.39 30.38 0.55
CA GLU I 217 12.41 31.14 1.28
C GLU I 217 13.72 30.38 1.49
N PRO I 218 14.77 31.10 1.95
CA PRO I 218 15.98 30.37 2.36
C PRO I 218 15.85 29.81 3.78
N GLU J 1 -13.24 7.44 -44.66
CA GLU J 1 -13.00 8.87 -44.46
C GLU J 1 -11.89 9.35 -45.38
N ILE J 2 -11.86 10.67 -45.62
CA ILE J 2 -10.75 11.27 -46.33
C ILE J 2 -9.55 11.34 -45.40
N VAL J 3 -8.45 10.73 -45.80
CA VAL J 3 -7.29 10.66 -44.94
C VAL J 3 -6.28 11.71 -45.37
N LEU J 4 -5.83 12.53 -44.43
CA LEU J 4 -4.88 13.59 -44.74
C LEU J 4 -3.50 13.16 -44.30
N THR J 5 -2.55 13.22 -45.24
CA THR J 5 -1.17 12.85 -44.96
C THR J 5 -0.22 14.01 -45.12
N GLN J 6 0.28 14.50 -43.99
CA GLN J 6 1.21 15.63 -43.96
C GLN J 6 2.66 15.16 -44.07
N SER J 7 3.55 16.04 -44.53
CA SER J 7 4.98 15.80 -44.33
C SER J 7 5.86 17.06 -44.42
N PRO J 8 6.95 17.11 -43.65
CA PRO J 8 7.51 16.03 -42.82
C PRO J 8 6.71 15.84 -41.55
N ASP J 9 7.11 14.90 -40.71
CA ASP J 9 6.43 14.65 -39.44
C ASP J 9 7.07 15.47 -38.33
N PHE J 10 8.37 15.67 -38.49
CA PHE J 10 9.15 16.54 -37.63
C PHE J 10 10.18 17.23 -38.51
N GLN J 11 10.41 18.51 -38.24
CA GLN J 11 11.20 19.35 -39.11
C GLN J 11 11.94 20.34 -38.24
N SER J 12 13.26 20.36 -38.40
CA SER J 12 14.14 21.16 -37.57
C SER J 12 14.71 22.28 -38.41
N VAL J 13 14.26 23.50 -38.16
CA VAL J 13 14.59 24.61 -39.05
C VAL J 13 15.41 25.65 -38.31
N THR J 14 16.36 26.26 -39.02
CA THR J 14 17.19 27.35 -38.50
C THR J 14 16.35 28.63 -38.46
N PRO J 15 16.54 29.48 -37.44
CA PRO J 15 15.74 30.72 -37.36
C PRO J 15 15.90 31.59 -38.60
N LYS J 16 14.84 32.29 -39.04
CA LYS J 16 14.86 33.15 -40.26
C LYS J 16 14.78 32.42 -41.62
N GLU J 17 15.04 31.12 -41.68
CA GLU J 17 14.87 30.40 -42.94
C GLU J 17 13.44 29.89 -43.14
N LYS J 18 13.18 29.27 -44.30
CA LYS J 18 11.84 28.85 -44.68
C LYS J 18 11.38 27.57 -44.01
N VAL J 19 10.11 27.55 -43.62
CA VAL J 19 9.49 26.32 -43.18
C VAL J 19 8.52 25.93 -44.26
N THR J 20 8.53 24.68 -44.63
CA THR J 20 7.59 24.24 -45.63
C THR J 20 7.00 22.89 -45.23
N ILE J 21 5.67 22.85 -45.20
CA ILE J 21 4.92 21.70 -44.75
C ILE J 21 3.98 21.38 -45.88
N THR J 22 3.90 20.12 -46.27
CA THR J 22 3.00 19.74 -47.34
C THR J 22 1.92 18.81 -46.84
N CYS J 23 0.89 18.65 -47.65
CA CYS J 23 -0.22 17.80 -47.30
C CYS J 23 -0.59 16.98 -48.52
N ARG J 24 -1.02 15.75 -48.28
CA ARG J 24 -1.59 14.94 -49.34
C ARG J 24 -2.97 14.44 -48.88
N ALA J 25 -3.93 14.48 -49.79
CA ALA J 25 -5.28 14.01 -49.52
C ALA J 25 -5.57 12.69 -50.22
N SER J 26 -6.30 11.83 -49.51
CA SER J 26 -6.83 10.57 -50.02
C SER J 26 -7.44 10.68 -51.40
N GLN J 27 -8.05 11.83 -51.68
CA GLN J 27 -8.81 12.03 -52.89
C GLN J 27 -8.72 13.51 -53.22
N SER J 28 -9.40 13.95 -54.28
CA SER J 28 -9.37 15.35 -54.64
C SER J 28 -10.41 16.11 -53.84
N ILE J 29 -9.99 17.20 -53.21
CA ILE J 29 -10.83 18.06 -52.38
C ILE J 29 -10.78 19.52 -52.75
N SER J 30 -10.27 19.82 -53.92
CA SER J 30 -10.31 21.17 -54.46
C SER J 30 -9.69 22.26 -53.57
N ASP J 31 -10.47 23.30 -53.35
CA ASP J 31 -10.21 24.41 -52.43
C ASP J 31 -10.15 24.05 -50.93
N HIS J 32 -10.78 22.97 -50.53
CA HIS J 32 -11.18 22.78 -49.15
C HIS J 32 -10.19 22.17 -48.20
N LEU J 33 -9.18 22.94 -47.87
CA LEU J 33 -8.16 22.57 -46.91
C LEU J 33 -7.87 23.71 -45.92
N HIS J 34 -7.81 23.40 -44.63
CA HIS J 34 -7.44 24.42 -43.65
C HIS J 34 -6.25 24.02 -42.78
N TRP J 35 -5.45 25.03 -42.46
CA TRP J 35 -4.24 24.88 -41.66
C TRP J 35 -4.37 25.47 -40.27
N TYR J 36 -3.82 24.77 -39.29
CA TYR J 36 -3.83 25.25 -37.92
C TYR J 36 -2.46 25.26 -37.28
N GLN J 37 -2.35 26.01 -36.19
CA GLN J 37 -1.13 26.05 -35.40
C GLN J 37 -1.52 25.69 -33.98
N GLN J 38 -0.73 24.84 -33.33
CA GLN J 38 -1.03 24.47 -31.95
C GLN J 38 0.19 24.49 -31.05
N LYS J 39 0.30 25.52 -30.22
CA LYS J 39 1.39 25.56 -29.26
C LYS J 39 1.04 24.56 -28.19
N PRO J 40 2.03 24.09 -27.41
CA PRO J 40 1.65 23.14 -26.37
C PRO J 40 0.67 23.72 -25.34
N ASP J 41 -0.24 22.85 -24.88
CA ASP J 41 -1.22 23.16 -23.86
C ASP J 41 -2.13 24.28 -24.25
N GLN J 42 -2.37 24.41 -25.55
CA GLN J 42 -3.31 25.39 -26.05
C GLN J 42 -4.13 24.78 -27.15
N SER J 43 -5.18 25.49 -27.52
CA SER J 43 -6.05 25.07 -28.60
C SER J 43 -5.39 25.44 -29.91
N PRO J 44 -5.75 24.72 -30.98
CA PRO J 44 -5.27 25.08 -32.30
C PRO J 44 -5.70 26.47 -32.69
N LYS J 45 -4.96 27.05 -33.62
CA LYS J 45 -5.26 28.37 -34.10
C LYS J 45 -5.28 28.33 -35.60
N LEU J 46 -6.33 28.91 -36.14
CA LEU J 46 -6.50 29.00 -37.58
C LEU J 46 -5.46 29.92 -38.21
N LEU J 47 -4.80 29.44 -39.26
CA LEU J 47 -3.75 30.18 -39.93
C LEU J 47 -4.18 30.56 -41.35
N ILE J 48 -4.52 29.60 -42.16
CA ILE J 48 -4.82 29.83 -43.56
C ILE J 48 -6.17 29.25 -43.84
N LYS J 49 -6.94 29.91 -44.69
CA LYS J 49 -8.20 29.34 -45.05
C LYS J 49 -8.39 29.25 -46.54
N TYR J 50 -8.70 28.08 -47.07
CA TYR J 50 -9.19 27.91 -48.42
C TYR J 50 -8.31 27.73 -49.65
N ALA J 51 -7.02 27.54 -49.55
CA ALA J 51 -6.25 27.68 -48.36
C ALA J 51 -5.10 28.59 -48.73
N SER J 52 -5.40 29.58 -49.55
CA SER J 52 -4.44 30.58 -49.89
C SER J 52 -4.70 31.86 -49.19
N HIS J 53 -5.69 31.85 -48.31
CA HIS J 53 -6.30 33.04 -47.74
C HIS J 53 -6.02 33.37 -46.33
N ALA J 54 -5.61 34.59 -46.12
CA ALA J 54 -5.15 35.01 -44.85
C ALA J 54 -6.23 35.12 -43.79
N ILE J 55 -5.88 34.77 -42.58
CA ILE J 55 -6.78 35.14 -41.50
C ILE J 55 -6.37 36.53 -41.02
N SER J 56 -7.30 37.28 -40.44
CA SER J 56 -6.91 38.54 -39.86
C SER J 56 -6.19 38.29 -38.53
N GLY J 57 -5.04 38.95 -38.37
CA GLY J 57 -4.25 38.80 -37.16
C GLY J 57 -3.15 37.79 -37.33
N VAL J 58 -3.22 37.03 -38.41
CA VAL J 58 -2.18 36.07 -38.76
C VAL J 58 -1.09 36.74 -39.58
N PRO J 59 0.14 36.77 -39.02
CA PRO J 59 1.36 37.39 -39.56
C PRO J 59 1.54 37.05 -41.03
N SER J 60 1.87 38.04 -41.84
CA SER J 60 1.97 37.85 -43.29
C SER J 60 3.11 36.92 -43.73
N ARG J 61 3.79 36.33 -42.75
CA ARG J 61 4.88 35.39 -43.04
C ARG J 61 4.32 34.02 -43.36
N PHE J 62 3.09 33.80 -42.91
CA PHE J 62 2.38 32.57 -43.19
C PHE J 62 1.66 32.63 -44.54
N SER J 63 1.86 31.60 -45.35
CA SER J 63 1.20 31.54 -46.64
C SER J 63 0.97 30.10 -47.08
N GLY J 64 -0.12 29.88 -47.79
CA GLY J 64 -0.46 28.54 -48.22
C GLY J 64 -0.79 28.47 -49.68
N SER J 65 -0.75 27.26 -50.22
CA SER J 65 -0.99 27.03 -51.64
C SER J 65 -1.45 25.61 -51.82
N GLY J 66 -1.86 25.27 -53.04
CA GLY J 66 -2.28 23.92 -53.36
C GLY J 66 -3.69 23.91 -53.92
N SER J 67 -4.00 22.89 -54.72
CA SER J 67 -5.37 22.55 -55.09
C SER J 67 -5.38 21.05 -55.32
N GLY J 68 -6.54 20.50 -55.65
CA GLY J 68 -6.64 19.09 -55.98
C GLY J 68 -6.25 18.18 -54.83
N THR J 69 -5.05 17.62 -54.87
CA THR J 69 -4.70 16.61 -53.88
C THR J 69 -3.39 16.89 -53.15
N ASP J 70 -2.75 18.00 -53.48
CA ASP J 70 -1.48 18.35 -52.84
C ASP J 70 -1.47 19.81 -52.40
N PHE J 71 -1.20 20.03 -51.13
CA PHE J 71 -1.26 21.35 -50.53
C PHE J 71 -0.02 21.61 -49.69
N THR J 72 0.39 22.89 -49.61
CA THR J 72 1.62 23.27 -48.92
C THR J 72 1.47 24.58 -48.13
N LEU J 73 1.77 24.51 -46.84
CA LEU J 73 1.80 25.67 -45.95
C LEU J 73 3.27 26.07 -45.84
N THR J 74 3.56 27.36 -45.96
CA THR J 74 4.94 27.82 -45.84
C THR J 74 5.02 28.96 -44.84
N ILE J 75 6.06 28.94 -44.03
CA ILE J 75 6.36 30.04 -43.12
C ILE J 75 7.59 30.73 -43.66
N ASN J 76 7.38 31.84 -44.33
CA ASN J 76 8.39 32.45 -45.17
C ASN J 76 9.65 32.84 -44.41
N SER J 77 9.48 33.19 -43.13
CA SER J 77 10.60 33.44 -42.22
C SER J 77 10.30 32.88 -40.84
N LEU J 78 11.31 32.43 -40.12
CA LEU J 78 11.08 31.68 -38.88
C LEU J 78 11.28 32.47 -37.59
N GLU J 79 10.21 32.58 -36.82
CA GLU J 79 10.22 33.22 -35.49
C GLU J 79 10.15 32.15 -34.42
N ALA J 80 10.54 32.54 -33.21
CA ALA J 80 10.60 31.61 -32.08
C ALA J 80 9.20 31.32 -31.59
N GLU J 81 8.27 32.15 -31.99
CA GLU J 81 6.86 32.02 -31.72
C GLU J 81 6.28 30.89 -32.48
N ASP J 82 6.84 30.70 -33.65
CA ASP J 82 6.36 29.82 -34.69
C ASP J 82 6.55 28.41 -34.34
N ALA J 83 7.37 28.16 -33.35
CA ALA J 83 7.71 26.83 -33.00
C ALA J 83 6.45 26.29 -32.45
N ALA J 84 5.91 25.31 -33.12
CA ALA J 84 4.56 24.90 -32.88
C ALA J 84 4.40 23.57 -33.55
N THR J 85 3.28 22.89 -33.40
CA THR J 85 2.95 21.76 -34.27
C THR J 85 1.72 22.09 -35.14
N TYR J 86 1.83 21.77 -36.44
CA TYR J 86 0.94 22.31 -37.48
C TYR J 86 -0.05 21.33 -38.09
N TYR J 87 -1.31 21.72 -38.22
CA TYR J 87 -2.30 20.78 -38.70
C TYR J 87 -3.05 21.15 -39.97
N CYS J 88 -3.24 20.12 -40.75
CA CYS J 88 -3.90 20.15 -42.01
C CYS J 88 -5.31 19.74 -41.70
N GLN J 89 -6.29 20.57 -42.03
CA GLN J 89 -7.67 20.12 -41.91
C GLN J 89 -8.44 20.25 -43.21
N GLN J 90 -9.25 19.23 -43.46
CA GLN J 90 -10.04 19.08 -44.65
C GLN J 90 -11.49 19.31 -44.30
N GLY J 91 -12.15 20.20 -45.04
CA GLY J 91 -13.55 20.47 -44.85
C GLY J 91 -14.35 20.25 -46.12
N HIS J 92 -14.13 19.11 -46.77
CA HIS J 92 -14.78 18.78 -48.04
C HIS J 92 -15.90 17.75 -47.87
N SER J 93 -15.76 16.90 -46.85
CA SER J 93 -16.74 15.88 -46.55
C SER J 93 -16.67 15.42 -45.08
N PHE J 94 -17.81 15.03 -44.52
CA PHE J 94 -17.79 14.37 -43.22
C PHE J 94 -17.47 12.91 -43.50
N PRO J 95 -16.82 12.22 -42.55
CA PRO J 95 -16.34 12.80 -41.30
C PRO J 95 -15.15 13.72 -41.54
N LEU J 96 -15.15 14.84 -40.81
CA LEU J 96 -14.06 15.78 -40.88
C LEU J 96 -12.80 15.15 -40.31
N THR J 97 -11.71 15.34 -41.03
CA THR J 97 -10.44 14.74 -40.66
C THR J 97 -9.30 15.75 -40.70
N PHE J 98 -8.29 15.42 -39.89
CA PHE J 98 -7.08 16.18 -39.73
C PHE J 98 -5.90 15.29 -40.10
N GLY J 99 -4.80 15.90 -40.52
CA GLY J 99 -3.55 15.17 -40.66
C GLY J 99 -2.95 14.89 -39.30
N GLY J 100 -1.91 14.07 -39.27
CA GLY J 100 -1.25 13.70 -38.03
C GLY J 100 -0.54 14.85 -37.34
N GLY J 101 -0.27 15.91 -38.10
CA GLY J 101 0.42 17.09 -37.56
C GLY J 101 1.91 17.08 -37.81
N THR J 102 2.48 18.28 -37.90
CA THR J 102 3.90 18.45 -38.22
C THR J 102 4.63 19.29 -37.20
N LYS J 103 5.51 18.68 -36.43
CA LYS J 103 6.28 19.44 -35.46
C LYS J 103 7.48 20.19 -36.05
N VAL J 104 7.52 21.49 -35.80
CA VAL J 104 8.67 22.32 -36.13
C VAL J 104 9.47 22.63 -34.87
N GLU J 105 10.69 22.12 -34.81
CA GLU J 105 11.63 22.59 -33.81
C GLU J 105 12.54 23.61 -34.47
N ILE J 106 12.87 24.66 -33.75
CA ILE J 106 13.76 25.68 -34.30
C ILE J 106 15.20 25.43 -33.86
N LYS J 107 16.15 25.52 -34.79
CA LYS J 107 17.51 25.29 -34.39
C LYS J 107 18.41 26.51 -34.33
N ARG J 108 18.39 27.10 -33.15
CA ARG J 108 19.23 28.21 -32.83
C ARG J 108 20.62 27.68 -32.57
N THR J 109 21.49 28.56 -32.10
CA THR J 109 22.88 28.28 -31.84
C THR J 109 23.04 27.49 -30.56
N VAL J 110 24.06 26.62 -30.49
CA VAL J 110 24.34 25.85 -29.28
C VAL J 110 24.48 26.75 -28.07
N ALA J 111 23.71 26.48 -27.02
CA ALA J 111 23.75 27.24 -25.78
C ALA J 111 23.91 26.27 -24.62
N ALA J 112 24.59 26.69 -23.57
CA ALA J 112 24.98 25.76 -22.52
C ALA J 112 24.13 25.88 -21.25
N PRO J 113 23.89 24.74 -20.58
CA PRO J 113 23.01 24.79 -19.42
C PRO J 113 23.61 25.61 -18.29
N SER J 114 22.75 26.24 -17.50
CA SER J 114 23.14 26.82 -16.23
C SER J 114 22.66 25.84 -15.20
N VAL J 115 23.58 25.25 -14.44
CA VAL J 115 23.22 24.17 -13.55
C VAL J 115 23.03 24.63 -12.11
N PHE J 116 21.96 24.13 -11.47
CA PHE J 116 21.68 24.40 -10.06
C PHE J 116 21.20 23.10 -9.47
N ILE J 117 21.53 22.88 -8.21
CA ILE J 117 21.12 21.67 -7.52
C ILE J 117 20.32 22.04 -6.26
N PHE J 118 19.33 21.22 -5.93
CA PHE J 118 18.38 21.57 -4.88
C PHE J 118 18.21 20.46 -3.83
N PRO J 119 18.70 20.69 -2.61
CA PRO J 119 18.46 19.78 -1.49
C PRO J 119 16.97 19.59 -1.25
N PRO J 120 16.56 18.42 -0.74
CA PRO J 120 15.17 18.22 -0.34
C PRO J 120 14.83 19.12 0.84
N SER J 121 13.71 19.85 0.75
CA SER J 121 13.23 20.67 1.85
C SER J 121 13.02 19.80 3.09
N ASP J 122 13.21 20.36 4.28
CA ASP J 122 12.91 19.64 5.51
C ASP J 122 11.39 19.60 5.74
N GLU J 123 10.65 20.38 4.97
CA GLU J 123 9.24 20.23 4.98
C GLU J 123 9.01 18.83 4.50
N GLN J 124 9.65 18.47 3.39
CA GLN J 124 9.56 17.14 2.83
C GLN J 124 10.17 16.00 3.62
N LEU J 125 11.30 16.24 4.24
CA LEU J 125 12.04 15.21 4.88
C LEU J 125 11.32 14.61 6.03
N LYS J 126 10.57 15.45 6.73
CA LYS J 126 10.03 15.08 8.01
C LYS J 126 9.12 13.90 7.83
N SER J 127 8.64 13.72 6.63
CA SER J 127 7.62 12.72 6.35
C SER J 127 8.03 11.48 5.57
N GLY J 128 9.31 11.20 5.41
CA GLY J 128 9.60 9.93 4.73
C GLY J 128 10.42 9.87 3.45
N THR J 129 10.42 10.96 2.69
CA THR J 129 11.13 10.94 1.41
C THR J 129 12.05 12.13 1.19
N ALA J 130 13.03 11.95 0.31
CA ALA J 130 13.90 13.02 -0.10
C ALA J 130 13.98 13.03 -1.60
N SER J 131 13.58 14.14 -2.20
CA SER J 131 13.82 14.42 -3.60
C SER J 131 14.91 15.46 -3.62
N VAL J 132 15.96 15.19 -4.37
CA VAL J 132 16.95 16.21 -4.63
C VAL J 132 16.78 16.48 -6.10
N VAL J 133 16.71 17.72 -6.50
CA VAL J 133 16.50 18.00 -7.92
C VAL J 133 17.71 18.69 -8.54
N CYS J 134 17.81 18.60 -9.86
CA CYS J 134 18.89 19.26 -10.59
C CYS J 134 18.28 20.02 -11.73
N LEU J 135 18.52 21.32 -11.77
CA LEU J 135 17.94 22.12 -12.81
C LEU J 135 18.93 22.46 -13.91
N LEU J 136 18.63 22.07 -15.12
CA LEU J 136 19.35 22.56 -16.27
C LEU J 136 18.50 23.60 -16.99
N ASN J 137 19.01 24.80 -17.03
CA ASN J 137 18.25 25.92 -17.46
C ASN J 137 18.79 26.56 -18.71
N ASN J 138 17.95 26.64 -19.73
CA ASN J 138 18.23 27.32 -20.99
C ASN J 138 19.45 26.88 -21.90
N PHE J 139 19.33 25.73 -22.55
CA PHE J 139 20.35 25.20 -23.42
C PHE J 139 19.82 24.67 -24.75
N TYR J 140 20.70 24.55 -25.72
CA TYR J 140 20.39 23.87 -26.98
C TYR J 140 21.60 23.13 -27.34
N PRO J 141 21.48 22.06 -28.11
CA PRO J 141 20.27 21.28 -28.36
C PRO J 141 19.72 20.58 -27.12
N ARG J 142 18.65 19.81 -27.29
CA ARG J 142 17.93 19.27 -26.15
C ARG J 142 18.65 18.11 -25.47
N GLU J 143 19.45 17.40 -26.24
CA GLU J 143 20.17 16.24 -25.74
C GLU J 143 21.27 16.65 -24.76
N ALA J 144 21.19 16.08 -23.58
CA ALA J 144 22.16 16.33 -22.55
C ALA J 144 22.14 15.10 -21.67
N LYS J 145 23.19 14.92 -20.87
CA LYS J 145 23.21 13.80 -19.96
C LYS J 145 23.48 14.28 -18.55
N VAL J 146 22.78 13.67 -17.58
CA VAL J 146 22.98 13.98 -16.17
C VAL J 146 23.31 12.73 -15.37
N GLN J 147 24.44 12.77 -14.66
CA GLN J 147 24.82 11.68 -13.77
C GLN J 147 24.73 12.14 -12.33
N TRP J 148 23.94 11.44 -11.54
CA TRP J 148 23.89 11.68 -10.10
C TRP J 148 25.04 10.95 -9.40
N LYS J 149 25.71 11.63 -8.48
CA LYS J 149 26.82 11.03 -7.74
C LYS J 149 26.66 11.26 -6.25
N VAL J 150 26.29 10.20 -5.53
CA VAL J 150 26.07 10.31 -4.10
C VAL J 150 27.25 9.76 -3.32
N ASP J 151 28.05 10.68 -2.77
CA ASP J 151 29.29 10.34 -2.08
C ASP J 151 30.21 9.57 -3.03
N ASN J 152 30.15 9.98 -4.30
CA ASN J 152 30.92 9.42 -5.43
C ASN J 152 30.48 8.05 -5.95
N ALA J 153 29.36 7.55 -5.43
CA ALA J 153 28.77 6.32 -5.92
C ALA J 153 27.85 6.64 -7.10
N LEU J 154 28.35 6.44 -8.33
CA LEU J 154 27.58 6.76 -9.55
C LEU J 154 26.23 6.07 -9.50
N GLN J 155 25.18 6.82 -9.75
CA GLN J 155 23.89 6.44 -9.24
C GLN J 155 22.91 6.19 -10.36
N SER J 156 22.09 5.16 -10.20
CA SER J 156 21.19 4.76 -11.26
C SER J 156 19.87 4.10 -10.87
N GLY J 157 18.82 4.46 -11.61
CA GLY J 157 17.55 3.77 -11.60
C GLY J 157 16.54 4.27 -10.58
N ASN J 158 16.68 5.53 -10.17
CA ASN J 158 15.79 6.11 -9.19
C ASN J 158 15.73 7.60 -9.37
N SER J 159 16.05 8.01 -10.58
CA SER J 159 15.97 9.39 -10.98
C SER J 159 15.13 9.46 -12.25
N GLN J 160 14.38 10.55 -12.40
CA GLN J 160 13.53 10.73 -13.57
C GLN J 160 13.75 12.12 -14.15
N GLU J 161 13.68 12.21 -15.47
CA GLU J 161 13.91 13.47 -16.16
C GLU J 161 12.61 14.03 -16.74
N SER J 162 12.55 15.36 -16.85
CA SER J 162 11.44 16.01 -17.51
C SER J 162 11.93 17.20 -18.31
N VAL J 163 11.62 17.22 -19.61
CA VAL J 163 12.10 18.31 -20.44
C VAL J 163 10.96 19.22 -20.82
N THR J 164 11.25 20.51 -20.80
CA THR J 164 10.29 21.50 -21.15
C THR J 164 10.11 21.52 -22.68
N GLU J 165 9.11 22.26 -23.16
CA GLU J 165 8.93 22.44 -24.58
C GLU J 165 9.81 23.62 -25.00
N GLN J 166 10.19 23.68 -26.29
CA GLN J 166 11.06 24.74 -26.77
C GLN J 166 10.48 26.13 -26.49
N ASP J 167 11.30 27.00 -25.90
CA ASP J 167 10.85 28.32 -25.50
C ASP J 167 10.38 29.17 -26.68
N SER J 168 9.36 29.99 -26.46
CA SER J 168 8.81 30.85 -27.48
C SER J 168 9.58 32.17 -27.65
N LYS J 169 10.64 32.35 -26.88
CA LYS J 169 11.39 33.59 -26.96
C LYS J 169 12.82 33.36 -27.40
N ASP J 170 13.61 32.73 -26.53
CA ASP J 170 15.00 32.44 -26.84
C ASP J 170 15.16 31.04 -27.41
N SER J 171 14.08 30.26 -27.40
CA SER J 171 14.03 28.97 -28.09
C SER J 171 15.01 27.94 -27.53
N THR J 172 15.08 27.87 -26.20
CA THR J 172 15.97 26.94 -25.53
C THR J 172 15.15 25.84 -24.89
N TYR J 173 15.80 25.06 -24.03
CA TYR J 173 15.13 23.98 -23.34
C TYR J 173 15.52 24.05 -21.88
N SER J 174 14.76 23.38 -21.03
CA SER J 174 15.15 23.26 -19.64
C SER J 174 14.75 21.89 -19.17
N LEU J 175 15.52 21.34 -18.25
CA LEU J 175 15.38 19.95 -17.87
C LEU J 175 15.41 19.79 -16.36
N SER J 176 14.69 18.79 -15.88
CA SER J 176 14.65 18.45 -14.48
C SER J 176 14.93 16.98 -14.26
N SER J 177 16.02 16.64 -13.57
CA SER J 177 16.13 15.28 -13.05
C SER J 177 15.99 15.28 -11.54
N THR J 178 15.08 14.44 -11.04
CA THR J 178 14.85 14.33 -9.62
C THR J 178 15.39 13.00 -9.13
N LEU J 179 16.19 13.05 -8.07
CA LEU J 179 16.69 11.86 -7.43
C LEU J 179 15.88 11.62 -6.18
N THR J 180 15.20 10.49 -6.13
CA THR J 180 14.30 10.19 -5.02
C THR J 180 14.73 8.95 -4.28
N LEU J 181 15.11 9.16 -3.02
CA LEU J 181 15.44 8.08 -2.12
C LEU J 181 14.69 8.27 -0.82
N SER J 182 14.62 7.20 -0.04
CA SER J 182 13.94 7.22 1.25
C SER J 182 14.69 8.15 2.18
N LYS J 183 14.00 8.57 3.25
CA LYS J 183 14.62 9.37 4.29
C LYS J 183 15.88 8.70 4.78
N ALA J 184 15.72 7.44 5.17
CA ALA J 184 16.77 6.68 5.83
C ALA J 184 18.03 6.62 4.98
N ASP J 185 17.82 6.52 3.67
CA ASP J 185 18.93 6.46 2.72
C ASP J 185 19.61 7.81 2.45
N TYR J 186 18.86 8.89 2.65
CA TYR J 186 19.39 10.24 2.47
C TYR J 186 20.41 10.50 3.58
N GLU J 187 20.04 10.17 4.80
CA GLU J 187 20.86 10.45 5.97
C GLU J 187 22.07 9.52 6.10
N LYS J 188 22.20 8.56 5.19
CA LYS J 188 23.33 7.63 5.22
C LYS J 188 24.50 8.16 4.41
N HIS J 189 24.32 9.33 3.80
CA HIS J 189 25.33 9.95 2.96
C HIS J 189 25.43 11.46 3.17
N LYS J 190 26.45 12.09 2.60
CA LYS J 190 26.73 13.51 2.85
C LYS J 190 26.87 14.36 1.57
N VAL J 191 27.67 13.91 0.61
CA VAL J 191 27.88 14.66 -0.63
C VAL J 191 26.92 14.24 -1.74
N TYR J 192 26.19 15.20 -2.30
CA TYR J 192 25.22 14.94 -3.36
C TYR J 192 25.56 15.81 -4.56
N ALA J 193 25.67 15.19 -5.74
CA ALA J 193 26.21 15.88 -6.90
C ALA J 193 25.49 15.62 -8.23
N CYS J 194 25.28 16.70 -8.98
CA CYS J 194 24.84 16.67 -10.38
C CYS J 194 26.07 16.78 -11.29
N GLU J 195 26.35 15.78 -12.12
CA GLU J 195 27.35 16.03 -13.17
C GLU J 195 26.70 16.07 -14.54
N VAL J 196 26.83 17.21 -15.19
CA VAL J 196 26.12 17.47 -16.45
C VAL J 196 27.01 17.42 -17.67
N THR J 197 26.58 16.65 -18.68
CA THR J 197 27.27 16.57 -19.95
C THR J 197 26.43 17.18 -21.07
N HIS J 198 26.91 18.28 -21.64
CA HIS J 198 26.23 18.91 -22.76
C HIS J 198 27.22 19.39 -23.81
N GLN J 199 26.71 19.51 -25.04
CA GLN J 199 27.43 20.05 -26.18
C GLN J 199 28.08 21.42 -25.93
N GLY J 200 27.42 22.27 -25.15
CA GLY J 200 27.87 23.63 -24.94
C GLY J 200 29.05 23.76 -23.99
N LEU J 201 29.38 22.69 -23.28
CA LEU J 201 30.36 22.73 -22.19
C LEU J 201 31.69 22.05 -22.54
N SER J 202 32.80 22.77 -22.33
CA SER J 202 34.14 22.21 -22.60
C SER J 202 34.31 20.86 -21.90
N SER J 203 34.08 20.85 -20.59
CA SER J 203 34.09 19.61 -19.82
C SER J 203 32.84 19.60 -18.95
N PRO J 204 32.40 18.41 -18.53
CA PRO J 204 31.20 18.31 -17.69
C PRO J 204 31.20 19.24 -16.46
N VAL J 205 30.03 19.78 -16.14
CA VAL J 205 29.91 20.62 -14.96
C VAL J 205 29.36 19.78 -13.83
N THR J 206 29.92 19.94 -12.64
CA THR J 206 29.33 19.34 -11.46
C THR J 206 28.86 20.44 -10.51
N LYS J 207 27.62 20.31 -10.05
CA LYS J 207 27.12 21.09 -8.95
C LYS J 207 26.95 20.09 -7.83
N SER J 208 27.20 20.50 -6.59
CA SER J 208 27.00 19.57 -5.49
C SER J 208 26.65 20.26 -4.18
N PHE J 209 26.32 19.46 -3.17
CA PHE J 209 26.07 19.99 -1.84
C PHE J 209 26.39 18.95 -0.77
N ASN J 210 26.74 19.43 0.42
CA ASN J 210 26.91 18.55 1.57
C ASN J 210 25.68 18.70 2.41
N ARG J 211 24.97 17.60 2.64
CA ARG J 211 23.68 17.70 3.29
C ARG J 211 23.80 18.27 4.71
N GLY J 212 22.99 19.28 5.00
CA GLY J 212 23.11 20.03 6.23
C GLY J 212 23.97 21.27 6.05
N GLN K 1 10.47 -49.35 22.80
CA GLN K 1 10.36 -47.92 22.54
C GLN K 1 10.64 -47.64 21.07
N VAL K 2 9.70 -48.06 20.22
CA VAL K 2 9.83 -47.91 18.78
C VAL K 2 9.23 -46.60 18.31
N GLN K 3 9.77 -46.09 17.22
CA GLN K 3 9.11 -45.07 16.42
C GLN K 3 8.87 -45.65 15.05
N LEU K 4 7.89 -45.10 14.35
CA LEU K 4 7.59 -45.45 12.98
C LEU K 4 7.29 -44.14 12.29
N GLN K 5 7.61 -44.05 11.02
CA GLN K 5 7.46 -42.79 10.30
C GLN K 5 7.35 -43.08 8.82
N GLU K 6 6.23 -42.69 8.23
CA GLU K 6 5.99 -42.94 6.81
C GLU K 6 6.46 -41.80 5.94
N SER K 7 6.73 -42.10 4.67
CA SER K 7 7.25 -41.11 3.75
C SER K 7 7.12 -41.51 2.28
N GLY K 8 6.62 -40.57 1.46
CA GLY K 8 6.50 -40.76 0.03
C GLY K 8 5.58 -39.76 -0.63
N PRO K 9 5.55 -39.75 -1.97
CA PRO K 9 4.75 -38.81 -2.78
C PRO K 9 3.34 -38.57 -2.24
N GLY K 10 2.95 -37.31 -2.11
CA GLY K 10 1.63 -36.96 -1.60
C GLY K 10 0.65 -36.69 -2.73
N LEU K 11 1.18 -36.60 -3.94
CA LEU K 11 0.35 -36.44 -5.12
C LEU K 11 0.52 -37.62 -6.04
N VAL K 12 -0.60 -38.10 -6.59
CA VAL K 12 -0.53 -39.20 -7.54
C VAL K 12 -1.71 -39.13 -8.52
N LYS K 13 -1.40 -39.27 -9.79
CA LYS K 13 -2.35 -39.15 -10.87
C LYS K 13 -3.22 -40.37 -10.88
N PRO K 14 -4.55 -40.15 -11.29
CA PRO K 14 -5.34 -41.37 -11.30
C PRO K 14 -4.77 -42.45 -12.20
N SER K 15 -4.78 -43.67 -11.68
CA SER K 15 -4.36 -44.91 -12.35
C SER K 15 -2.90 -45.22 -12.23
N ASP K 16 -2.12 -44.30 -11.74
CA ASP K 16 -0.69 -44.46 -11.52
C ASP K 16 -0.57 -45.16 -10.18
N THR K 17 0.60 -45.58 -9.71
CA THR K 17 0.65 -46.40 -8.49
C THR K 17 1.19 -45.74 -7.27
N LEU K 18 0.64 -46.13 -6.11
CA LEU K 18 0.91 -45.41 -4.85
C LEU K 18 2.01 -46.09 -4.00
N SER K 19 3.12 -45.38 -3.79
CA SER K 19 4.27 -45.92 -3.05
C SER K 19 4.48 -45.18 -1.73
N LEU K 20 4.71 -45.94 -0.68
CA LEU K 20 4.92 -45.38 0.64
C LEU K 20 5.88 -46.31 1.35
N THR K 21 6.76 -45.72 2.15
CA THR K 21 7.72 -46.52 2.85
C THR K 21 7.72 -46.04 4.27
N CYS K 22 7.74 -46.97 5.18
CA CYS K 22 7.74 -46.61 6.57
C CYS K 22 9.09 -46.85 7.15
N ALA K 23 9.54 -45.92 7.96
CA ALA K 23 10.85 -46.05 8.57
C ALA K 23 10.66 -46.33 10.03
N VAL K 24 11.26 -47.44 10.44
CA VAL K 24 11.22 -47.92 11.78
C VAL K 24 12.60 -47.73 12.38
N SER K 25 12.60 -47.26 13.62
CA SER K 25 13.83 -47.01 14.36
C SER K 25 13.61 -47.56 15.75
N GLY K 26 14.68 -48.04 16.36
CA GLY K 26 14.58 -48.41 17.76
C GLY K 26 14.15 -49.84 18.02
N TYR K 27 13.83 -50.57 16.96
CA TYR K 27 13.55 -51.99 17.05
C TYR K 27 13.60 -52.57 15.64
N SER K 28 14.16 -53.78 15.54
CA SER K 28 14.38 -54.43 14.26
C SER K 28 13.09 -54.99 13.66
N ILE K 29 12.82 -54.73 12.37
CA ILE K 29 11.61 -55.27 11.75
C ILE K 29 11.64 -56.79 11.51
N THR K 30 12.73 -57.45 11.90
CA THR K 30 12.81 -58.90 11.80
C THR K 30 12.83 -59.55 13.17
N GLY K 31 12.96 -58.76 14.23
CA GLY K 31 12.93 -59.27 15.59
C GLY K 31 11.72 -59.91 16.29
N GLY K 32 10.57 -59.30 16.19
CA GLY K 32 9.35 -59.81 16.81
C GLY K 32 8.30 -58.96 16.14
N TYR K 33 7.03 -59.24 16.37
CA TYR K 33 5.89 -58.36 16.05
C TYR K 33 5.36 -58.38 14.64
N SER K 34 4.33 -57.62 14.35
CA SER K 34 3.72 -57.62 13.03
C SER K 34 3.60 -56.21 12.56
N TRP K 35 3.84 -55.99 11.29
CA TRP K 35 3.97 -54.61 10.81
C TRP K 35 2.91 -54.20 9.79
N HIS K 36 2.19 -53.11 10.07
CA HIS K 36 0.95 -52.85 9.36
C HIS K 36 0.80 -51.52 8.61
N TRP K 37 -0.08 -51.52 7.62
CA TRP K 37 -0.54 -50.32 6.92
C TRP K 37 -2.05 -50.17 7.14
N ILE K 38 -2.49 -48.95 7.38
CA ILE K 38 -3.89 -48.65 7.66
C ILE K 38 -4.13 -47.26 7.12
N ARG K 39 -5.26 -47.03 6.45
CA ARG K 39 -5.54 -45.71 5.92
C ARG K 39 -6.83 -45.15 6.44
N GLN K 40 -7.00 -43.86 6.26
CA GLN K 40 -8.19 -43.21 6.76
C GLN K 40 -8.49 -42.03 5.87
N PRO K 41 -9.59 -42.10 5.12
CA PRO K 41 -9.91 -41.00 4.22
C PRO K 41 -10.29 -39.75 4.98
N PRO K 42 -10.10 -38.58 4.38
CA PRO K 42 -10.48 -37.31 5.02
C PRO K 42 -11.90 -37.33 5.58
N GLY K 43 -12.00 -37.30 6.91
CA GLY K 43 -13.27 -37.23 7.59
C GLY K 43 -13.93 -38.58 7.86
N LYS K 44 -13.30 -39.66 7.43
CA LYS K 44 -13.94 -40.95 7.50
C LYS K 44 -13.23 -41.99 8.35
N GLY K 45 -13.82 -43.18 8.43
CA GLY K 45 -13.37 -44.21 9.34
C GLY K 45 -12.09 -44.89 8.93
N LEU K 46 -11.64 -45.84 9.75
CA LEU K 46 -10.32 -46.42 9.59
C LEU K 46 -10.32 -47.80 8.91
N GLU K 47 -9.47 -47.96 7.90
CA GLU K 47 -9.44 -49.18 7.12
C GLU K 47 -8.16 -49.99 7.23
N TRP K 48 -8.28 -51.27 7.59
CA TRP K 48 -7.09 -52.13 7.64
C TRP K 48 -6.66 -52.59 6.23
N MET K 49 -5.37 -52.55 5.95
CA MET K 49 -4.93 -52.96 4.63
C MET K 49 -4.05 -54.22 4.56
N GLY K 50 -3.02 -54.29 5.39
CA GLY K 50 -2.16 -55.44 5.31
C GLY K 50 -1.00 -55.38 6.26
N TYR K 51 -0.41 -56.53 6.51
CA TYR K 51 0.81 -56.57 7.29
C TYR K 51 1.85 -57.42 6.59
N ILE K 52 3.06 -57.36 7.13
CA ILE K 52 4.11 -58.32 6.85
C ILE K 52 4.65 -58.69 8.22
N HIS K 53 4.91 -59.98 8.38
CA HIS K 53 5.21 -60.61 9.67
C HIS K 53 6.72 -60.54 9.80
N TYR K 54 7.26 -60.56 11.02
CA TYR K 54 8.73 -60.48 11.17
C TYR K 54 9.50 -61.60 10.46
N SER K 55 8.82 -62.70 10.13
CA SER K 55 9.46 -63.79 9.41
C SER K 55 9.41 -63.48 7.93
N GLY K 56 8.54 -62.53 7.56
CA GLY K 56 8.59 -61.89 6.27
C GLY K 56 7.43 -62.23 5.37
N TYR K 57 6.45 -62.92 5.92
CA TYR K 57 5.29 -63.28 5.13
C TYR K 57 4.19 -62.22 5.28
N THR K 58 3.43 -62.02 4.21
CA THR K 58 2.39 -61.00 4.21
C THR K 58 0.99 -61.60 4.39
N ASP K 59 0.02 -60.77 4.75
CA ASP K 59 -1.39 -61.07 4.58
C ASP K 59 -2.11 -59.75 4.39
N PHE K 60 -3.31 -59.78 3.84
CA PHE K 60 -3.92 -58.55 3.32
C PHE K 60 -5.40 -58.45 3.55
N ASN K 61 -5.94 -57.29 3.20
CA ASN K 61 -7.37 -57.07 3.25
C ASN K 61 -7.92 -57.53 1.91
N PRO K 62 -8.86 -58.49 1.95
CA PRO K 62 -9.47 -59.04 0.73
C PRO K 62 -10.18 -57.99 -0.11
N SER K 63 -10.26 -56.77 0.38
CA SER K 63 -10.84 -55.73 -0.42
C SER K 63 -9.81 -55.18 -1.44
N LEU K 64 -8.52 -55.18 -1.08
CA LEU K 64 -7.50 -54.54 -1.93
C LEU K 64 -6.41 -55.48 -2.48
N LYS K 65 -6.53 -56.78 -2.17
CA LYS K 65 -5.49 -57.78 -2.47
C LYS K 65 -5.05 -57.75 -3.90
N THR K 66 -5.96 -57.44 -4.82
CA THR K 66 -5.58 -57.42 -6.22
C THR K 66 -4.76 -56.19 -6.65
N ARG K 67 -4.58 -55.21 -5.78
CA ARG K 67 -3.67 -54.15 -6.21
C ARG K 67 -2.73 -53.68 -5.14
N ILE K 68 -2.54 -54.50 -4.12
CA ILE K 68 -1.70 -54.14 -3.01
C ILE K 68 -0.55 -55.11 -2.87
N THR K 69 0.64 -54.58 -2.60
CA THR K 69 1.74 -55.40 -2.10
C THR K 69 2.46 -54.68 -1.00
N ILE K 70 3.17 -55.45 -0.19
CA ILE K 70 4.02 -54.95 0.88
C ILE K 70 5.31 -55.75 0.93
N SER K 71 6.44 -55.05 0.94
CA SER K 71 7.73 -55.72 0.97
C SER K 71 8.65 -54.91 1.86
N ARG K 72 9.80 -55.46 2.20
CA ARG K 72 10.69 -54.78 3.11
C ARG K 72 12.13 -54.72 2.62
N ASP K 73 12.88 -53.82 3.25
CA ASP K 73 14.31 -53.73 3.14
C ASP K 73 14.87 -53.86 4.55
N THR K 74 15.25 -55.08 4.94
CA THR K 74 15.77 -55.31 6.28
C THR K 74 17.07 -54.56 6.55
N SER K 75 17.86 -54.36 5.50
CA SER K 75 19.13 -53.65 5.60
C SER K 75 18.87 -52.18 5.92
N LYS K 76 17.72 -51.66 5.51
CA LYS K 76 17.36 -50.29 5.87
C LYS K 76 16.24 -50.27 6.92
N ASN K 77 15.79 -51.45 7.38
CA ASN K 77 14.80 -51.54 8.45
C ASN K 77 13.51 -50.81 8.09
N GLN K 78 13.01 -51.06 6.89
CA GLN K 78 11.88 -50.33 6.36
C GLN K 78 11.00 -51.26 5.59
N PHE K 79 9.69 -51.10 5.74
CA PHE K 79 8.78 -51.78 4.85
C PHE K 79 7.96 -50.78 4.07
N SER K 80 7.44 -51.24 2.94
CA SER K 80 6.89 -50.34 1.93
C SER K 80 5.51 -50.78 1.51
N LEU K 81 4.77 -49.84 0.94
CA LEU K 81 3.44 -50.15 0.44
C LEU K 81 3.33 -49.70 -0.99
N LYS K 82 2.72 -50.55 -1.81
CA LYS K 82 2.51 -50.24 -3.22
C LYS K 82 1.06 -50.54 -3.46
N LEU K 83 0.37 -49.61 -4.11
CA LEU K 83 -1.03 -49.75 -4.45
C LEU K 83 -1.17 -49.23 -5.87
N SER K 84 -1.73 -50.06 -6.77
CA SER K 84 -1.77 -49.71 -8.17
C SER K 84 -3.21 -49.51 -8.60
N SER K 85 -3.40 -48.95 -9.81
CA SER K 85 -4.72 -48.67 -10.38
C SER K 85 -5.51 -47.80 -9.43
N VAL K 86 -4.89 -46.70 -9.04
CA VAL K 86 -5.39 -45.80 -8.04
C VAL K 86 -6.45 -44.83 -8.60
N THR K 87 -7.39 -44.44 -7.75
CA THR K 87 -8.50 -43.56 -8.11
C THR K 87 -8.76 -42.68 -6.89
N ALA K 88 -9.53 -41.63 -7.06
CA ALA K 88 -9.79 -40.64 -5.99
C ALA K 88 -10.30 -41.21 -4.65
N VAL K 89 -10.95 -42.37 -4.69
CA VAL K 89 -11.43 -42.99 -3.46
C VAL K 89 -10.25 -43.48 -2.61
N ASP K 90 -9.06 -43.44 -3.19
CA ASP K 90 -7.85 -43.86 -2.51
C ASP K 90 -7.12 -42.67 -1.86
N THR K 91 -7.70 -41.48 -1.95
CA THR K 91 -7.21 -40.35 -1.16
C THR K 91 -7.43 -40.72 0.30
N ALA K 92 -6.42 -40.48 1.13
CA ALA K 92 -6.44 -40.92 2.53
C ALA K 92 -5.15 -40.54 3.26
N VAL K 93 -5.21 -40.50 4.59
CA VAL K 93 -3.98 -40.50 5.36
C VAL K 93 -3.59 -41.96 5.61
N TYR K 94 -2.36 -42.30 5.24
CA TYR K 94 -1.87 -43.66 5.40
C TYR K 94 -0.97 -43.80 6.62
N TYR K 95 -1.31 -44.71 7.53
CA TYR K 95 -0.52 -44.93 8.74
C TYR K 95 0.32 -46.19 8.76
N CYS K 96 1.46 -46.06 9.42
CA CYS K 96 2.40 -47.09 9.81
C CYS K 96 1.96 -47.60 11.15
N ALA K 97 2.11 -48.88 11.44
CA ALA K 97 1.67 -49.37 12.74
C ALA K 97 2.32 -50.70 13.15
N ARG K 98 2.65 -50.85 14.43
CA ARG K 98 3.17 -52.12 14.91
C ARG K 98 2.18 -52.78 15.85
N LYS K 99 1.86 -54.04 15.55
CA LYS K 99 0.75 -54.69 16.19
C LYS K 99 1.16 -55.67 17.28
N ASP K 100 0.41 -55.62 18.36
CA ASP K 100 0.56 -56.50 19.51
C ASP K 100 -0.12 -57.83 19.27
N PRO K 101 0.39 -58.89 19.93
CA PRO K 101 -0.25 -60.22 19.95
C PRO K 101 -1.74 -60.13 20.30
N SER K 102 -2.09 -59.07 21.02
CA SER K 102 -3.47 -58.76 21.34
C SER K 102 -4.31 -58.25 20.17
N ASP K 103 -3.69 -58.00 19.01
CA ASP K 103 -4.36 -57.44 17.83
C ASP K 103 -4.66 -55.95 17.99
N ALA K 104 -3.94 -55.31 18.90
CA ALA K 104 -4.13 -53.90 19.17
C ALA K 104 -2.91 -53.18 18.72
N PHE K 105 -3.09 -51.98 18.18
CA PHE K 105 -1.98 -51.19 17.69
C PHE K 105 -1.54 -50.14 18.69
N PRO K 106 -0.56 -50.48 19.55
CA PRO K 106 -0.09 -49.55 20.56
C PRO K 106 0.71 -48.45 19.92
N TYR K 107 1.46 -48.79 18.86
CA TYR K 107 2.38 -47.84 18.20
C TYR K 107 2.08 -47.57 16.75
N TRP K 108 2.00 -46.28 16.44
CA TRP K 108 1.66 -45.79 15.11
C TRP K 108 2.73 -44.82 14.62
N GLY K 109 2.55 -44.35 13.39
CA GLY K 109 3.39 -43.30 12.85
C GLY K 109 2.62 -41.99 12.81
N GLN K 110 3.15 -41.00 12.09
CA GLN K 110 2.51 -39.69 12.05
C GLN K 110 1.31 -39.73 11.11
N GLY K 111 1.42 -40.56 10.08
CA GLY K 111 0.45 -40.57 9.00
C GLY K 111 0.84 -39.57 7.93
N THR K 112 0.83 -40.00 6.68
CA THR K 112 1.17 -39.12 5.57
C THR K 112 0.02 -39.08 4.54
N LEU K 113 -0.55 -37.91 4.34
CA LEU K 113 -1.62 -37.76 3.36
C LEU K 113 -1.12 -37.92 1.93
N VAL K 114 -1.84 -38.73 1.15
CA VAL K 114 -1.62 -38.82 -0.29
C VAL K 114 -2.89 -38.45 -1.02
N THR K 115 -2.74 -37.65 -2.07
CA THR K 115 -3.91 -37.17 -2.79
C THR K 115 -3.92 -37.69 -4.21
N VAL K 116 -5.10 -38.05 -4.72
CA VAL K 116 -5.21 -38.53 -6.09
C VAL K 116 -5.93 -37.55 -7.00
N SER K 117 -5.15 -36.86 -7.82
CA SER K 117 -5.71 -35.92 -8.78
C SER K 117 -4.84 -35.86 -10.01
N SER K 118 -5.37 -35.30 -11.07
CA SER K 118 -4.59 -35.06 -12.25
C SER K 118 -4.18 -33.59 -12.31
N ALA K 119 -4.49 -32.87 -11.23
CA ALA K 119 -4.07 -31.48 -11.13
C ALA K 119 -2.58 -31.40 -10.84
N SER K 120 -1.98 -30.28 -11.19
CA SER K 120 -0.55 -30.09 -11.00
C SER K 120 -0.31 -29.42 -9.65
N THR K 121 0.82 -29.70 -9.01
CA THR K 121 1.14 -28.98 -7.80
C THR K 121 1.30 -27.51 -8.18
N LYS K 122 0.94 -26.62 -7.25
CA LYS K 122 0.93 -25.20 -7.53
C LYS K 122 1.24 -24.53 -6.21
N GLY K 123 2.17 -23.59 -6.24
CA GLY K 123 2.54 -22.88 -5.04
C GLY K 123 1.45 -21.94 -4.58
N PRO K 124 1.30 -21.80 -3.25
CA PRO K 124 0.36 -20.83 -2.70
C PRO K 124 0.90 -19.43 -2.85
N SER K 125 0.01 -18.44 -2.93
CA SER K 125 0.37 -17.04 -2.83
C SER K 125 -0.02 -16.59 -1.43
N VAL K 126 0.85 -15.85 -0.76
CA VAL K 126 0.55 -15.42 0.60
C VAL K 126 0.28 -13.93 0.68
N PHE K 127 -0.83 -13.59 1.33
CA PHE K 127 -1.25 -12.22 1.49
C PHE K 127 -1.52 -12.01 2.98
N PRO K 128 -1.43 -10.75 3.44
CA PRO K 128 -1.62 -10.46 4.86
C PRO K 128 -3.05 -10.02 5.14
N LEU K 129 -3.53 -10.36 6.33
CA LEU K 129 -4.79 -9.83 6.79
C LEU K 129 -4.49 -8.81 7.86
N ALA K 130 -4.17 -7.60 7.41
CA ALA K 130 -3.78 -6.51 8.27
C ALA K 130 -4.87 -6.15 9.28
N PRO K 131 -4.45 -5.90 10.53
CA PRO K 131 -5.33 -5.53 11.66
C PRO K 131 -6.15 -4.29 11.35
N THR K 140 -7.67 -5.97 22.17
CA THR K 140 -7.92 -7.28 21.58
C THR K 140 -8.00 -7.21 20.06
N ALA K 141 -6.88 -7.48 19.37
CA ALA K 141 -6.77 -7.32 17.92
C ALA K 141 -6.64 -8.66 17.21
N ALA K 142 -6.80 -8.65 15.89
CA ALA K 142 -6.66 -9.86 15.10
C ALA K 142 -6.01 -9.53 13.78
N LEU K 143 -5.36 -10.54 13.20
CA LEU K 143 -4.64 -10.37 11.96
C LEU K 143 -4.31 -11.75 11.48
N GLY K 144 -3.73 -11.85 10.30
CA GLY K 144 -3.30 -13.13 9.82
C GLY K 144 -2.79 -13.13 8.40
N CYS K 145 -2.59 -14.33 7.88
CA CYS K 145 -2.09 -14.54 6.53
C CYS K 145 -3.15 -15.20 5.69
N LEU K 146 -3.08 -14.99 4.39
CA LEU K 146 -4.03 -15.64 3.51
C LEU K 146 -3.29 -16.51 2.51
N VAL K 147 -3.22 -17.80 2.79
CA VAL K 147 -2.52 -18.71 1.92
C VAL K 147 -3.41 -19.07 0.77
N LYS K 148 -3.10 -18.57 -0.41
CA LYS K 148 -4.06 -18.69 -1.51
C LYS K 148 -3.55 -19.47 -2.71
N ASP K 149 -4.45 -20.26 -3.28
CA ASP K 149 -4.23 -20.92 -4.57
C ASP K 149 -3.05 -21.87 -4.63
N TYR K 150 -3.17 -22.98 -3.92
CA TYR K 150 -2.11 -23.95 -3.88
C TYR K 150 -2.67 -25.34 -3.99
N PHE K 151 -1.85 -26.22 -4.52
CA PHE K 151 -2.21 -27.61 -4.62
C PHE K 151 -0.91 -28.40 -4.56
N PRO K 152 -0.92 -29.57 -3.90
CA PRO K 152 -2.02 -30.13 -3.13
C PRO K 152 -1.91 -29.79 -1.65
N GLU K 153 -2.71 -30.48 -0.85
CA GLU K 153 -2.61 -30.42 0.58
C GLU K 153 -1.43 -31.28 1.02
N PRO K 154 -0.90 -31.03 2.22
CA PRO K 154 -1.27 -29.99 3.18
C PRO K 154 -0.33 -28.78 3.18
N VAL K 155 -0.70 -27.78 3.96
CA VAL K 155 0.14 -26.61 4.21
C VAL K 155 0.25 -26.43 5.72
N THR K 156 1.44 -26.06 6.17
CA THR K 156 1.73 -25.90 7.59
C THR K 156 2.06 -24.45 7.92
N VAL K 157 1.37 -23.89 8.91
CA VAL K 157 1.58 -22.49 9.27
C VAL K 157 1.97 -22.30 10.74
N SER K 158 3.00 -21.49 10.94
CA SER K 158 3.43 -21.12 12.28
C SER K 158 3.61 -19.61 12.35
N TRP K 159 3.83 -19.12 13.56
CA TRP K 159 3.96 -17.70 13.76
C TRP K 159 5.20 -17.43 14.57
N ASN K 160 6.10 -16.62 14.04
CA ASN K 160 7.37 -16.34 14.70
C ASN K 160 8.09 -17.65 15.05
N SER K 161 8.07 -18.61 14.13
CA SER K 161 8.80 -19.87 14.30
C SER K 161 8.42 -20.61 15.57
N GLY K 162 7.14 -20.62 15.89
CA GLY K 162 6.64 -21.40 17.00
C GLY K 162 6.62 -20.65 18.32
N ALA K 163 7.17 -19.44 18.32
CA ALA K 163 7.18 -18.60 19.51
C ALA K 163 5.76 -18.19 19.86
N LEU K 164 4.94 -18.01 18.82
CA LEU K 164 3.53 -17.64 18.99
C LEU K 164 2.62 -18.86 18.95
N THR K 165 2.01 -19.19 20.08
CA THR K 165 1.22 -20.40 20.19
C THR K 165 -0.20 -20.13 20.71
N SER K 166 -0.33 -19.24 21.69
CA SER K 166 -1.65 -18.89 22.16
C SER K 166 -2.30 -17.89 21.20
N GLY K 167 -3.58 -18.10 20.91
CA GLY K 167 -4.34 -17.20 20.08
C GLY K 167 -4.34 -17.58 18.62
N VAL K 168 -3.59 -18.62 18.27
CA VAL K 168 -3.41 -19.00 16.87
C VAL K 168 -4.50 -19.93 16.37
N HIS K 169 -5.11 -19.58 15.24
CA HIS K 169 -6.10 -20.44 14.60
C HIS K 169 -5.86 -20.58 13.11
N THR K 170 -5.54 -21.78 12.68
CA THR K 170 -5.39 -22.05 11.27
C THR K 170 -6.62 -22.84 10.88
N PHE K 171 -7.39 -22.29 9.97
CA PHE K 171 -8.59 -22.93 9.51
C PHE K 171 -8.23 -24.04 8.57
N PRO K 172 -9.14 -25.02 8.44
CA PRO K 172 -9.06 -26.05 7.40
C PRO K 172 -8.95 -25.39 6.04
N ALA K 173 -8.41 -26.13 5.09
CA ALA K 173 -8.33 -25.64 3.75
C ALA K 173 -9.66 -25.88 3.04
N VAL K 174 -9.97 -25.00 2.09
CA VAL K 174 -11.18 -25.10 1.31
C VAL K 174 -10.83 -25.13 -0.17
N LEU K 175 -11.42 -26.07 -0.89
CA LEU K 175 -11.22 -26.19 -2.33
C LEU K 175 -12.15 -25.21 -3.06
N GLN K 176 -11.55 -24.25 -3.77
CA GLN K 176 -12.32 -23.25 -4.50
C GLN K 176 -12.94 -23.89 -5.75
N SER K 177 -13.54 -23.08 -6.61
CA SER K 177 -14.11 -23.62 -7.82
C SER K 177 -12.97 -23.85 -8.81
N SER K 178 -11.87 -23.13 -8.58
CA SER K 178 -10.67 -23.28 -9.38
C SER K 178 -10.10 -24.68 -9.21
N GLY K 179 -10.27 -25.24 -8.02
CA GLY K 179 -9.74 -26.56 -7.72
C GLY K 179 -8.44 -26.43 -6.94
N LEU K 180 -8.18 -25.22 -6.44
CA LEU K 180 -6.98 -24.94 -5.70
C LEU K 180 -7.37 -24.49 -4.32
N TYR K 181 -6.63 -24.98 -3.33
CA TYR K 181 -7.00 -24.70 -1.96
C TYR K 181 -6.56 -23.32 -1.54
N SER K 182 -7.15 -22.85 -0.46
CA SER K 182 -6.75 -21.61 0.19
C SER K 182 -7.11 -21.73 1.66
N LEU K 183 -6.29 -21.14 2.52
CA LEU K 183 -6.66 -21.03 3.92
C LEU K 183 -6.07 -19.81 4.62
N SER K 184 -6.62 -19.49 5.79
CA SER K 184 -6.14 -18.38 6.58
C SER K 184 -5.64 -18.88 7.91
N SER K 185 -4.55 -18.29 8.39
CA SER K 185 -4.18 -18.42 9.79
C SER K 185 -4.27 -17.06 10.45
N VAL K 186 -4.85 -17.02 11.65
CA VAL K 186 -5.00 -15.78 12.37
C VAL K 186 -4.64 -15.96 13.82
N VAL K 187 -4.39 -14.83 14.47
CA VAL K 187 -4.04 -14.80 15.87
C VAL K 187 -4.43 -13.46 16.45
N THR K 188 -4.65 -13.45 17.75
CA THR K 188 -5.06 -12.26 18.46
C THR K 188 -3.97 -11.78 19.40
N THR K 198 5.95 -7.47 16.90
CA THR K 198 5.92 -7.73 15.45
C THR K 198 5.54 -9.17 15.12
N TYR K 199 4.99 -9.36 13.92
CA TYR K 199 4.32 -10.61 13.58
C TYR K 199 4.67 -11.14 12.22
N ILE K 200 5.42 -12.23 12.20
CA ILE K 200 5.72 -12.93 10.96
C ILE K 200 5.08 -14.31 10.97
N CYS K 201 4.54 -14.68 9.82
CA CYS K 201 3.92 -15.97 9.64
C CYS K 201 4.82 -16.83 8.75
N ASN K 202 4.97 -18.11 9.11
CA ASN K 202 5.87 -19.01 8.38
C ASN K 202 5.09 -20.07 7.60
N VAL K 203 5.08 -19.91 6.29
CA VAL K 203 4.22 -20.68 5.41
C VAL K 203 4.99 -21.78 4.67
N ASN K 204 4.51 -23.01 4.79
CA ASN K 204 5.20 -24.16 4.18
C ASN K 204 4.32 -24.99 3.26
N HIS K 205 4.84 -25.25 2.07
CA HIS K 205 4.19 -26.12 1.12
C HIS K 205 5.29 -26.95 0.48
N LYS K 206 5.61 -28.06 1.12
CA LYS K 206 6.64 -28.99 0.63
C LYS K 206 6.55 -29.33 -0.86
N PRO K 207 5.32 -29.61 -1.39
CA PRO K 207 5.28 -30.04 -2.79
C PRO K 207 5.82 -29.06 -3.84
N SER K 208 5.87 -27.77 -3.55
CA SER K 208 6.38 -26.75 -4.47
C SER K 208 7.67 -26.23 -3.90
N ASN K 209 8.12 -26.88 -2.83
CA ASN K 209 9.31 -26.43 -2.12
C ASN K 209 9.17 -24.97 -1.73
N THR K 210 8.09 -24.64 -1.05
CA THR K 210 7.83 -23.25 -0.70
C THR K 210 8.00 -23.05 0.79
N LYS K 211 8.91 -22.17 1.17
CA LYS K 211 9.08 -21.76 2.56
C LYS K 211 9.03 -20.24 2.60
N VAL K 212 8.03 -19.67 3.26
CA VAL K 212 7.82 -18.23 3.17
C VAL K 212 7.38 -17.58 4.47
N ASP K 213 8.11 -16.53 4.83
CA ASP K 213 7.76 -15.74 5.98
C ASP K 213 7.23 -14.38 5.55
N LYS K 214 6.14 -13.96 6.15
CA LYS K 214 5.58 -12.66 5.82
C LYS K 214 5.13 -11.89 7.06
N ARG K 215 5.73 -10.74 7.25
CA ARG K 215 5.45 -9.93 8.43
C ARG K 215 4.15 -9.15 8.27
N VAL K 216 3.47 -8.91 9.39
CA VAL K 216 2.14 -8.33 9.36
C VAL K 216 2.03 -7.08 10.23
N GLU K 217 1.66 -5.96 9.61
CA GLU K 217 1.40 -4.70 10.30
C GLU K 217 0.16 -4.09 9.65
N PRO K 218 -0.40 -3.02 10.26
CA PRO K 218 -1.49 -2.33 9.54
C PRO K 218 -0.96 -1.41 8.44
N GLU L 1 -15.98 -60.61 6.77
CA GLU L 1 -15.66 -59.31 7.33
C GLU L 1 -16.66 -59.04 8.43
N ILE L 2 -16.15 -58.71 9.60
CA ILE L 2 -16.99 -58.42 10.75
C ILE L 2 -17.16 -56.93 10.86
N VAL L 3 -18.39 -56.45 10.65
CA VAL L 3 -18.63 -55.01 10.66
C VAL L 3 -18.97 -54.47 12.05
N LEU L 4 -18.36 -53.35 12.40
CA LEU L 4 -18.56 -52.75 13.71
C LEU L 4 -19.41 -51.51 13.57
N THR L 5 -20.54 -51.51 14.26
CA THR L 5 -21.45 -50.38 14.27
C THR L 5 -21.36 -49.58 15.55
N GLN L 6 -20.85 -48.36 15.45
CA GLN L 6 -20.74 -47.50 16.63
C GLN L 6 -21.93 -46.58 16.75
N SER L 7 -22.47 -46.43 17.96
CA SER L 7 -23.45 -45.39 18.19
C SER L 7 -23.23 -44.71 19.54
N PRO L 8 -23.55 -43.41 19.62
CA PRO L 8 -24.09 -42.67 18.48
C PRO L 8 -22.96 -42.34 17.53
N ASP L 9 -23.25 -41.69 16.40
CA ASP L 9 -22.19 -41.21 15.56
C ASP L 9 -21.60 -39.93 16.12
N PHE L 10 -22.44 -39.18 16.81
CA PHE L 10 -22.00 -37.91 17.35
C PHE L 10 -22.61 -37.76 18.72
N GLN L 11 -21.91 -37.11 19.63
CA GLN L 11 -22.44 -36.88 20.96
C GLN L 11 -21.95 -35.58 21.58
N SER L 12 -22.89 -34.66 21.81
CA SER L 12 -22.59 -33.42 22.50
C SER L 12 -22.93 -33.51 23.98
N VAL L 13 -21.89 -33.46 24.81
CA VAL L 13 -22.02 -33.69 26.23
C VAL L 13 -21.39 -32.53 27.04
N THR L 14 -22.01 -32.19 28.15
CA THR L 14 -21.57 -31.11 29.02
C THR L 14 -20.37 -31.59 29.84
N PRO L 15 -19.44 -30.68 30.16
CA PRO L 15 -18.28 -31.01 31.01
C PRO L 15 -18.69 -31.70 32.31
N LYS L 16 -17.92 -32.72 32.70
CA LYS L 16 -18.20 -33.52 33.88
C LYS L 16 -19.47 -34.38 33.81
N GLU L 17 -20.25 -34.19 32.75
CA GLU L 17 -21.37 -35.06 32.42
C GLU L 17 -20.83 -36.27 31.62
N LYS L 18 -21.56 -37.38 31.67
CA LYS L 18 -21.07 -38.65 31.16
C LYS L 18 -21.28 -38.89 29.66
N VAL L 19 -20.22 -39.39 29.02
CA VAL L 19 -20.27 -39.86 27.64
C VAL L 19 -20.28 -41.38 27.60
N THR L 20 -21.01 -41.95 26.65
CA THR L 20 -21.16 -43.38 26.55
C THR L 20 -21.28 -43.76 25.09
N ILE L 21 -20.34 -44.58 24.63
CA ILE L 21 -20.27 -44.97 23.23
C ILE L 21 -20.40 -46.50 23.11
N THR L 22 -21.27 -46.96 22.21
CA THR L 22 -21.48 -48.40 22.06
C THR L 22 -20.99 -48.91 20.72
N CYS L 23 -20.53 -50.16 20.71
CA CYS L 23 -20.11 -50.83 19.49
C CYS L 23 -20.85 -52.14 19.43
N ARG L 24 -21.37 -52.46 18.26
CA ARG L 24 -22.07 -53.71 18.07
C ARG L 24 -21.42 -54.50 16.95
N ALA L 25 -20.99 -55.71 17.28
CA ALA L 25 -20.39 -56.62 16.32
C ALA L 25 -21.46 -57.47 15.63
N SER L 26 -21.28 -57.69 14.34
CA SER L 26 -22.13 -58.57 13.54
C SER L 26 -21.89 -60.02 13.89
N GLN L 27 -21.01 -60.27 14.85
CA GLN L 27 -20.65 -61.63 15.23
C GLN L 27 -20.03 -61.63 16.60
N SER L 28 -20.20 -62.71 17.36
CA SER L 28 -19.71 -62.72 18.75
C SER L 28 -18.20 -62.86 18.83
N ILE L 29 -17.57 -61.84 19.43
CA ILE L 29 -16.12 -61.74 19.42
C ILE L 29 -15.39 -61.94 20.75
N SER L 30 -16.10 -62.30 21.82
CA SER L 30 -15.47 -62.77 23.07
C SER L 30 -14.40 -61.84 23.68
N ASP L 31 -14.72 -60.58 23.93
CA ASP L 31 -13.81 -59.64 24.60
C ASP L 31 -12.60 -59.17 23.77
N HIS L 32 -12.57 -59.54 22.49
CA HIS L 32 -11.44 -59.17 21.66
C HIS L 32 -11.69 -57.85 20.97
N LEU L 33 -11.86 -56.81 21.77
CA LEU L 33 -12.24 -55.50 21.25
C LEU L 33 -11.45 -54.39 21.94
N HIS L 34 -10.99 -53.43 21.15
CA HIS L 34 -10.20 -52.33 21.66
C HIS L 34 -10.79 -50.99 21.31
N TRP L 35 -10.30 -49.96 21.98
CA TRP L 35 -10.81 -48.63 21.75
C TRP L 35 -9.66 -47.65 21.62
N TYR L 36 -9.84 -46.71 20.71
CA TYR L 36 -8.84 -45.71 20.41
C TYR L 36 -9.48 -44.32 20.45
N GLN L 37 -8.62 -43.33 20.58
CA GLN L 37 -9.02 -41.93 20.62
C GLN L 37 -8.09 -41.19 19.67
N GLN L 38 -8.68 -40.46 18.74
CA GLN L 38 -7.91 -39.71 17.77
C GLN L 38 -8.31 -38.24 17.77
N LYS L 39 -7.43 -37.41 18.25
CA LYS L 39 -7.62 -35.97 18.15
C LYS L 39 -7.26 -35.60 16.73
N PRO L 40 -7.94 -34.59 16.16
CA PRO L 40 -7.65 -34.18 14.78
C PRO L 40 -6.16 -33.92 14.53
N ASP L 41 -5.73 -34.22 13.31
CA ASP L 41 -4.33 -34.07 12.90
C ASP L 41 -3.42 -35.02 13.66
N GLN L 42 -4.01 -36.02 14.30
CA GLN L 42 -3.21 -36.98 15.05
C GLN L 42 -3.54 -38.43 14.75
N SER L 43 -2.53 -39.28 14.80
CA SER L 43 -2.70 -40.70 14.72
C SER L 43 -3.54 -41.14 15.90
N PRO L 44 -4.11 -42.35 15.83
CA PRO L 44 -4.87 -42.90 16.96
C PRO L 44 -4.04 -43.30 18.18
N LYS L 45 -4.74 -43.38 19.31
CA LYS L 45 -4.15 -43.60 20.63
C LYS L 45 -4.89 -44.73 21.30
N LEU L 46 -4.19 -45.82 21.55
CA LEU L 46 -4.77 -46.97 22.24
C LEU L 46 -5.32 -46.53 23.60
N LEU L 47 -6.56 -46.88 23.90
CA LEU L 47 -7.15 -46.57 25.22
C LEU L 47 -7.49 -47.83 25.99
N ILE L 48 -8.22 -48.72 25.34
CA ILE L 48 -8.74 -49.92 25.98
C ILE L 48 -8.40 -51.16 25.18
N LYS L 49 -7.91 -52.16 25.90
CA LYS L 49 -7.68 -53.50 25.43
C LYS L 49 -8.72 -54.40 26.03
N TYR L 50 -9.25 -55.29 25.25
CA TYR L 50 -10.13 -56.30 25.78
C TYR L 50 -11.30 -55.69 26.51
N ALA L 51 -11.84 -54.65 25.90
CA ALA L 51 -13.07 -54.04 26.31
C ALA L 51 -12.93 -53.36 27.62
N SER L 52 -12.57 -54.13 28.65
CA SER L 52 -12.19 -53.66 29.99
C SER L 52 -10.85 -52.95 30.32
N HIS L 53 -9.71 -53.42 29.83
CA HIS L 53 -8.46 -53.05 30.47
C HIS L 53 -7.85 -51.83 29.88
N ALA L 54 -7.75 -50.79 30.66
CA ALA L 54 -7.23 -49.52 30.16
C ALA L 54 -5.71 -49.47 30.08
N ILE L 55 -5.23 -48.78 29.06
CA ILE L 55 -3.81 -48.62 28.84
C ILE L 55 -3.22 -47.77 29.96
N SER L 56 -2.03 -48.16 30.44
CA SER L 56 -1.41 -47.46 31.57
C SER L 56 -1.12 -46.00 31.24
N GLY L 57 -1.51 -45.13 32.18
CA GLY L 57 -1.33 -43.70 32.05
C GLY L 57 -2.64 -43.01 31.70
N VAL L 58 -3.53 -43.78 31.08
CA VAL L 58 -4.85 -43.29 30.73
C VAL L 58 -5.60 -43.00 32.01
N PRO L 59 -6.08 -41.75 32.16
CA PRO L 59 -6.76 -41.26 33.35
C PRO L 59 -7.84 -42.24 33.84
N SER L 60 -8.33 -42.03 35.03
CA SER L 60 -9.32 -42.95 35.59
C SER L 60 -10.70 -42.74 34.97
N ARG L 61 -10.79 -41.76 34.07
CA ARG L 61 -12.06 -41.29 33.52
C ARG L 61 -12.62 -42.22 32.44
N PHE L 62 -11.73 -42.81 31.66
CA PHE L 62 -12.11 -43.75 30.61
C PHE L 62 -12.30 -45.15 31.16
N SER L 63 -13.48 -45.71 30.88
CA SER L 63 -13.83 -47.04 31.33
C SER L 63 -14.50 -47.73 30.17
N GLY L 64 -14.21 -49.02 29.99
CA GLY L 64 -14.80 -49.76 28.90
C GLY L 64 -15.46 -51.02 29.43
N SER L 65 -16.28 -51.66 28.59
CA SER L 65 -17.13 -52.76 29.06
C SER L 65 -17.84 -53.53 27.95
N GLY L 66 -18.26 -54.75 28.29
CA GLY L 66 -19.14 -55.55 27.45
C GLY L 66 -18.50 -56.85 26.97
N SER L 67 -19.29 -57.72 26.36
CA SER L 67 -18.75 -58.94 25.78
C SER L 67 -19.63 -59.52 24.67
N GLY L 68 -19.10 -60.52 23.99
CA GLY L 68 -19.84 -61.19 22.95
C GLY L 68 -20.06 -60.25 21.80
N THR L 69 -21.28 -59.76 21.66
CA THR L 69 -21.61 -58.98 20.47
C THR L 69 -21.63 -57.49 20.76
N ASP L 70 -21.89 -57.11 22.01
CA ASP L 70 -22.10 -55.71 22.35
C ASP L 70 -21.17 -55.17 23.41
N PHE L 71 -20.76 -53.93 23.21
CA PHE L 71 -19.63 -53.34 23.91
C PHE L 71 -19.88 -51.85 24.18
N THR L 72 -19.21 -51.31 25.20
CA THR L 72 -19.42 -49.93 25.60
C THR L 72 -18.12 -49.25 26.01
N LEU L 73 -18.04 -47.94 25.79
CA LEU L 73 -16.92 -47.09 26.19
C LEU L 73 -17.53 -45.88 26.87
N THR L 74 -17.09 -45.58 28.08
CA THR L 74 -17.70 -44.51 28.83
C THR L 74 -16.68 -43.53 29.37
N ILE L 75 -17.04 -42.26 29.29
CA ILE L 75 -16.27 -41.23 29.95
C ILE L 75 -17.11 -40.80 31.14
N ASN L 76 -16.60 -41.08 32.34
CA ASN L 76 -17.25 -40.66 33.58
C ASN L 76 -17.57 -39.18 33.59
N SER L 77 -16.55 -38.36 33.37
CA SER L 77 -16.73 -36.92 33.44
C SER L 77 -16.02 -36.23 32.28
N LEU L 78 -16.79 -35.78 31.29
CA LEU L 78 -16.23 -35.21 30.06
C LEU L 78 -15.31 -34.01 30.35
N GLU L 79 -14.11 -34.04 29.77
CA GLU L 79 -13.14 -32.97 29.94
C GLU L 79 -12.77 -32.37 28.60
N ALA L 80 -12.36 -31.11 28.60
CA ALA L 80 -12.05 -30.38 27.38
C ALA L 80 -11.06 -31.08 26.46
N GLU L 81 -10.11 -31.82 27.03
CA GLU L 81 -9.11 -32.59 26.28
C GLU L 81 -9.72 -33.74 25.51
N ASP L 82 -10.75 -34.34 26.10
CA ASP L 82 -11.28 -35.62 25.66
C ASP L 82 -12.17 -35.50 24.43
N ALA L 83 -12.20 -34.31 23.85
CA ALA L 83 -12.92 -34.09 22.61
C ALA L 83 -12.11 -34.64 21.46
N ALA L 84 -12.63 -35.71 20.88
CA ALA L 84 -11.98 -36.31 19.75
C ALA L 84 -13.02 -37.21 19.15
N THR L 85 -12.58 -38.09 18.26
CA THR L 85 -13.49 -39.09 17.77
C THR L 85 -12.94 -40.44 18.21
N TYR L 86 -13.87 -41.34 18.56
CA TYR L 86 -13.51 -42.58 19.23
C TYR L 86 -13.85 -43.83 18.41
N TYR L 87 -12.90 -44.74 18.31
CA TYR L 87 -13.02 -45.91 17.43
C TYR L 87 -13.00 -47.28 18.13
N CYS L 88 -13.63 -48.23 17.47
CA CYS L 88 -13.83 -49.56 18.00
C CYS L 88 -12.99 -50.45 17.10
N GLN L 89 -12.10 -51.24 17.69
CA GLN L 89 -11.35 -52.20 16.88
C GLN L 89 -11.53 -53.63 17.37
N GLN L 90 -11.84 -54.50 16.43
CA GLN L 90 -11.97 -55.93 16.71
C GLN L 90 -10.69 -56.69 16.40
N GLY L 91 -10.26 -57.50 17.35
CA GLY L 91 -9.11 -58.33 17.12
C GLY L 91 -9.48 -59.79 17.11
N HIS L 92 -10.56 -60.12 16.41
CA HIS L 92 -11.04 -61.48 16.40
C HIS L 92 -10.44 -62.21 15.25
N SER L 93 -10.81 -61.82 14.03
CA SER L 93 -10.24 -62.45 12.83
C SER L 93 -9.80 -61.42 11.78
N PHE L 94 -9.07 -61.90 10.78
CA PHE L 94 -8.69 -61.06 9.66
C PHE L 94 -9.82 -61.16 8.65
N PRO L 95 -10.11 -60.06 7.93
CA PRO L 95 -9.47 -58.74 7.98
C PRO L 95 -9.86 -57.94 9.21
N LEU L 96 -8.85 -57.41 9.91
CA LEU L 96 -9.07 -56.55 11.06
C LEU L 96 -10.02 -55.45 10.65
N THR L 97 -10.94 -55.12 11.54
CA THR L 97 -11.92 -54.10 11.22
C THR L 97 -12.08 -53.09 12.33
N PHE L 98 -12.31 -51.86 11.90
CA PHE L 98 -12.64 -50.78 12.82
C PHE L 98 -14.11 -50.44 12.73
N GLY L 99 -14.58 -49.69 13.73
CA GLY L 99 -15.86 -49.03 13.64
C GLY L 99 -15.76 -47.74 12.84
N GLY L 100 -16.93 -47.14 12.59
CA GLY L 100 -17.04 -45.94 11.80
C GLY L 100 -16.61 -44.71 12.58
N GLY L 101 -16.65 -44.80 13.90
CA GLY L 101 -16.26 -43.69 14.74
C GLY L 101 -17.40 -42.87 15.30
N THR L 102 -17.17 -42.34 16.49
CA THR L 102 -18.11 -41.47 17.19
C THR L 102 -17.38 -40.20 17.62
N LYS L 103 -17.78 -39.06 17.07
CA LYS L 103 -17.16 -37.79 17.47
C LYS L 103 -17.83 -37.27 18.74
N VAL L 104 -17.04 -36.75 19.66
CA VAL L 104 -17.54 -36.20 20.91
C VAL L 104 -17.35 -34.69 20.93
N GLU L 105 -18.44 -33.94 21.09
CA GLU L 105 -18.38 -32.49 21.28
C GLU L 105 -18.56 -32.17 22.76
N ILE L 106 -17.92 -31.09 23.24
CA ILE L 106 -18.06 -30.64 24.63
C ILE L 106 -19.08 -29.52 24.75
N LYS L 107 -20.23 -29.80 25.35
CA LYS L 107 -21.26 -28.78 25.51
C LYS L 107 -20.90 -27.73 26.55
N ARG L 108 -20.15 -26.72 26.14
CA ARG L 108 -19.82 -25.64 27.04
C ARG L 108 -20.97 -24.64 27.07
N THR L 109 -20.85 -23.71 28.00
CA THR L 109 -21.77 -22.61 28.06
C THR L 109 -21.56 -21.74 26.84
N VAL L 110 -22.62 -21.08 26.41
CA VAL L 110 -22.61 -20.20 25.27
C VAL L 110 -21.56 -19.10 25.38
N ALA L 111 -20.67 -19.02 24.39
CA ALA L 111 -19.66 -17.97 24.36
C ALA L 111 -19.91 -17.03 23.18
N ALA L 112 -19.57 -15.75 23.38
CA ALA L 112 -19.83 -14.71 22.38
C ALA L 112 -18.70 -14.57 21.35
N PRO L 113 -19.04 -14.61 20.06
CA PRO L 113 -18.15 -14.45 18.91
C PRO L 113 -17.52 -13.05 18.84
N SER L 114 -16.21 -12.95 18.64
CA SER L 114 -15.59 -11.64 18.39
C SER L 114 -15.31 -11.47 16.91
N VAL L 115 -16.03 -10.54 16.29
CA VAL L 115 -15.96 -10.37 14.84
C VAL L 115 -14.90 -9.38 14.38
N PHE L 116 -14.21 -9.73 13.30
CA PHE L 116 -13.21 -8.86 12.70
C PHE L 116 -13.37 -8.97 11.21
N ILE L 117 -12.94 -7.95 10.47
CA ILE L 117 -12.97 -8.02 9.02
C ILE L 117 -11.68 -7.46 8.44
N PHE L 118 -11.30 -7.94 7.25
CA PHE L 118 -10.05 -7.57 6.64
C PHE L 118 -10.26 -7.31 5.15
N PRO L 119 -9.94 -6.08 4.70
CA PRO L 119 -10.01 -5.71 3.28
C PRO L 119 -9.02 -6.53 2.47
N PRO L 120 -9.21 -6.56 1.14
CA PRO L 120 -8.18 -7.16 0.28
C PRO L 120 -6.87 -6.38 0.38
N SER L 121 -5.75 -7.09 0.28
CA SER L 121 -4.43 -6.47 0.36
C SER L 121 -4.06 -5.83 -0.97
N ASP L 122 -3.24 -4.79 -0.91
CA ASP L 122 -2.81 -4.09 -2.11
C ASP L 122 -2.07 -5.03 -3.04
N GLU L 123 -1.31 -5.96 -2.46
CA GLU L 123 -0.61 -6.95 -3.25
C GLU L 123 -1.57 -7.84 -4.01
N GLN L 124 -2.62 -8.29 -3.32
CA GLN L 124 -3.56 -9.22 -3.94
C GLN L 124 -4.40 -8.47 -4.96
N LEU L 125 -4.61 -7.19 -4.67
CA LEU L 125 -5.28 -6.28 -5.59
C LEU L 125 -4.49 -6.12 -6.89
N LYS L 126 -3.16 -6.24 -6.82
CA LYS L 126 -2.32 -6.20 -8.01
C LYS L 126 -2.58 -7.40 -8.93
N SER L 127 -3.20 -8.45 -8.39
CA SER L 127 -3.27 -9.73 -9.07
C SER L 127 -4.62 -10.04 -9.71
N GLY L 128 -5.39 -9.01 -10.00
CA GLY L 128 -6.68 -9.23 -10.64
C GLY L 128 -7.67 -10.02 -9.81
N THR L 129 -7.47 -10.05 -8.50
CA THR L 129 -8.39 -10.73 -7.58
C THR L 129 -8.49 -9.99 -6.25
N ALA L 130 -9.62 -10.18 -5.56
CA ALA L 130 -9.87 -9.52 -4.29
C ALA L 130 -10.70 -10.38 -3.35
N SER L 131 -10.02 -10.92 -2.34
CA SER L 131 -10.67 -11.67 -1.26
C SER L 131 -10.88 -10.77 -0.06
N VAL L 132 -12.12 -10.76 0.42
CA VAL L 132 -12.46 -10.06 1.65
C VAL L 132 -12.79 -11.16 2.63
N VAL L 133 -12.13 -11.19 3.77
CA VAL L 133 -12.45 -12.20 4.77
C VAL L 133 -12.95 -11.60 6.07
N CYS L 134 -13.84 -12.32 6.72
CA CYS L 134 -14.41 -11.92 7.98
C CYS L 134 -14.16 -13.05 8.97
N LEU L 135 -13.75 -12.69 10.18
CA LEU L 135 -13.39 -13.69 11.15
C LEU L 135 -14.34 -13.68 12.32
N LEU L 136 -14.81 -14.88 12.67
CA LEU L 136 -15.64 -15.09 13.84
C LEU L 136 -14.81 -15.87 14.82
N ASN L 137 -14.68 -15.37 16.03
CA ASN L 137 -13.70 -15.94 16.92
C ASN L 137 -14.23 -16.41 18.26
N ASN L 138 -13.80 -17.62 18.62
CA ASN L 138 -14.05 -18.23 19.93
C ASN L 138 -15.50 -18.17 20.39
N PHE L 139 -16.32 -19.00 19.78
CA PHE L 139 -17.75 -19.04 20.06
C PHE L 139 -18.25 -20.47 20.28
N TYR L 140 -19.37 -20.60 20.99
CA TYR L 140 -20.10 -21.86 21.08
C TYR L 140 -21.62 -21.59 21.20
N PRO L 141 -22.44 -22.38 20.49
CA PRO L 141 -22.12 -23.54 19.64
C PRO L 141 -21.56 -23.18 18.27
N ARG L 142 -21.42 -24.21 17.42
CA ARG L 142 -20.81 -24.03 16.13
C ARG L 142 -21.71 -23.20 15.23
N GLU L 143 -23.02 -23.44 15.33
CA GLU L 143 -23.98 -22.85 14.42
C GLU L 143 -23.96 -21.32 14.45
N ALA L 144 -23.58 -20.72 13.33
CA ALA L 144 -23.56 -19.28 13.22
C ALA L 144 -23.83 -18.88 11.77
N LYS L 145 -24.45 -17.72 11.60
CA LYS L 145 -24.84 -17.25 10.27
C LYS L 145 -24.04 -16.02 9.89
N VAL L 146 -23.44 -16.04 8.71
CA VAL L 146 -22.71 -14.86 8.24
C VAL L 146 -23.24 -14.31 6.91
N GLN L 147 -23.66 -13.06 6.94
CA GLN L 147 -24.21 -12.42 5.77
C GLN L 147 -23.23 -11.43 5.14
N TRP L 148 -23.03 -11.57 3.84
CA TRP L 148 -22.22 -10.64 3.09
C TRP L 148 -23.09 -9.52 2.48
N LYS L 149 -22.64 -8.28 2.62
CA LYS L 149 -23.37 -7.14 2.06
C LYS L 149 -22.47 -6.12 1.33
N VAL L 150 -22.65 -5.99 0.03
CA VAL L 150 -21.84 -5.06 -0.76
C VAL L 150 -22.62 -3.82 -1.24
N ASP L 151 -22.34 -2.70 -0.58
CA ASP L 151 -23.12 -1.49 -0.75
C ASP L 151 -24.56 -1.87 -0.54
N ASN L 152 -24.79 -2.53 0.60
CA ASN L 152 -26.12 -2.80 1.09
C ASN L 152 -26.90 -3.90 0.36
N ALA L 153 -26.37 -4.40 -0.75
CA ALA L 153 -26.95 -5.59 -1.37
C ALA L 153 -26.65 -6.79 -0.48
N LEU L 154 -27.32 -7.91 -0.70
CA LEU L 154 -27.00 -9.14 0.03
C LEU L 154 -26.37 -10.12 -0.94
N GLN L 155 -25.40 -10.89 -0.46
CA GLN L 155 -24.60 -11.73 -1.33
C GLN L 155 -24.92 -13.20 -1.17
N SER L 156 -24.57 -13.98 -2.20
CA SER L 156 -24.85 -15.39 -2.24
C SER L 156 -24.12 -16.04 -3.41
N GLY L 157 -23.49 -17.18 -3.13
CA GLY L 157 -22.71 -17.89 -4.11
C GLY L 157 -21.25 -17.47 -4.10
N ASN L 158 -21.00 -16.27 -3.58
CA ASN L 158 -19.65 -15.71 -3.63
C ASN L 158 -18.94 -15.72 -2.29
N SER L 159 -19.43 -16.55 -1.38
CA SER L 159 -18.76 -16.72 -0.11
C SER L 159 -18.39 -18.20 0.00
N GLN L 160 -17.56 -18.50 0.99
CA GLN L 160 -17.17 -19.87 1.32
C GLN L 160 -16.67 -19.82 2.76
N GLU L 161 -17.01 -20.83 3.55
CA GLU L 161 -16.68 -20.79 4.97
C GLU L 161 -15.73 -21.90 5.39
N SER L 162 -15.08 -21.68 6.52
CA SER L 162 -14.19 -22.68 7.09
C SER L 162 -14.30 -22.55 8.59
N VAL L 163 -14.43 -23.68 9.25
CA VAL L 163 -14.64 -23.72 10.68
C VAL L 163 -13.53 -24.55 11.28
N THR L 164 -13.24 -24.27 12.54
CA THR L 164 -12.11 -24.85 13.19
C THR L 164 -12.61 -26.00 14.06
N GLU L 165 -11.72 -26.92 14.41
CA GLU L 165 -12.07 -28.00 15.31
C GLU L 165 -12.32 -27.43 16.70
N GLN L 166 -13.02 -28.16 17.53
CA GLN L 166 -13.32 -27.62 18.83
C GLN L 166 -12.02 -27.50 19.62
N ASP L 167 -11.71 -26.27 20.03
CA ASP L 167 -10.51 -26.00 20.80
C ASP L 167 -10.47 -26.98 21.94
N SER L 168 -9.29 -27.48 22.27
CA SER L 168 -9.17 -28.51 23.28
C SER L 168 -8.97 -27.93 24.67
N LYS L 169 -9.03 -26.61 24.80
CA LYS L 169 -8.90 -25.97 26.11
C LYS L 169 -10.17 -25.21 26.46
N ASP L 170 -10.44 -24.16 25.69
CA ASP L 170 -11.60 -23.33 25.94
C ASP L 170 -12.88 -23.87 25.28
N SER L 171 -12.73 -24.97 24.54
CA SER L 171 -13.85 -25.68 23.92
C SER L 171 -14.65 -24.82 22.94
N THR L 172 -14.00 -23.80 22.40
CA THR L 172 -14.62 -22.89 21.44
C THR L 172 -14.42 -23.31 20.00
N TYR L 173 -15.14 -22.62 19.12
CA TYR L 173 -14.98 -22.75 17.68
C TYR L 173 -14.62 -21.40 17.10
N SER L 174 -14.05 -21.41 15.89
CA SER L 174 -13.73 -20.18 15.20
C SER L 174 -14.13 -20.35 13.76
N LEU L 175 -14.43 -19.26 13.08
CA LEU L 175 -14.97 -19.40 11.75
C LEU L 175 -14.44 -18.32 10.85
N SER L 176 -14.43 -18.61 9.56
CA SER L 176 -13.92 -17.71 8.55
C SER L 176 -14.80 -17.74 7.31
N SER L 177 -15.38 -16.60 6.92
CA SER L 177 -16.07 -16.54 5.62
C SER L 177 -15.37 -15.57 4.66
N THR L 178 -15.22 -16.01 3.42
CA THR L 178 -14.39 -15.31 2.45
C THR L 178 -15.21 -14.90 1.24
N LEU L 179 -15.29 -13.58 1.02
CA LEU L 179 -15.97 -13.01 -0.12
C LEU L 179 -14.97 -12.82 -1.25
N THR L 180 -15.20 -13.45 -2.40
CA THR L 180 -14.26 -13.33 -3.52
C THR L 180 -14.83 -12.56 -4.71
N LEU L 181 -14.14 -11.52 -5.13
CA LEU L 181 -14.57 -10.69 -6.25
C LEU L 181 -13.45 -10.57 -7.27
N SER L 182 -13.77 -10.00 -8.43
CA SER L 182 -12.74 -9.66 -9.40
C SER L 182 -12.05 -8.40 -8.89
N LYS L 183 -10.90 -8.07 -9.49
CA LYS L 183 -10.23 -6.80 -9.22
C LYS L 183 -11.18 -5.66 -9.56
N ALA L 184 -11.77 -5.73 -10.75
CA ALA L 184 -12.75 -4.75 -11.21
C ALA L 184 -13.96 -4.57 -10.28
N ASP L 185 -14.69 -5.65 -10.02
CA ASP L 185 -15.96 -5.55 -9.31
C ASP L 185 -15.82 -5.10 -7.86
N TYR L 186 -14.68 -5.45 -7.24
CA TYR L 186 -14.39 -5.01 -5.89
C TYR L 186 -14.20 -3.50 -5.90
N GLU L 187 -13.58 -3.02 -6.99
CA GLU L 187 -13.25 -1.62 -7.17
C GLU L 187 -14.48 -0.78 -7.54
N LYS L 188 -15.63 -1.45 -7.61
CA LYS L 188 -16.85 -0.82 -8.08
C LYS L 188 -17.80 -0.52 -6.94
N HIS L 189 -17.31 -0.70 -5.72
CA HIS L 189 -18.19 -0.58 -4.56
C HIS L 189 -17.48 0.00 -3.35
N LYS L 190 -18.23 0.74 -2.54
CA LYS L 190 -17.66 1.51 -1.45
C LYS L 190 -17.68 0.76 -0.12
N VAL L 191 -18.82 0.20 0.21
CA VAL L 191 -18.95 -0.49 1.49
C VAL L 191 -18.80 -2.01 1.32
N TYR L 192 -18.24 -2.63 2.35
CA TYR L 192 -18.21 -4.08 2.48
C TYR L 192 -18.49 -4.45 3.94
N ALA L 193 -19.50 -5.29 4.16
CA ALA L 193 -19.92 -5.65 5.52
C ALA L 193 -19.98 -7.15 5.80
N CYS L 194 -19.74 -7.51 7.05
CA CYS L 194 -19.85 -8.89 7.54
C CYS L 194 -21.00 -8.94 8.56
N GLU L 195 -22.17 -9.39 8.15
CA GLU L 195 -23.29 -9.50 9.10
C GLU L 195 -23.33 -10.87 9.76
N VAL L 196 -23.39 -10.87 11.09
CA VAL L 196 -23.20 -12.08 11.85
C VAL L 196 -24.30 -12.31 12.86
N THR L 197 -24.91 -13.49 12.78
CA THR L 197 -25.94 -13.88 13.72
C THR L 197 -25.48 -15.06 14.54
N HIS L 198 -25.77 -15.01 15.83
CA HIS L 198 -25.40 -16.08 16.72
C HIS L 198 -26.17 -16.01 18.03
N GLN L 199 -26.54 -17.20 18.50
CA GLN L 199 -27.27 -17.42 19.75
C GLN L 199 -26.85 -16.58 20.96
N GLY L 200 -25.55 -16.42 21.16
CA GLY L 200 -25.02 -15.64 22.27
C GLY L 200 -24.97 -14.16 21.94
N LEU L 201 -25.60 -13.79 20.82
CA LEU L 201 -25.81 -12.39 20.49
C LEU L 201 -27.31 -12.09 20.51
N SER L 202 -27.67 -11.02 21.24
CA SER L 202 -29.05 -10.59 21.34
C SER L 202 -29.47 -9.92 20.03
N SER L 203 -28.47 -9.43 19.30
CA SER L 203 -28.68 -8.81 18.01
C SER L 203 -27.45 -9.07 17.12
N PRO L 204 -27.66 -9.11 15.80
CA PRO L 204 -26.60 -9.32 14.80
C PRO L 204 -25.46 -8.33 14.99
N VAL L 205 -24.26 -8.68 14.57
CA VAL L 205 -23.14 -7.74 14.69
C VAL L 205 -22.46 -7.50 13.34
N THR L 206 -22.33 -6.23 12.99
CA THR L 206 -21.83 -5.85 11.68
C THR L 206 -20.48 -5.18 11.76
N LYS L 207 -19.66 -5.46 10.76
CA LYS L 207 -18.33 -4.92 10.68
C LYS L 207 -18.14 -4.45 9.24
N SER L 208 -17.54 -3.28 9.06
CA SER L 208 -17.42 -2.72 7.73
C SER L 208 -16.14 -1.92 7.47
N PHE L 209 -15.80 -1.79 6.19
CA PHE L 209 -14.76 -0.87 5.77
C PHE L 209 -15.18 -0.20 4.48
N ASN L 210 -14.66 1.00 4.27
CA ASN L 210 -14.94 1.73 3.06
C ASN L 210 -13.80 1.60 2.05
N ARG L 211 -14.13 1.25 0.82
CA ARG L 211 -13.09 0.95 -0.16
C ARG L 211 -12.33 2.19 -0.58
N GLN M 1 34.24 6.28 -67.90
CA GLN M 1 35.26 5.48 -67.23
C GLN M 1 36.36 6.32 -66.56
N VAL M 2 36.02 7.55 -66.20
CA VAL M 2 36.87 8.38 -65.36
C VAL M 2 36.77 7.83 -63.94
N GLN M 3 37.87 7.87 -63.20
CA GLN M 3 37.90 7.39 -61.83
C GLN M 3 38.91 8.18 -61.02
N LEU M 4 38.63 8.43 -59.75
CA LEU M 4 39.66 9.00 -58.85
C LEU M 4 40.00 8.18 -57.60
N GLN M 5 41.24 8.26 -57.13
CA GLN M 5 41.60 7.72 -55.84
C GLN M 5 42.49 8.69 -55.16
N GLU M 6 42.09 9.12 -53.97
CA GLU M 6 42.88 9.90 -53.04
C GLU M 6 43.74 8.94 -52.25
N SER M 7 44.84 9.39 -51.68
CA SER M 7 45.59 8.47 -50.85
C SER M 7 46.70 9.24 -50.16
N GLY M 8 47.26 8.68 -49.09
CA GLY M 8 48.38 9.32 -48.43
C GLY M 8 48.20 9.27 -46.94
N PRO M 9 49.21 9.74 -46.18
CA PRO M 9 49.23 9.74 -44.71
C PRO M 9 47.85 10.01 -44.10
N GLY M 10 47.43 9.17 -43.16
CA GLY M 10 46.08 9.25 -42.57
C GLY M 10 46.01 9.74 -41.14
N LEU M 11 47.16 10.06 -40.56
CA LEU M 11 47.27 10.72 -39.26
C LEU M 11 48.49 11.65 -39.32
N VAL M 12 48.28 12.95 -39.15
CA VAL M 12 49.41 13.86 -39.01
C VAL M 12 49.37 14.65 -37.70
N LYS M 13 50.55 14.93 -37.15
CA LYS M 13 50.65 15.65 -35.89
C LYS M 13 50.36 17.12 -36.15
N PRO M 14 49.97 17.86 -35.09
CA PRO M 14 49.78 19.30 -35.22
C PRO M 14 51.07 20.03 -35.64
N SER M 15 50.91 21.13 -36.36
CA SER M 15 52.02 21.99 -36.86
C SER M 15 52.84 21.41 -38.03
N ASP M 16 52.67 20.13 -38.31
CA ASP M 16 53.24 19.54 -39.52
C ASP M 16 52.34 19.87 -40.70
N THR M 17 52.73 19.46 -41.90
CA THR M 17 51.87 19.72 -43.04
C THR M 17 51.24 18.47 -43.64
N LEU M 18 50.09 18.68 -44.25
CA LEU M 18 49.35 17.62 -44.90
C LEU M 18 49.77 17.51 -46.36
N SER M 19 49.75 16.28 -46.88
CA SER M 19 49.96 16.05 -48.29
C SER M 19 49.02 14.95 -48.72
N LEU M 20 48.23 15.20 -49.75
CA LEU M 20 47.48 14.15 -50.40
C LEU M 20 47.82 14.15 -51.87
N THR M 21 47.68 13.00 -52.50
CA THR M 21 47.85 12.91 -53.93
C THR M 21 46.64 12.20 -54.49
N CYS M 22 46.29 12.54 -55.71
CA CYS M 22 45.17 11.95 -56.39
C CYS M 22 45.58 11.34 -57.73
N ALA M 23 45.36 10.03 -57.89
CA ALA M 23 45.69 9.34 -59.13
C ALA M 23 44.44 9.23 -60.02
N VAL M 24 44.52 9.75 -61.22
CA VAL M 24 43.36 9.72 -62.12
C VAL M 24 43.53 8.65 -63.22
N SER M 25 42.41 8.08 -63.65
CA SER M 25 42.41 6.95 -64.57
C SER M 25 41.23 6.99 -65.55
N GLY M 26 41.53 7.01 -66.84
CA GLY M 26 40.51 7.09 -67.87
C GLY M 26 40.48 8.48 -68.48
N TYR M 27 41.31 9.36 -67.94
CA TYR M 27 41.34 10.71 -68.42
C TYR M 27 42.61 11.45 -68.02
N SER M 28 43.11 12.24 -68.97
CA SER M 28 44.34 13.00 -68.79
C SER M 28 44.04 14.30 -68.07
N ILE M 29 44.71 14.54 -66.95
CA ILE M 29 44.48 15.78 -66.18
C ILE M 29 44.90 17.01 -66.98
N THR M 30 45.44 16.78 -68.16
CA THR M 30 45.73 17.81 -69.15
C THR M 30 44.78 17.68 -70.32
N GLY M 31 44.52 18.75 -71.02
CA GLY M 31 43.46 18.71 -72.00
C GLY M 31 42.21 18.35 -71.26
N GLY M 32 42.13 18.90 -70.08
CA GLY M 32 41.29 18.42 -69.01
C GLY M 32 40.28 19.41 -68.57
N TYR M 33 39.93 19.30 -67.32
CA TYR M 33 38.83 19.99 -66.77
C TYR M 33 39.37 20.91 -65.68
N SER M 34 38.92 20.78 -64.44
CA SER M 34 39.49 21.48 -63.31
C SER M 34 39.57 20.35 -62.30
N TRP M 35 40.52 20.35 -61.41
CA TRP M 35 40.72 19.18 -60.56
C TRP M 35 40.85 19.66 -59.14
N HIS M 36 39.85 19.31 -58.34
CA HIS M 36 39.57 20.02 -57.10
C HIS M 36 39.84 19.24 -55.85
N TRP M 37 39.84 19.98 -54.75
CA TRP M 37 39.99 19.41 -53.45
C TRP M 37 38.88 19.90 -52.55
N ILE M 38 38.14 18.94 -52.01
CA ILE M 38 37.01 19.20 -51.17
C ILE M 38 37.21 18.40 -49.87
N ARG M 39 36.84 18.98 -48.74
CA ARG M 39 37.02 18.32 -47.45
C ARG M 39 35.75 18.34 -46.60
N GLN M 40 35.71 17.52 -45.56
CA GLN M 40 34.48 17.45 -44.78
C GLN M 40 34.69 16.98 -43.34
N PRO M 41 34.79 17.95 -42.41
CA PRO M 41 34.95 17.67 -40.98
C PRO M 41 33.88 16.70 -40.57
N PRO M 42 34.24 15.71 -39.74
CA PRO M 42 33.35 14.59 -39.44
C PRO M 42 32.01 15.07 -38.94
N GLY M 43 30.93 14.54 -39.52
CA GLY M 43 29.58 14.91 -39.13
C GLY M 43 29.27 16.36 -39.45
N LYS M 44 29.91 16.86 -40.50
CA LYS M 44 29.72 18.26 -40.87
C LYS M 44 29.51 18.49 -42.36
N GLY M 45 29.64 19.76 -42.76
CA GLY M 45 29.34 20.18 -44.11
C GLY M 45 30.56 20.21 -45.01
N LEU M 46 30.31 20.44 -46.30
CA LEU M 46 31.33 20.35 -47.36
C LEU M 46 32.07 21.67 -47.53
N GLU M 47 33.40 21.59 -47.56
CA GLU M 47 34.25 22.78 -47.77
C GLU M 47 35.18 22.61 -48.97
N TRP M 48 34.96 23.43 -49.98
CA TRP M 48 35.79 23.43 -51.16
C TRP M 48 37.08 24.16 -50.79
N MET M 49 38.22 23.73 -51.34
CA MET M 49 39.51 24.23 -50.91
C MET M 49 40.34 24.85 -52.03
N GLY M 50 40.22 24.30 -53.22
CA GLY M 50 41.03 24.77 -54.34
C GLY M 50 41.16 23.79 -55.49
N TYR M 51 41.63 24.27 -56.63
CA TYR M 51 41.79 23.38 -57.77
C TYR M 51 43.07 23.61 -58.50
N ILE M 52 43.35 22.69 -59.43
CA ILE M 52 44.39 22.88 -60.43
C ILE M 52 43.66 22.91 -61.77
N HIS M 53 44.17 23.65 -62.73
CA HIS M 53 43.51 23.70 -64.02
C HIS M 53 44.15 22.65 -64.90
N TYR M 54 43.69 22.48 -66.13
CA TYR M 54 44.37 21.49 -66.96
C TYR M 54 45.60 22.11 -67.57
N SER M 55 45.66 23.44 -67.50
CA SER M 55 46.75 24.19 -68.10
C SER M 55 47.83 24.37 -67.05
N GLY M 56 47.46 24.19 -65.79
CA GLY M 56 48.42 24.12 -64.71
C GLY M 56 48.35 25.17 -63.63
N TYR M 57 47.37 26.05 -63.69
CA TYR M 57 47.27 27.10 -62.67
C TYR M 57 46.26 26.76 -61.61
N THR M 58 46.46 27.34 -60.44
CA THR M 58 45.64 27.04 -59.27
C THR M 58 45.07 28.30 -58.66
N ASP M 59 43.82 28.19 -58.20
CA ASP M 59 43.19 29.14 -57.30
C ASP M 59 42.92 28.39 -56.01
N PHE M 60 42.71 29.12 -54.91
CA PHE M 60 42.42 28.51 -53.62
C PHE M 60 41.25 29.15 -52.91
N ASN M 61 40.86 28.54 -51.80
CA ASN M 61 39.82 29.10 -50.93
C ASN M 61 40.43 30.09 -49.94
N PRO M 62 39.94 31.34 -49.96
CA PRO M 62 40.33 32.48 -49.12
C PRO M 62 40.56 32.21 -47.62
N SER M 63 39.93 31.21 -47.01
CA SER M 63 40.23 30.89 -45.61
C SER M 63 41.56 30.15 -45.45
N LEU M 64 41.90 29.32 -46.42
CA LEU M 64 43.08 28.49 -46.34
C LEU M 64 44.25 29.05 -47.12
N LYS M 65 44.04 30.19 -47.78
CA LYS M 65 44.97 30.75 -48.77
C LYS M 65 46.45 30.75 -48.37
N THR M 66 46.73 31.11 -47.12
CA THR M 66 48.10 31.04 -46.61
C THR M 66 48.69 29.62 -46.72
N ARG M 67 47.98 28.64 -46.17
CA ARG M 67 48.56 27.32 -45.91
C ARG M 67 48.42 26.26 -47.01
N ILE M 68 47.84 26.62 -48.15
CA ILE M 68 47.52 25.62 -49.17
C ILE M 68 48.34 25.76 -50.44
N THR M 69 48.82 24.61 -50.94
CA THR M 69 49.45 24.49 -52.25
C THR M 69 48.76 23.38 -53.03
N ILE M 70 48.71 23.51 -54.35
CA ILE M 70 48.21 22.42 -55.20
C ILE M 70 49.10 22.22 -56.42
N SER M 71 49.59 20.99 -56.59
CA SER M 71 50.59 20.66 -57.61
C SER M 71 50.09 19.48 -58.42
N ARG M 72 50.86 19.08 -59.43
CA ARG M 72 50.50 17.91 -60.20
C ARG M 72 51.74 17.24 -60.74
N ASP M 73 51.63 15.94 -60.99
CA ASP M 73 52.68 15.22 -61.70
C ASP M 73 52.06 14.53 -62.91
N THR M 74 52.12 15.20 -64.05
CA THR M 74 51.47 14.75 -65.27
C THR M 74 51.85 13.32 -65.70
N SER M 75 53.08 12.92 -65.40
CA SER M 75 53.66 11.64 -65.81
C SER M 75 52.94 10.42 -65.21
N LYS M 76 52.28 10.62 -64.09
CA LYS M 76 51.54 9.56 -63.43
C LYS M 76 50.05 9.96 -63.32
N ASN M 77 49.70 11.02 -64.06
CA ASN M 77 48.33 11.53 -64.11
C ASN M 77 47.82 11.76 -62.69
N GLN M 78 48.54 12.61 -61.93
CA GLN M 78 48.24 12.82 -60.50
C GLN M 78 48.32 14.26 -60.03
N PHE M 79 47.34 14.67 -59.23
CA PHE M 79 47.43 15.97 -58.56
C PHE M 79 47.41 15.87 -57.04
N SER M 80 48.00 16.88 -56.40
CA SER M 80 48.28 16.87 -54.98
C SER M 80 47.84 18.11 -54.25
N LEU M 81 47.67 17.95 -52.94
CA LEU M 81 47.30 19.04 -52.08
C LEU M 81 48.26 19.08 -50.90
N LYS M 82 48.85 20.26 -50.65
CA LYS M 82 49.65 20.48 -49.45
C LYS M 82 49.02 21.51 -48.55
N LEU M 83 48.96 21.19 -47.27
CA LEU M 83 48.31 22.06 -46.31
C LEU M 83 49.16 22.19 -45.05
N SER M 84 49.72 23.37 -44.88
CA SER M 84 50.72 23.60 -43.87
C SER M 84 50.11 24.07 -42.56
N SER M 85 50.87 23.88 -41.47
CA SER M 85 50.47 24.34 -40.14
C SER M 85 49.16 23.72 -39.69
N VAL M 86 49.06 22.41 -39.79
CA VAL M 86 47.81 21.68 -39.57
C VAL M 86 47.35 21.61 -38.11
N THR M 87 46.10 22.00 -37.84
CA THR M 87 45.52 21.85 -36.48
C THR M 87 44.47 20.74 -36.37
N ALA M 88 43.81 20.68 -35.22
CA ALA M 88 42.77 19.68 -34.94
C ALA M 88 41.55 19.85 -35.82
N VAL M 89 41.35 21.05 -36.34
CA VAL M 89 40.18 21.35 -37.16
C VAL M 89 40.42 21.04 -38.64
N ASP M 90 41.52 20.36 -38.91
CA ASP M 90 41.82 19.94 -40.28
C ASP M 90 41.59 18.44 -40.40
N THR M 91 41.23 17.84 -39.27
CA THR M 91 40.68 16.49 -39.25
C THR M 91 39.40 16.49 -40.07
N ALA M 92 39.43 15.79 -41.21
CA ALA M 92 38.27 15.68 -42.08
C ALA M 92 38.48 14.58 -43.12
N VAL M 93 37.43 14.31 -43.89
CA VAL M 93 37.57 13.48 -45.07
C VAL M 93 37.92 14.35 -46.26
N TYR M 94 38.90 13.93 -47.03
CA TYR M 94 39.35 14.73 -48.15
C TYR M 94 38.97 14.06 -49.45
N TYR M 95 38.33 14.82 -50.34
CA TYR M 95 37.91 14.31 -51.63
C TYR M 95 38.66 14.91 -52.81
N CYS M 96 39.19 14.02 -53.64
CA CYS M 96 39.63 14.30 -55.00
C CYS M 96 38.36 14.48 -55.81
N ALA M 97 38.28 15.51 -56.65
CA ALA M 97 37.07 15.66 -57.49
C ALA M 97 37.24 16.48 -58.77
N ARG M 98 36.53 16.06 -59.81
CA ARG M 98 36.55 16.76 -61.10
C ARG M 98 35.33 17.64 -61.39
N LYS M 99 35.59 18.88 -61.79
CA LYS M 99 34.52 19.85 -61.99
C LYS M 99 34.11 20.01 -63.45
N ASP M 100 32.81 19.94 -63.69
CA ASP M 100 32.25 20.18 -65.01
C ASP M 100 32.34 21.65 -65.36
N PRO M 101 31.84 22.03 -66.56
CA PRO M 101 31.82 23.47 -66.79
C PRO M 101 30.62 24.16 -66.11
N SER M 102 29.88 23.41 -65.29
CA SER M 102 28.54 23.79 -64.78
C SER M 102 28.36 24.87 -63.68
N ASP M 103 29.16 24.90 -62.62
CA ASP M 103 30.25 23.99 -62.34
C ASP M 103 29.89 22.97 -61.27
N ALA M 104 29.58 21.75 -61.71
CA ALA M 104 29.18 20.69 -60.80
C ALA M 104 30.16 19.54 -60.84
N PHE M 105 30.18 18.76 -59.76
CA PHE M 105 31.11 17.65 -59.59
C PHE M 105 30.45 16.32 -59.78
N PRO M 106 30.52 15.78 -61.00
CA PRO M 106 29.87 14.50 -61.27
C PRO M 106 30.75 13.35 -60.83
N TYR M 107 32.03 13.62 -60.62
CA TYR M 107 32.96 12.56 -60.28
C TYR M 107 33.68 12.92 -58.98
N TRP M 108 33.96 11.90 -58.18
CA TRP M 108 34.51 12.08 -56.84
C TRP M 108 35.48 10.96 -56.44
N GLY M 109 36.53 11.34 -55.72
CA GLY M 109 37.38 10.36 -55.10
C GLY M 109 36.58 9.54 -54.11
N GLN M 110 37.14 8.44 -53.64
CA GLN M 110 36.41 7.65 -52.65
C GLN M 110 36.33 8.39 -51.29
N GLY M 111 37.27 9.30 -51.06
CA GLY M 111 37.44 9.97 -49.77
C GLY M 111 38.58 9.33 -49.00
N THR M 112 39.37 10.12 -48.28
CA THR M 112 40.35 9.57 -47.33
C THR M 112 40.28 10.36 -46.03
N LEU M 113 40.17 9.65 -44.90
CA LEU M 113 40.05 10.35 -43.63
C LEU M 113 41.42 10.63 -43.07
N VAL M 114 41.61 11.87 -42.67
CA VAL M 114 42.85 12.31 -42.06
C VAL M 114 42.51 12.92 -40.70
N THR M 115 43.14 12.41 -39.66
CA THR M 115 42.90 12.84 -38.30
C THR M 115 44.16 13.49 -37.72
N VAL M 116 43.97 14.56 -36.96
CA VAL M 116 45.08 15.34 -36.44
C VAL M 116 45.14 15.21 -34.94
N SER M 117 46.19 14.54 -34.50
CA SER M 117 46.42 14.29 -33.09
C SER M 117 47.87 13.95 -32.98
N SER M 118 48.41 14.14 -31.80
CA SER M 118 49.81 13.85 -31.55
C SER M 118 49.94 12.43 -30.97
N ALA M 119 48.80 11.78 -30.75
CA ALA M 119 48.80 10.40 -30.29
C ALA M 119 49.43 9.48 -31.34
N SER M 120 49.76 8.25 -30.93
CA SER M 120 50.53 7.34 -31.78
C SER M 120 49.59 6.39 -32.48
N THR M 121 50.05 5.78 -33.56
CA THR M 121 49.24 4.78 -34.22
C THR M 121 49.35 3.45 -33.48
N LYS M 122 48.19 2.86 -33.21
CA LYS M 122 48.14 1.55 -32.58
C LYS M 122 47.27 0.63 -33.40
N GLY M 123 47.74 -0.59 -33.59
CA GLY M 123 46.96 -1.58 -34.30
C GLY M 123 45.91 -2.14 -33.37
N PRO M 124 44.77 -2.53 -33.94
CA PRO M 124 43.64 -3.07 -33.18
C PRO M 124 43.93 -4.45 -32.62
N SER M 125 43.24 -4.80 -31.54
CA SER M 125 43.12 -6.18 -31.10
C SER M 125 41.82 -6.69 -31.69
N VAL M 126 41.67 -8.00 -31.84
CA VAL M 126 40.40 -8.54 -32.33
C VAL M 126 39.96 -9.76 -31.52
N PHE M 127 38.73 -9.69 -31.01
CA PHE M 127 38.16 -10.73 -30.19
C PHE M 127 36.80 -11.14 -30.74
N PRO M 128 36.46 -12.42 -30.62
CA PRO M 128 35.22 -12.91 -31.22
C PRO M 128 34.03 -12.60 -30.35
N LEU M 129 32.90 -12.31 -30.98
CA LEU M 129 31.63 -12.34 -30.26
C LEU M 129 30.89 -13.61 -30.65
N ALA M 130 31.03 -14.63 -29.81
CA ALA M 130 30.45 -15.96 -30.03
C ALA M 130 28.93 -15.89 -30.25
N PRO M 131 28.31 -16.99 -30.68
CA PRO M 131 26.85 -16.96 -30.78
C PRO M 131 26.13 -17.63 -29.60
N THR M 140 17.10 -16.59 -35.28
CA THR M 140 18.44 -16.74 -35.86
C THR M 140 19.55 -16.53 -34.84
N ALA M 141 20.76 -16.92 -35.25
CA ALA M 141 21.96 -16.77 -34.44
C ALA M 141 22.65 -15.46 -34.75
N ALA M 142 23.13 -14.80 -33.71
CA ALA M 142 23.89 -13.57 -33.88
C ALA M 142 25.34 -13.83 -33.51
N LEU M 143 26.26 -13.18 -34.20
CA LEU M 143 27.67 -13.32 -33.90
C LEU M 143 28.40 -12.12 -34.43
N GLY M 144 29.56 -11.83 -33.86
CA GLY M 144 30.34 -10.69 -34.30
C GLY M 144 31.81 -10.62 -33.90
N CYS M 145 32.40 -9.47 -34.16
CA CYS M 145 33.78 -9.21 -33.81
C CYS M 145 33.88 -7.95 -32.96
N LEU M 146 34.75 -7.99 -31.96
CA LEU M 146 34.99 -6.80 -31.18
C LEU M 146 36.36 -6.27 -31.50
N VAL M 147 36.39 -5.28 -32.38
CA VAL M 147 37.64 -4.68 -32.78
C VAL M 147 38.03 -3.53 -31.85
N LYS M 148 39.05 -3.77 -31.04
CA LYS M 148 39.33 -2.92 -29.90
C LYS M 148 40.69 -2.22 -29.98
N ASP M 149 40.76 -1.04 -29.38
CA ASP M 149 42.02 -0.35 -29.10
C ASP M 149 42.95 -0.09 -30.29
N TYR M 150 42.47 0.69 -31.24
CA TYR M 150 43.31 1.12 -32.34
C TYR M 150 43.35 2.62 -32.51
N PHE M 151 44.38 3.09 -33.15
CA PHE M 151 44.46 4.49 -33.49
C PHE M 151 45.34 4.49 -34.73
N PRO M 152 44.97 5.32 -35.72
CA PRO M 152 43.74 6.11 -35.72
C PRO M 152 42.58 5.39 -36.37
N GLU M 153 41.52 6.17 -36.63
CA GLU M 153 40.46 5.72 -37.50
C GLU M 153 41.00 5.81 -38.93
N PRO M 154 40.50 4.94 -39.82
CA PRO M 154 39.42 3.99 -39.60
C PRO M 154 39.79 2.53 -39.73
N VAL M 155 38.79 1.68 -39.50
CA VAL M 155 38.94 0.24 -39.59
C VAL M 155 37.80 -0.35 -40.41
N THR M 156 38.16 -1.26 -41.32
CA THR M 156 37.22 -1.96 -42.18
C THR M 156 37.03 -3.38 -41.70
N VAL M 157 35.78 -3.83 -41.62
CA VAL M 157 35.49 -5.20 -41.20
C VAL M 157 34.56 -5.91 -42.19
N SER M 158 35.07 -6.95 -42.85
CA SER M 158 34.25 -7.68 -43.81
C SER M 158 34.15 -9.15 -43.41
N TRP M 159 33.01 -9.77 -43.69
CA TRP M 159 32.83 -11.17 -43.31
C TRP M 159 32.98 -12.08 -44.54
N ASN M 160 33.59 -13.25 -44.34
CA ASN M 160 33.82 -14.24 -45.39
C ASN M 160 34.43 -13.64 -46.68
N SER M 161 35.37 -12.71 -46.49
CA SER M 161 36.00 -12.01 -47.60
C SER M 161 35.01 -11.27 -48.50
N GLY M 162 33.96 -10.70 -47.92
CA GLY M 162 33.01 -9.92 -48.67
C GLY M 162 31.88 -10.74 -49.26
N ALA M 163 31.91 -12.04 -49.01
CA ALA M 163 30.81 -12.90 -49.42
C ALA M 163 29.56 -12.66 -48.57
N LEU M 164 29.74 -12.28 -47.30
CA LEU M 164 28.60 -12.06 -46.40
C LEU M 164 28.23 -10.59 -46.24
N THR M 165 27.00 -10.24 -46.62
CA THR M 165 26.59 -8.83 -46.70
C THR M 165 25.34 -8.50 -45.87
N SER M 166 24.35 -9.37 -45.92
CA SER M 166 23.10 -9.12 -45.21
C SER M 166 23.20 -9.65 -43.80
N GLY M 167 22.58 -8.93 -42.87
CA GLY M 167 22.63 -9.29 -41.47
C GLY M 167 23.81 -8.59 -40.83
N VAL M 168 24.68 -8.03 -41.67
CA VAL M 168 25.94 -7.43 -41.26
C VAL M 168 25.83 -5.96 -40.84
N HIS M 169 26.31 -5.63 -39.64
CA HIS M 169 26.23 -4.27 -39.11
C HIS M 169 27.54 -3.87 -38.45
N THR M 170 28.37 -3.15 -39.19
CA THR M 170 29.63 -2.67 -38.63
C THR M 170 29.48 -1.29 -38.03
N PHE M 171 29.36 -1.27 -36.70
CA PHE M 171 29.08 -0.07 -35.95
C PHE M 171 30.13 1.00 -36.08
N PRO M 172 29.73 2.25 -35.82
CA PRO M 172 30.65 3.36 -35.68
C PRO M 172 31.63 3.12 -34.53
N ALA M 173 32.81 3.70 -34.66
CA ALA M 173 33.83 3.60 -33.65
C ALA M 173 33.50 4.51 -32.47
N VAL M 174 33.83 4.05 -31.26
CA VAL M 174 33.62 4.80 -30.04
C VAL M 174 34.98 5.16 -29.47
N LEU M 175 35.24 6.44 -29.26
CA LEU M 175 36.44 6.84 -28.56
C LEU M 175 36.32 6.41 -27.10
N GLN M 176 37.42 5.97 -26.51
CA GLN M 176 37.38 5.53 -25.13
C GLN M 176 38.16 6.46 -24.22
N SER M 177 38.24 6.07 -22.95
CA SER M 177 38.90 6.89 -21.95
C SER M 177 40.39 6.95 -22.21
N SER M 178 40.97 5.80 -22.53
CA SER M 178 42.39 5.63 -22.88
C SER M 178 42.80 6.45 -24.10
N GLY M 179 41.86 6.70 -24.99
CA GLY M 179 42.10 7.48 -26.18
C GLY M 179 42.18 6.62 -27.43
N LEU M 180 41.84 5.35 -27.31
CA LEU M 180 41.82 4.44 -28.46
C LEU M 180 40.39 4.16 -28.87
N TYR M 181 40.19 3.76 -30.12
CA TYR M 181 38.83 3.53 -30.61
C TYR M 181 38.43 2.09 -30.45
N SER M 182 37.14 1.84 -30.54
CA SER M 182 36.61 0.48 -30.45
C SER M 182 35.30 0.37 -31.21
N LEU M 183 35.05 -0.81 -31.79
CA LEU M 183 33.79 -1.05 -32.45
C LEU M 183 33.50 -2.54 -32.52
N SER M 184 32.24 -2.85 -32.80
CA SER M 184 31.84 -4.20 -33.08
C SER M 184 31.19 -4.29 -34.45
N SER M 185 31.42 -5.40 -35.14
CA SER M 185 30.62 -5.72 -36.31
C SER M 185 29.94 -7.05 -36.07
N VAL M 186 28.65 -7.11 -36.38
CA VAL M 186 27.84 -8.29 -36.07
C VAL M 186 27.07 -8.71 -37.31
N VAL M 187 26.64 -9.95 -37.32
CA VAL M 187 25.90 -10.48 -38.46
C VAL M 187 24.88 -11.50 -37.98
N THR M 188 23.68 -11.41 -38.54
CA THR M 188 22.62 -12.35 -38.23
C THR M 188 22.47 -13.34 -39.36
N THR M 198 31.24 -21.42 -42.43
CA THR M 198 31.74 -20.91 -41.15
C THR M 198 32.41 -19.54 -41.32
N TYR M 199 32.32 -18.71 -40.28
CA TYR M 199 32.54 -17.26 -40.42
C TYR M 199 33.84 -16.66 -39.88
N ILE M 200 34.46 -15.79 -40.68
CA ILE M 200 35.69 -15.08 -40.30
C ILE M 200 35.50 -13.57 -40.33
N CYS M 201 36.12 -12.85 -39.40
CA CYS M 201 36.23 -11.39 -39.48
C CYS M 201 37.44 -10.98 -40.32
N ASN M 202 37.22 -10.21 -41.36
CA ASN M 202 38.34 -9.66 -42.12
C ASN M 202 38.57 -8.19 -41.78
N VAL M 203 39.49 -7.97 -40.84
CA VAL M 203 39.79 -6.64 -40.34
C VAL M 203 41.19 -6.18 -40.79
N ASN M 204 41.24 -5.02 -41.45
CA ASN M 204 42.52 -4.42 -41.81
C ASN M 204 42.58 -2.97 -41.31
N HIS M 205 43.67 -2.63 -40.64
CA HIS M 205 43.90 -1.26 -40.22
C HIS M 205 45.03 -0.69 -41.07
N LYS M 206 44.69 0.11 -42.09
CA LYS M 206 45.70 0.67 -42.99
C LYS M 206 46.84 1.44 -42.29
N PRO M 207 46.53 2.35 -41.36
CA PRO M 207 47.64 3.07 -40.73
C PRO M 207 48.69 2.19 -40.03
N SER M 208 48.32 0.98 -39.62
CA SER M 208 49.30 -0.01 -39.19
C SER M 208 49.38 -1.15 -40.23
N ASN M 209 50.31 -2.07 -40.06
CA ASN M 209 50.50 -3.13 -41.04
C ASN M 209 49.43 -4.21 -40.85
N THR M 210 48.55 -3.98 -39.88
CA THR M 210 47.66 -4.99 -39.34
C THR M 210 46.69 -5.61 -40.35
N LYS M 211 46.82 -6.91 -40.55
CA LYS M 211 45.80 -7.70 -41.23
C LYS M 211 45.46 -8.90 -40.36
N VAL M 212 44.17 -9.08 -40.11
CA VAL M 212 43.71 -10.10 -39.19
C VAL M 212 42.63 -10.95 -39.84
N ASP M 213 42.49 -12.18 -39.36
CA ASP M 213 41.44 -13.08 -39.81
C ASP M 213 40.98 -13.94 -38.63
N LYS M 214 39.81 -13.61 -38.06
CA LYS M 214 39.32 -14.32 -36.88
C LYS M 214 38.02 -15.09 -37.10
N ARG M 215 37.99 -16.34 -36.62
CA ARG M 215 36.81 -17.19 -36.75
C ARG M 215 36.03 -17.29 -35.44
N VAL M 216 34.72 -17.18 -35.53
CA VAL M 216 33.86 -17.14 -34.35
C VAL M 216 33.08 -18.45 -34.12
N GLU M 217 33.32 -19.07 -32.97
CA GLU M 217 32.71 -20.36 -32.63
C GLU M 217 32.17 -20.37 -31.20
N PRO M 218 31.30 -21.35 -30.88
CA PRO M 218 30.75 -21.50 -29.52
C PRO M 218 31.44 -22.62 -28.73
N ILE N 2 28.93 34.37 -51.30
CA ILE N 2 27.59 33.80 -51.44
C ILE N 2 27.43 32.61 -50.52
N VAL N 3 26.46 32.67 -49.61
CA VAL N 3 26.17 31.53 -48.75
C VAL N 3 24.86 30.84 -49.07
N LEU N 4 24.82 29.57 -48.74
CA LEU N 4 23.66 28.74 -49.00
C LEU N 4 23.08 28.26 -47.67
N THR N 5 21.82 28.59 -47.44
CA THR N 5 21.10 28.14 -46.27
C THR N 5 19.94 27.28 -46.73
N GLN N 6 19.88 26.07 -46.18
CA GLN N 6 18.90 25.07 -46.61
C GLN N 6 17.87 24.72 -45.55
N SER N 7 16.68 24.34 -46.01
CA SER N 7 15.54 23.97 -45.16
C SER N 7 15.03 22.56 -45.39
N PRO N 8 14.87 21.78 -44.31
CA PRO N 8 15.32 22.09 -42.97
C PRO N 8 16.66 21.39 -42.73
N ASP N 9 17.16 21.42 -41.51
CA ASP N 9 18.45 20.82 -41.20
C ASP N 9 18.33 19.33 -40.92
N PHE N 10 17.27 18.97 -40.23
CA PHE N 10 16.92 17.58 -40.03
C PHE N 10 15.43 17.47 -40.30
N GLN N 11 15.00 16.30 -40.75
CA GLN N 11 13.63 16.10 -41.23
C GLN N 11 13.26 14.62 -41.21
N SER N 12 12.09 14.32 -40.66
CA SER N 12 11.66 12.94 -40.48
C SER N 12 10.42 12.73 -41.35
N VAL N 13 10.44 11.68 -42.18
CA VAL N 13 9.43 11.51 -43.23
C VAL N 13 8.88 10.08 -43.38
N THR N 14 7.55 9.96 -43.34
CA THR N 14 6.80 8.72 -43.61
C THR N 14 7.04 8.12 -45.02
N PRO N 15 7.42 6.82 -45.09
CA PRO N 15 7.68 6.13 -46.35
C PRO N 15 6.62 6.38 -47.44
N LYS N 16 7.10 6.74 -48.63
CA LYS N 16 6.31 6.93 -49.83
C LYS N 16 5.58 8.26 -49.91
N GLU N 17 5.90 9.16 -48.99
CA GLU N 17 5.38 10.51 -49.08
C GLU N 17 6.47 11.41 -49.64
N LYS N 18 6.12 12.67 -49.84
CA LYS N 18 7.01 13.61 -50.48
C LYS N 18 8.06 14.14 -49.52
N VAL N 19 9.28 14.37 -50.02
CA VAL N 19 10.26 15.14 -49.28
C VAL N 19 10.49 16.42 -50.06
N THR N 20 10.57 17.56 -49.37
CA THR N 20 10.97 18.78 -50.05
C THR N 20 12.14 19.48 -49.33
N ILE N 21 13.18 19.85 -50.08
CA ILE N 21 14.29 20.57 -49.50
C ILE N 21 14.50 21.81 -50.31
N THR N 22 14.74 22.92 -49.64
CA THR N 22 14.92 24.19 -50.32
C THR N 22 16.21 24.87 -49.95
N CYS N 23 16.56 25.84 -50.79
CA CYS N 23 17.83 26.52 -50.68
C CYS N 23 17.60 28.00 -50.72
N ARG N 24 18.35 28.75 -49.91
CA ARG N 24 18.37 30.20 -50.07
C ARG N 24 19.74 30.70 -50.47
N ALA N 25 19.80 31.33 -51.64
CA ALA N 25 21.03 31.91 -52.16
C ALA N 25 21.21 33.32 -51.59
N SER N 26 22.41 33.64 -51.12
CA SER N 26 22.69 34.93 -50.49
C SER N 26 22.39 36.10 -51.42
N GLN N 27 22.74 35.93 -52.69
CA GLN N 27 22.37 36.86 -53.74
C GLN N 27 21.98 36.06 -54.97
N SER N 28 21.82 36.74 -56.11
CA SER N 28 21.24 36.12 -57.29
C SER N 28 22.19 35.24 -58.12
N ILE N 29 22.43 34.01 -57.66
CA ILE N 29 22.91 32.98 -58.57
C ILE N 29 21.67 32.70 -59.38
N SER N 30 21.79 32.46 -60.68
CA SER N 30 20.56 32.41 -61.45
C SER N 30 20.02 31.00 -61.70
N ASP N 31 20.78 30.19 -62.42
CA ASP N 31 20.32 28.87 -62.79
C ASP N 31 21.31 27.86 -62.23
N HIS N 32 22.38 28.41 -61.65
CA HIS N 32 23.60 27.67 -61.36
C HIS N 32 23.61 27.01 -59.97
N LEU N 33 22.65 26.11 -59.74
CA LEU N 33 22.47 25.40 -58.47
C LEU N 33 22.33 23.90 -58.71
N HIS N 34 23.22 23.13 -58.11
CA HIS N 34 23.20 21.69 -58.27
C HIS N 34 22.90 21.07 -56.90
N TRP N 35 22.34 19.86 -56.93
CA TRP N 35 22.00 19.13 -55.73
C TRP N 35 22.76 17.79 -55.69
N TYR N 36 23.36 17.51 -54.55
CA TYR N 36 24.08 16.27 -54.36
C TYR N 36 23.34 15.41 -53.35
N GLN N 37 23.47 14.09 -53.48
CA GLN N 37 22.97 13.18 -52.45
C GLN N 37 24.13 12.45 -51.82
N GLN N 38 24.15 12.33 -50.50
CA GLN N 38 25.27 11.66 -49.83
C GLN N 38 24.91 10.72 -48.65
N LYS N 39 24.85 9.42 -48.93
CA LYS N 39 24.68 8.41 -47.88
C LYS N 39 25.97 8.33 -47.07
N PRO N 40 25.86 8.14 -45.74
CA PRO N 40 26.97 7.92 -44.81
C PRO N 40 28.14 7.08 -45.36
N ASP N 41 29.38 7.54 -45.14
CA ASP N 41 30.62 6.84 -45.56
C ASP N 41 30.90 6.82 -47.07
N GLN N 42 30.12 7.57 -47.85
CA GLN N 42 30.30 7.60 -49.28
C GLN N 42 30.64 9.02 -49.68
N SER N 43 30.66 9.28 -50.98
CA SER N 43 30.93 10.62 -51.49
C SER N 43 29.64 11.18 -52.07
N PRO N 44 29.50 12.52 -52.12
CA PRO N 44 28.30 13.10 -52.73
C PRO N 44 28.05 12.57 -54.14
N LYS N 45 26.78 12.41 -54.50
CA LYS N 45 26.41 12.00 -55.84
C LYS N 45 25.65 13.16 -56.47
N LEU N 46 25.96 13.51 -57.71
CA LEU N 46 25.20 14.57 -58.37
C LEU N 46 23.78 14.06 -58.69
N LEU N 47 22.78 14.90 -58.40
CA LEU N 47 21.40 14.51 -58.64
C LEU N 47 20.73 15.37 -59.68
N ILE N 48 20.76 16.67 -59.40
CA ILE N 48 20.07 17.64 -60.23
C ILE N 48 21.11 18.67 -60.62
N LYS N 49 21.13 19.05 -61.88
CA LYS N 49 22.19 19.85 -62.45
C LYS N 49 22.06 21.35 -62.62
N TYR N 50 20.97 21.84 -63.18
CA TYR N 50 20.84 23.27 -63.40
C TYR N 50 19.55 23.61 -62.72
N ALA N 51 19.55 23.49 -61.41
CA ALA N 51 18.40 23.68 -60.59
C ALA N 51 17.45 22.57 -60.84
N SER N 52 17.29 22.24 -62.10
CA SER N 52 16.16 21.53 -62.61
C SER N 52 16.41 20.27 -63.44
N HIS N 53 17.65 19.86 -63.62
CA HIS N 53 17.94 18.82 -64.59
C HIS N 53 18.47 17.55 -64.03
N ALA N 54 17.95 16.44 -64.47
CA ALA N 54 18.44 15.15 -64.02
C ALA N 54 19.77 14.71 -64.58
N ILE N 55 20.64 14.18 -63.73
CA ILE N 55 21.73 13.35 -64.20
C ILE N 55 21.04 12.07 -64.68
N SER N 56 21.63 11.40 -65.65
CA SER N 56 21.09 10.12 -66.12
C SER N 56 21.24 9.06 -65.03
N GLY N 57 20.45 8.00 -65.15
CA GLY N 57 20.50 6.93 -64.17
C GLY N 57 19.99 7.32 -62.80
N VAL N 58 19.52 8.56 -62.65
CA VAL N 58 18.86 9.00 -61.43
C VAL N 58 17.37 8.75 -61.57
N PRO N 59 16.75 8.16 -60.52
CA PRO N 59 15.31 7.87 -60.52
C PRO N 59 14.42 9.08 -60.77
N SER N 60 13.17 8.81 -61.13
CA SER N 60 12.22 9.83 -61.53
C SER N 60 11.68 10.58 -60.32
N ARG N 61 11.93 10.02 -59.15
CA ARG N 61 11.42 10.60 -57.93
C ARG N 61 11.94 12.00 -57.71
N PHE N 62 13.23 12.18 -57.95
CA PHE N 62 13.90 13.44 -57.63
C PHE N 62 13.62 14.52 -58.67
N SER N 63 13.38 15.73 -58.18
CA SER N 63 13.08 16.85 -59.05
C SER N 63 13.45 18.14 -58.34
N GLY N 64 13.78 19.14 -59.13
CA GLY N 64 14.21 20.41 -58.60
C GLY N 64 13.60 21.53 -59.39
N SER N 65 13.43 22.68 -58.76
CA SER N 65 12.96 23.85 -59.48
C SER N 65 13.49 25.06 -58.74
N GLY N 66 13.29 26.24 -59.34
CA GLY N 66 13.63 27.48 -58.67
C GLY N 66 14.55 28.36 -59.50
N SER N 67 14.56 29.65 -59.17
CA SER N 67 15.47 30.61 -59.79
C SER N 67 15.79 31.73 -58.81
N GLY N 68 16.89 32.44 -59.07
CA GLY N 68 17.28 33.57 -58.24
C GLY N 68 17.78 33.20 -56.86
N THR N 69 16.95 33.45 -55.84
CA THR N 69 17.33 33.28 -54.44
C THR N 69 16.79 31.97 -53.83
N ASP N 70 15.77 31.39 -54.44
CA ASP N 70 15.13 30.20 -53.85
C ASP N 70 14.92 29.04 -54.83
N PHE N 71 15.51 27.90 -54.50
CA PHE N 71 15.41 26.69 -55.30
C PHE N 71 14.87 25.59 -54.43
N THR N 72 14.48 24.48 -55.05
CA THR N 72 13.76 23.45 -54.33
C THR N 72 14.12 22.08 -54.89
N LEU N 73 14.24 21.10 -54.01
CA LEU N 73 14.56 19.75 -54.39
C LEU N 73 13.47 18.91 -53.77
N THR N 74 12.85 18.06 -54.57
CA THR N 74 11.82 17.18 -54.05
C THR N 74 12.12 15.73 -54.37
N ILE N 75 12.10 14.90 -53.34
CA ILE N 75 12.03 13.46 -53.51
C ILE N 75 10.57 13.10 -53.41
N ASN N 76 9.97 12.88 -54.57
CA ASN N 76 8.52 12.81 -54.68
C ASN N 76 7.84 11.67 -53.96
N SER N 77 8.49 10.51 -53.91
CA SER N 77 7.94 9.39 -53.14
C SER N 77 9.06 8.75 -52.36
N LEU N 78 9.22 9.20 -51.12
CA LEU N 78 10.27 8.73 -50.24
C LEU N 78 10.41 7.20 -50.23
N GLU N 79 11.63 6.73 -50.45
CA GLU N 79 11.94 5.31 -50.50
C GLU N 79 13.04 5.00 -49.51
N ALA N 80 13.08 3.77 -49.00
CA ALA N 80 14.08 3.36 -48.01
C ALA N 80 15.52 3.77 -48.38
N GLU N 81 15.89 3.59 -49.64
CA GLU N 81 17.25 3.87 -50.12
C GLU N 81 17.62 5.34 -49.96
N ASP N 82 16.61 6.20 -49.91
CA ASP N 82 16.79 7.65 -49.96
C ASP N 82 17.18 8.27 -48.60
N ALA N 83 17.40 7.42 -47.59
CA ALA N 83 17.93 7.87 -46.30
C ALA N 83 19.35 8.40 -46.47
N ALA N 84 19.49 9.72 -46.50
CA ALA N 84 20.78 10.30 -46.76
C ALA N 84 20.77 11.75 -46.32
N THR N 85 21.80 12.48 -46.72
CA THR N 85 21.88 13.91 -46.44
C THR N 85 22.21 14.66 -47.73
N TYR N 86 21.43 15.69 -48.03
CA TYR N 86 21.34 16.26 -49.37
C TYR N 86 21.92 17.68 -49.43
N TYR N 87 22.63 18.00 -50.51
CA TYR N 87 23.40 19.25 -50.56
C TYR N 87 23.12 20.20 -51.71
N CYS N 88 22.82 21.44 -51.32
CA CYS N 88 22.80 22.63 -52.15
C CYS N 88 24.22 22.88 -52.65
N GLN N 89 24.43 23.09 -53.94
CA GLN N 89 25.73 23.60 -54.37
C GLN N 89 25.67 24.74 -55.41
N GLN N 90 26.49 25.76 -55.19
CA GLN N 90 26.52 26.92 -56.06
C GLN N 90 27.71 26.94 -57.04
N GLY N 91 27.37 27.09 -58.32
CA GLY N 91 28.38 27.18 -59.36
C GLY N 91 28.58 28.61 -59.85
N HIS N 92 27.60 29.45 -59.59
CA HIS N 92 27.58 30.83 -60.11
C HIS N 92 28.88 31.60 -59.90
N SER N 93 29.39 31.61 -58.67
CA SER N 93 30.43 32.55 -58.27
C SER N 93 31.60 31.88 -57.53
N PHE N 94 32.77 32.51 -57.56
CA PHE N 94 33.93 31.98 -56.84
C PHE N 94 34.29 32.79 -55.61
N PRO N 95 34.62 32.11 -54.50
CA PRO N 95 34.73 30.66 -54.27
C PRO N 95 33.41 29.90 -54.37
N LEU N 96 33.53 28.60 -54.68
CA LEU N 96 32.40 27.71 -54.72
C LEU N 96 32.04 27.41 -53.29
N THR N 97 30.75 27.18 -53.06
CA THR N 97 30.23 26.86 -51.74
C THR N 97 29.21 25.74 -51.81
N PHE N 98 28.97 25.10 -50.69
CA PHE N 98 27.97 24.08 -50.59
C PHE N 98 27.17 24.58 -49.44
N GLY N 99 27.64 24.27 -48.24
CA GLY N 99 27.02 24.76 -47.06
C GLY N 99 25.90 23.81 -46.70
N GLY N 100 25.59 23.74 -45.42
CA GLY N 100 24.45 23.03 -44.94
C GLY N 100 24.36 21.57 -45.07
N GLY N 101 23.40 21.16 -45.83
CA GLY N 101 22.97 19.80 -45.85
C GLY N 101 21.64 19.65 -45.17
N THR N 102 20.91 18.66 -45.61
CA THR N 102 19.65 18.36 -44.96
C THR N 102 19.60 16.87 -44.68
N LYS N 103 19.66 16.49 -43.41
CA LYS N 103 19.60 15.07 -43.15
C LYS N 103 18.15 14.61 -43.19
N VAL N 104 17.94 13.43 -43.74
CA VAL N 104 16.60 12.93 -43.98
C VAL N 104 16.47 11.55 -43.32
N GLU N 105 15.47 11.42 -42.46
CA GLU N 105 15.20 10.21 -41.72
C GLU N 105 13.86 9.63 -42.24
N ILE N 106 13.61 8.34 -42.05
CA ILE N 106 12.39 7.70 -42.57
C ILE N 106 11.46 7.16 -41.48
N LYS N 107 10.35 7.86 -41.21
CA LYS N 107 9.39 7.45 -40.20
C LYS N 107 8.65 6.17 -40.60
N ARG N 108 9.39 5.07 -40.68
CA ARG N 108 8.83 3.76 -40.90
C ARG N 108 8.06 3.39 -39.64
N THR N 109 7.39 2.25 -39.68
CA THR N 109 6.65 1.75 -38.54
C THR N 109 7.59 1.33 -37.40
N VAL N 110 7.03 1.20 -36.20
CA VAL N 110 7.79 0.77 -35.03
C VAL N 110 8.15 -0.71 -35.15
N ALA N 111 9.41 -1.02 -34.86
CA ALA N 111 9.86 -2.39 -34.79
C ALA N 111 10.46 -2.52 -33.42
N ALA N 112 10.42 -3.73 -32.87
CA ALA N 112 11.00 -3.99 -31.55
C ALA N 112 12.37 -4.62 -31.72
N PRO N 113 13.31 -4.25 -30.85
CA PRO N 113 14.66 -4.77 -31.04
C PRO N 113 14.74 -6.26 -30.69
N SER N 114 15.63 -6.99 -31.35
CA SER N 114 15.96 -8.35 -30.97
C SER N 114 17.20 -8.26 -30.12
N VAL N 115 17.11 -8.70 -28.88
CA VAL N 115 18.20 -8.52 -27.93
C VAL N 115 19.10 -9.76 -27.86
N PHE N 116 20.39 -9.51 -27.68
CA PHE N 116 21.40 -10.55 -27.60
C PHE N 116 22.47 -10.05 -26.64
N ILE N 117 23.06 -10.96 -25.86
CA ILE N 117 24.16 -10.61 -24.98
C ILE N 117 25.34 -11.54 -25.25
N PHE N 118 26.57 -11.01 -25.17
CA PHE N 118 27.77 -11.80 -25.39
C PHE N 118 28.80 -11.58 -24.27
N PRO N 119 29.23 -12.67 -23.59
CA PRO N 119 30.28 -12.57 -22.57
C PRO N 119 31.62 -12.26 -23.22
N PRO N 120 32.59 -11.75 -22.44
CA PRO N 120 33.95 -11.53 -22.95
C PRO N 120 34.63 -12.82 -23.42
N SER N 121 35.49 -12.70 -24.44
CA SER N 121 36.26 -13.83 -24.95
C SER N 121 37.37 -14.21 -23.99
N ASP N 122 37.76 -15.47 -24.03
CA ASP N 122 38.83 -15.95 -23.19
C ASP N 122 40.16 -15.34 -23.64
N GLU N 123 40.39 -15.28 -24.94
CA GLU N 123 41.55 -14.60 -25.52
C GLU N 123 41.71 -13.19 -24.97
N GLN N 124 40.58 -12.52 -24.78
CA GLN N 124 40.54 -11.16 -24.25
C GLN N 124 40.84 -11.13 -22.76
N LEU N 125 40.23 -12.06 -22.03
CA LEU N 125 40.41 -12.19 -20.59
C LEU N 125 41.88 -12.36 -20.20
N LYS N 126 42.65 -13.02 -21.06
CA LYS N 126 44.08 -13.19 -20.85
C LYS N 126 44.80 -11.86 -20.76
N SER N 127 44.25 -10.85 -21.44
CA SER N 127 44.86 -9.52 -21.48
C SER N 127 44.58 -8.64 -20.26
N GLY N 128 43.74 -9.11 -19.34
CA GLY N 128 43.44 -8.33 -18.14
C GLY N 128 42.25 -7.38 -18.26
N THR N 129 41.38 -7.65 -19.23
CA THR N 129 40.20 -6.80 -19.47
C THR N 129 38.99 -7.63 -19.88
N ALA N 130 37.81 -7.23 -19.43
CA ALA N 130 36.59 -7.93 -19.79
C ALA N 130 35.55 -6.95 -20.33
N SER N 131 35.09 -7.22 -21.55
CA SER N 131 34.07 -6.40 -22.20
C SER N 131 32.80 -7.19 -22.45
N VAL N 132 31.70 -6.76 -21.83
CA VAL N 132 30.41 -7.42 -22.03
C VAL N 132 29.58 -6.58 -23.00
N VAL N 133 29.08 -7.20 -24.05
CA VAL N 133 28.35 -6.43 -25.05
C VAL N 133 26.94 -6.94 -25.32
N CYS N 134 26.05 -5.97 -25.48
CA CYS N 134 24.65 -6.23 -25.71
C CYS N 134 24.24 -5.75 -27.11
N LEU N 135 23.34 -6.48 -27.73
CA LEU N 135 23.01 -6.18 -29.11
C LEU N 135 21.53 -5.97 -29.38
N LEU N 136 21.16 -4.73 -29.61
CA LEU N 136 19.81 -4.39 -30.00
C LEU N 136 19.75 -4.42 -31.51
N ASN N 137 18.86 -5.23 -32.06
CA ASN N 137 18.87 -5.46 -33.49
C ASN N 137 17.60 -4.97 -34.17
N ASN N 138 17.79 -4.26 -35.28
CA ASN N 138 16.70 -3.88 -36.17
C ASN N 138 15.46 -3.31 -35.47
N PHE N 139 15.62 -2.17 -34.82
CA PHE N 139 14.49 -1.48 -34.21
C PHE N 139 14.32 -0.08 -34.77
N TYR N 140 13.08 0.39 -34.74
CA TYR N 140 12.78 1.77 -35.02
C TYR N 140 11.67 2.11 -34.03
N PRO N 141 11.72 3.31 -33.43
CA PRO N 141 12.65 4.44 -33.54
C PRO N 141 13.97 4.27 -32.80
N ARG N 142 14.85 5.23 -33.04
CA ARG N 142 16.24 5.19 -32.57
C ARG N 142 16.36 5.34 -31.05
N GLU N 143 15.29 5.84 -30.44
CA GLU N 143 15.29 6.10 -29.01
C GLU N 143 15.21 4.77 -28.26
N ALA N 144 16.33 4.36 -27.65
CA ALA N 144 16.35 3.18 -26.79
C ALA N 144 17.08 3.44 -25.47
N LYS N 145 16.58 2.80 -24.41
CA LYS N 145 17.22 2.83 -23.11
C LYS N 145 17.88 1.47 -22.88
N VAL N 146 19.08 1.47 -22.34
CA VAL N 146 19.76 0.21 -22.07
C VAL N 146 20.39 0.15 -20.69
N GLN N 147 19.98 -0.85 -19.91
CA GLN N 147 20.37 -0.94 -18.53
C GLN N 147 21.15 -2.19 -18.22
N TRP N 148 22.37 -1.99 -17.77
CA TRP N 148 23.25 -3.05 -17.34
C TRP N 148 22.99 -3.42 -15.90
N LYS N 149 22.92 -4.71 -15.64
CA LYS N 149 22.73 -5.20 -14.28
C LYS N 149 23.74 -6.29 -13.99
N VAL N 150 24.70 -5.99 -13.12
CA VAL N 150 25.67 -6.97 -12.68
C VAL N 150 25.30 -7.51 -11.29
N ASP N 151 24.83 -8.76 -11.25
CA ASP N 151 24.24 -9.36 -10.03
C ASP N 151 23.22 -8.39 -9.46
N ASN N 152 22.32 -7.90 -10.31
CA ASN N 152 21.27 -6.96 -9.92
C ASN N 152 21.72 -5.57 -9.45
N ALA N 153 23.02 -5.38 -9.30
CA ALA N 153 23.57 -4.06 -9.01
C ALA N 153 23.63 -3.25 -10.29
N LEU N 154 22.82 -2.20 -10.37
CA LEU N 154 22.84 -1.30 -11.52
C LEU N 154 24.21 -0.65 -11.67
N GLN N 155 24.70 -0.61 -12.90
CA GLN N 155 25.98 0.02 -13.23
C GLN N 155 25.78 1.35 -13.94
N SER N 156 26.84 2.15 -14.02
CA SER N 156 26.78 3.47 -14.67
C SER N 156 28.16 4.03 -15.03
N GLY N 157 28.23 4.63 -16.22
CA GLY N 157 29.46 5.28 -16.67
C GLY N 157 30.56 4.30 -17.06
N ASN N 158 30.30 3.00 -16.85
CA ASN N 158 31.25 1.96 -17.19
C ASN N 158 30.85 1.20 -18.45
N SER N 159 29.96 1.80 -19.23
CA SER N 159 29.54 1.24 -20.51
C SER N 159 29.50 2.30 -21.60
N GLN N 160 29.26 1.88 -22.85
CA GLN N 160 29.26 2.80 -23.98
C GLN N 160 28.37 2.33 -25.12
N GLU N 161 27.59 3.25 -25.68
CA GLU N 161 26.70 2.95 -26.80
C GLU N 161 27.22 3.50 -28.12
N SER N 162 26.91 2.77 -29.18
CA SER N 162 27.22 3.17 -30.53
C SER N 162 26.01 2.80 -31.36
N VAL N 163 25.46 3.77 -32.08
CA VAL N 163 24.31 3.52 -32.95
C VAL N 163 24.63 3.55 -34.42
N THR N 164 23.99 2.63 -35.12
CA THR N 164 24.16 2.40 -36.54
C THR N 164 23.43 3.49 -37.34
N GLU N 165 23.69 3.61 -38.64
CA GLU N 165 22.89 4.51 -39.48
C GLU N 165 21.61 3.80 -39.96
N GLN N 166 20.62 4.58 -40.36
CA GLN N 166 19.35 4.02 -40.83
C GLN N 166 19.55 3.12 -42.03
N ASP N 167 19.12 1.86 -41.88
CA ASP N 167 19.23 0.86 -42.94
C ASP N 167 18.55 1.33 -44.23
N SER N 168 19.09 0.89 -45.37
CA SER N 168 18.59 1.35 -46.66
C SER N 168 17.70 0.29 -47.27
N LYS N 169 17.38 -0.73 -46.47
CA LYS N 169 16.43 -1.74 -46.88
C LYS N 169 15.20 -1.75 -45.98
N ASP N 170 15.43 -1.88 -44.67
CA ASP N 170 14.34 -1.95 -43.69
C ASP N 170 14.19 -0.67 -42.87
N SER N 171 15.17 0.22 -42.99
CA SER N 171 15.16 1.53 -42.32
C SER N 171 15.15 1.49 -40.80
N THR N 172 15.63 0.40 -40.23
CA THR N 172 15.68 0.25 -38.78
C THR N 172 17.00 0.72 -38.19
N TYR N 173 17.26 0.38 -36.92
CA TYR N 173 18.56 0.66 -36.31
C TYR N 173 19.14 -0.57 -35.63
N SER N 174 20.34 -0.43 -35.09
CA SER N 174 20.96 -1.43 -34.25
C SER N 174 21.77 -0.66 -33.24
N LEU N 175 22.15 -1.30 -32.15
CA LEU N 175 22.89 -0.61 -31.13
C LEU N 175 23.84 -1.56 -30.44
N SER N 176 25.00 -1.04 -30.09
CA SER N 176 25.93 -1.74 -29.24
C SER N 176 25.87 -1.03 -27.91
N SER N 177 25.95 -1.81 -26.84
CA SER N 177 26.40 -1.28 -25.58
C SER N 177 27.51 -2.21 -25.11
N THR N 178 28.63 -1.61 -24.77
CA THR N 178 29.76 -2.36 -24.31
C THR N 178 30.03 -2.00 -22.87
N LEU N 179 29.82 -2.97 -22.00
CA LEU N 179 30.13 -2.84 -20.59
C LEU N 179 31.56 -3.26 -20.38
N THR N 180 32.35 -2.37 -19.79
CA THR N 180 33.80 -2.60 -19.73
C THR N 180 34.33 -2.61 -18.30
N LEU N 181 34.98 -3.71 -17.92
CA LEU N 181 35.38 -3.92 -16.54
C LEU N 181 36.81 -4.43 -16.40
N SER N 182 37.35 -4.32 -15.18
CA SER N 182 38.59 -4.98 -14.84
C SER N 182 38.32 -6.47 -14.96
N LYS N 183 39.25 -7.20 -15.60
CA LYS N 183 39.23 -8.65 -15.57
C LYS N 183 39.12 -9.11 -14.13
N ALA N 184 39.86 -8.42 -13.26
CA ALA N 184 39.82 -8.63 -11.83
C ALA N 184 38.41 -8.49 -11.27
N ASP N 185 37.83 -7.30 -11.48
CA ASP N 185 36.47 -6.99 -11.02
C ASP N 185 35.40 -7.86 -11.67
N TYR N 186 35.74 -8.44 -12.82
CA TYR N 186 34.81 -9.29 -13.57
C TYR N 186 34.75 -10.70 -13.00
N GLU N 187 35.76 -11.06 -12.22
CA GLU N 187 35.80 -12.37 -11.56
C GLU N 187 34.99 -12.40 -10.27
N LYS N 188 34.51 -11.23 -9.84
CA LYS N 188 33.76 -11.15 -8.60
C LYS N 188 32.28 -11.39 -8.80
N HIS N 189 31.86 -11.67 -10.02
CA HIS N 189 30.43 -11.79 -10.29
C HIS N 189 30.01 -12.97 -11.15
N LYS N 190 28.72 -13.30 -11.04
CA LYS N 190 28.15 -14.38 -11.81
C LYS N 190 27.17 -13.86 -12.84
N VAL N 191 26.29 -12.97 -12.43
CA VAL N 191 25.20 -12.60 -13.33
C VAL N 191 25.39 -11.23 -13.96
N TYR N 192 25.33 -11.24 -15.29
CA TYR N 192 25.35 -10.02 -16.05
C TYR N 192 24.04 -9.96 -16.80
N ALA N 193 23.44 -8.78 -16.83
CA ALA N 193 22.12 -8.65 -17.43
C ALA N 193 22.04 -7.43 -18.35
N CYS N 194 21.23 -7.55 -19.38
CA CYS N 194 20.96 -6.43 -20.25
C CYS N 194 19.46 -6.15 -20.23
N GLU N 195 19.05 -5.07 -19.60
CA GLU N 195 17.64 -4.71 -19.65
C GLU N 195 17.44 -3.61 -20.68
N VAL N 196 16.51 -3.84 -21.60
CA VAL N 196 16.33 -2.97 -22.74
C VAL N 196 14.91 -2.46 -22.83
N THR N 197 14.78 -1.16 -22.65
CA THR N 197 13.48 -0.52 -22.71
C THR N 197 13.30 0.23 -24.02
N HIS N 198 12.30 -0.21 -24.80
CA HIS N 198 11.92 0.45 -26.04
C HIS N 198 10.41 0.46 -26.10
N GLN N 199 9.84 1.46 -26.74
CA GLN N 199 8.43 1.41 -27.07
C GLN N 199 8.31 0.41 -28.20
N GLY N 200 7.26 -0.41 -28.18
CA GLY N 200 7.18 -1.53 -29.09
C GLY N 200 7.56 -2.82 -28.37
N LEU N 201 8.16 -2.66 -27.20
CA LEU N 201 8.37 -3.74 -26.24
C LEU N 201 7.53 -3.43 -25.02
N SER N 202 6.57 -4.29 -24.70
CA SER N 202 5.61 -4.01 -23.63
C SER N 202 6.36 -3.95 -22.32
N SER N 203 7.03 -5.07 -22.03
CA SER N 203 7.79 -5.22 -20.80
C SER N 203 9.23 -5.22 -21.22
N PRO N 204 10.06 -4.40 -20.57
CA PRO N 204 11.50 -4.36 -20.89
C PRO N 204 12.02 -5.78 -20.99
N VAL N 205 12.79 -6.05 -22.04
CA VAL N 205 13.30 -7.37 -22.28
C VAL N 205 14.73 -7.49 -21.73
N THR N 206 15.02 -8.60 -21.05
CA THR N 206 16.29 -8.77 -20.35
C THR N 206 17.09 -9.98 -20.80
N LYS N 207 18.28 -9.73 -21.32
CA LYS N 207 19.19 -10.79 -21.77
C LYS N 207 20.32 -10.99 -20.76
N SER N 208 20.53 -12.22 -20.39
CA SER N 208 21.47 -12.49 -19.34
C SER N 208 22.32 -13.68 -19.57
N PHE N 209 23.46 -13.63 -18.95
CA PHE N 209 24.41 -14.68 -19.08
C PHE N 209 25.04 -14.89 -17.72
N ASN N 210 25.68 -16.03 -17.55
CA ASN N 210 26.40 -16.26 -16.34
C ASN N 210 27.81 -16.61 -16.62
N ARG N 211 28.69 -16.08 -15.79
CA ARG N 211 30.07 -16.33 -15.96
C ARG N 211 30.21 -17.79 -15.65
N GLY N 212 30.58 -18.51 -16.68
CA GLY N 212 30.79 -19.95 -16.59
C GLY N 212 30.21 -20.69 -17.78
N VAL O 2 57.11 43.49 -36.80
CA VAL O 2 58.30 43.98 -36.12
C VAL O 2 58.40 43.40 -34.72
N GLN O 3 59.61 43.31 -34.17
CA GLN O 3 59.82 42.72 -32.85
C GLN O 3 60.88 43.43 -32.02
N LEU O 4 60.49 43.92 -30.84
CA LEU O 4 61.44 44.52 -29.91
C LEU O 4 61.67 43.64 -28.68
N GLN O 5 62.91 43.65 -28.18
CA GLN O 5 63.29 42.87 -27.02
C GLN O 5 64.39 43.61 -26.28
N GLU O 6 64.21 43.75 -24.97
CA GLU O 6 65.12 44.54 -24.15
C GLU O 6 66.00 43.63 -23.33
N SER O 7 67.21 44.10 -23.05
CA SER O 7 68.19 43.23 -22.43
C SER O 7 69.17 44.00 -21.58
N GLY O 8 69.64 43.34 -20.54
CA GLY O 8 70.68 43.90 -19.71
C GLY O 8 70.52 43.50 -18.27
N PRO O 9 71.52 43.88 -17.45
CA PRO O 9 71.57 43.65 -16.00
C PRO O 9 70.28 44.07 -15.33
N GLY O 10 69.75 43.20 -14.48
CA GLY O 10 68.52 43.46 -13.76
C GLY O 10 68.78 44.00 -12.38
N LEU O 11 70.02 43.92 -11.94
CA LEU O 11 70.41 44.49 -10.65
C LEU O 11 71.63 45.38 -10.84
N VAL O 12 71.51 46.64 -10.40
CA VAL O 12 72.60 47.61 -10.42
C VAL O 12 72.69 48.27 -9.05
N LYS O 13 73.88 48.71 -8.70
CA LYS O 13 74.09 49.33 -7.40
C LYS O 13 73.88 50.82 -7.49
N PRO O 14 73.33 51.42 -6.43
CA PRO O 14 73.15 52.86 -6.34
C PRO O 14 74.43 53.62 -6.71
N SER O 15 74.29 54.71 -7.49
CA SER O 15 75.39 55.60 -7.92
C SER O 15 76.20 55.09 -9.12
N ASP O 16 75.70 54.03 -9.76
CA ASP O 16 76.37 53.40 -10.90
C ASP O 16 75.44 53.44 -12.12
N THR O 17 76.02 53.57 -13.31
CA THR O 17 75.25 53.75 -14.54
C THR O 17 74.45 52.52 -14.95
N LEU O 18 73.24 52.76 -15.43
CA LEU O 18 72.34 51.69 -15.83
C LEU O 18 72.31 51.55 -17.35
N SER O 19 72.65 50.37 -17.85
CA SER O 19 72.71 50.12 -19.28
C SER O 19 71.82 48.98 -19.77
N LEU O 20 70.77 49.31 -20.52
CA LEU O 20 70.02 48.31 -21.25
C LEU O 20 70.29 48.53 -22.73
N THR O 21 69.95 47.54 -23.55
CA THR O 21 70.03 47.66 -25.01
C THR O 21 68.80 46.98 -25.58
N CYS O 22 68.30 47.50 -26.70
CA CYS O 22 67.09 46.96 -27.29
C CYS O 22 67.41 46.41 -28.67
N ALA O 23 66.90 45.22 -28.95
CA ALA O 23 67.23 44.53 -30.18
C ALA O 23 66.03 44.48 -31.10
N VAL O 24 66.15 45.17 -32.24
CA VAL O 24 65.05 45.26 -33.19
C VAL O 24 65.19 44.28 -34.35
N SER O 25 64.07 43.65 -34.73
CA SER O 25 64.06 42.70 -35.82
C SER O 25 62.81 42.85 -36.69
N GLY O 26 63.02 42.82 -38.00
CA GLY O 26 61.92 42.92 -38.95
C GLY O 26 61.92 44.23 -39.72
N TYR O 27 62.58 45.23 -39.13
CA TYR O 27 62.63 46.56 -39.70
C TYR O 27 63.99 47.18 -39.41
N SER O 28 64.45 48.06 -40.29
CA SER O 28 65.73 48.77 -40.08
C SER O 28 65.54 50.03 -39.23
N ILE O 29 66.25 50.10 -38.09
CA ILE O 29 66.18 51.28 -37.22
C ILE O 29 66.84 52.48 -37.87
N THR O 30 67.54 52.21 -38.96
CA THR O 30 68.12 53.23 -39.80
C THR O 30 67.06 53.58 -40.84
N GLY O 31 66.22 52.58 -41.15
CA GLY O 31 65.21 52.70 -42.20
C GLY O 31 64.04 53.62 -41.91
N GLY O 32 63.69 53.79 -40.63
CA GLY O 32 62.57 54.66 -40.31
C GLY O 32 62.17 54.84 -38.85
N TYR O 33 61.18 55.70 -38.65
CA TYR O 33 60.59 55.94 -37.34
C TYR O 33 61.59 56.53 -36.34
N SER O 34 61.15 56.74 -35.11
CA SER O 34 62.05 57.04 -34.02
C SER O 34 61.88 55.94 -33.00
N TRP O 35 62.89 55.73 -32.16
CA TRP O 35 62.90 54.62 -31.23
C TRP O 35 63.08 55.16 -29.82
N HIS O 36 62.31 54.65 -28.87
CA HIS O 36 62.21 55.30 -27.57
C HIS O 36 62.45 54.43 -26.36
N TRP O 37 62.50 55.10 -25.20
CA TRP O 37 62.55 54.41 -23.93
C TRP O 37 61.46 54.92 -23.03
N ILE O 38 60.79 53.97 -22.41
CA ILE O 38 59.71 54.23 -21.49
C ILE O 38 59.87 53.26 -20.34
N ARG O 39 59.70 53.73 -19.12
CA ARG O 39 59.82 52.87 -17.95
C ARG O 39 58.59 52.98 -17.09
N GLN O 40 58.46 52.06 -16.14
CA GLN O 40 57.30 52.05 -15.26
C GLN O 40 57.67 51.51 -13.88
N PRO O 41 57.76 52.40 -12.88
CA PRO O 41 57.96 51.95 -11.49
C PRO O 41 56.76 51.10 -11.07
N PRO O 42 57.01 49.97 -10.38
CA PRO O 42 56.02 48.95 -9.99
C PRO O 42 54.78 49.49 -9.30
N GLY O 43 53.60 49.19 -9.87
CA GLY O 43 52.35 49.72 -9.35
C GLY O 43 52.24 51.23 -9.50
N LYS O 44 52.83 51.76 -10.57
CA LYS O 44 52.88 53.20 -10.80
C LYS O 44 52.84 53.51 -12.31
N GLY O 45 52.72 54.78 -12.66
CA GLY O 45 52.46 55.18 -14.03
C GLY O 45 53.64 55.07 -14.99
N LEU O 46 53.34 55.19 -16.27
CA LEU O 46 54.36 55.10 -17.30
C LEU O 46 55.12 56.41 -17.39
N GLU O 47 56.44 56.32 -17.53
CA GLU O 47 57.27 57.50 -17.71
C GLU O 47 58.09 57.44 -19.00
N TRP O 48 57.94 58.46 -19.83
CA TRP O 48 58.70 58.55 -21.06
C TRP O 48 60.09 59.19 -20.81
N MET O 49 61.09 58.71 -21.53
CA MET O 49 62.48 59.04 -21.22
C MET O 49 63.18 59.75 -22.36
N GLY O 50 63.43 59.02 -23.44
CA GLY O 50 64.01 59.66 -24.60
C GLY O 50 63.83 58.89 -25.88
N TYR O 51 64.36 59.43 -26.97
CA TYR O 51 64.38 58.68 -28.20
C TYR O 51 65.70 58.84 -28.94
N ILE O 52 65.82 58.08 -30.02
CA ILE O 52 66.85 58.28 -31.01
C ILE O 52 66.18 58.18 -32.36
N HIS O 53 66.28 59.26 -33.11
CA HIS O 53 65.67 59.35 -34.43
C HIS O 53 66.35 58.32 -35.33
N TYR O 54 65.81 58.08 -36.53
CA TYR O 54 66.51 57.17 -37.43
C TYR O 54 67.78 57.82 -37.98
N SER O 55 67.73 59.13 -38.18
CA SER O 55 68.90 59.89 -38.63
C SER O 55 70.01 59.90 -37.58
N GLY O 56 69.66 59.64 -36.33
CA GLY O 56 70.66 59.48 -35.28
C GLY O 56 70.66 60.49 -34.16
N TYR O 57 69.78 61.49 -34.23
CA TYR O 57 69.77 62.46 -33.15
C TYR O 57 68.84 62.02 -32.03
N THR O 58 69.20 62.41 -30.82
CA THR O 58 68.53 61.97 -29.63
C THR O 58 68.03 63.16 -28.84
N ASP O 59 66.90 62.96 -28.18
CA ASP O 59 66.33 63.95 -27.28
C ASP O 59 65.76 63.21 -26.08
N PHE O 60 65.72 63.88 -24.94
CA PHE O 60 65.42 63.20 -23.69
C PHE O 60 64.28 63.91 -22.95
N ASN O 61 64.06 63.57 -21.69
CA ASN O 61 63.06 64.21 -20.86
C ASN O 61 63.75 65.03 -19.76
N PRO O 62 63.38 66.31 -19.63
CA PRO O 62 63.87 67.27 -18.65
C PRO O 62 63.89 66.77 -17.20
N SER O 63 63.10 65.75 -16.88
CA SER O 63 63.08 65.21 -15.53
C SER O 63 64.27 64.32 -15.25
N LEU O 64 64.74 63.67 -16.31
CA LEU O 64 65.85 62.75 -16.28
C LEU O 64 67.11 63.56 -16.47
N LYS O 65 67.67 64.06 -15.38
CA LYS O 65 68.17 65.41 -15.38
C LYS O 65 69.38 65.45 -16.23
N THR O 66 69.15 65.04 -17.48
CA THR O 66 70.15 65.00 -18.53
C THR O 66 71.41 64.38 -17.93
N ARG O 67 71.15 63.25 -17.30
CA ARG O 67 72.06 62.20 -16.91
C ARG O 67 71.75 60.99 -17.75
N ILE O 68 71.16 61.21 -18.92
CA ILE O 68 70.68 60.17 -19.77
C ILE O 68 71.20 60.36 -21.16
N THR O 69 71.37 59.26 -21.87
CA THR O 69 71.93 59.30 -23.21
C THR O 69 71.48 58.06 -23.96
N ILE O 70 71.17 58.21 -25.25
CA ILE O 70 70.69 57.08 -26.04
C ILE O 70 71.58 56.83 -27.25
N SER O 71 71.94 55.57 -27.45
CA SER O 71 73.02 55.20 -28.35
C SER O 71 72.56 54.06 -29.23
N ARG O 72 73.11 53.96 -30.42
CA ARG O 72 72.71 52.89 -31.34
C ARG O 72 73.91 52.25 -32.01
N ASP O 73 73.70 51.06 -32.57
CA ASP O 73 74.65 50.38 -33.44
C ASP O 73 73.85 49.82 -34.61
N THR O 74 74.12 50.34 -35.81
CA THR O 74 73.35 49.97 -37.00
C THR O 74 73.62 48.55 -37.47
N SER O 75 74.75 47.99 -37.05
CA SER O 75 75.17 46.67 -37.51
C SER O 75 74.27 45.54 -36.98
N LYS O 76 73.85 45.68 -35.73
CA LYS O 76 72.97 44.69 -35.10
C LYS O 76 71.54 45.22 -34.96
N ASN O 77 71.28 46.40 -35.50
CA ASN O 77 69.97 47.04 -35.40
C ASN O 77 69.61 47.13 -33.93
N GLN O 78 70.36 47.95 -33.20
CA GLN O 78 70.17 48.07 -31.76
C GLN O 78 70.08 49.53 -31.36
N PHE O 79 69.47 49.77 -30.21
CA PHE O 79 69.66 51.02 -29.52
C PHE O 79 69.69 50.72 -28.05
N SER O 80 70.15 51.67 -27.27
CA SER O 80 70.48 51.37 -25.91
C SER O 80 70.31 52.60 -25.05
N LEU O 81 70.38 52.38 -23.76
CA LEU O 81 70.05 53.41 -22.79
C LEU O 81 71.13 53.46 -21.75
N LYS O 82 71.62 54.65 -21.47
CA LYS O 82 72.60 54.84 -20.42
C LYS O 82 72.05 55.82 -19.42
N LEU O 83 71.81 55.33 -18.22
CA LEU O 83 71.27 56.15 -17.17
C LEU O 83 72.22 56.07 -15.99
N SER O 84 72.77 57.22 -15.61
CA SER O 84 73.82 57.27 -14.62
C SER O 84 73.27 57.72 -13.27
N SER O 85 74.14 57.82 -12.27
CA SER O 85 73.78 58.37 -10.97
C SER O 85 72.50 57.77 -10.41
N VAL O 86 72.38 56.45 -10.52
CA VAL O 86 71.10 55.76 -10.34
C VAL O 86 70.66 55.60 -8.86
N THR O 87 69.36 55.83 -8.60
CA THR O 87 68.79 55.66 -7.25
C THR O 87 67.55 54.74 -7.21
N ALA O 88 66.87 54.74 -6.06
CA ALA O 88 65.64 53.98 -5.85
C ALA O 88 64.54 54.30 -6.85
N VAL O 89 64.39 55.58 -7.18
CA VAL O 89 63.34 56.02 -8.11
C VAL O 89 63.49 55.39 -9.49
N ASP O 90 64.69 54.95 -9.81
CA ASP O 90 64.96 54.42 -11.15
C ASP O 90 64.60 52.93 -11.27
N THR O 91 64.35 52.29 -10.14
CA THR O 91 63.84 50.92 -10.09
C THR O 91 62.50 50.80 -10.78
N ALA O 92 62.47 50.12 -11.92
CA ALA O 92 61.26 50.04 -12.70
C ALA O 92 61.37 48.91 -13.71
N VAL O 93 60.30 48.66 -14.45
CA VAL O 93 60.41 47.88 -15.67
C VAL O 93 60.67 48.87 -16.78
N TYR O 94 61.55 48.49 -17.69
CA TYR O 94 61.97 49.40 -18.73
C TYR O 94 61.45 48.92 -20.07
N TYR O 95 60.86 49.83 -20.83
CA TYR O 95 60.37 49.47 -22.15
C TYR O 95 61.06 50.27 -23.23
N CYS O 96 61.30 49.62 -24.36
CA CYS O 96 61.63 50.34 -25.58
C CYS O 96 60.42 50.23 -26.51
N ALA O 97 60.28 51.19 -27.42
CA ALA O 97 59.11 51.24 -28.29
C ALA O 97 59.32 52.07 -29.56
N ARG O 98 58.63 51.70 -30.62
CA ARG O 98 58.71 52.40 -31.91
C ARG O 98 57.55 53.39 -32.15
N LYS O 99 57.89 54.67 -32.20
CA LYS O 99 56.93 55.76 -32.30
C LYS O 99 56.41 55.99 -33.70
N ASP O 100 55.10 56.16 -33.81
CA ASP O 100 54.43 56.46 -35.07
C ASP O 100 54.40 57.97 -35.35
N PRO O 101 53.88 58.36 -36.53
CA PRO O 101 53.50 59.74 -36.84
C PRO O 101 52.39 60.29 -35.94
N SER O 102 51.81 59.43 -35.11
CA SER O 102 50.54 59.72 -34.44
C SER O 102 50.49 60.78 -33.29
N ASP O 103 51.39 60.74 -32.32
CA ASP O 103 52.49 59.79 -32.27
C ASP O 103 52.34 58.79 -31.12
N ALA O 104 51.79 57.63 -31.47
CA ALA O 104 51.55 56.57 -30.53
C ALA O 104 52.63 55.51 -30.71
N PHE O 105 52.66 54.54 -29.80
CA PHE O 105 53.62 53.46 -29.84
C PHE O 105 52.90 52.14 -30.05
N PRO O 106 52.81 51.71 -31.31
CA PRO O 106 52.14 50.46 -31.70
C PRO O 106 53.01 49.24 -31.41
N TYR O 107 54.28 49.46 -31.10
CA TYR O 107 55.16 48.35 -30.79
C TYR O 107 55.97 48.60 -29.55
N TRP O 108 56.07 47.56 -28.73
CA TRP O 108 56.74 47.61 -27.43
C TRP O 108 57.55 46.34 -27.27
N GLY O 109 58.46 46.32 -26.29
CA GLY O 109 59.09 45.08 -25.89
C GLY O 109 58.45 44.56 -24.62
N GLN O 110 58.69 43.29 -24.28
CA GLN O 110 58.12 42.69 -23.05
C GLN O 110 58.38 43.53 -21.80
N GLY O 111 59.57 44.11 -21.73
CA GLY O 111 59.92 44.94 -20.59
C GLY O 111 60.90 44.21 -19.71
N THR O 112 61.87 44.93 -19.17
CA THR O 112 62.90 44.28 -18.37
C THR O 112 63.03 44.90 -16.98
N LEU O 113 62.77 44.10 -15.95
CA LEU O 113 62.84 44.63 -14.60
C LEU O 113 64.28 44.94 -14.26
N VAL O 114 64.46 46.09 -13.60
CA VAL O 114 65.75 46.52 -13.10
C VAL O 114 65.58 47.06 -11.68
N THR O 115 66.14 46.36 -10.71
CA THR O 115 66.05 46.77 -9.32
C THR O 115 67.38 47.37 -8.85
N VAL O 116 67.31 48.47 -8.09
CA VAL O 116 68.52 49.06 -7.53
C VAL O 116 68.64 48.80 -6.03
N SER O 117 69.75 48.19 -5.65
CA SER O 117 69.93 47.77 -4.28
C SER O 117 71.39 47.46 -4.06
N SER O 118 71.86 47.76 -2.86
CA SER O 118 73.23 47.43 -2.49
C SER O 118 73.29 46.04 -1.86
N ALA O 119 72.15 45.33 -1.85
CA ALA O 119 72.12 43.92 -1.52
C ALA O 119 72.56 43.09 -2.72
N SER O 120 72.88 41.81 -2.51
CA SER O 120 73.48 40.99 -3.57
C SER O 120 72.67 39.76 -3.93
N THR O 121 72.96 39.16 -5.09
CA THR O 121 72.17 38.05 -5.58
C THR O 121 72.19 36.87 -4.60
N LYS O 122 71.01 36.30 -4.39
CA LYS O 122 70.86 35.13 -3.55
C LYS O 122 69.94 34.21 -4.33
N GLY O 123 70.35 32.96 -4.47
CA GLY O 123 69.53 31.98 -5.15
C GLY O 123 68.41 31.52 -4.25
N PRO O 124 67.24 31.23 -4.84
CA PRO O 124 66.05 30.79 -4.13
C PRO O 124 66.23 29.44 -3.45
N SER O 125 65.48 29.22 -2.37
CA SER O 125 65.30 27.88 -1.81
C SER O 125 63.89 27.43 -2.14
N VAL O 126 63.75 26.22 -2.68
CA VAL O 126 62.45 25.68 -3.04
C VAL O 126 61.95 24.63 -2.06
N PHE O 127 60.77 24.86 -1.48
CA PHE O 127 60.21 23.89 -0.54
C PHE O 127 58.81 23.47 -0.97
N PRO O 128 58.52 22.16 -0.85
CA PRO O 128 57.23 21.61 -1.27
C PRO O 128 56.09 21.96 -0.33
N LEU O 129 54.97 22.35 -0.91
CA LEU O 129 53.75 22.46 -0.13
C LEU O 129 52.90 21.23 -0.45
N ALA O 130 53.17 20.16 0.28
CA ALA O 130 52.56 18.85 0.02
C ALA O 130 51.05 18.85 0.23
N PRO O 131 50.35 17.89 -0.39
CA PRO O 131 48.90 17.78 -0.21
C PRO O 131 48.53 16.93 1.02
N THR O 140 38.85 17.76 -4.59
CA THR O 140 39.86 18.75 -4.95
C THR O 140 40.90 19.02 -3.86
N ALA O 141 42.11 18.53 -4.09
CA ALA O 141 43.22 18.81 -3.20
C ALA O 141 44.07 19.92 -3.81
N ALA O 142 45.09 20.35 -3.08
CA ALA O 142 45.96 21.41 -3.56
C ALA O 142 47.38 21.26 -3.05
N LEU O 143 48.33 21.49 -3.94
CA LEU O 143 49.74 21.44 -3.62
C LEU O 143 50.44 22.61 -4.30
N GLY O 144 51.66 22.88 -3.87
CA GLY O 144 52.47 23.89 -4.50
C GLY O 144 53.90 23.96 -4.03
N CYS O 145 54.57 25.04 -4.39
CA CYS O 145 55.97 25.20 -4.02
C CYS O 145 56.18 26.49 -3.29
N LEU O 146 57.15 26.48 -2.38
CA LEU O 146 57.50 27.67 -1.64
C LEU O 146 58.90 28.12 -2.03
N VAL O 147 59.00 29.14 -2.87
CA VAL O 147 60.27 29.66 -3.30
C VAL O 147 60.72 30.77 -2.39
N LYS O 148 61.77 30.52 -1.62
CA LYS O 148 62.15 31.33 -0.46
C LYS O 148 63.56 31.83 -0.48
N ASP O 149 63.83 32.85 0.29
CA ASP O 149 65.20 33.31 0.45
C ASP O 149 65.91 33.68 -0.88
N TYR O 150 65.42 34.66 -1.63
CA TYR O 150 66.06 35.05 -2.89
C TYR O 150 66.23 36.55 -3.22
N PHE O 151 67.19 36.91 -4.04
CA PHE O 151 67.32 38.30 -4.49
C PHE O 151 68.09 38.35 -5.79
N PRO O 152 67.73 39.21 -6.70
CA PRO O 152 66.51 39.99 -6.63
C PRO O 152 65.36 39.30 -7.33
N GLU O 153 64.30 40.05 -7.56
CA GLU O 153 63.24 39.65 -8.45
C GLU O 153 63.76 39.77 -9.88
N PRO O 154 63.14 39.05 -10.83
CA PRO O 154 61.98 38.17 -10.70
C PRO O 154 62.35 36.71 -10.73
N VAL O 155 61.43 35.88 -10.26
CA VAL O 155 61.55 34.44 -10.35
C VAL O 155 60.56 33.98 -11.40
N THR O 156 60.82 32.86 -12.07
CA THR O 156 59.77 32.22 -12.88
C THR O 156 59.45 30.84 -12.33
N VAL O 157 58.16 30.48 -12.28
CA VAL O 157 57.75 29.13 -11.86
C VAL O 157 56.75 28.42 -12.80
N SER O 158 57.10 27.20 -13.23
CA SER O 158 56.23 26.40 -14.07
C SER O 158 56.08 24.97 -13.54
N TRP O 159 54.99 24.31 -13.94
CA TRP O 159 54.63 23.02 -13.39
C TRP O 159 54.55 21.98 -14.49
N ASN O 160 55.17 20.82 -14.27
CA ASN O 160 55.30 19.78 -15.31
C ASN O 160 55.93 20.30 -16.61
N SER O 161 56.81 21.28 -16.47
CA SER O 161 57.56 21.89 -17.56
C SER O 161 56.69 22.73 -18.47
N GLY O 162 55.58 23.21 -17.92
CA GLY O 162 54.63 23.99 -18.69
C GLY O 162 53.50 23.18 -19.26
N ALA O 163 53.54 21.86 -19.07
CA ALA O 163 52.46 20.99 -19.53
C ALA O 163 51.21 21.13 -18.66
N LEU O 164 51.37 21.74 -17.49
CA LEU O 164 50.30 21.87 -16.51
C LEU O 164 50.04 23.33 -16.27
N THR O 165 48.95 23.87 -16.80
CA THR O 165 48.71 25.30 -16.72
C THR O 165 47.41 25.61 -16.00
N SER O 166 46.51 24.64 -16.01
CA SER O 166 45.19 24.81 -15.44
C SER O 166 45.24 24.72 -13.92
N GLY O 167 44.66 25.72 -13.26
CA GLY O 167 44.57 25.72 -11.82
C GLY O 167 45.85 26.19 -11.16
N VAL O 168 46.74 26.81 -11.94
CA VAL O 168 48.03 27.27 -11.41
C VAL O 168 48.01 28.75 -11.02
N HIS O 169 48.41 29.02 -9.77
CA HIS O 169 48.48 30.37 -9.22
C HIS O 169 49.83 30.63 -8.61
N THR O 170 50.57 31.56 -9.20
CA THR O 170 51.82 31.99 -8.62
C THR O 170 51.61 33.36 -8.01
N PHE O 171 51.92 33.48 -6.73
CA PHE O 171 51.68 34.74 -6.06
C PHE O 171 52.80 35.73 -6.29
N PRO O 172 52.44 37.01 -6.38
CA PRO O 172 53.40 38.11 -6.35
C PRO O 172 54.32 37.96 -5.14
N ALA O 173 55.60 38.24 -5.37
CA ALA O 173 56.61 38.02 -4.37
C ALA O 173 56.55 39.10 -3.30
N VAL O 174 56.88 38.69 -2.09
CA VAL O 174 56.70 39.52 -0.91
C VAL O 174 58.06 39.86 -0.38
N LEU O 175 58.26 41.13 -0.12
CA LEU O 175 59.47 41.59 0.51
C LEU O 175 59.43 41.29 2.01
N GLN O 176 60.30 40.37 2.43
CA GLN O 176 60.45 40.00 3.83
C GLN O 176 61.28 41.03 4.54
N SER O 177 61.28 40.96 5.87
CA SER O 177 62.05 41.90 6.67
C SER O 177 63.53 41.80 6.34
N SER O 178 63.98 40.57 6.05
CA SER O 178 65.36 40.25 5.70
C SER O 178 65.88 40.97 4.44
N GLY O 179 64.96 41.52 3.66
CA GLY O 179 65.32 42.12 2.38
C GLY O 179 65.26 41.11 1.25
N LEU O 180 65.13 39.82 1.59
CA LEU O 180 64.96 38.77 0.59
C LEU O 180 63.49 38.62 0.19
N TYR O 181 63.25 37.99 -0.95
CA TYR O 181 61.91 37.78 -1.46
C TYR O 181 61.54 36.33 -1.26
N SER O 182 60.24 36.04 -1.16
CA SER O 182 59.77 34.66 -1.15
C SER O 182 58.40 34.62 -1.80
N LEU O 183 58.12 33.54 -2.52
CA LEU O 183 56.82 33.41 -3.14
C LEU O 183 56.42 31.96 -3.15
N SER O 184 55.13 31.75 -3.37
CA SER O 184 54.61 30.41 -3.48
C SER O 184 53.89 30.23 -4.79
N SER O 185 54.08 29.07 -5.39
CA SER O 185 53.33 28.70 -6.57
C SER O 185 52.46 27.53 -6.16
N VAL O 186 51.17 27.61 -6.43
CA VAL O 186 50.25 26.55 -6.06
C VAL O 186 49.45 26.13 -7.26
N VAL O 187 48.97 24.90 -7.22
CA VAL O 187 48.12 24.37 -8.26
C VAL O 187 47.08 23.51 -7.56
N THR O 188 45.86 23.53 -8.05
CA THR O 188 44.80 22.68 -7.52
C THR O 188 44.49 21.57 -8.52
N VAL O 189 44.34 20.36 -8.00
CA VAL O 189 44.19 19.19 -8.85
C VAL O 189 43.05 18.29 -8.36
N PRO O 190 42.52 17.45 -9.25
CA PRO O 190 41.56 16.44 -8.79
C PRO O 190 42.21 15.45 -7.82
N SER O 191 41.54 15.26 -6.68
CA SER O 191 42.08 14.48 -5.55
C SER O 191 42.41 13.02 -5.86
N SER O 192 41.65 12.41 -6.77
CA SER O 192 41.76 10.97 -7.01
C SER O 192 43.11 10.59 -7.59
N SER O 193 43.58 11.42 -8.51
CA SER O 193 44.74 11.14 -9.31
C SER O 193 46.06 11.52 -8.60
N LEU O 194 46.05 11.57 -7.28
CA LEU O 194 47.24 12.05 -6.58
C LEU O 194 48.30 10.99 -6.37
N GLY O 195 47.87 9.74 -6.29
CA GLY O 195 48.84 8.66 -6.25
C GLY O 195 49.37 8.46 -7.65
N THR O 196 48.50 8.67 -8.62
CA THR O 196 48.75 8.33 -10.03
C THR O 196 49.62 9.34 -10.78
N GLN O 197 49.28 10.63 -10.70
CA GLN O 197 50.02 11.66 -11.44
C GLN O 197 51.31 12.07 -10.73
N THR O 198 52.17 12.76 -11.47
CA THR O 198 53.44 13.19 -10.92
C THR O 198 53.61 14.70 -11.02
N TYR O 199 53.93 15.33 -9.89
CA TYR O 199 53.93 16.79 -9.80
C TYR O 199 55.28 17.36 -9.39
N ILE O 200 55.84 18.18 -10.27
CA ILE O 200 57.16 18.76 -10.12
C ILE O 200 57.07 20.24 -10.47
N CYS O 201 57.60 21.12 -9.61
CA CYS O 201 57.62 22.53 -9.98
C CYS O 201 59.00 22.96 -10.46
N ASN O 202 59.02 23.64 -11.61
CA ASN O 202 60.25 24.07 -12.23
C ASN O 202 60.58 25.51 -11.83
N VAL O 203 61.59 25.66 -10.99
CA VAL O 203 62.02 27.00 -10.63
C VAL O 203 63.35 27.39 -11.29
N ASN O 204 63.29 28.48 -12.06
CA ASN O 204 64.46 29.08 -12.69
C ASN O 204 64.63 30.51 -12.18
N HIS O 205 65.78 30.79 -11.57
CA HIS O 205 66.11 32.15 -11.14
C HIS O 205 67.22 32.71 -12.04
N LYS O 206 66.90 33.72 -12.85
CA LYS O 206 67.91 34.58 -13.48
C LYS O 206 67.82 35.92 -12.76
N PRO O 207 68.91 36.38 -12.16
CA PRO O 207 70.27 35.82 -12.22
C PRO O 207 70.50 34.67 -11.26
N SER O 208 71.77 34.45 -10.94
CA SER O 208 72.20 33.36 -10.07
C SER O 208 72.04 31.98 -10.71
N ASN O 209 71.69 31.97 -12.00
CA ASN O 209 71.66 30.73 -12.81
C ASN O 209 71.07 29.54 -12.06
N THR O 210 70.01 29.79 -11.31
CA THR O 210 69.43 28.77 -10.46
C THR O 210 68.33 28.08 -11.23
N LYS O 211 68.50 26.81 -11.55
CA LYS O 211 67.41 26.08 -12.16
C LYS O 211 67.09 24.83 -11.37
N VAL O 212 66.00 24.87 -10.61
CA VAL O 212 65.63 23.80 -9.70
C VAL O 212 64.33 23.13 -10.11
N ASP O 213 64.26 21.83 -9.88
CA ASP O 213 63.04 21.06 -10.11
C ASP O 213 62.74 20.26 -8.85
N LYS O 214 61.63 20.56 -8.18
CA LYS O 214 61.23 19.84 -6.97
C LYS O 214 60.00 18.97 -7.20
N ARG O 215 60.04 17.72 -6.71
CA ARG O 215 58.87 16.84 -6.77
C ARG O 215 57.99 17.12 -5.55
N VAL O 216 56.68 17.24 -5.76
CA VAL O 216 55.77 17.50 -4.66
C VAL O 216 54.89 16.28 -4.36
N GLU O 217 55.43 15.38 -3.52
CA GLU O 217 54.78 14.12 -3.16
C GLU O 217 54.18 14.22 -1.75
N PRO O 218 52.99 13.62 -1.56
CA PRO O 218 52.40 13.55 -0.21
C PRO O 218 53.17 12.60 0.69
N ILE P 2 52.44 68.83 -20.26
CA ILE P 2 50.98 68.67 -20.29
C ILE P 2 50.51 67.47 -19.48
N VAL P 3 49.92 67.73 -18.32
CA VAL P 3 49.40 66.65 -17.47
C VAL P 3 48.01 66.14 -17.87
N LEU P 4 47.84 64.83 -17.76
CA LEU P 4 46.59 64.15 -18.09
C LEU P 4 46.01 63.50 -16.85
N THR P 5 44.75 63.81 -16.57
CA THR P 5 44.12 63.30 -15.36
C THR P 5 43.00 62.34 -15.71
N GLN P 6 43.08 61.16 -15.13
CA GLN P 6 42.12 60.11 -15.41
C GLN P 6 41.20 59.98 -14.22
N SER P 7 39.94 59.63 -14.50
CA SER P 7 38.98 59.46 -13.45
C SER P 7 38.03 58.37 -13.90
N PRO P 8 37.68 57.46 -13.00
CA PRO P 8 38.31 57.35 -11.68
C PRO P 8 39.63 56.61 -11.79
N ASP P 9 40.33 56.47 -10.68
CA ASP P 9 41.60 55.75 -10.68
C ASP P 9 41.37 54.25 -10.61
N PHE P 10 40.14 53.88 -10.24
CA PHE P 10 39.73 52.50 -10.14
C PHE P 10 38.22 52.45 -10.32
N GLN P 11 37.73 51.39 -10.94
CA GLN P 11 36.32 51.30 -11.23
C GLN P 11 35.89 49.85 -11.34
N SER P 12 34.87 49.50 -10.56
CA SER P 12 34.41 48.10 -10.47
C SER P 12 33.05 47.98 -11.15
N VAL P 13 32.98 47.14 -12.18
CA VAL P 13 31.79 47.03 -13.03
C VAL P 13 31.34 45.57 -13.24
N THR P 14 30.04 45.36 -13.32
CA THR P 14 29.43 44.05 -13.53
C THR P 14 29.62 43.61 -14.97
N PRO P 15 29.85 42.31 -15.22
CA PRO P 15 29.96 41.79 -16.59
C PRO P 15 28.76 42.15 -17.46
N LYS P 16 29.06 42.60 -18.68
CA LYS P 16 28.08 43.04 -19.67
C LYS P 16 27.54 44.44 -19.38
N GLU P 17 28.20 45.13 -18.47
CA GLU P 17 27.82 46.48 -18.06
C GLU P 17 28.90 47.44 -18.60
N LYS P 18 28.47 48.63 -19.03
CA LYS P 18 29.38 49.64 -19.58
C LYS P 18 30.38 50.21 -18.58
N VAL P 19 31.63 50.37 -19.04
CA VAL P 19 32.68 51.07 -18.27
C VAL P 19 32.99 52.37 -18.98
N THR P 20 33.32 53.41 -18.23
CA THR P 20 33.69 54.68 -18.85
C THR P 20 34.74 55.51 -18.10
N ILE P 21 35.95 55.53 -18.67
CA ILE P 21 37.14 56.17 -18.10
C ILE P 21 37.37 57.50 -18.78
N THR P 22 37.53 58.57 -18.01
CA THR P 22 37.73 59.88 -18.63
C THR P 22 39.16 60.36 -18.50
N CYS P 23 39.54 61.26 -19.40
CA CYS P 23 40.83 61.94 -19.33
C CYS P 23 40.67 63.47 -19.42
N ARG P 24 41.30 64.21 -18.52
CA ARG P 24 41.29 65.66 -18.61
C ARG P 24 42.69 66.25 -18.81
N ALA P 25 42.89 66.84 -19.99
CA ALA P 25 44.13 67.51 -20.34
C ALA P 25 44.21 68.95 -19.77
N SER P 26 45.31 69.23 -19.08
CA SER P 26 45.56 70.53 -18.46
C SER P 26 45.68 71.66 -19.47
N GLN P 27 45.86 71.26 -20.73
CA GLN P 27 46.09 72.17 -21.85
C GLN P 27 45.26 71.57 -22.97
N SER P 28 44.69 72.37 -23.83
CA SER P 28 43.96 71.79 -24.96
C SER P 28 44.91 71.03 -25.87
N ILE P 29 44.51 69.83 -26.26
CA ILE P 29 45.34 69.02 -27.08
C ILE P 29 44.58 68.51 -28.26
N SER P 30 43.41 69.05 -28.50
CA SER P 30 42.74 68.85 -29.76
C SER P 30 42.59 67.38 -30.10
N ASP P 31 43.15 66.95 -31.20
CA ASP P 31 43.18 65.56 -31.62
C ASP P 31 44.00 64.54 -30.79
N HIS P 32 45.11 64.95 -30.22
CA HIS P 32 46.18 64.02 -29.92
C HIS P 32 46.09 63.29 -28.56
N LEU P 33 45.18 62.30 -28.50
CA LEU P 33 44.98 61.46 -27.33
C LEU P 33 44.88 59.99 -27.76
N HIS P 34 45.74 59.17 -27.17
CA HIS P 34 45.78 57.75 -27.43
C HIS P 34 45.40 56.97 -26.15
N TRP P 35 44.94 55.73 -26.30
CA TRP P 35 44.55 54.93 -25.14
C TRP P 35 45.22 53.58 -25.23
N TYR P 36 45.89 53.18 -24.15
CA TYR P 36 46.53 51.88 -24.08
C TYR P 36 45.80 51.00 -23.08
N GLN P 37 45.86 49.68 -23.28
CA GLN P 37 45.34 48.74 -22.34
C GLN P 37 46.55 48.02 -21.78
N GLN P 38 46.57 47.73 -20.48
CA GLN P 38 47.68 46.94 -19.97
C GLN P 38 47.28 45.86 -19.00
N LYS P 39 47.21 44.64 -19.51
CA LYS P 39 47.03 43.47 -18.69
C LYS P 39 48.28 43.34 -17.85
N PRO P 40 48.18 42.75 -16.65
CA PRO P 40 49.38 42.76 -15.80
C PRO P 40 50.50 41.86 -16.32
N ASP P 41 51.74 42.33 -16.13
CA ASP P 41 52.97 41.60 -16.49
C ASP P 41 53.19 41.54 -18.00
N GLN P 42 52.60 42.50 -18.67
CA GLN P 42 52.79 42.67 -20.09
C GLN P 42 53.10 44.12 -20.33
N SER P 43 53.29 44.46 -21.59
CA SER P 43 53.51 45.84 -21.98
C SER P 43 52.18 46.40 -22.42
N PRO P 44 52.04 47.74 -22.34
CA PRO P 44 50.86 48.48 -22.80
C PRO P 44 50.52 48.15 -24.23
N LYS P 45 49.23 48.19 -24.57
CA LYS P 45 48.79 47.82 -25.91
C LYS P 45 47.88 48.89 -26.53
N LEU P 46 48.28 49.43 -27.67
CA LEU P 46 47.51 50.54 -28.23
C LEU P 46 46.11 50.10 -28.54
N LEU P 47 45.15 50.85 -28.01
CA LEU P 47 43.75 50.54 -28.25
C LEU P 47 43.12 51.51 -29.26
N ILE P 48 43.13 52.79 -28.92
CA ILE P 48 42.46 53.79 -29.71
C ILE P 48 43.38 54.97 -30.01
N LYS P 49 43.56 55.24 -31.30
CA LYS P 49 44.37 56.35 -31.78
C LYS P 49 43.50 57.55 -32.11
N TYR P 50 43.95 58.71 -31.71
CA TYR P 50 43.35 59.93 -32.11
C TYR P 50 41.98 60.07 -31.47
N ALA P 51 41.78 59.30 -30.40
CA ALA P 51 40.73 59.54 -29.44
C ALA P 51 39.42 59.09 -29.98
N SER P 52 39.38 58.73 -31.26
CA SER P 52 38.17 58.27 -31.87
C SER P 52 38.39 56.99 -32.56
N HIS P 53 39.62 56.73 -32.96
CA HIS P 53 39.87 55.68 -33.91
C HIS P 53 40.52 54.52 -33.30
N ALA P 54 39.92 53.36 -33.50
CA ALA P 54 40.41 52.11 -32.94
C ALA P 54 41.44 51.45 -33.85
N ILE P 55 42.37 50.71 -33.24
CA ILE P 55 43.35 49.95 -34.00
C ILE P 55 42.60 48.75 -34.58
N SER P 56 42.97 48.30 -35.78
CA SER P 56 42.30 47.17 -36.39
C SER P 56 42.44 45.92 -35.52
N GLY P 57 41.38 45.15 -35.43
CA GLY P 57 41.40 43.91 -34.69
C GLY P 57 40.88 44.12 -33.28
N VAL P 58 40.93 45.36 -32.81
CA VAL P 58 40.37 45.73 -31.51
C VAL P 58 38.84 45.54 -31.53
N PRO P 59 38.30 44.80 -30.54
CA PRO P 59 36.89 44.40 -30.52
C PRO P 59 35.93 45.59 -30.60
N SER P 60 34.74 45.35 -31.15
CA SER P 60 33.74 46.41 -31.36
C SER P 60 33.51 47.30 -30.13
N ARG P 61 33.31 46.66 -28.98
CA ARG P 61 32.94 47.32 -27.72
C ARG P 61 33.77 48.52 -27.28
N PHE P 62 35.05 48.52 -27.62
CA PHE P 62 35.93 49.62 -27.23
C PHE P 62 35.58 50.88 -28.03
N SER P 63 35.32 51.98 -27.31
CA SER P 63 34.99 53.25 -27.94
C SER P 63 35.71 54.38 -27.26
N GLY P 64 35.89 55.47 -27.99
CA GLY P 64 36.49 56.66 -27.44
C GLY P 64 35.92 57.85 -28.15
N SER P 65 35.78 58.96 -27.42
CA SER P 65 35.39 60.21 -28.03
C SER P 65 35.90 61.38 -27.21
N GLY P 66 35.93 62.55 -27.82
CA GLY P 66 36.32 63.76 -27.14
C GLY P 66 37.29 64.60 -27.95
N SER P 67 37.57 65.78 -27.44
CA SER P 67 38.55 66.67 -28.05
C SER P 67 38.85 67.82 -27.10
N GLY P 68 39.98 68.50 -27.32
CA GLY P 68 40.34 69.66 -26.54
C GLY P 68 40.84 69.33 -25.15
N THR P 69 39.96 69.44 -24.16
CA THR P 69 40.35 69.24 -22.76
C THR P 69 39.97 67.83 -22.30
N ASP P 70 38.90 67.28 -22.86
CA ASP P 70 38.25 66.11 -22.26
C ASP P 70 37.90 64.98 -23.24
N PHE P 71 38.38 63.79 -22.88
CA PHE P 71 38.31 62.58 -23.70
C PHE P 71 37.83 61.41 -22.84
N THR P 72 37.23 60.42 -23.50
CA THR P 72 36.51 59.37 -22.78
C THR P 72 36.72 58.04 -23.45
N LEU P 73 37.10 57.03 -22.65
CA LEU P 73 37.24 55.67 -23.12
C LEU P 73 36.08 54.87 -22.55
N THR P 74 35.46 54.07 -23.41
CA THR P 74 34.28 53.32 -23.03
C THR P 74 34.48 51.88 -23.44
N ILE P 75 34.16 50.98 -22.53
CA ILE P 75 33.99 49.59 -22.89
C ILE P 75 32.51 49.37 -22.75
N ASN P 76 31.85 49.14 -23.88
CA ASN P 76 30.40 49.06 -23.92
C ASN P 76 29.81 47.83 -23.21
N SER P 77 30.55 46.73 -23.20
CA SER P 77 30.05 45.48 -22.62
C SER P 77 31.13 44.62 -21.99
N LEU P 78 31.34 44.80 -20.69
CA LEU P 78 32.44 44.18 -19.97
C LEU P 78 32.58 42.67 -20.18
N GLU P 79 33.83 42.25 -20.41
CA GLU P 79 34.21 40.84 -20.55
C GLU P 79 35.35 40.51 -19.58
N ALA P 80 35.39 39.27 -19.08
CA ALA P 80 36.39 38.86 -18.10
C ALA P 80 37.83 39.20 -18.54
N GLU P 81 38.10 39.01 -19.83
CA GLU P 81 39.41 39.33 -20.40
C GLU P 81 39.83 40.82 -20.24
N ASP P 82 38.87 41.74 -20.15
CA ASP P 82 39.18 43.18 -20.14
C ASP P 82 39.68 43.75 -18.80
N ALA P 83 39.84 42.87 -17.82
CA ALA P 83 40.48 43.26 -16.59
C ALA P 83 41.86 43.72 -16.99
N ALA P 84 42.11 45.01 -16.88
CA ALA P 84 43.45 45.52 -17.09
C ALA P 84 43.52 46.89 -16.51
N THR P 85 44.61 47.58 -16.78
CA THR P 85 44.69 48.98 -16.45
C THR P 85 44.95 49.72 -17.75
N TYR P 86 44.26 50.85 -17.90
CA TYR P 86 44.13 51.55 -19.15
C TYR P 86 44.74 52.93 -19.00
N TYR P 87 45.52 53.35 -20.00
CA TYR P 87 46.21 54.64 -19.96
C TYR P 87 45.86 55.61 -21.06
N CYS P 88 46.00 56.88 -20.69
CA CYS P 88 45.78 58.03 -21.52
C CYS P 88 47.15 58.42 -21.97
N GLN P 89 47.33 58.72 -23.25
CA GLN P 89 48.60 59.26 -23.71
C GLN P 89 48.42 60.50 -24.57
N GLN P 90 49.24 61.50 -24.29
CA GLN P 90 49.18 62.76 -24.99
C GLN P 90 50.31 62.81 -26.02
N GLY P 91 49.93 62.95 -27.28
CA GLY P 91 50.89 63.03 -28.38
C GLY P 91 50.87 64.40 -29.03
N HIS P 92 50.62 65.41 -28.23
CA HIS P 92 50.44 66.76 -28.70
C HIS P 92 51.78 67.46 -28.75
N SER P 93 52.52 67.39 -27.64
CA SER P 93 53.78 68.10 -27.51
C SER P 93 54.79 67.29 -26.72
N PHE P 94 56.05 67.69 -26.78
CA PHE P 94 57.08 67.01 -26.00
C PHE P 94 57.45 67.85 -24.79
N PRO P 95 57.61 67.22 -23.62
CA PRO P 95 57.67 65.76 -23.40
C PRO P 95 56.35 65.02 -23.53
N LEU P 96 56.44 63.79 -24.03
CA LEU P 96 55.32 62.86 -24.07
C LEU P 96 54.94 62.44 -22.67
N THR P 97 53.63 62.34 -22.45
CA THR P 97 53.07 62.10 -21.15
C THR P 97 51.95 61.09 -21.22
N PHE P 98 51.92 60.20 -20.24
CA PHE P 98 50.83 59.27 -20.05
C PHE P 98 49.95 59.67 -18.86
N GLY P 99 48.78 59.04 -18.78
CA GLY P 99 47.69 59.55 -17.97
C GLY P 99 47.57 59.24 -16.48
N GLY P 100 48.20 58.15 -16.02
CA GLY P 100 48.06 57.80 -14.62
C GLY P 100 47.30 56.51 -14.40
N GLY P 101 46.46 56.13 -15.37
CA GLY P 101 45.88 54.80 -15.40
C GLY P 101 44.55 54.59 -14.68
N THR P 102 43.78 53.65 -15.20
CA THR P 102 42.52 53.25 -14.58
C THR P 102 42.37 51.73 -14.54
N LYS P 103 42.53 51.15 -13.36
CA LYS P 103 42.37 49.72 -13.19
C LYS P 103 40.90 49.34 -13.31
N VAL P 104 40.61 48.25 -14.01
CA VAL P 104 39.22 47.81 -14.12
C VAL P 104 39.01 46.49 -13.43
N GLU P 105 38.11 46.49 -12.46
CA GLU P 105 37.70 45.27 -11.78
C GLU P 105 36.32 44.82 -12.21
N ILE P 106 36.26 43.54 -12.58
CA ILE P 106 35.06 42.88 -13.04
C ILE P 106 34.32 42.25 -11.86
N LYS P 107 33.27 42.91 -11.37
CA LYS P 107 32.52 42.37 -10.26
C LYS P 107 31.58 41.28 -10.72
N ARG P 108 32.03 40.05 -10.56
CA ARG P 108 31.22 38.89 -10.89
C ARG P 108 30.42 38.52 -9.65
N THR P 109 29.70 37.39 -9.74
CA THR P 109 28.95 36.83 -8.63
C THR P 109 29.89 36.50 -7.45
N VAL P 110 29.43 36.75 -6.23
CA VAL P 110 30.19 36.37 -5.03
C VAL P 110 30.64 34.90 -5.12
N ALA P 111 31.91 34.64 -4.79
CA ALA P 111 32.44 33.29 -4.70
C ALA P 111 33.10 33.08 -3.35
N ALA P 112 33.12 31.83 -2.90
CA ALA P 112 33.70 31.50 -1.62
C ALA P 112 35.03 30.83 -1.84
N PRO P 113 36.01 31.14 -0.97
CA PRO P 113 37.37 30.62 -1.10
C PRO P 113 37.47 29.20 -0.58
N SER P 114 38.10 28.32 -1.35
CA SER P 114 38.40 27.00 -0.83
C SER P 114 39.67 27.18 -0.06
N VAL P 115 39.70 26.64 1.15
CA VAL P 115 40.83 26.90 2.02
C VAL P 115 41.72 25.67 2.11
N PHE P 116 43.00 25.92 2.26
CA PHE P 116 43.98 24.87 2.37
C PHE P 116 45.01 25.35 3.39
N ILE P 117 45.51 24.44 4.22
CA ILE P 117 46.56 24.77 5.18
C ILE P 117 47.79 23.92 4.95
N PHE P 118 48.96 24.55 4.89
CA PHE P 118 50.19 23.80 4.67
C PHE P 118 51.14 23.92 5.84
N PRO P 119 51.49 22.77 6.45
CA PRO P 119 52.56 22.57 7.44
C PRO P 119 53.93 22.62 6.77
N PRO P 120 54.91 23.27 7.41
CA PRO P 120 56.25 23.40 6.81
C PRO P 120 56.90 22.06 6.47
N SER P 121 57.90 22.07 5.59
CA SER P 121 58.53 20.82 5.15
C SER P 121 59.67 20.37 6.07
N ASP P 122 59.89 19.06 6.13
CA ASP P 122 60.98 18.47 6.93
C ASP P 122 62.31 19.07 6.47
N GLU P 123 62.38 19.24 5.17
CA GLU P 123 63.53 19.78 4.49
C GLU P 123 63.76 21.23 4.89
N GLN P 124 62.68 21.99 5.01
CA GLN P 124 62.81 23.40 5.37
C GLN P 124 63.17 23.55 6.82
N LEU P 125 62.54 22.72 7.63
CA LEU P 125 62.64 22.80 9.08
C LEU P 125 64.08 22.68 9.49
N LYS P 126 64.72 21.63 8.97
CA LYS P 126 66.11 21.29 9.21
C LYS P 126 67.00 22.51 9.36
N SER P 127 66.80 23.45 8.45
CA SER P 127 67.62 24.66 8.35
C SER P 127 67.21 25.79 9.31
N GLY P 128 66.40 25.45 10.31
CA GLY P 128 66.11 26.36 11.40
C GLY P 128 65.06 27.42 11.15
N THR P 129 64.04 27.09 10.37
CA THR P 129 62.86 27.95 10.26
C THR P 129 61.61 27.12 9.96
N ALA P 130 60.46 27.72 10.23
CA ALA P 130 59.20 27.08 9.90
C ALA P 130 58.26 28.07 9.22
N SER P 131 57.85 27.76 7.98
CA SER P 131 56.86 28.55 7.28
C SER P 131 55.53 27.80 7.09
N VAL P 132 54.50 28.26 7.79
CA VAL P 132 53.16 27.70 7.65
C VAL P 132 52.40 28.57 6.65
N VAL P 133 51.86 27.97 5.61
CA VAL P 133 51.08 28.76 4.66
C VAL P 133 49.63 28.28 4.51
N CYS P 134 48.75 29.26 4.31
CA CYS P 134 47.33 29.04 4.16
C CYS P 134 46.88 29.60 2.82
N LEU P 135 46.08 28.84 2.11
CA LEU P 135 45.70 29.23 0.77
C LEU P 135 44.20 29.44 0.66
N LEU P 136 43.81 30.55 0.06
CA LEU P 136 42.41 30.79 -0.21
C LEU P 136 42.26 30.83 -1.71
N ASN P 137 41.59 29.82 -2.24
CA ASN P 137 41.52 29.68 -3.68
C ASN P 137 40.24 30.18 -4.33
N ASN P 138 40.40 31.06 -5.32
CA ASN P 138 39.35 31.43 -6.29
C ASN P 138 38.05 32.02 -5.76
N PHE P 139 38.17 33.11 -5.01
CA PHE P 139 37.02 33.78 -4.42
C PHE P 139 36.78 35.16 -5.00
N TYR P 140 35.62 35.73 -4.70
CA TYR P 140 35.31 37.10 -5.04
C TYR P 140 34.27 37.59 -4.05
N PRO P 141 34.38 38.86 -3.61
CA PRO P 141 35.30 39.97 -3.89
C PRO P 141 36.69 39.79 -3.31
N ARG P 142 37.53 40.82 -3.49
CA ARG P 142 38.89 40.78 -2.98
C ARG P 142 38.97 40.70 -1.46
N GLU P 143 38.05 41.36 -0.78
CA GLU P 143 38.13 41.47 0.66
C GLU P 143 38.01 40.11 1.36
N ALA P 144 39.06 39.74 2.08
CA ALA P 144 39.07 38.56 2.94
C ALA P 144 39.89 38.84 4.20
N LYS P 145 39.54 38.15 5.29
CA LYS P 145 40.32 38.24 6.50
C LYS P 145 40.89 36.88 6.83
N VAL P 146 42.21 36.82 6.99
CA VAL P 146 42.85 35.59 7.43
C VAL P 146 43.51 35.75 8.79
N GLN P 147 43.02 34.98 9.75
CA GLN P 147 43.53 35.01 11.12
C GLN P 147 44.34 33.74 11.50
N TRP P 148 45.55 33.95 12.02
CA TRP P 148 46.44 32.86 12.44
C TRP P 148 46.30 32.50 13.93
N LYS P 149 45.94 31.25 14.20
CA LYS P 149 45.85 30.77 15.58
C LYS P 149 46.88 29.70 15.84
N VAL P 150 47.64 29.88 16.91
CA VAL P 150 48.63 28.90 17.33
C VAL P 150 48.30 28.54 18.76
N ASP P 151 47.81 27.31 18.95
CA ASP P 151 47.27 26.87 20.23
C ASP P 151 46.20 27.82 20.77
N ASN P 152 45.34 28.27 19.85
CA ASN P 152 44.23 29.18 20.16
C ASN P 152 44.62 30.59 20.58
N ALA P 153 45.90 30.90 20.59
CA ALA P 153 46.29 32.28 20.76
C ALA P 153 46.25 32.96 19.39
N LEU P 154 45.40 33.98 19.26
CA LEU P 154 45.30 34.74 18.03
C LEU P 154 46.60 35.48 17.78
N GLN P 155 47.24 35.20 16.65
CA GLN P 155 48.55 35.74 16.33
C GLN P 155 48.45 37.08 15.63
N SER P 156 49.57 37.80 15.60
CA SER P 156 49.67 39.03 14.82
C SER P 156 51.10 39.49 14.65
N GLY P 157 51.37 40.14 13.52
CA GLY P 157 52.65 40.79 13.30
C GLY P 157 53.69 39.84 12.76
N ASN P 158 53.35 38.55 12.69
CA ASN P 158 54.27 37.51 12.22
C ASN P 158 53.83 36.77 10.95
N SER P 159 52.85 37.33 10.24
CA SER P 159 52.38 36.74 8.98
C SER P 159 52.56 37.68 7.78
N GLN P 160 52.45 37.13 6.58
CA GLN P 160 52.51 37.94 5.36
C GLN P 160 51.49 37.48 4.32
N GLU P 161 50.90 38.44 3.61
CA GLU P 161 49.82 38.16 2.68
C GLU P 161 50.17 38.49 1.24
N SER P 162 49.78 37.60 0.34
CA SER P 162 50.01 37.75 -1.08
C SER P 162 48.75 37.43 -1.87
N VAL P 163 48.35 38.37 -2.73
CA VAL P 163 47.07 38.28 -3.42
C VAL P 163 47.27 38.33 -4.92
N THR P 164 46.59 37.43 -5.61
CA THR P 164 46.69 37.27 -7.06
C THR P 164 45.85 38.32 -7.82
N GLU P 165 46.40 38.88 -8.89
CA GLU P 165 45.67 39.78 -9.79
C GLU P 165 44.44 39.05 -10.35
N GLN P 166 43.35 39.77 -10.60
CA GLN P 166 42.11 39.15 -11.05
C GLN P 166 42.24 38.30 -12.30
N ASP P 167 41.72 37.08 -12.21
CA ASP P 167 41.72 36.11 -13.30
C ASP P 167 41.02 36.65 -14.55
N SER P 168 41.51 36.24 -15.72
CA SER P 168 40.98 36.75 -16.99
C SER P 168 39.93 35.78 -17.54
N LYS P 169 39.71 34.71 -16.81
CA LYS P 169 38.75 33.71 -17.20
C LYS P 169 37.60 33.75 -16.21
N ASP P 170 37.87 33.42 -14.94
CA ASP P 170 36.80 33.33 -13.93
C ASP P 170 36.68 34.55 -13.03
N SER P 171 37.55 35.53 -13.23
CA SER P 171 37.47 36.81 -12.56
C SER P 171 37.56 36.73 -11.02
N THR P 172 38.03 35.61 -10.49
CA THR P 172 38.13 35.44 -9.03
C THR P 172 39.51 35.85 -8.49
N TYR P 173 39.77 35.60 -7.20
CA TYR P 173 41.04 35.98 -6.57
C TYR P 173 41.64 34.83 -5.77
N SER P 174 42.95 34.84 -5.60
CA SER P 174 43.56 33.89 -4.68
C SER P 174 44.51 34.57 -3.71
N LEU P 175 44.59 34.02 -2.50
CA LEU P 175 45.38 34.65 -1.46
C LEU P 175 46.30 33.63 -0.78
N SER P 176 47.48 34.08 -0.40
CA SER P 176 48.42 33.26 0.36
C SER P 176 48.85 33.96 1.64
N SER P 177 48.47 33.43 2.80
CA SER P 177 49.08 33.91 4.02
C SER P 177 50.18 32.96 4.42
N THR P 178 51.19 33.51 5.06
CA THR P 178 52.34 32.73 5.44
C THR P 178 52.75 33.09 6.85
N LEU P 179 52.76 32.08 7.72
CA LEU P 179 53.15 32.27 9.10
C LEU P 179 54.59 31.83 9.26
N THR P 180 55.41 32.73 9.78
CA THR P 180 56.84 32.47 9.85
C THR P 180 57.33 32.47 11.30
N LEU P 181 57.67 31.28 11.77
CA LEU P 181 58.15 31.10 13.12
C LEU P 181 59.50 30.42 13.04
N SER P 182 60.32 30.63 14.06
CA SER P 182 61.57 29.91 14.16
C SER P 182 61.24 28.46 14.48
N LYS P 183 62.19 27.58 14.20
CA LYS P 183 62.07 26.15 14.45
C LYS P 183 61.83 25.87 15.92
N ALA P 184 62.49 26.63 16.79
CA ALA P 184 62.36 26.50 18.24
C ALA P 184 60.93 26.79 18.71
N ASP P 185 60.50 28.03 18.44
CA ASP P 185 59.17 28.50 18.82
C ASP P 185 58.06 27.74 18.12
N TYR P 186 58.37 27.20 16.95
CA TYR P 186 57.44 26.35 16.23
C TYR P 186 57.27 25.02 16.96
N GLU P 187 58.38 24.45 17.40
CA GLU P 187 58.36 23.21 18.16
C GLU P 187 57.76 23.44 19.54
N LYS P 188 57.59 24.71 19.91
CA LYS P 188 56.94 25.07 21.17
C LYS P 188 55.41 25.02 21.12
N HIS P 189 54.84 24.66 19.97
CA HIS P 189 53.38 24.63 19.85
C HIS P 189 52.81 23.44 19.11
N LYS P 190 51.55 23.14 19.41
CA LYS P 190 50.92 21.92 18.95
C LYS P 190 49.98 22.14 17.76
N VAL P 191 48.98 23.01 17.93
CA VAL P 191 47.96 23.17 16.90
C VAL P 191 48.01 24.48 16.11
N TYR P 192 48.01 24.34 14.79
CA TYR P 192 48.14 25.48 13.89
C TYR P 192 46.94 25.58 12.97
N ALA P 193 46.21 26.68 13.10
CA ALA P 193 44.96 26.83 12.39
C ALA P 193 44.88 28.15 11.67
N CYS P 194 44.20 28.10 10.52
CA CYS P 194 43.97 29.26 9.69
C CYS P 194 42.47 29.50 9.77
N GLU P 195 42.06 30.68 10.20
CA GLU P 195 40.63 31.00 10.21
C GLU P 195 40.27 32.09 9.21
N VAL P 196 39.37 31.76 8.30
CA VAL P 196 39.09 32.64 7.17
C VAL P 196 37.68 33.22 7.19
N THR P 197 37.63 34.54 7.21
CA THR P 197 36.39 35.29 7.16
C THR P 197 36.20 35.87 5.77
N HIS P 198 35.12 35.49 5.10
CA HIS P 198 34.81 35.98 3.75
C HIS P 198 33.31 36.00 3.50
N GLN P 199 32.87 37.03 2.78
CA GLN P 199 31.47 37.19 2.37
C GLN P 199 30.79 35.87 2.04
N GLY P 200 31.41 35.09 1.16
CA GLY P 200 30.83 33.85 0.67
C GLY P 200 30.59 32.79 1.73
N LEU P 201 31.20 32.98 2.90
CA LEU P 201 31.09 32.02 4.01
C LEU P 201 30.03 32.45 5.03
N SER P 202 29.21 31.49 5.46
CA SER P 202 28.18 31.75 6.46
C SER P 202 28.85 32.13 7.78
N SER P 203 29.84 31.33 8.14
CA SER P 203 30.62 31.56 9.33
C SER P 203 32.06 31.22 8.97
N PRO P 204 33.02 31.85 9.65
CA PRO P 204 34.45 31.68 9.35
C PRO P 204 34.85 30.22 9.21
N VAL P 205 35.76 29.95 8.27
CA VAL P 205 36.26 28.59 8.06
C VAL P 205 37.64 28.42 8.70
N THR P 206 37.78 27.34 9.48
CA THR P 206 39.04 26.98 10.09
C THR P 206 39.63 25.75 9.41
N LYS P 207 40.93 25.80 9.16
CA LYS P 207 41.68 24.64 8.68
C LYS P 207 42.92 24.51 9.57
N SER P 208 43.22 23.30 10.03
CA SER P 208 44.34 23.12 10.94
C SER P 208 45.09 21.80 10.85
N PHE P 209 46.10 21.68 11.71
CA PHE P 209 46.90 20.48 11.82
C PHE P 209 47.66 20.55 13.12
N ASN P 210 47.99 19.41 13.68
CA ASN P 210 48.96 19.33 14.76
C ASN P 210 50.26 18.87 14.10
N ARG P 211 51.40 19.46 14.45
CA ARG P 211 52.65 19.00 13.81
C ARG P 211 52.92 17.53 14.12
N GLY P 212 53.19 16.75 13.08
CA GLY P 212 53.37 15.32 13.25
C GLY P 212 52.49 14.49 12.32
#